data_7FS6
#
_entry.id   7FS6
#
_cell.length_a   210.687
_cell.length_b   117.240
_cell.length_c   188.527
_cell.angle_alpha   90.000
_cell.angle_beta   89.580
_cell.angle_gamma   90.000
#
_symmetry.space_group_name_H-M   'C 1 2 1'
#
loop_
_entity.id
_entity.type
_entity.pdbx_description
1 polymer 'Pyruvate kinase PKLR'
2 non-polymer 1,6-di-O-phosphono-beta-D-fructofuranose
3 non-polymer 'OXALATE ION'
4 non-polymer 'MAGNESIUM ION'
5 non-polymer 'POTASSIUM ION'
6 non-polymer (10aM)-6-{2-[4-(3,4-dihydroxybenzene-1-sulfonyl)phenyl]ethyl}-2,3,8,9-tetrahydroxy-5lambda~6~-dibenzo[c,e][1,2]thiazine-5,5(6H)-dione
7 water water
#
_entity_poly.entity_id   1
_entity_poly.type   'polypeptide(L)'
_entity_poly.pdbx_seq_one_letter_code
;GSMEGPAGYLRRADVAQLTQELGTAFFQQQQLPAAMADTFLEHLCLLDIDSEPVAARSTSIIATIGPASRSVERLKEMIK
AGMNIARLNFSHGSHEYHAESIANVREAVESFAGSPLSYRPVAIALDTKGPGSGPGLSEQDVRDLRFGVEHGVDIVFASF
VRKASDVAAVRAALGPEGHGIKIISKIENHEGVKRFDEILEVSDGIMVARGDLGIEIPAEKVFLAQKMMIGRCNLAGKPV
VCATQMLESMITKPRPTRAETSDVANAVLDGADCIMLSGETAKGNFPVEAVKMQHAIAREAEAAVYHRQLFEELRRAAPL
SRDPTEVTAIGAVEAAFKCCAAAIIVLTTTGRSAQLLSRYRPRAAVIAVTRSAQAARQVHLCRGVFPLLYREPPEAIWAD
DVDRRVQFGIESGKLRGFLRVGDLVIVVTGWRPGSGYTNIMRVLSIS
;
_entity_poly.pdbx_strand_id   A,B,C,D,E,F,G,H
#
# COMPACT_ATOMS: atom_id res chain seq x y z
N ALA A 25 -2.85 36.28 -0.07
CA ALA A 25 -1.79 36.66 0.85
C ALA A 25 -2.34 37.19 2.17
N PHE A 26 -3.39 38.04 2.10
CA PHE A 26 -4.03 38.63 3.27
C PHE A 26 -4.54 37.55 4.22
N PHE A 27 -5.20 36.52 3.67
CA PHE A 27 -5.80 35.45 4.46
C PHE A 27 -4.79 34.43 5.02
N GLN A 28 -3.49 34.57 4.70
CA GLN A 28 -2.46 33.71 5.28
C GLN A 28 -1.69 34.40 6.43
N GLN A 29 -1.86 35.73 6.59
CA GLN A 29 -1.24 36.49 7.67
C GLN A 29 -2.14 36.53 8.90
N GLN A 30 -1.61 37.08 10.01
CA GLN A 30 -2.25 37.28 11.30
C GLN A 30 -3.14 36.11 11.77
N GLN A 31 -2.63 34.87 11.60
CA GLN A 31 -3.28 33.61 11.96
C GLN A 31 -4.71 33.50 11.43
N LEU A 32 -5.00 34.07 10.24
CA LEU A 32 -6.35 34.00 9.68
C LEU A 32 -6.79 32.56 9.39
N PRO A 33 -5.93 31.62 8.92
CA PRO A 33 -6.39 30.21 8.79
C PRO A 33 -6.86 29.63 10.14
N ALA A 34 -6.12 29.88 11.24
CA ALA A 34 -6.49 29.41 12.57
C ALA A 34 -7.76 30.11 13.10
N ALA A 35 -8.05 31.34 12.63
CA ALA A 35 -9.23 32.10 13.06
C ALA A 35 -10.52 31.51 12.47
N MET A 36 -10.43 30.90 11.26
CA MET A 36 -11.55 30.26 10.57
C MET A 36 -11.94 28.90 11.16
N ALA A 37 -11.11 28.33 12.06
CA ALA A 37 -11.37 27.02 12.64
C ALA A 37 -12.72 26.91 13.34
N ASP A 38 -13.33 25.74 13.23
CA ASP A 38 -14.62 25.46 13.83
C ASP A 38 -14.52 25.02 15.29
N THR A 39 -13.35 24.53 15.72
CA THR A 39 -13.14 24.16 17.12
C THR A 39 -11.85 24.81 17.64
N PHE A 40 -11.73 24.94 18.96
CA PHE A 40 -10.52 25.43 19.58
C PHE A 40 -9.35 24.45 19.30
N LEU A 41 -9.62 23.13 19.27
CA LEU A 41 -8.61 22.14 18.96
C LEU A 41 -8.09 22.38 17.53
N GLU A 42 -8.99 22.53 16.54
CA GLU A 42 -8.62 22.80 15.16
C GLU A 42 -7.83 24.13 15.06
N HIS A 43 -8.22 25.12 15.87
CA HIS A 43 -7.58 26.41 15.94
C HIS A 43 -6.14 26.25 16.38
N LEU A 44 -5.88 25.46 17.46
CA LEU A 44 -4.50 25.20 17.92
C LEU A 44 -3.69 24.54 16.80
N CYS A 45 -4.26 23.53 16.15
CA CYS A 45 -3.60 22.83 15.06
C CYS A 45 -3.21 23.73 13.90
N LEU A 46 -4.00 24.76 13.62
CA LEU A 46 -3.75 25.64 12.49
C LEU A 46 -2.81 26.81 12.79
N LEU A 47 -2.37 27.01 14.04
CA LEU A 47 -1.44 28.09 14.38
C LEU A 47 -0.14 27.92 13.59
N ASP A 48 0.31 28.97 12.88
CA ASP A 48 1.50 28.93 12.01
C ASP A 48 2.59 29.93 12.44
N ILE A 49 3.83 29.45 12.62
CA ILE A 49 4.94 30.34 12.98
C ILE A 49 5.33 31.27 11.80
N ASP A 50 4.95 30.93 10.57
CA ASP A 50 5.21 31.72 9.39
C ASP A 50 4.09 32.73 9.05
N SER A 51 2.99 32.74 9.82
CA SER A 51 1.86 33.66 9.63
C SER A 51 2.18 34.93 10.41
N GLU A 52 2.65 35.99 9.72
CA GLU A 52 3.09 37.21 10.38
C GLU A 52 2.01 38.12 10.91
N PRO A 53 2.22 38.67 12.12
CA PRO A 53 1.23 39.61 12.67
C PRO A 53 1.19 40.89 11.83
N VAL A 54 -0.02 41.39 11.60
CA VAL A 54 -0.21 42.59 10.78
C VAL A 54 -0.73 43.73 11.66
N ALA A 55 -1.71 43.43 12.53
CA ALA A 55 -2.29 44.41 13.42
C ALA A 55 -1.28 45.04 14.40
N ALA A 56 -1.57 46.27 14.86
CA ALA A 56 -0.72 46.96 15.83
C ALA A 56 -0.89 46.28 17.19
N ARG A 57 0.15 46.34 18.03
CA ARG A 57 0.09 45.73 19.36
C ARG A 57 -0.94 46.41 20.25
N SER A 58 -1.88 45.63 20.76
CA SER A 58 -3.02 46.07 21.54
C SER A 58 -2.84 46.10 23.03
N THR A 59 -2.16 45.12 23.60
CA THR A 59 -1.95 45.03 25.04
C THR A 59 -0.94 46.08 25.43
N SER A 60 -1.29 46.97 26.37
CA SER A 60 -0.36 48.01 26.78
C SER A 60 0.76 47.51 27.66
N ILE A 61 1.92 48.19 27.60
CA ILE A 61 3.08 47.83 28.38
C ILE A 61 3.29 48.88 29.45
N ILE A 62 3.33 48.45 30.71
CA ILE A 62 3.59 49.30 31.85
C ILE A 62 5.03 49.07 32.24
N ALA A 63 5.85 50.13 32.27
CA ALA A 63 7.26 49.98 32.66
C ALA A 63 7.51 50.73 33.94
N THR A 64 8.18 50.08 34.90
CA THR A 64 8.51 50.72 36.17
C THR A 64 9.74 51.59 35.98
N ILE A 65 9.66 52.85 36.43
CA ILE A 65 10.76 53.81 36.30
C ILE A 65 11.68 53.73 37.52
N GLY A 66 12.96 53.55 37.23
CA GLY A 66 13.99 53.44 38.25
C GLY A 66 15.35 53.91 37.76
N PRO A 67 16.41 53.65 38.55
CA PRO A 67 17.76 54.06 38.13
C PRO A 67 18.17 53.63 36.72
N ALA A 68 17.80 52.41 36.31
CA ALA A 68 18.14 51.89 34.98
C ALA A 68 17.40 52.54 33.82
N SER A 69 16.35 53.36 34.12
CA SER A 69 15.47 53.99 33.13
C SER A 69 14.95 55.37 33.59
N ARG A 70 15.83 56.22 34.16
CA ARG A 70 15.41 57.54 34.63
C ARG A 70 15.85 58.69 33.72
N SER A 71 16.92 58.48 32.94
CA SER A 71 17.40 59.54 32.05
C SER A 71 16.40 59.82 30.96
N VAL A 72 16.35 61.08 30.52
CA VAL A 72 15.43 61.48 29.47
C VAL A 72 15.73 60.73 28.15
N GLU A 73 17.01 60.47 27.87
CA GLU A 73 17.40 59.75 26.66
C GLU A 73 16.95 58.27 26.71
N ARG A 74 17.04 57.66 27.91
CA ARG A 74 16.63 56.28 28.18
C ARG A 74 15.13 56.16 27.93
N LEU A 75 14.35 57.07 28.53
CA LEU A 75 12.90 57.13 28.42
C LEU A 75 12.40 57.33 26.99
N LYS A 76 13.11 58.12 26.17
CA LYS A 76 12.75 58.31 24.77
C LYS A 76 12.89 56.98 24.02
N GLU A 77 13.93 56.19 24.33
CA GLU A 77 14.14 54.89 23.70
C GLU A 77 13.02 53.89 24.10
N MET A 78 12.58 53.98 25.36
CA MET A 78 11.53 53.13 25.89
CA MET A 78 11.53 53.13 25.89
C MET A 78 10.17 53.46 25.31
N ILE A 79 9.91 54.75 25.03
CA ILE A 79 8.66 55.16 24.41
C ILE A 79 8.64 54.60 22.97
N LYS A 80 9.77 54.70 22.27
CA LYS A 80 9.91 54.19 20.90
C LYS A 80 9.75 52.65 20.86
N ALA A 81 10.23 51.95 21.89
CA ALA A 81 10.14 50.50 22.01
C ALA A 81 8.69 50.01 22.31
N GLY A 82 7.84 50.89 22.85
CA GLY A 82 6.45 50.54 23.10
C GLY A 82 5.87 50.82 24.47
N MET A 83 6.59 51.52 25.37
CA MET A 83 6.06 51.82 26.70
C MET A 83 4.84 52.75 26.58
N ASN A 84 3.74 52.38 27.22
CA ASN A 84 2.51 53.18 27.19
C ASN A 84 2.25 53.82 28.53
N ILE A 85 2.62 53.14 29.62
CA ILE A 85 2.38 53.63 30.97
C ILE A 85 3.68 53.55 31.77
N ALA A 86 4.00 54.61 32.54
CA ALA A 86 5.19 54.66 33.38
C ALA A 86 4.78 54.53 34.83
N ARG A 87 5.31 53.53 35.51
CA ARG A 87 4.97 53.26 36.90
C ARG A 87 6.02 53.78 37.89
N LEU A 88 5.57 54.46 38.95
CA LEU A 88 6.47 54.95 40.01
C LEU A 88 6.18 54.15 41.27
N ASN A 89 7.13 53.33 41.71
CA ASN A 89 6.91 52.53 42.91
C ASN A 89 7.21 53.35 44.14
N PHE A 90 6.18 53.74 44.88
CA PHE A 90 6.33 54.55 46.09
C PHE A 90 6.71 53.78 47.34
N SER A 91 7.06 52.48 47.19
CA SER A 91 7.53 51.65 48.32
C SER A 91 8.92 52.17 48.76
N HIS A 92 9.76 52.52 47.78
CA HIS A 92 11.11 53.07 47.95
C HIS A 92 11.23 54.43 47.21
N GLY A 93 12.21 55.24 47.57
CA GLY A 93 12.42 56.54 46.94
C GLY A 93 11.66 57.67 47.60
N SER A 94 12.26 58.87 47.61
CA SER A 94 11.63 60.03 48.23
C SER A 94 10.65 60.73 47.27
N HIS A 95 9.84 61.68 47.80
CA HIS A 95 8.95 62.48 46.97
C HIS A 95 9.77 63.28 45.95
N GLU A 96 10.96 63.77 46.34
CA GLU A 96 11.87 64.51 45.48
C GLU A 96 12.31 63.65 44.30
N TYR A 97 12.68 62.39 44.58
CA TYR A 97 13.13 61.44 43.58
C TYR A 97 12.03 61.17 42.56
N HIS A 98 10.80 60.94 43.05
CA HIS A 98 9.66 60.64 42.18
C HIS A 98 9.19 61.86 41.39
N ALA A 99 9.31 63.08 41.95
CA ALA A 99 8.97 64.29 41.21
C ALA A 99 9.94 64.49 40.04
N GLU A 100 11.22 64.13 40.24
CA GLU A 100 12.23 64.23 39.19
C GLU A 100 11.98 63.20 38.08
N SER A 101 11.57 61.98 38.48
CA SER A 101 11.23 60.90 37.55
C SER A 101 10.05 61.36 36.65
N ILE A 102 8.97 61.95 37.25
CA ILE A 102 7.80 62.46 36.54
C ILE A 102 8.20 63.52 35.52
N ALA A 103 9.05 64.46 35.95
CA ALA A 103 9.56 65.52 35.09
C ALA A 103 10.31 64.95 33.90
N ASN A 104 11.11 63.90 34.12
CA ASN A 104 11.88 63.25 33.06
C ASN A 104 11.01 62.51 32.07
N VAL A 105 9.97 61.83 32.57
CA VAL A 105 9.02 61.13 31.70
C VAL A 105 8.29 62.14 30.82
N ARG A 106 7.75 63.21 31.42
CA ARG A 106 7.05 64.28 30.68
C ARG A 106 7.92 64.95 29.64
N GLU A 107 9.19 65.15 29.95
CA GLU A 107 10.12 65.77 29.03
C GLU A 107 10.36 64.85 27.83
N ALA A 108 10.54 63.54 28.05
CA ALA A 108 10.77 62.58 26.98
C ALA A 108 9.52 62.43 26.11
N VAL A 109 8.32 62.45 26.73
CA VAL A 109 7.04 62.35 26.04
C VAL A 109 6.77 63.57 25.17
N GLU A 110 6.97 64.77 25.74
CA GLU A 110 6.72 66.00 25.01
C GLU A 110 7.75 66.29 23.92
N SER A 111 8.89 65.57 23.90
CA SER A 111 9.87 65.74 22.82
C SER A 111 9.30 65.29 21.45
N PHE A 112 8.20 64.51 21.45
CA PHE A 112 7.54 64.03 20.24
C PHE A 112 6.25 64.80 19.88
N ALA A 113 5.85 65.78 20.72
CA ALA A 113 4.64 66.59 20.54
C ALA A 113 4.64 67.50 19.30
N GLY A 114 5.80 67.67 18.66
CA GLY A 114 5.94 68.52 17.48
C GLY A 114 5.27 67.98 16.23
N SER A 115 5.05 66.66 16.18
CA SER A 115 4.39 66.01 15.05
C SER A 115 3.10 65.41 15.61
N PRO A 116 2.01 66.19 15.59
CA PRO A 116 0.75 65.74 16.23
C PRO A 116 0.09 64.49 15.65
N LEU A 117 0.33 64.16 14.38
CA LEU A 117 -0.25 62.95 13.79
C LEU A 117 0.41 61.65 14.30
N SER A 118 1.60 61.75 14.94
CA SER A 118 2.34 60.60 15.47
C SER A 118 2.62 60.68 16.99
N TYR A 119 2.06 61.69 17.69
CA TYR A 119 2.27 61.86 19.13
C TYR A 119 1.72 60.69 19.92
N ARG A 120 2.55 60.09 20.78
CA ARG A 120 2.12 58.97 21.61
C ARG A 120 2.02 59.36 23.06
N PRO A 121 0.79 59.52 23.58
CA PRO A 121 0.62 59.87 25.00
C PRO A 121 1.08 58.73 25.93
N VAL A 122 1.64 59.07 27.09
CA VAL A 122 2.15 58.07 28.03
C VAL A 122 1.56 58.37 29.38
N ALA A 123 0.85 57.41 29.97
CA ALA A 123 0.23 57.61 31.28
C ALA A 123 1.25 57.51 32.41
N ILE A 124 0.96 58.15 33.55
CA ILE A 124 1.83 58.07 34.70
C ILE A 124 1.04 57.46 35.84
N ALA A 125 1.53 56.35 36.36
CA ALA A 125 0.82 55.66 37.44
C ALA A 125 1.63 55.65 38.72
N LEU A 126 0.94 55.87 39.84
CA LEU A 126 1.56 55.87 41.16
C LEU A 126 1.22 54.56 41.85
N ASP A 127 2.23 53.77 42.20
CA ASP A 127 1.99 52.52 42.91
C ASP A 127 2.22 52.82 44.39
N THR A 128 1.16 52.72 45.22
CA THR A 128 1.27 53.00 46.64
C THR A 128 2.10 51.97 47.41
N LYS A 129 2.65 52.38 48.57
CA LYS A 129 3.47 51.52 49.43
C LYS A 129 2.61 50.44 50.09
N GLY A 130 1.40 50.79 50.50
CA GLY A 130 0.49 49.83 51.11
C GLY A 130 0.28 50.01 52.60
N PRO A 131 -0.65 49.22 53.17
CA PRO A 131 -0.99 49.36 54.58
C PRO A 131 -0.05 48.68 55.58
N GLY A 132 0.71 47.69 55.12
CA GLY A 132 1.61 46.93 55.97
C GLY A 132 0.97 46.36 57.23
N SER A 133 1.43 46.86 58.40
CA SER A 133 0.95 46.48 59.74
C SER A 133 -0.50 46.92 60.03
N GLY A 134 -0.85 48.13 59.58
CA GLY A 134 -2.16 48.73 59.79
C GLY A 134 -3.34 47.98 59.20
N GLY A 136 -6.23 49.88 57.87
CA GLY A 136 -6.72 50.87 56.95
C GLY A 136 -5.65 51.59 56.14
N LEU A 137 -5.96 52.81 55.69
CA LEU A 137 -5.03 53.59 54.89
C LEU A 137 -3.94 54.18 55.73
N SER A 138 -2.68 53.79 55.46
CA SER A 138 -1.53 54.29 56.21
C SER A 138 -1.28 55.78 55.97
N GLU A 139 -0.62 56.45 56.93
CA GLU A 139 -0.34 57.88 56.81
C GLU A 139 0.56 58.20 55.63
N GLN A 140 1.51 57.31 55.33
CA GLN A 140 2.39 57.51 54.19
C GLN A 140 1.60 57.47 52.90
N ASP A 141 0.63 56.53 52.81
CA ASP A 141 -0.25 56.41 51.65
C ASP A 141 -1.05 57.68 51.42
N VAL A 142 -1.55 58.32 52.48
CA VAL A 142 -2.30 59.57 52.36
C VAL A 142 -1.40 60.66 51.78
N ARG A 143 -0.15 60.73 52.22
CA ARG A 143 0.79 61.72 51.74
C ARG A 143 1.18 61.48 50.28
N ASP A 144 1.37 60.22 49.91
CA ASP A 144 1.75 59.82 48.56
C ASP A 144 0.60 60.05 47.57
N LEU A 145 -0.65 59.79 48.00
CA LEU A 145 -1.84 60.03 47.19
C LEU A 145 -2.05 61.52 46.98
N ARG A 146 -1.79 62.34 48.01
CA ARG A 146 -1.87 63.79 47.89
C ARG A 146 -0.82 64.28 46.88
N PHE A 147 0.39 63.71 46.93
CA PHE A 147 1.49 64.01 46.03
C PHE A 147 1.06 63.74 44.58
N GLY A 148 0.42 62.59 44.37
CA GLY A 148 -0.05 62.16 43.05
C GLY A 148 -1.05 63.13 42.45
N VAL A 149 -1.99 63.61 43.27
CA VAL A 149 -2.99 64.57 42.81
C VAL A 149 -2.31 65.89 42.45
N GLU A 150 -1.36 66.33 43.27
CA GLU A 150 -0.61 67.56 43.03
C GLU A 150 0.26 67.50 41.77
N HIS A 151 0.76 66.31 41.46
CA HIS A 151 1.59 66.13 40.27
C HIS A 151 0.84 65.63 39.02
N GLY A 152 -0.49 65.52 39.11
CA GLY A 152 -1.33 65.13 38.00
C GLY A 152 -1.13 63.73 37.44
N VAL A 153 -0.99 62.72 38.33
CA VAL A 153 -0.88 61.33 37.86
C VAL A 153 -2.24 60.89 37.28
N ASP A 154 -2.23 59.92 36.38
CA ASP A 154 -3.46 59.46 35.74
C ASP A 154 -4.06 58.22 36.41
N ILE A 155 -3.21 57.36 36.97
CA ILE A 155 -3.63 56.11 37.58
C ILE A 155 -2.98 55.90 38.93
N VAL A 156 -3.66 55.20 39.81
CA VAL A 156 -3.13 54.81 41.10
C VAL A 156 -3.28 53.30 41.20
N PHE A 157 -2.19 52.61 41.53
CA PHE A 157 -2.23 51.19 41.76
C PHE A 157 -2.29 51.08 43.28
N ALA A 158 -3.48 50.86 43.84
CA ALA A 158 -3.63 50.75 45.28
C ALA A 158 -3.15 49.38 45.77
N SER A 159 -2.06 49.36 46.55
CA SER A 159 -1.52 48.12 47.07
C SER A 159 -2.38 47.49 48.16
N PHE A 160 -2.38 46.15 48.21
CA PHE A 160 -3.07 45.31 49.19
C PHE A 160 -4.55 45.68 49.46
N VAL A 161 -5.36 45.79 48.39
CA VAL A 161 -6.78 46.05 48.56
C VAL A 161 -7.43 44.76 49.06
N ARG A 162 -8.08 44.79 50.22
CA ARG A 162 -8.69 43.59 50.81
C ARG A 162 -10.21 43.58 50.76
N LYS A 163 -10.84 44.75 50.64
CA LYS A 163 -12.29 44.89 50.61
C LYS A 163 -12.67 46.21 49.91
N ALA A 164 -13.96 46.40 49.59
CA ALA A 164 -14.42 47.61 48.92
C ALA A 164 -14.15 48.89 49.70
N SER A 165 -14.21 48.83 51.03
CA SER A 165 -13.96 50.01 51.86
C SER A 165 -12.52 50.54 51.71
N ASP A 166 -11.57 49.66 51.35
CA ASP A 166 -10.19 50.08 51.10
C ASP A 166 -10.15 51.00 49.88
N VAL A 167 -10.91 50.67 48.83
CA VAL A 167 -10.98 51.50 47.62
C VAL A 167 -11.59 52.85 47.95
N ALA A 168 -12.66 52.86 48.77
CA ALA A 168 -13.32 54.10 49.20
C ALA A 168 -12.35 55.01 49.94
N ALA A 169 -11.46 54.41 50.75
CA ALA A 169 -10.46 55.16 51.50
C ALA A 169 -9.46 55.84 50.56
N VAL A 170 -9.05 55.14 49.50
CA VAL A 170 -8.14 55.69 48.50
C VAL A 170 -8.80 56.84 47.74
N ARG A 171 -10.09 56.65 47.40
CA ARG A 171 -10.88 57.64 46.69
C ARG A 171 -11.07 58.93 47.53
N ALA A 172 -11.29 58.77 48.85
CA ALA A 172 -11.44 59.89 49.77
C ALA A 172 -10.12 60.61 49.96
N ALA A 173 -9.00 59.87 49.99
CA ALA A 173 -7.67 60.47 50.11
C ALA A 173 -7.28 61.26 48.85
N LEU A 174 -7.84 60.91 47.67
CA LEU A 174 -7.61 61.69 46.44
C LEU A 174 -8.35 63.05 46.47
N GLY A 175 -9.42 63.14 47.26
CA GLY A 175 -10.22 64.36 47.43
C GLY A 175 -10.93 64.80 46.17
N PRO A 176 -11.57 65.98 46.25
CA PRO A 176 -12.29 66.50 45.08
C PRO A 176 -11.41 66.83 43.87
N GLU A 177 -10.10 67.07 44.07
CA GLU A 177 -9.22 67.34 42.94
C GLU A 177 -8.89 66.05 42.16
N GLY A 178 -8.81 64.93 42.88
CA GLY A 178 -8.51 63.64 42.27
C GLY A 178 -9.74 62.84 41.90
N HIS A 179 -10.70 63.45 41.18
CA HIS A 179 -11.91 62.73 40.74
C HIS A 179 -11.63 61.93 39.47
N GLY A 180 -10.83 62.51 38.57
CA GLY A 180 -10.49 61.89 37.30
C GLY A 180 -9.47 60.76 37.35
N ILE A 181 -8.74 60.61 38.47
CA ILE A 181 -7.72 59.56 38.57
C ILE A 181 -8.33 58.16 38.62
N LYS A 182 -7.83 57.24 37.78
CA LYS A 182 -8.31 55.87 37.80
C LYS A 182 -7.69 55.10 38.95
N ILE A 183 -8.50 54.31 39.68
CA ILE A 183 -8.01 53.49 40.76
C ILE A 183 -7.99 52.02 40.34
N ILE A 184 -6.80 51.43 40.24
CA ILE A 184 -6.60 50.04 39.89
C ILE A 184 -6.23 49.30 41.17
N SER A 185 -7.11 48.43 41.65
CA SER A 185 -6.86 47.71 42.89
C SER A 185 -5.94 46.54 42.69
N LYS A 186 -4.88 46.46 43.51
CA LYS A 186 -3.96 45.34 43.45
C LYS A 186 -4.42 44.26 44.39
N ILE A 187 -4.66 43.06 43.84
CA ILE A 187 -5.06 41.92 44.66
C ILE A 187 -3.78 41.17 44.99
N GLU A 188 -3.36 41.20 46.25
CA GLU A 188 -2.08 40.60 46.65
C GLU A 188 -2.21 39.54 47.75
N ASN A 189 -3.43 39.21 48.21
CA ASN A 189 -3.58 38.24 49.30
C ASN A 189 -4.92 37.47 49.23
N HIS A 190 -5.11 36.47 50.12
CA HIS A 190 -6.31 35.63 50.12
C HIS A 190 -7.62 36.40 50.29
N GLU A 191 -7.69 37.37 51.20
CA GLU A 191 -8.91 38.14 51.42
C GLU A 191 -9.32 38.91 50.16
N GLY A 192 -8.34 39.50 49.47
CA GLY A 192 -8.59 40.22 48.23
C GLY A 192 -9.17 39.33 47.15
N VAL A 193 -8.70 38.09 47.07
CA VAL A 193 -9.20 37.13 46.10
C VAL A 193 -10.64 36.71 46.47
N LYS A 194 -10.89 36.51 47.77
CA LYS A 194 -12.22 36.10 48.22
C LYS A 194 -13.26 37.20 48.06
N ARG A 195 -12.88 38.44 48.35
CA ARG A 195 -13.77 39.58 48.19
C ARG A 195 -13.60 40.30 46.85
N PHE A 196 -13.10 39.59 45.84
CA PHE A 196 -12.83 40.13 44.52
C PHE A 196 -14.02 40.86 43.89
N ASP A 197 -15.21 40.25 43.89
CA ASP A 197 -16.39 40.85 43.27
C ASP A 197 -16.76 42.21 43.84
N GLU A 198 -16.67 42.38 45.17
CA GLU A 198 -16.98 43.67 45.80
C GLU A 198 -15.91 44.72 45.49
N ILE A 199 -14.65 44.30 45.37
CA ILE A 199 -13.54 45.20 45.04
C ILE A 199 -13.66 45.66 43.60
N LEU A 200 -13.95 44.74 42.68
CA LEU A 200 -14.07 45.06 41.27
C LEU A 200 -15.21 46.03 41.01
N GLU A 201 -16.33 45.85 41.71
CA GLU A 201 -17.50 46.70 41.57
C GLU A 201 -17.19 48.18 41.79
N VAL A 202 -16.31 48.47 42.75
CA VAL A 202 -15.97 49.84 43.08
C VAL A 202 -14.62 50.33 42.53
N SER A 203 -13.86 49.48 41.83
CA SER A 203 -12.58 49.89 41.25
C SER A 203 -12.71 50.16 39.76
N ASP A 204 -11.78 50.94 39.22
CA ASP A 204 -11.75 51.18 37.79
C ASP A 204 -11.13 49.98 37.02
N GLY A 205 -10.33 49.19 37.71
CA GLY A 205 -9.65 48.01 37.18
C GLY A 205 -8.93 47.22 38.26
N ILE A 206 -8.25 46.15 37.85
CA ILE A 206 -7.56 45.25 38.77
C ILE A 206 -6.15 44.96 38.32
N MET A 207 -5.26 44.76 39.29
CA MET A 207 -3.92 44.32 39.00
C MET A 207 -3.71 42.99 39.74
N VAL A 208 -3.31 41.96 39.00
CA VAL A 208 -2.99 40.66 39.58
C VAL A 208 -1.55 40.81 40.01
N ALA A 209 -1.35 41.18 41.29
CA ALA A 209 -0.01 41.40 41.87
C ALA A 209 0.58 40.06 42.32
N ARG A 210 1.11 39.29 41.37
CA ARG A 210 1.61 37.94 41.58
C ARG A 210 2.75 37.77 42.59
N GLY A 211 3.59 38.79 42.76
CA GLY A 211 4.69 38.75 43.71
C GLY A 211 4.24 38.46 45.13
N ASP A 212 3.44 39.35 45.72
CA ASP A 212 2.95 39.16 47.08
C ASP A 212 1.95 38.04 47.14
N LEU A 213 1.07 37.95 46.12
CA LEU A 213 0.07 36.89 46.02
C LEU A 213 0.71 35.48 46.11
N GLY A 214 1.84 35.30 45.45
CA GLY A 214 2.60 34.05 45.47
C GLY A 214 3.19 33.66 46.82
N ILE A 215 3.20 34.59 47.76
CA ILE A 215 3.68 34.37 49.12
C ILE A 215 2.49 34.17 50.06
N GLU A 216 1.42 34.96 49.85
CA GLU A 216 0.21 34.90 50.67
C GLU A 216 -0.62 33.64 50.44
N ILE A 217 -0.56 33.10 49.22
CA ILE A 217 -1.24 31.86 48.85
C ILE A 217 -0.19 30.89 48.25
N PRO A 218 -0.44 29.56 48.22
CA PRO A 218 0.55 28.64 47.63
C PRO A 218 0.91 29.01 46.20
N ALA A 219 2.22 29.06 45.90
CA ALA A 219 2.73 29.43 44.58
C ALA A 219 2.04 28.71 43.41
N GLU A 220 1.68 27.43 43.61
CA GLU A 220 1.02 26.63 42.59
C GLU A 220 -0.43 27.01 42.31
N LYS A 221 -1.02 27.89 43.13
CA LYS A 221 -2.40 28.33 42.95
C LYS A 221 -2.52 29.70 42.27
N VAL A 222 -1.42 30.45 42.16
CA VAL A 222 -1.43 31.79 41.58
C VAL A 222 -2.04 31.83 40.16
N PHE A 223 -1.70 30.86 39.29
CA PHE A 223 -2.28 30.83 37.94
C PHE A 223 -3.81 30.73 37.97
N LEU A 224 -4.37 30.08 39.00
CA LEU A 224 -5.82 29.96 39.11
C LEU A 224 -6.41 31.34 39.42
N ALA A 225 -5.78 32.08 40.35
CA ALA A 225 -6.21 33.42 40.72
C ALA A 225 -6.07 34.35 39.52
N GLN A 226 -4.95 34.27 38.78
CA GLN A 226 -4.76 35.09 37.58
C GLN A 226 -5.89 34.84 36.56
N LYS A 227 -6.17 33.56 36.23
CA LYS A 227 -7.18 33.22 35.24
C LYS A 227 -8.60 33.60 35.68
N MET A 228 -8.93 33.41 36.97
CA MET A 228 -10.24 33.80 37.48
C MET A 228 -10.39 35.32 37.39
N MET A 229 -9.39 36.07 37.85
CA MET A 229 -9.46 37.52 37.85
C MET A 229 -9.51 38.12 36.46
N ILE A 230 -8.73 37.60 35.51
CA ILE A 230 -8.78 38.09 34.14
C ILE A 230 -10.17 37.82 33.54
N GLY A 231 -10.71 36.63 33.77
CA GLY A 231 -12.02 36.26 33.30
C GLY A 231 -13.12 37.17 33.83
N ARG A 232 -13.13 37.42 35.14
CA ARG A 232 -14.13 38.32 35.72
C ARG A 232 -14.01 39.76 35.25
N CYS A 233 -12.78 40.25 34.99
CA CYS A 233 -12.57 41.60 34.49
C CYS A 233 -13.02 41.73 33.06
N ASN A 234 -12.75 40.70 32.25
CA ASN A 234 -13.19 40.68 30.86
C ASN A 234 -14.74 40.67 30.81
N LEU A 235 -15.35 39.93 31.73
CA LEU A 235 -16.80 39.84 31.85
CA LEU A 235 -16.79 39.84 31.87
C LEU A 235 -17.36 41.22 32.28
N ALA A 236 -16.67 41.92 33.20
CA ALA A 236 -17.11 43.24 33.65
C ALA A 236 -16.80 44.38 32.67
N GLY A 237 -15.90 44.15 31.73
CA GLY A 237 -15.46 45.19 30.80
C GLY A 237 -14.47 46.16 31.45
N LYS A 238 -13.81 45.76 32.56
CA LYS A 238 -12.86 46.61 33.27
C LYS A 238 -11.42 46.18 33.02
N PRO A 239 -10.46 47.12 32.93
CA PRO A 239 -9.07 46.72 32.67
C PRO A 239 -8.46 45.83 33.72
N VAL A 240 -7.60 44.91 33.27
CA VAL A 240 -6.90 44.00 34.15
C VAL A 240 -5.42 43.97 33.76
N VAL A 241 -4.55 44.12 34.75
CA VAL A 241 -3.10 44.14 34.53
C VAL A 241 -2.46 42.89 35.10
N CYS A 242 -1.61 42.22 34.31
CA CYS A 242 -0.85 41.08 34.83
C CYS A 242 0.54 41.61 35.16
N ALA A 243 0.98 41.41 36.40
CA ALA A 243 2.26 41.97 36.83
C ALA A 243 3.16 40.97 37.55
N THR A 244 4.49 41.31 37.62
CA THR A 244 5.57 40.70 38.39
C THR A 244 6.20 39.43 37.82
N GLN A 245 7.52 39.48 37.62
CA GLN A 245 8.41 38.41 37.16
C GLN A 245 8.06 37.88 35.78
N MET A 246 7.47 38.71 34.92
CA MET A 246 7.14 38.27 33.57
C MET A 246 8.38 37.96 32.73
N LEU A 247 9.39 38.85 32.78
CA LEU A 247 10.67 38.65 32.08
C LEU A 247 11.85 38.79 33.09
N GLU A 248 11.65 38.35 34.34
CA GLU A 248 12.60 38.43 35.46
C GLU A 248 14.08 38.20 35.08
N SER A 249 14.40 37.14 34.34
CA SER A 249 15.79 36.84 33.94
C SER A 249 16.44 37.95 33.10
N MET A 250 15.64 38.80 32.45
CA MET A 250 16.17 39.90 31.66
C MET A 250 16.75 41.05 32.49
N ILE A 251 16.67 40.97 33.83
CA ILE A 251 17.31 41.93 34.70
C ILE A 251 18.85 41.83 34.52
N THR A 252 19.38 40.62 34.24
CA THR A 252 20.80 40.39 34.08
C THR A 252 21.18 39.80 32.73
N LYS A 253 20.25 39.12 32.06
CA LYS A 253 20.55 38.47 30.79
C LYS A 253 19.85 39.17 29.63
N PRO A 254 20.50 39.26 28.46
CA PRO A 254 19.87 39.97 27.33
C PRO A 254 18.67 39.26 26.68
N ARG A 255 18.47 37.98 26.99
CA ARG A 255 17.36 37.20 26.44
C ARG A 255 16.55 36.53 27.58
N PRO A 256 15.21 36.44 27.43
CA PRO A 256 14.42 35.79 28.48
C PRO A 256 14.44 34.27 28.37
N THR A 257 13.97 33.59 29.42
CA THR A 257 13.87 32.13 29.39
C THR A 257 12.63 31.70 28.56
N ARG A 258 12.54 30.41 28.21
CA ARG A 258 11.40 29.88 27.48
C ARG A 258 10.10 30.01 28.30
N ALA A 259 10.20 29.91 29.63
CA ALA A 259 9.07 30.06 30.53
C ALA A 259 8.54 31.52 30.55
N GLU A 260 9.46 32.48 30.42
CA GLU A 260 9.14 33.89 30.46
C GLU A 260 8.39 34.35 29.24
N THR A 261 8.86 33.97 28.05
CA THR A 261 8.14 34.35 26.82
C THR A 261 6.74 33.69 26.80
N SER A 262 6.67 32.44 27.28
CA SER A 262 5.43 31.71 27.40
C SER A 262 4.48 32.41 28.39
N ASP A 263 4.99 32.88 29.53
CA ASP A 263 4.18 33.58 30.52
C ASP A 263 3.55 34.85 29.94
N VAL A 264 4.32 35.64 29.19
CA VAL A 264 3.82 36.87 28.60
C VAL A 264 2.73 36.54 27.58
N ALA A 265 2.98 35.58 26.68
CA ALA A 265 2.03 35.16 25.69
C ALA A 265 0.74 34.64 26.31
N ASN A 266 0.87 33.91 27.42
CA ASN A 266 -0.29 33.36 28.07
C ASN A 266 -1.10 34.39 28.78
N ALA A 267 -0.48 35.46 29.31
CA ALA A 267 -1.24 36.52 29.97
C ALA A 267 -2.10 37.28 28.90
N VAL A 268 -1.54 37.48 27.69
CA VAL A 268 -2.28 38.12 26.62
C VAL A 268 -3.40 37.19 26.17
N LEU A 269 -3.10 35.90 25.93
CA LEU A 269 -4.13 34.94 25.54
C LEU A 269 -5.26 34.84 26.58
N ASP A 270 -4.92 34.86 27.88
CA ASP A 270 -5.89 34.85 28.99
C ASP A 270 -6.87 36.00 28.86
N GLY A 271 -6.40 37.15 28.42
CA GLY A 271 -7.22 38.33 28.22
C GLY A 271 -6.77 39.56 28.97
N ALA A 272 -5.50 39.62 29.39
CA ALA A 272 -4.97 40.78 30.12
C ALA A 272 -4.94 42.04 29.25
N ASP A 273 -5.40 43.17 29.81
CA ASP A 273 -5.37 44.45 29.08
C ASP A 273 -3.96 45.04 29.07
N CYS A 274 -3.22 44.87 30.19
CA CYS A 274 -1.85 45.37 30.31
C CYS A 274 -0.93 44.32 30.87
N ILE A 275 0.32 44.38 30.43
CA ILE A 275 1.40 43.56 30.95
C ILE A 275 2.45 44.53 31.52
N MET A 276 3.09 44.13 32.62
CA MET A 276 4.01 45.00 33.32
C MET A 276 5.44 44.47 33.43
N LEU A 277 6.37 45.42 33.53
CA LEU A 277 7.78 45.18 33.77
C LEU A 277 8.12 45.94 35.04
N SER A 278 8.71 45.24 36.03
CA SER A 278 9.09 45.87 37.29
C SER A 278 10.62 46.06 37.35
N GLY A 279 11.34 45.12 37.99
CA GLY A 279 12.79 45.14 38.09
C GLY A 279 13.48 45.15 36.75
N GLU A 280 12.84 44.54 35.73
CA GLU A 280 13.37 44.47 34.37
C GLU A 280 13.63 45.86 33.80
N THR A 281 12.79 46.86 34.13
CA THR A 281 13.00 48.22 33.65
C THR A 281 13.54 49.16 34.74
N ALA A 282 13.24 48.88 36.01
CA ALA A 282 13.67 49.75 37.09
C ALA A 282 15.16 49.60 37.43
N LYS A 283 15.66 48.37 37.58
CA LYS A 283 17.05 48.17 37.97
C LYS A 283 17.90 47.37 36.98
N GLY A 284 17.25 46.66 36.06
CA GLY A 284 17.95 45.77 35.13
C GLY A 284 18.94 46.38 34.16
N ASN A 285 19.75 45.53 33.53
CA ASN A 285 20.74 45.97 32.56
C ASN A 285 20.18 46.10 31.15
N PHE A 286 18.96 45.61 30.90
CA PHE A 286 18.37 45.65 29.56
C PHE A 286 16.94 46.22 29.57
N PRO A 287 16.72 47.45 30.08
CA PRO A 287 15.34 47.97 30.15
C PRO A 287 14.65 48.14 28.81
N VAL A 288 15.38 48.59 27.79
CA VAL A 288 14.79 48.79 26.47
C VAL A 288 14.50 47.45 25.77
N GLU A 289 15.38 46.48 25.98
CA GLU A 289 15.27 45.14 25.41
C GLU A 289 14.08 44.39 26.01
N ALA A 290 13.79 44.60 27.30
CA ALA A 290 12.66 44.01 27.99
C ALA A 290 11.36 44.55 27.42
N VAL A 291 11.31 45.88 27.13
CA VAL A 291 10.12 46.51 26.55
C VAL A 291 9.92 45.98 25.13
N LYS A 292 11.00 45.87 24.36
CA LYS A 292 10.93 45.35 23.00
C LYS A 292 10.46 43.90 22.97
N MET A 293 10.90 43.09 23.95
CA MET A 293 10.54 41.71 24.04
C MET A 293 9.05 41.56 24.32
N GLN A 294 8.51 42.34 25.27
CA GLN A 294 7.08 42.31 25.56
C GLN A 294 6.27 42.73 24.36
N HIS A 295 6.75 43.72 23.60
CA HIS A 295 6.07 44.19 22.41
C HIS A 295 5.96 43.06 21.37
N ALA A 296 7.08 42.38 21.10
CA ALA A 296 7.18 41.31 20.13
C ALA A 296 6.24 40.14 20.47
N ILE A 297 6.24 39.70 21.75
CA ILE A 297 5.39 38.60 22.19
C ILE A 297 3.90 38.98 22.13
N ALA A 298 3.53 40.15 22.68
CA ALA A 298 2.14 40.58 22.66
C ALA A 298 1.54 40.62 21.25
N ARG A 299 2.28 41.11 20.25
CA ARG A 299 1.80 41.14 18.87
C ARG A 299 1.45 39.74 18.35
N GLU A 300 2.34 38.75 18.61
CA GLU A 300 2.13 37.37 18.19
C GLU A 300 0.93 36.75 18.91
N ALA A 301 0.85 36.96 20.23
CA ALA A 301 -0.22 36.41 21.06
C ALA A 301 -1.59 36.97 20.70
N GLU A 302 -1.67 38.26 20.36
CA GLU A 302 -2.94 38.86 19.96
C GLU A 302 -3.51 38.23 18.68
N ALA A 303 -2.64 37.85 17.74
CA ALA A 303 -3.09 37.19 16.52
C ALA A 303 -3.59 35.75 16.80
N ALA A 304 -3.02 35.08 17.82
CA ALA A 304 -3.39 33.71 18.20
C ALA A 304 -4.69 33.59 18.99
N VAL A 305 -5.35 34.71 19.32
CA VAL A 305 -6.61 34.71 20.02
C VAL A 305 -7.71 34.09 19.13
N TYR A 306 -8.57 33.22 19.68
CA TYR A 306 -9.62 32.56 18.92
C TYR A 306 -10.89 33.42 19.00
N HIS A 307 -10.95 34.49 18.16
CA HIS A 307 -12.05 35.47 18.15
C HIS A 307 -13.43 34.85 17.94
N ARG A 308 -13.54 33.77 17.17
CA ARG A 308 -14.83 33.11 16.96
C ARG A 308 -15.52 32.72 18.27
N GLN A 309 -14.79 32.08 19.19
CA GLN A 309 -15.37 31.72 20.48
C GLN A 309 -15.42 32.91 21.44
N LEU A 310 -14.32 33.66 21.53
CA LEU A 310 -14.22 34.82 22.41
C LEU A 310 -15.36 35.85 22.17
N PHE A 311 -15.58 36.26 20.92
CA PHE A 311 -16.62 37.22 20.62
C PHE A 311 -18.00 36.68 20.99
N GLU A 312 -18.29 35.41 20.66
CA GLU A 312 -19.57 34.82 21.03
C GLU A 312 -19.81 34.79 22.51
N GLU A 313 -18.80 34.39 23.28
CA GLU A 313 -18.95 34.32 24.72
C GLU A 313 -19.09 35.70 25.34
N LEU A 314 -18.30 36.70 24.85
CA LEU A 314 -18.38 38.07 25.35
C LEU A 314 -19.72 38.69 25.06
N ARG A 315 -20.19 38.54 23.83
CA ARG A 315 -21.46 39.02 23.36
C ARG A 315 -22.64 38.41 24.19
N ARG A 316 -22.62 37.06 24.39
CA ARG A 316 -23.64 36.31 25.13
C ARG A 316 -23.70 36.76 26.59
N ALA A 317 -22.52 36.91 27.23
CA ALA A 317 -22.43 37.26 28.64
C ALA A 317 -22.73 38.71 28.95
N ALA A 318 -22.44 39.66 28.03
CA ALA A 318 -22.72 41.08 28.27
C ALA A 318 -24.22 41.27 28.43
N PRO A 319 -24.67 42.02 29.46
CA PRO A 319 -26.12 42.12 29.68
C PRO A 319 -26.81 42.97 28.64
N LEU A 320 -28.13 42.75 28.47
CA LEU A 320 -28.94 43.55 27.56
C LEU A 320 -28.99 44.96 28.13
N SER A 321 -28.92 45.96 27.25
CA SER A 321 -28.85 47.33 27.70
C SER A 321 -29.67 48.23 26.87
N ARG A 322 -30.16 49.29 27.50
CA ARG A 322 -30.87 50.35 26.78
CA ARG A 322 -30.86 50.33 26.76
C ARG A 322 -30.05 51.65 26.78
N ASP A 323 -28.71 51.57 27.04
CA ASP A 323 -27.80 52.69 26.99
C ASP A 323 -27.33 52.73 25.53
N PRO A 324 -27.63 53.82 24.80
CA PRO A 324 -27.26 53.89 23.38
C PRO A 324 -25.78 53.74 23.11
N THR A 325 -24.91 54.11 24.07
CA THR A 325 -23.46 53.94 23.88
C THR A 325 -23.13 52.46 23.81
N GLU A 326 -23.75 51.66 24.73
CA GLU A 326 -23.64 50.21 24.81
C GLU A 326 -24.20 49.51 23.57
N VAL A 327 -25.33 49.98 23.10
CA VAL A 327 -25.97 49.45 21.91
C VAL A 327 -25.17 49.74 20.62
N THR A 328 -24.67 50.98 20.48
CA THR A 328 -23.87 51.35 19.32
C THR A 328 -22.55 50.59 19.32
N ALA A 329 -21.90 50.40 20.50
CA ALA A 329 -20.62 49.68 20.60
C ALA A 329 -20.69 48.25 20.04
N ILE A 330 -21.68 47.42 20.47
CA ILE A 330 -21.83 46.04 20.00
C ILE A 330 -22.20 46.00 18.50
N GLY A 331 -22.93 47.01 18.02
CA GLY A 331 -23.22 47.11 16.59
C GLY A 331 -21.94 47.41 15.82
N ALA A 332 -21.12 48.34 16.33
CA ALA A 332 -19.86 48.71 15.68
C ALA A 332 -18.83 47.54 15.66
N VAL A 333 -18.69 46.80 16.76
CA VAL A 333 -17.77 45.67 16.79
C VAL A 333 -18.26 44.57 15.83
N GLU A 334 -19.56 44.31 15.83
CA GLU A 334 -20.13 43.31 14.91
C GLU A 334 -19.88 43.71 13.45
N ALA A 335 -20.12 44.98 13.10
CA ALA A 335 -19.89 45.47 11.75
C ALA A 335 -18.39 45.41 11.35
N ALA A 336 -17.49 45.68 12.31
CA ALA A 336 -16.04 45.61 12.05
C ALA A 336 -15.63 44.17 11.70
N PHE A 337 -16.22 43.17 12.36
CA PHE A 337 -15.90 41.78 12.05
C PHE A 337 -16.43 41.38 10.67
N LYS A 338 -17.61 41.90 10.29
CA LYS A 338 -18.24 41.57 9.02
C LYS A 338 -17.41 41.97 7.81
N CYS A 339 -16.72 43.11 7.87
CA CYS A 339 -15.94 43.61 6.74
C CYS A 339 -14.44 43.57 6.92
N CYS A 340 -13.95 43.00 8.04
CA CYS A 340 -12.52 42.98 8.34
C CYS A 340 -12.00 44.42 8.42
N ALA A 341 -12.75 45.31 9.07
CA ALA A 341 -12.42 46.73 9.17
C ALA A 341 -11.05 46.94 9.77
N ALA A 342 -10.29 47.89 9.20
CA ALA A 342 -8.94 48.16 9.69
C ALA A 342 -8.99 48.79 11.07
N ALA A 343 -9.97 49.67 11.30
CA ALA A 343 -10.08 50.38 12.55
C ALA A 343 -11.53 50.80 12.82
N ILE A 344 -11.79 51.14 14.08
CA ILE A 344 -13.01 51.75 14.53
C ILE A 344 -12.55 53.08 15.08
N ILE A 345 -12.91 54.20 14.44
CA ILE A 345 -12.52 55.51 14.95
C ILE A 345 -13.65 55.99 15.84
N VAL A 346 -13.36 56.32 17.09
CA VAL A 346 -14.39 56.76 18.01
C VAL A 346 -14.03 58.11 18.65
N LEU A 347 -15.03 59.00 18.79
CA LEU A 347 -14.83 60.29 19.45
C LEU A 347 -15.21 60.07 20.88
N THR A 348 -14.33 60.46 21.80
CA THR A 348 -14.58 60.27 23.22
C THR A 348 -14.07 61.43 24.04
N THR A 349 -14.80 61.77 25.09
CA THR A 349 -14.41 62.86 25.99
C THR A 349 -13.75 62.27 27.23
N THR A 350 -14.36 61.22 27.79
CA THR A 350 -13.89 60.55 29.00
C THR A 350 -13.18 59.22 28.71
N GLY A 351 -13.30 58.70 27.48
CA GLY A 351 -12.76 57.40 27.15
C GLY A 351 -13.80 56.29 27.18
N ARG A 352 -14.96 56.56 27.81
CA ARG A 352 -16.02 55.58 27.97
C ARG A 352 -16.46 54.90 26.66
N SER A 353 -16.71 55.66 25.59
CA SER A 353 -17.10 55.05 24.32
C SER A 353 -16.04 54.10 23.77
N ALA A 354 -14.76 54.44 23.92
CA ALA A 354 -13.67 53.57 23.50
C ALA A 354 -13.61 52.31 24.40
N GLN A 355 -13.85 52.47 25.70
CA GLN A 355 -13.83 51.34 26.62
C GLN A 355 -14.95 50.35 26.29
N LEU A 356 -16.16 50.84 25.96
CA LEU A 356 -17.27 49.96 25.62
C LEU A 356 -17.03 49.20 24.31
N LEU A 357 -16.23 49.77 23.37
CA LEU A 357 -15.88 49.04 22.15
C LEU A 357 -14.85 47.94 22.48
N SER A 358 -13.85 48.30 23.31
CA SER A 358 -12.77 47.44 23.78
C SER A 358 -13.25 46.18 24.51
N ARG A 359 -14.31 46.27 25.32
CA ARG A 359 -14.82 45.11 26.05
C ARG A 359 -15.23 43.94 25.14
N TYR A 360 -15.65 44.20 23.88
CA TYR A 360 -16.03 43.11 22.97
C TYR A 360 -14.84 42.53 22.21
N ARG A 361 -13.60 42.97 22.55
CA ARG A 361 -12.34 42.52 21.98
C ARG A 361 -12.32 42.46 20.45
N PRO A 362 -12.54 43.60 19.76
CA PRO A 362 -12.47 43.56 18.29
C PRO A 362 -11.06 43.27 17.78
N ARG A 363 -10.96 42.69 16.59
CA ARG A 363 -9.67 42.49 15.95
C ARG A 363 -9.23 43.88 15.37
N ALA A 364 -10.22 44.74 14.95
CA ALA A 364 -9.98 46.10 14.45
C ALA A 364 -9.47 47.00 15.58
N ALA A 365 -8.51 47.87 15.27
CA ALA A 365 -7.94 48.81 16.23
C ALA A 365 -8.97 49.88 16.57
N VAL A 366 -9.09 50.24 17.85
CA VAL A 366 -10.00 51.31 18.25
C VAL A 366 -9.18 52.59 18.35
N ILE A 367 -9.27 53.46 17.34
CA ILE A 367 -8.56 54.74 17.35
C ILE A 367 -9.44 55.76 18.08
N ALA A 368 -9.07 56.14 19.31
CA ALA A 368 -9.89 57.06 20.09
C ALA A 368 -9.41 58.50 19.94
N VAL A 369 -10.23 59.38 19.34
CA VAL A 369 -9.87 60.80 19.17
C VAL A 369 -10.47 61.59 20.30
N THR A 370 -9.63 62.25 21.09
CA THR A 370 -10.09 63.02 22.24
C THR A 370 -9.36 64.36 22.40
N ARG A 371 -9.99 65.30 23.10
CA ARG A 371 -9.37 66.58 23.46
C ARG A 371 -8.81 66.52 24.89
N SER A 372 -9.30 65.60 25.71
CA SER A 372 -8.84 65.46 27.08
C SER A 372 -7.48 64.74 27.10
N ALA A 373 -6.43 65.44 27.54
CA ALA A 373 -5.11 64.84 27.62
C ALA A 373 -5.10 63.69 28.66
N GLN A 374 -5.83 63.87 29.76
CA GLN A 374 -5.94 62.84 30.77
C GLN A 374 -6.65 61.59 30.20
N ALA A 375 -7.79 61.75 29.49
CA ALA A 375 -8.47 60.61 28.89
C ALA A 375 -7.56 59.92 27.86
N ALA A 376 -6.78 60.69 27.11
CA ALA A 376 -5.84 60.10 26.14
C ALA A 376 -4.80 59.21 26.82
N ARG A 377 -4.33 59.61 28.01
CA ARG A 377 -3.36 58.80 28.74
C ARG A 377 -4.04 57.60 29.38
N GLN A 378 -5.21 57.81 29.98
CA GLN A 378 -5.95 56.76 30.68
C GLN A 378 -6.50 55.63 29.81
N VAL A 379 -6.81 55.89 28.53
CA VAL A 379 -7.34 54.81 27.68
C VAL A 379 -6.32 53.71 27.35
N HIS A 380 -5.03 53.91 27.72
CA HIS A 380 -3.99 52.88 27.57
C HIS A 380 -4.33 51.63 28.43
N LEU A 381 -5.13 51.80 29.49
CA LEU A 381 -5.55 50.70 30.31
C LEU A 381 -6.44 49.72 29.53
N CYS A 382 -7.12 50.15 28.45
CA CYS A 382 -8.03 49.31 27.69
C CYS A 382 -7.36 48.68 26.48
N ARG A 383 -7.42 47.34 26.37
CA ARG A 383 -6.82 46.67 25.24
C ARG A 383 -7.41 47.12 23.90
N GLY A 384 -6.55 47.44 22.94
CA GLY A 384 -7.00 47.79 21.61
C GLY A 384 -7.35 49.25 21.39
N VAL A 385 -7.14 50.10 22.40
CA VAL A 385 -7.44 51.52 22.26
C VAL A 385 -6.17 52.30 22.01
N PHE A 386 -6.10 52.99 20.86
CA PHE A 386 -4.99 53.79 20.43
C PHE A 386 -5.41 55.25 20.55
N PRO A 387 -4.96 55.94 21.60
CA PRO A 387 -5.39 57.34 21.80
C PRO A 387 -4.73 58.36 20.89
N LEU A 388 -5.53 59.35 20.46
CA LEU A 388 -5.08 60.46 19.63
C LEU A 388 -5.49 61.74 20.30
N LEU A 389 -4.53 62.58 20.69
CA LEU A 389 -4.86 63.84 21.33
C LEU A 389 -5.06 64.90 20.26
N TYR A 390 -6.27 65.45 20.18
CA TYR A 390 -6.62 66.47 19.21
C TYR A 390 -6.38 67.83 19.84
N ARG A 391 -5.52 68.63 19.19
CA ARG A 391 -5.18 69.90 19.81
C ARG A 391 -5.79 71.12 19.15
N GLU A 392 -6.28 70.99 17.92
CA GLU A 392 -6.86 72.13 17.22
CA GLU A 392 -6.88 72.10 17.20
C GLU A 392 -8.04 72.77 17.97
N PRO A 393 -8.24 74.09 17.79
CA PRO A 393 -9.34 74.77 18.51
C PRO A 393 -10.70 74.48 17.85
N PRO A 394 -11.78 74.54 18.67
CA PRO A 394 -13.11 74.20 18.14
C PRO A 394 -13.63 75.02 16.96
N GLU A 395 -14.39 74.35 16.09
CA GLU A 395 -15.01 75.01 14.93
C GLU A 395 -16.33 75.68 15.37
N ALA A 396 -16.82 76.62 14.54
CA ALA A 396 -18.06 77.34 14.82
C ALA A 396 -19.25 76.39 14.75
N ILE A 397 -19.26 75.50 13.75
CA ILE A 397 -20.32 74.52 13.61
C ILE A 397 -19.84 73.19 14.16
N TRP A 398 -20.56 72.67 15.17
CA TRP A 398 -20.21 71.41 15.83
C TRP A 398 -20.05 70.23 14.87
N ALA A 399 -20.95 70.10 13.91
CA ALA A 399 -20.88 69.03 12.93
C ALA A 399 -19.54 69.06 12.16
N ASP A 400 -19.01 70.27 11.89
CA ASP A 400 -17.73 70.44 11.21
C ASP A 400 -16.58 70.05 12.14
N ASP A 401 -16.69 70.41 13.41
CA ASP A 401 -15.71 70.07 14.42
C ASP A 401 -15.60 68.54 14.59
N VAL A 402 -16.74 67.85 14.54
CA VAL A 402 -16.81 66.40 14.64
C VAL A 402 -16.10 65.80 13.42
N ASP A 403 -16.48 66.28 12.21
CA ASP A 403 -15.92 65.83 10.95
CA ASP A 403 -15.88 65.77 10.98
C ASP A 403 -14.37 66.03 10.89
N ARG A 404 -13.89 67.13 11.48
CA ARG A 404 -12.45 67.41 11.48
C ARG A 404 -11.70 66.41 12.36
N ARG A 405 -12.31 66.07 13.50
CA ARG A 405 -11.72 65.10 14.41
C ARG A 405 -11.71 63.70 13.80
N VAL A 406 -12.71 63.36 12.98
CA VAL A 406 -12.74 62.06 12.30
C VAL A 406 -11.61 62.04 11.26
N GLN A 407 -11.49 63.12 10.47
CA GLN A 407 -10.40 63.22 9.48
C GLN A 407 -9.02 63.16 10.11
N PHE A 408 -8.87 63.75 11.30
CA PHE A 408 -7.62 63.69 12.05
C PHE A 408 -7.27 62.22 12.40
N GLY A 409 -8.29 61.45 12.78
CA GLY A 409 -8.13 60.04 13.10
C GLY A 409 -7.72 59.25 11.89
N ILE A 410 -8.30 59.55 10.72
CA ILE A 410 -7.95 58.90 9.47
C ILE A 410 -6.51 59.25 9.04
N GLU A 411 -6.13 60.53 9.18
CA GLU A 411 -4.79 60.97 8.81
C GLU A 411 -3.74 60.35 9.72
N SER A 412 -3.97 60.36 11.04
CA SER A 412 -3.04 59.70 11.96
C SER A 412 -3.00 58.18 11.68
N GLY A 413 -4.12 57.60 11.29
CA GLY A 413 -4.20 56.18 10.99
C GLY A 413 -3.36 55.81 9.77
N LYS A 414 -3.46 56.62 8.72
CA LYS A 414 -2.69 56.41 7.51
C LYS A 414 -1.20 56.57 7.83
N LEU A 415 -0.84 57.60 8.59
CA LEU A 415 0.54 57.89 8.97
C LEU A 415 1.18 56.77 9.78
N ARG A 416 0.48 56.24 10.80
CA ARG A 416 1.06 55.21 11.64
C ARG A 416 0.94 53.79 11.08
N GLY A 417 0.44 53.65 9.84
CA GLY A 417 0.35 52.35 9.19
C GLY A 417 -0.92 51.57 9.41
N PHE A 418 -1.82 52.05 10.28
CA PHE A 418 -3.10 51.37 10.52
C PHE A 418 -3.96 51.30 9.29
N LEU A 419 -3.98 52.37 8.49
CA LEU A 419 -4.89 52.47 7.36
C LEU A 419 -4.22 52.66 6.04
N ARG A 420 -4.85 52.11 5.02
CA ARG A 420 -4.46 52.27 3.63
C ARG A 420 -5.71 52.68 2.83
N VAL A 421 -5.52 53.29 1.68
CA VAL A 421 -6.63 53.69 0.81
C VAL A 421 -7.35 52.42 0.33
N GLY A 422 -8.67 52.45 0.37
CA GLY A 422 -9.46 51.28 -0.01
C GLY A 422 -9.96 50.50 1.19
N ASP A 423 -9.37 50.72 2.38
CA ASP A 423 -9.78 50.06 3.62
C ASP A 423 -11.16 50.54 4.07
N LEU A 424 -11.85 49.73 4.89
CA LEU A 424 -13.13 50.13 5.47
C LEU A 424 -12.89 50.43 6.93
N VAL A 425 -13.52 51.50 7.42
CA VAL A 425 -13.46 51.85 8.82
C VAL A 425 -14.86 52.07 9.37
N ILE A 426 -15.00 51.85 10.67
CA ILE A 426 -16.27 52.08 11.33
C ILE A 426 -16.08 53.37 12.14
N VAL A 427 -16.97 54.36 12.01
CA VAL A 427 -16.85 55.60 12.77
C VAL A 427 -17.96 55.70 13.79
N VAL A 428 -17.61 55.91 15.06
CA VAL A 428 -18.57 56.00 16.13
C VAL A 428 -18.61 57.40 16.74
N THR A 429 -19.78 58.07 16.68
CA THR A 429 -19.98 59.43 17.17
C THR A 429 -21.34 59.56 17.92
N GLY A 430 -21.64 60.75 18.45
CA GLY A 430 -22.89 61.05 19.13
C GLY A 430 -23.69 62.12 18.42
N TRP A 431 -24.92 62.34 18.85
CA TRP A 431 -25.83 63.30 18.23
C TRP A 431 -25.74 64.73 18.78
N ARG A 432 -25.01 64.94 19.87
CA ARG A 432 -24.86 66.24 20.48
C ARG A 432 -23.55 66.31 21.28
N PRO A 433 -23.00 67.52 21.52
CA PRO A 433 -21.77 67.62 22.29
C PRO A 433 -21.91 67.17 23.73
N GLY A 434 -20.79 66.88 24.36
CA GLY A 434 -20.77 66.41 25.73
C GLY A 434 -20.66 64.91 25.78
N SER A 435 -20.19 64.40 26.89
CA SER A 435 -20.00 62.98 27.08
C SER A 435 -21.36 62.26 27.36
N GLY A 436 -21.45 61.01 26.88
CA GLY A 436 -22.62 60.17 27.12
C GLY A 436 -23.68 60.11 26.05
N TYR A 437 -23.43 60.72 24.88
CA TYR A 437 -24.42 60.76 23.83
C TYR A 437 -24.07 59.97 22.59
N THR A 438 -23.09 59.06 22.67
CA THR A 438 -22.73 58.22 21.52
C THR A 438 -23.94 57.38 21.07
N ASN A 439 -24.26 57.44 19.79
CA ASN A 439 -25.41 56.72 19.27
C ASN A 439 -25.34 56.47 17.78
N ILE A 440 -24.24 56.83 17.11
CA ILE A 440 -24.15 56.70 15.67
C ILE A 440 -22.96 55.85 15.26
N MET A 441 -23.19 54.98 14.30
CA MET A 441 -22.14 54.17 13.73
CA MET A 441 -22.18 54.09 13.73
C MET A 441 -22.24 54.31 12.22
N ARG A 442 -21.12 54.61 11.59
CA ARG A 442 -21.07 54.85 10.16
C ARG A 442 -20.02 53.94 9.52
N VAL A 443 -20.30 53.39 8.35
CA VAL A 443 -19.33 52.56 7.63
C VAL A 443 -18.69 53.47 6.58
N LEU A 444 -17.38 53.58 6.64
CA LEU A 444 -16.65 54.51 5.82
C LEU A 444 -15.56 53.89 4.96
N SER A 445 -15.45 54.31 3.69
CA SER A 445 -14.38 53.82 2.82
C SER A 445 -13.23 54.83 2.79
N ILE A 446 -12.00 54.36 3.11
CA ILE A 446 -10.83 55.23 3.16
C ILE A 446 -10.43 55.69 1.80
N SER A 447 -10.46 57.04 1.65
CA SER A 447 -10.20 57.80 0.44
C SER A 447 -11.06 57.26 -0.72
N ARG B 12 -29.52 35.04 33.86
CA ARG B 12 -30.29 35.93 34.75
C ARG B 12 -29.55 37.27 35.02
N ALA B 13 -28.21 37.26 34.96
CA ALA B 13 -27.43 38.48 35.15
C ALA B 13 -27.44 39.33 33.85
N ASP B 14 -27.45 38.65 32.69
CA ASP B 14 -27.48 39.30 31.37
C ASP B 14 -28.83 39.95 31.05
N VAL B 15 -29.84 39.88 31.96
CA VAL B 15 -31.15 40.48 31.75
C VAL B 15 -31.68 41.19 33.01
N ALA B 16 -30.96 41.16 34.15
CA ALA B 16 -31.44 41.73 35.42
C ALA B 16 -31.81 43.24 35.38
N GLN B 17 -30.94 44.07 34.77
CA GLN B 17 -31.21 45.51 34.72
C GLN B 17 -32.37 45.78 33.77
N LEU B 18 -32.38 45.13 32.59
CA LEU B 18 -33.49 45.31 31.65
C LEU B 18 -34.82 44.78 32.21
N THR B 19 -34.76 43.77 33.09
CA THR B 19 -35.89 43.21 33.81
C THR B 19 -36.41 44.23 34.82
N GLN B 20 -35.52 44.95 35.49
CA GLN B 20 -35.91 45.99 36.41
C GLN B 20 -36.60 47.14 35.67
N GLU B 21 -36.08 47.53 34.50
CA GLU B 21 -36.58 48.63 33.68
C GLU B 21 -37.89 48.30 33.00
N LEU B 22 -37.91 47.22 32.25
CA LEU B 22 -39.09 46.84 31.46
C LEU B 22 -40.12 46.03 32.22
N GLY B 23 -39.72 45.43 33.31
CA GLY B 23 -40.62 44.67 34.16
C GLY B 23 -40.64 43.20 33.84
N THR B 24 -41.11 42.40 34.80
CA THR B 24 -41.19 40.97 34.63
C THR B 24 -42.25 40.57 33.59
N ALA B 25 -43.33 41.32 33.45
CA ALA B 25 -44.37 41.00 32.47
C ALA B 25 -43.83 40.98 31.05
N PHE B 26 -42.96 41.94 30.70
CA PHE B 26 -42.38 42.01 29.36
C PHE B 26 -41.61 40.74 29.02
N PHE B 27 -40.79 40.25 29.97
CA PHE B 27 -39.95 39.08 29.77
C PHE B 27 -40.72 37.76 29.80
N GLN B 28 -42.03 37.77 30.08
CA GLN B 28 -42.85 36.56 30.03
C GLN B 28 -43.63 36.46 28.70
N GLN B 29 -43.73 37.55 27.93
CA GLN B 29 -44.43 37.53 26.66
C GLN B 29 -43.49 37.11 25.52
N GLN B 30 -44.05 36.93 24.31
CA GLN B 30 -43.39 36.56 23.05
C GLN B 30 -42.28 35.51 23.19
N GLN B 31 -42.56 34.45 23.97
CA GLN B 31 -41.64 33.35 24.25
C GLN B 31 -40.25 33.80 24.71
N LEU B 32 -40.14 34.95 25.41
CA LEU B 32 -38.86 35.40 25.89
C LEU B 32 -38.21 34.42 26.88
N PRO B 33 -38.91 33.69 27.79
CA PRO B 33 -38.20 32.68 28.61
C PRO B 33 -37.53 31.60 27.73
N ALA B 34 -38.23 31.12 26.69
CA ALA B 34 -37.68 30.13 25.77
C ALA B 34 -36.54 30.69 24.90
N ALA B 35 -36.52 32.01 24.67
CA ALA B 35 -35.47 32.65 23.88
C ALA B 35 -34.14 32.70 24.63
N MET B 36 -34.19 32.79 25.98
CA MET B 36 -33.02 32.81 26.87
C MET B 36 -32.38 31.43 27.07
N ALA B 37 -33.01 30.35 26.61
CA ALA B 37 -32.49 29.02 26.77
C ALA B 37 -31.10 28.81 26.17
N ASP B 38 -30.28 28.00 26.84
CA ASP B 38 -28.92 27.71 26.40
C ASP B 38 -28.85 26.58 25.40
N THR B 39 -29.87 25.73 25.34
CA THR B 39 -29.93 24.65 24.35
C THR B 39 -31.28 24.69 23.62
N PHE B 40 -31.34 24.12 22.42
CA PHE B 40 -32.59 23.99 21.68
C PHE B 40 -33.56 23.10 22.47
N LEU B 41 -33.06 22.06 23.18
CA LEU B 41 -33.92 21.19 23.98
C LEU B 41 -34.55 22.01 25.10
N GLU B 42 -33.75 22.81 25.82
CA GLU B 42 -34.26 23.68 26.89
C GLU B 42 -35.26 24.70 26.32
N HIS B 43 -35.01 25.18 25.10
CA HIS B 43 -35.88 26.10 24.39
C HIS B 43 -37.22 25.47 24.16
N LEU B 44 -37.25 24.20 23.68
CA LEU B 44 -38.53 23.50 23.49
C LEU B 44 -39.28 23.35 24.82
N CYS B 45 -38.58 22.97 25.87
CA CYS B 45 -39.18 22.79 27.20
C CYS B 45 -39.80 24.06 27.75
N LEU B 46 -39.22 25.22 27.41
CA LEU B 46 -39.69 26.50 27.92
C LEU B 46 -40.81 27.13 27.11
N LEU B 47 -41.18 26.58 25.93
CA LEU B 47 -42.28 27.16 25.13
C LEU B 47 -43.58 27.15 25.96
N ASP B 48 -44.26 28.29 26.01
CA ASP B 48 -45.45 28.48 26.84
C ASP B 48 -46.68 28.91 26.02
N ILE B 49 -47.78 28.20 26.17
CA ILE B 49 -49.05 28.54 25.51
C ILE B 49 -49.66 29.83 26.13
N ASP B 50 -49.24 30.24 27.33
CA ASP B 50 -49.68 31.46 27.98
C ASP B 50 -48.78 32.69 27.69
N SER B 51 -47.70 32.50 26.94
CA SER B 51 -46.79 33.58 26.57
C SER B 51 -47.32 34.21 25.28
N GLU B 52 -48.01 35.34 25.37
CA GLU B 52 -48.65 35.93 24.19
C GLU B 52 -47.72 36.61 23.20
N PRO B 53 -47.96 36.38 21.89
CA PRO B 53 -47.16 37.09 20.86
C PRO B 53 -47.41 38.61 20.91
N VAL B 54 -46.36 39.39 20.77
CA VAL B 54 -46.48 40.84 20.88
C VAL B 54 -46.14 41.48 19.54
N ALA B 55 -45.09 41.02 18.89
CA ALA B 55 -44.65 41.55 17.60
C ALA B 55 -45.70 41.36 16.48
N ALA B 56 -45.66 42.23 15.47
CA ALA B 56 -46.56 42.13 14.33
C ALA B 56 -46.14 40.95 13.46
N ARG B 57 -47.10 40.36 12.75
CA ARG B 57 -46.83 39.19 11.92
C ARG B 57 -45.89 39.50 10.78
N SER B 58 -44.76 38.82 10.75
CA SER B 58 -43.71 39.06 9.78
C SER B 58 -43.69 38.15 8.51
N THR B 59 -44.29 36.96 8.54
CA THR B 59 -44.36 36.10 7.35
C THR B 59 -45.53 36.58 6.51
N SER B 60 -45.31 36.90 5.24
CA SER B 60 -46.38 37.38 4.40
C SER B 60 -47.35 36.30 3.97
N ILE B 61 -48.59 36.69 3.71
CA ILE B 61 -49.62 35.76 3.27
C ILE B 61 -49.94 36.07 1.81
N ILE B 62 -49.82 35.06 0.96
CA ILE B 62 -50.18 35.15 -0.45
C ILE B 62 -51.52 34.49 -0.60
N ALA B 63 -52.52 35.19 -1.10
CA ALA B 63 -53.85 34.61 -1.30
C ALA B 63 -54.14 34.52 -2.78
N THR B 64 -54.63 33.37 -3.24
CA THR B 64 -54.99 33.21 -4.65
C THR B 64 -56.37 33.79 -4.87
N ILE B 65 -56.52 34.61 -5.90
CA ILE B 65 -57.79 35.29 -6.23
C ILE B 65 -58.64 34.41 -7.16
N GLY B 66 -59.91 34.25 -6.85
CA GLY B 66 -60.81 33.44 -7.66
C GLY B 66 -62.27 33.81 -7.42
N PRO B 67 -63.21 32.96 -7.86
CA PRO B 67 -64.64 33.25 -7.63
C PRO B 67 -65.01 33.54 -6.17
N ALA B 68 -64.35 32.86 -5.23
CA ALA B 68 -64.61 33.06 -3.81
C ALA B 68 -63.98 34.32 -3.23
N SER B 69 -63.12 35.00 -3.96
CA SER B 69 -62.38 36.15 -3.44
C SER B 69 -62.19 37.21 -4.50
N ARG B 70 -63.24 37.46 -5.29
CA ARG B 70 -63.10 38.40 -6.40
C ARG B 70 -63.78 39.71 -6.20
N SER B 71 -64.90 39.72 -5.47
CA SER B 71 -65.63 40.96 -5.25
C SER B 71 -64.79 41.96 -4.50
N VAL B 72 -65.00 43.25 -4.77
CA VAL B 72 -64.25 44.30 -4.12
C VAL B 72 -64.47 44.28 -2.59
N GLU B 73 -65.70 43.95 -2.16
CA GLU B 73 -66.02 43.88 -0.74
C GLU B 73 -65.29 42.73 -0.06
N ARG B 74 -65.16 41.59 -0.76
CA ARG B 74 -64.48 40.41 -0.24
C ARG B 74 -62.96 40.68 -0.12
N LEU B 75 -62.40 41.35 -1.11
CA LEU B 75 -60.99 41.71 -1.14
C LEU B 75 -60.63 42.69 -0.02
N LYS B 76 -61.54 43.62 0.31
CA LYS B 76 -61.31 44.55 1.39
C LYS B 76 -61.22 43.80 2.73
N GLU B 77 -62.08 42.80 2.92
CA GLU B 77 -62.07 42.00 4.15
C GLU B 77 -60.77 41.16 4.24
N MET B 78 -60.28 40.69 3.09
CA MET B 78 -59.06 39.89 3.03
CA MET B 78 -59.06 39.89 3.03
C MET B 78 -57.82 40.73 3.30
N ILE B 79 -57.83 41.99 2.87
CA ILE B 79 -56.71 42.89 3.15
C ILE B 79 -56.67 43.18 4.66
N LYS B 80 -57.85 43.40 5.27
CA LYS B 80 -57.98 43.64 6.70
C LYS B 80 -57.56 42.42 7.52
N ALA B 81 -57.84 41.20 7.01
CA ALA B 81 -57.45 39.95 7.66
C ALA B 81 -55.92 39.67 7.59
N GLY B 82 -55.22 40.27 6.63
CA GLY B 82 -53.77 40.12 6.52
C GLY B 82 -53.17 39.74 5.18
N MET B 83 -53.95 39.73 4.09
CA MET B 83 -53.40 39.40 2.78
C MET B 83 -52.38 40.48 2.33
N ASN B 84 -51.18 40.06 1.94
CA ASN B 84 -50.14 40.98 1.50
C ASN B 84 -49.92 40.88 0.02
N ILE B 85 -50.09 39.69 -0.55
CA ILE B 85 -49.84 39.46 -1.97
C ILE B 85 -51.04 38.72 -2.57
N ALA B 86 -51.51 39.16 -3.73
CA ALA B 86 -52.63 38.57 -4.44
C ALA B 86 -52.10 37.79 -5.61
N ARG B 87 -52.40 36.49 -5.66
CA ARG B 87 -51.94 35.62 -6.74
C ARG B 87 -53.02 35.36 -7.78
N LEU B 88 -52.66 35.49 -9.06
CA LEU B 88 -53.57 35.22 -10.17
C LEU B 88 -53.04 33.98 -10.81
N ASN B 89 -53.83 32.90 -10.81
CA ASN B 89 -53.38 31.65 -11.41
C ASN B 89 -53.75 31.63 -12.88
N PHE B 90 -52.75 31.72 -13.74
CA PHE B 90 -52.97 31.73 -15.18
C PHE B 90 -53.15 30.36 -15.80
N SER B 91 -53.26 29.30 -15.01
CA SER B 91 -53.53 27.97 -15.54
C SER B 91 -54.94 27.95 -16.15
N HIS B 92 -55.90 28.63 -15.51
CA HIS B 92 -57.28 28.74 -15.96
C HIS B 92 -57.66 30.24 -16.10
N GLY B 93 -58.79 30.54 -16.74
CA GLY B 93 -59.28 31.90 -16.84
C GLY B 93 -58.70 32.68 -18.00
N SER B 94 -59.52 33.56 -18.58
CA SER B 94 -59.09 34.38 -19.71
C SER B 94 -58.32 35.62 -19.28
N HIS B 95 -57.68 36.31 -20.23
CA HIS B 95 -57.00 37.57 -19.96
C HIS B 95 -58.01 38.61 -19.44
N GLU B 96 -59.25 38.59 -19.97
CA GLU B 96 -60.31 39.48 -19.55
C GLU B 96 -60.66 39.24 -18.07
N TYR B 97 -60.77 37.96 -17.67
CA TYR B 97 -61.08 37.56 -16.31
C TYR B 97 -60.01 38.05 -15.34
N HIS B 98 -58.73 37.85 -15.70
CA HIS B 98 -57.62 38.25 -14.86
C HIS B 98 -57.43 39.77 -14.80
N ALA B 99 -57.75 40.49 -15.88
CA ALA B 99 -57.69 41.94 -15.85
C ALA B 99 -58.76 42.49 -14.92
N GLU B 100 -59.93 41.85 -14.85
CA GLU B 100 -61.00 42.27 -13.97
C GLU B 100 -60.62 42.03 -12.50
N SER B 101 -59.91 40.93 -12.21
CA SER B 101 -59.46 40.64 -10.86
C SER B 101 -58.42 41.65 -10.43
N ILE B 102 -57.48 42.01 -11.30
CA ILE B 102 -56.48 43.04 -11.00
C ILE B 102 -57.14 44.38 -10.68
N ALA B 103 -58.13 44.77 -11.48
CA ALA B 103 -58.89 45.99 -11.27
C ALA B 103 -59.60 45.97 -9.90
N ASN B 104 -60.18 44.83 -9.53
CA ASN B 104 -60.88 44.70 -8.26
C ASN B 104 -59.94 44.74 -7.07
N VAL B 105 -58.76 44.12 -7.20
CA VAL B 105 -57.76 44.14 -6.15
C VAL B 105 -57.28 45.58 -5.93
N ARG B 106 -56.91 46.28 -7.03
CA ARG B 106 -56.48 47.68 -6.96
C ARG B 106 -57.55 48.64 -6.38
N GLU B 107 -58.80 48.40 -6.67
CA GLU B 107 -59.90 49.19 -6.15
C GLU B 107 -60.02 48.97 -4.61
N ALA B 108 -59.94 47.72 -4.16
CA ALA B 108 -60.03 47.41 -2.73
C ALA B 108 -58.80 47.98 -1.98
N VAL B 109 -57.61 47.92 -2.59
CA VAL B 109 -56.37 48.41 -2.00
C VAL B 109 -56.41 49.92 -1.88
N GLU B 110 -56.82 50.60 -2.95
CA GLU B 110 -56.87 52.07 -2.95
C GLU B 110 -58.00 52.65 -2.12
N SER B 111 -58.97 51.83 -1.68
CA SER B 111 -60.01 52.32 -0.79
C SER B 111 -59.45 52.74 0.60
N PHE B 112 -58.20 52.31 0.93
CA PHE B 112 -57.56 52.64 2.19
C PHE B 112 -56.43 53.67 2.03
N ALA B 113 -56.21 54.23 0.82
CA ALA B 113 -55.11 55.15 0.57
C ALA B 113 -55.24 56.57 1.16
N GLY B 114 -56.18 56.78 2.08
CA GLY B 114 -56.32 58.08 2.72
C GLY B 114 -55.15 58.40 3.64
N SER B 115 -54.79 57.46 4.52
CA SER B 115 -53.73 57.68 5.49
C SER B 115 -52.71 56.52 5.52
N PRO B 116 -51.49 56.72 6.05
CA PRO B 116 -50.54 55.60 6.14
C PRO B 116 -50.90 54.59 7.21
N LEU B 117 -51.70 54.97 8.23
CA LEU B 117 -52.07 53.98 9.24
C LEU B 117 -53.26 53.10 8.76
N SER B 118 -53.83 53.35 7.56
CA SER B 118 -54.82 52.45 7.01
C SER B 118 -54.22 51.76 5.80
N TYR B 119 -53.51 52.50 4.93
CA TYR B 119 -52.98 51.95 3.70
C TYR B 119 -52.10 50.75 3.86
N ARG B 120 -52.43 49.69 3.15
CA ARG B 120 -51.61 48.49 3.17
C ARG B 120 -51.37 48.13 1.71
N PRO B 121 -50.14 48.37 1.22
CA PRO B 121 -49.84 48.07 -0.20
C PRO B 121 -49.87 46.56 -0.40
N VAL B 122 -50.50 46.11 -1.46
CA VAL B 122 -50.68 44.70 -1.73
C VAL B 122 -50.05 44.39 -3.06
N ALA B 123 -49.13 43.43 -3.10
CA ALA B 123 -48.47 43.07 -4.36
C ALA B 123 -49.36 42.21 -5.22
N ILE B 124 -49.15 42.24 -6.54
CA ILE B 124 -49.90 41.42 -7.47
C ILE B 124 -48.95 40.49 -8.15
N ALA B 125 -49.17 39.18 -7.99
CA ALA B 125 -48.29 38.18 -8.59
C ALA B 125 -49.02 37.36 -9.66
N LEU B 126 -48.34 37.11 -10.79
CA LEU B 126 -48.86 36.33 -11.88
C LEU B 126 -48.24 34.95 -11.82
N ASP B 127 -49.07 33.91 -11.67
CA ASP B 127 -48.58 32.54 -11.64
C ASP B 127 -48.77 31.99 -13.05
N THR B 128 -47.68 31.67 -13.75
CA THR B 128 -47.76 31.15 -15.11
C THR B 128 -48.35 29.74 -15.20
N LYS B 129 -48.91 29.39 -16.37
CA LYS B 129 -49.51 28.08 -16.63
C LYS B 129 -48.42 26.99 -16.69
N GLY B 130 -47.27 27.32 -17.27
CA GLY B 130 -46.17 26.37 -17.34
C GLY B 130 -45.91 25.79 -18.70
N PRO B 131 -44.84 24.99 -18.82
CA PRO B 131 -44.47 24.43 -20.12
C PRO B 131 -45.22 23.18 -20.53
N GLY B 132 -45.79 22.46 -19.57
CA GLY B 132 -46.51 21.22 -19.83
C GLY B 132 -45.69 20.18 -20.58
N SER B 133 -46.17 19.81 -21.79
CA SER B 133 -45.49 18.83 -22.64
C SER B 133 -44.18 19.38 -23.27
N GLY B 134 -44.21 20.66 -23.64
CA GLY B 134 -43.11 21.38 -24.27
C GLY B 134 -41.80 21.44 -23.52
N PRO B 135 -40.70 21.73 -24.24
CA PRO B 135 -39.38 21.79 -23.58
C PRO B 135 -39.03 23.13 -22.94
N GLY B 136 -39.35 24.22 -23.63
CA GLY B 136 -39.04 25.58 -23.19
C GLY B 136 -40.25 26.41 -22.83
N LEU B 137 -40.18 27.71 -23.08
CA LEU B 137 -41.26 28.62 -22.75
C LEU B 137 -42.43 28.50 -23.73
N SER B 138 -43.59 28.05 -23.25
CA SER B 138 -44.77 27.88 -24.09
C SER B 138 -45.30 29.21 -24.64
N GLU B 139 -46.02 29.16 -25.78
CA GLU B 139 -46.58 30.35 -26.41
C GLU B 139 -47.55 31.08 -25.52
N GLN B 140 -48.35 30.32 -24.76
CA GLN B 140 -49.31 30.93 -23.84
C GLN B 140 -48.58 31.69 -22.75
N ASP B 141 -47.46 31.12 -22.23
CA ASP B 141 -46.65 31.77 -21.22
C ASP B 141 -46.09 33.10 -21.71
N VAL B 142 -45.65 33.17 -22.96
CA VAL B 142 -45.15 34.42 -23.54
C VAL B 142 -46.25 35.49 -23.56
N ARG B 143 -47.46 35.08 -23.92
CA ARG B 143 -48.58 36.00 -23.98
C ARG B 143 -49.00 36.48 -22.60
N ASP B 144 -48.99 35.57 -21.62
CA ASP B 144 -49.35 35.85 -20.24
C ASP B 144 -48.32 36.77 -19.56
N LEU B 145 -47.03 36.55 -19.87
CA LEU B 145 -45.95 37.38 -19.32
C LEU B 145 -46.02 38.79 -19.89
N ARG B 146 -46.36 38.93 -21.17
CA ARG B 146 -46.51 40.27 -21.76
C ARG B 146 -47.77 40.96 -21.20
N PHE B 147 -48.82 40.19 -20.86
CA PHE B 147 -50.02 40.72 -20.22
C PHE B 147 -49.63 41.30 -18.83
N GLY B 148 -48.81 40.56 -18.10
CA GLY B 148 -48.35 40.96 -16.78
C GLY B 148 -47.59 42.26 -16.80
N VAL B 149 -46.71 42.43 -17.79
CA VAL B 149 -45.94 43.66 -17.97
C VAL B 149 -46.88 44.82 -18.30
N GLU B 150 -47.86 44.59 -19.17
CA GLU B 150 -48.83 45.60 -19.56
C GLU B 150 -49.73 46.02 -18.40
N HIS B 151 -50.01 45.10 -17.47
CA HIS B 151 -50.85 45.41 -16.33
C HIS B 151 -50.10 45.79 -15.06
N GLY B 152 -48.77 45.88 -15.14
CA GLY B 152 -47.93 46.30 -14.02
C GLY B 152 -47.88 45.37 -12.83
N VAL B 153 -47.79 44.04 -13.06
CA VAL B 153 -47.66 43.10 -11.94
C VAL B 153 -46.29 43.29 -11.28
N ASP B 154 -46.17 42.92 -10.00
CA ASP B 154 -44.92 43.10 -9.25
C ASP B 154 -44.06 41.84 -9.24
N ILE B 155 -44.70 40.65 -9.27
CA ILE B 155 -44.02 39.37 -9.15
C ILE B 155 -44.55 38.37 -10.19
N VAL B 156 -43.69 37.46 -10.60
CA VAL B 156 -44.07 36.37 -11.48
C VAL B 156 -43.65 35.08 -10.80
N PHE B 157 -44.57 34.13 -10.67
CA PHE B 157 -44.25 32.80 -10.16
C PHE B 157 -44.09 31.93 -11.39
N ALA B 158 -42.87 31.69 -11.81
CA ALA B 158 -42.62 30.88 -12.99
C ALA B 158 -42.82 29.41 -12.69
N SER B 159 -43.84 28.79 -13.30
CA SER B 159 -44.12 27.37 -13.08
C SER B 159 -43.11 26.46 -13.73
N PHE B 160 -42.84 25.30 -13.08
CA PHE B 160 -41.96 24.22 -13.53
C PHE B 160 -40.57 24.67 -14.02
N VAL B 161 -39.86 25.47 -13.22
CA VAL B 161 -38.51 25.88 -13.55
C VAL B 161 -37.61 24.66 -13.37
N ARG B 162 -36.94 24.25 -14.45
CA ARG B 162 -36.12 23.04 -14.41
C ARG B 162 -34.62 23.32 -14.42
N LYS B 163 -34.21 24.50 -14.89
CA LYS B 163 -32.81 24.90 -14.99
C LYS B 163 -32.73 26.45 -15.09
N ALA B 164 -31.53 27.02 -14.95
CA ALA B 164 -31.33 28.47 -15.02
C ALA B 164 -31.79 29.09 -16.31
N SER B 165 -31.63 28.37 -17.44
CA SER B 165 -32.06 28.89 -18.75
C SER B 165 -33.57 29.14 -18.82
N ASP B 166 -34.37 28.40 -18.04
CA ASP B 166 -35.81 28.61 -17.97
C ASP B 166 -36.10 29.99 -17.36
N VAL B 167 -35.34 30.38 -16.33
CA VAL B 167 -35.57 31.69 -15.69
C VAL B 167 -35.10 32.82 -16.64
N ALA B 168 -34.03 32.59 -17.43
CA ALA B 168 -33.57 33.57 -18.42
C ALA B 168 -34.64 33.78 -19.51
N ALA B 169 -35.35 32.71 -19.89
CA ALA B 169 -36.40 32.78 -20.89
C ALA B 169 -37.56 33.61 -20.38
N VAL B 170 -37.91 33.48 -19.09
CA VAL B 170 -38.97 34.27 -18.47
C VAL B 170 -38.57 35.76 -18.42
N ARG B 171 -37.31 36.03 -18.08
CA ARG B 171 -36.76 37.39 -17.99
CA ARG B 171 -36.76 37.39 -17.99
C ARG B 171 -36.77 38.07 -19.36
N ALA B 172 -36.40 37.33 -20.41
CA ALA B 172 -36.39 37.84 -21.78
C ALA B 172 -37.82 38.08 -22.26
N ALA B 173 -38.76 37.19 -21.90
CA ALA B 173 -40.17 37.36 -22.27
C ALA B 173 -40.80 38.58 -21.58
N LEU B 174 -40.29 38.98 -20.41
CA LEU B 174 -40.78 40.18 -19.74
C LEU B 174 -40.35 41.47 -20.51
N GLY B 175 -39.29 41.38 -21.31
CA GLY B 175 -38.84 42.48 -22.15
C GLY B 175 -38.17 43.60 -21.38
N PRO B 176 -37.95 44.73 -22.06
CA PRO B 176 -37.27 45.85 -21.39
C PRO B 176 -38.10 46.55 -20.30
N GLU B 177 -39.43 46.62 -20.47
CA GLU B 177 -40.28 47.28 -19.48
C GLU B 177 -40.51 46.47 -18.21
N GLY B 178 -40.45 45.16 -18.31
CA GLY B 178 -40.64 44.30 -17.15
C GLY B 178 -39.37 43.99 -16.39
N HIS B 179 -38.37 44.88 -16.50
CA HIS B 179 -37.07 44.70 -15.84
C HIS B 179 -37.14 44.80 -14.29
N GLY B 180 -38.16 45.50 -13.76
CA GLY B 180 -38.35 45.66 -12.32
C GLY B 180 -39.14 44.56 -11.63
N ILE B 181 -39.80 43.69 -12.42
CA ILE B 181 -40.62 42.59 -11.88
C ILE B 181 -39.75 41.48 -11.25
N LYS B 182 -40.12 41.04 -10.04
CA LYS B 182 -39.39 39.96 -9.37
C LYS B 182 -39.80 38.59 -9.96
N ILE B 183 -38.82 37.72 -10.20
CA ILE B 183 -39.08 36.37 -10.70
C ILE B 183 -38.84 35.33 -9.58
N ILE B 184 -39.92 34.66 -9.16
CA ILE B 184 -39.89 33.62 -8.14
C ILE B 184 -40.04 32.28 -8.85
N SER B 185 -38.99 31.46 -8.84
CA SER B 185 -39.02 30.18 -9.54
C SER B 185 -39.72 29.11 -8.73
N LYS B 186 -40.70 28.44 -9.34
CA LYS B 186 -41.40 27.35 -8.68
C LYS B 186 -40.69 26.05 -8.94
N ILE B 187 -40.26 25.36 -7.87
CA ILE B 187 -39.61 24.06 -7.99
C ILE B 187 -40.71 23.03 -7.82
N GLU B 188 -41.07 22.32 -8.91
CA GLU B 188 -42.19 21.39 -8.89
C GLU B 188 -41.82 19.96 -9.31
N ASN B 189 -40.54 19.67 -9.56
CA ASN B 189 -40.14 18.33 -10.02
C ASN B 189 -38.70 17.96 -9.63
N HIS B 190 -38.27 16.73 -9.92
CA HIS B 190 -36.94 16.25 -9.55
C HIS B 190 -35.78 17.05 -10.14
N GLU B 191 -35.86 17.43 -11.41
CA GLU B 191 -34.79 18.19 -12.06
C GLU B 191 -34.59 19.55 -11.38
N GLY B 192 -35.71 20.21 -11.04
CA GLY B 192 -35.67 21.49 -10.34
C GLY B 192 -34.99 21.39 -9.00
N VAL B 193 -35.22 20.30 -8.28
CA VAL B 193 -34.58 20.09 -6.98
C VAL B 193 -33.09 19.80 -7.16
N LYS B 194 -32.73 19.03 -8.18
CA LYS B 194 -31.32 18.72 -8.44
C LYS B 194 -30.52 19.92 -8.92
N ARG B 195 -31.12 20.74 -9.78
CA ARG B 195 -30.46 21.95 -10.27
C ARG B 195 -30.84 23.21 -9.48
N PHE B 196 -31.25 23.02 -8.22
CA PHE B 196 -31.69 24.10 -7.35
C PHE B 196 -30.69 25.25 -7.26
N ASP B 197 -29.41 24.96 -7.00
CA ASP B 197 -28.41 26.01 -6.84
C ASP B 197 -28.27 26.94 -8.04
N GLU B 198 -28.32 26.39 -9.26
CA GLU B 198 -28.22 27.21 -10.47
C GLU B 198 -29.47 28.06 -10.68
N ILE B 199 -30.65 27.53 -10.30
CA ILE B 199 -31.93 28.23 -10.42
C ILE B 199 -31.99 29.38 -9.41
N LEU B 200 -31.57 29.12 -8.18
CA LEU B 200 -31.57 30.12 -7.13
C LEU B 200 -30.64 31.28 -7.46
N GLU B 201 -29.48 30.98 -8.02
CA GLU B 201 -28.49 32.00 -8.36
C GLU B 201 -29.04 33.07 -9.29
N VAL B 202 -29.91 32.67 -10.23
CA VAL B 202 -30.48 33.59 -11.20
C VAL B 202 -31.91 34.04 -10.91
N SER B 203 -32.55 33.52 -9.84
CA SER B 203 -33.91 33.94 -9.50
C SER B 203 -33.92 34.93 -8.36
N ASP B 204 -35.01 35.70 -8.25
CA ASP B 204 -35.17 36.62 -7.13
C ASP B 204 -35.61 35.86 -5.83
N GLY B 205 -36.21 34.69 -6.00
CA GLY B 205 -36.67 33.85 -4.91
C GLY B 205 -37.19 32.52 -5.40
N ILE B 206 -37.65 31.68 -4.47
CA ILE B 206 -38.13 30.33 -4.77
C ILE B 206 -39.50 30.06 -4.18
N MET B 207 -40.28 29.23 -4.87
CA MET B 207 -41.53 28.74 -4.33
C MET B 207 -41.44 27.22 -4.28
N VAL B 208 -41.65 26.63 -3.10
CA VAL B 208 -41.71 25.19 -2.92
C VAL B 208 -43.13 24.82 -3.30
N ALA B 209 -43.35 24.45 -4.57
CA ALA B 209 -44.67 24.12 -5.11
C ALA B 209 -44.99 22.65 -4.81
N ARG B 210 -45.41 22.38 -3.58
CA ARG B 210 -45.63 21.05 -3.06
C ARG B 210 -46.67 20.20 -3.78
N GLY B 211 -47.69 20.79 -4.41
CA GLY B 211 -48.72 20.03 -5.12
C GLY B 211 -48.14 19.15 -6.22
N ASP B 212 -47.48 19.77 -7.22
CA ASP B 212 -46.87 19.03 -8.31
C ASP B 212 -45.67 18.25 -7.83
N LEU B 213 -44.85 18.86 -6.97
CA LEU B 213 -43.69 18.21 -6.38
C LEU B 213 -44.05 16.86 -5.70
N GLY B 214 -45.17 16.84 -4.98
CA GLY B 214 -45.67 15.64 -4.31
C GLY B 214 -46.08 14.49 -5.22
N ILE B 215 -46.25 14.73 -6.54
CA ILE B 215 -46.55 13.64 -7.46
C ILE B 215 -45.35 13.37 -8.40
N GLU B 216 -44.41 14.33 -8.55
CA GLU B 216 -43.18 14.13 -9.33
C GLU B 216 -42.13 13.35 -8.52
N ILE B 217 -42.13 13.52 -7.19
CA ILE B 217 -41.27 12.80 -6.26
C ILE B 217 -42.15 12.10 -5.21
N PRO B 218 -41.66 11.05 -4.53
CA PRO B 218 -42.50 10.36 -3.52
C PRO B 218 -43.02 11.33 -2.46
N ALA B 219 -44.31 11.25 -2.14
CA ALA B 219 -44.97 12.12 -1.18
C ALA B 219 -44.22 12.26 0.16
N GLU B 220 -43.60 11.18 0.63
CA GLU B 220 -42.86 11.15 1.89
C GLU B 220 -41.53 11.90 1.85
N LYS B 221 -41.08 12.33 0.67
CA LYS B 221 -39.82 13.04 0.51
C LYS B 221 -39.98 14.56 0.38
N VAL B 222 -41.21 15.03 0.17
CA VAL B 222 -41.49 16.46 -0.03
C VAL B 222 -40.97 17.31 1.13
N PHE B 223 -41.15 16.88 2.40
CA PHE B 223 -40.65 17.64 3.53
C PHE B 223 -39.13 17.86 3.47
N LEU B 224 -38.40 16.88 2.88
CA LEU B 224 -36.94 17.01 2.76
C LEU B 224 -36.61 18.12 1.78
N ALA B 225 -37.34 18.14 0.65
CA ALA B 225 -37.14 19.16 -0.37
C ALA B 225 -37.51 20.53 0.19
N GLN B 226 -38.64 20.63 0.91
CA GLN B 226 -39.05 21.88 1.53
C GLN B 226 -37.95 22.41 2.50
N LYS B 227 -37.46 21.55 3.42
CA LYS B 227 -36.46 21.97 4.38
C LYS B 227 -35.13 22.35 3.75
N MET B 228 -34.68 21.59 2.75
CA MET B 228 -33.42 21.90 2.08
C MET B 228 -33.56 23.25 1.36
N MET B 229 -34.65 23.45 0.62
CA MET B 229 -34.85 24.67 -0.14
C MET B 229 -34.99 25.90 0.75
N ILE B 230 -35.73 25.79 1.87
CA ILE B 230 -35.85 26.93 2.78
C ILE B 230 -34.48 27.28 3.39
N GLY B 231 -33.73 26.25 3.80
CA GLY B 231 -32.38 26.44 4.34
C GLY B 231 -31.45 27.14 3.38
N ARG B 232 -31.42 26.70 2.10
CA ARG B 232 -30.56 27.34 1.10
C ARG B 232 -30.98 28.77 0.77
N CYS B 233 -32.28 29.07 0.80
CA CYS B 233 -32.77 30.43 0.55
C CYS B 233 -32.46 31.34 1.70
N ASN B 234 -32.59 30.84 2.94
CA ASN B 234 -32.21 31.60 4.13
C ASN B 234 -30.70 31.92 4.10
N LEU B 235 -29.90 30.95 3.66
CA LEU B 235 -28.47 31.08 3.52
C LEU B 235 -28.14 32.15 2.45
N ALA B 236 -28.87 32.14 1.32
CA ALA B 236 -28.67 33.10 0.23
C ALA B 236 -29.26 34.48 0.52
N GLY B 237 -30.15 34.59 1.47
CA GLY B 237 -30.84 35.85 1.75
C GLY B 237 -31.94 36.15 0.74
N LYS B 238 -32.45 35.11 0.03
CA LYS B 238 -33.50 35.29 -0.97
C LYS B 238 -34.84 34.80 -0.46
N PRO B 239 -35.97 35.43 -0.85
CA PRO B 239 -37.28 34.97 -0.35
C PRO B 239 -37.64 33.55 -0.77
N VAL B 240 -38.33 32.84 0.13
CA VAL B 240 -38.79 31.50 -0.13
C VAL B 240 -40.26 31.38 0.29
N VAL B 241 -41.08 30.82 -0.60
CA VAL B 241 -42.51 30.70 -0.36
C VAL B 241 -42.88 29.24 -0.17
N CYS B 242 -43.65 28.91 0.87
CA CYS B 242 -44.14 27.56 1.04
C CYS B 242 -45.60 27.57 0.54
N ALA B 243 -45.93 26.69 -0.39
CA ALA B 243 -47.26 26.69 -0.97
C ALA B 243 -47.94 25.32 -1.02
N THR B 244 -49.30 25.32 -1.20
CA THR B 244 -50.22 24.23 -1.52
C THR B 244 -50.62 23.31 -0.38
N GLN B 245 -51.93 23.21 -0.17
CA GLN B 245 -52.64 22.40 0.81
C GLN B 245 -52.25 22.70 2.25
N MET B 246 -51.87 23.96 2.54
CA MET B 246 -51.54 24.34 3.90
C MET B 246 -52.76 24.28 4.83
N LEU B 247 -53.92 24.79 4.39
CA LEU B 247 -55.17 24.74 5.16
C LEU B 247 -56.29 24.13 4.29
N GLU B 248 -55.96 23.18 3.42
CA GLU B 248 -56.85 22.51 2.46
C GLU B 248 -58.29 22.22 2.97
N SER B 249 -58.45 21.64 4.16
CA SER B 249 -59.78 21.34 4.70
C SER B 249 -60.67 22.57 4.88
N MET B 250 -60.06 23.77 4.99
CA MET B 250 -60.83 25.00 5.14
C MET B 250 -61.57 25.43 3.86
N ILE B 251 -61.40 24.68 2.74
CA ILE B 251 -62.17 24.94 1.54
C ILE B 251 -63.68 24.67 1.81
N THR B 252 -64.00 23.71 2.70
CA THR B 252 -65.38 23.35 3.02
C THR B 252 -65.70 23.42 4.50
N LYS B 253 -64.69 23.38 5.37
CA LYS B 253 -64.91 23.42 6.82
C LYS B 253 -64.42 24.74 7.43
N PRO B 254 -65.14 25.28 8.41
CA PRO B 254 -64.72 26.56 9.01
C PRO B 254 -63.45 26.51 9.86
N ARG B 255 -62.99 25.31 10.23
CA ARG B 255 -61.79 25.16 11.05
C ARG B 255 -60.81 24.19 10.37
N PRO B 256 -59.49 24.45 10.46
CA PRO B 256 -58.53 23.52 9.84
C PRO B 256 -58.27 22.29 10.72
N THR B 257 -57.62 21.27 10.15
CA THR B 257 -57.27 20.07 10.90
C THR B 257 -56.02 20.36 11.78
N ARG B 258 -55.73 19.50 12.75
CA ARG B 258 -54.56 19.65 13.60
C ARG B 258 -53.26 19.55 12.79
N ALA B 259 -53.26 18.77 11.68
CA ALA B 259 -52.10 18.65 10.80
C ALA B 259 -51.86 19.97 10.01
N GLU B 260 -52.94 20.67 9.66
CA GLU B 260 -52.87 21.89 8.89
C GLU B 260 -52.31 23.04 9.67
N THR B 261 -52.77 23.25 10.92
CA THR B 261 -52.20 24.33 11.74
C THR B 261 -50.72 24.04 12.03
N SER B 262 -50.40 22.77 12.29
CA SER B 262 -49.04 22.32 12.51
C SER B 262 -48.17 22.58 11.26
N ASP B 263 -48.69 22.29 10.06
CA ASP B 263 -47.96 22.52 8.81
C ASP B 263 -47.59 24.01 8.62
N VAL B 264 -48.53 24.91 8.90
CA VAL B 264 -48.31 26.34 8.75
C VAL B 264 -47.22 26.77 9.72
N ALA B 265 -47.36 26.36 10.99
CA ALA B 265 -46.39 26.70 12.02
C ALA B 265 -45.01 26.20 11.68
N ASN B 266 -44.93 24.98 11.14
CA ASN B 266 -43.65 24.39 10.80
C ASN B 266 -43.00 25.05 9.61
N ALA B 267 -43.78 25.54 8.62
CA ALA B 267 -43.20 26.26 7.49
C ALA B 267 -42.56 27.59 7.97
N VAL B 268 -43.20 28.28 8.94
CA VAL B 268 -42.66 29.52 9.51
C VAL B 268 -41.41 29.18 10.31
N LEU B 269 -41.50 28.16 11.20
CA LEU B 269 -40.33 27.74 11.96
C LEU B 269 -39.15 27.33 11.06
N ASP B 270 -39.41 26.63 9.94
CA ASP B 270 -38.39 26.24 8.95
C ASP B 270 -37.64 27.45 8.43
N GLY B 271 -38.35 28.56 8.24
CA GLY B 271 -37.77 29.81 7.77
C GLY B 271 -38.42 30.38 6.54
N ALA B 272 -39.66 29.97 6.22
CA ALA B 272 -40.35 30.48 5.04
C ALA B 272 -40.67 32.00 5.15
N ASP B 273 -40.37 32.76 4.08
CA ASP B 273 -40.69 34.19 4.05
C ASP B 273 -42.18 34.39 3.83
N CYS B 274 -42.82 33.53 2.99
CA CYS B 274 -44.24 33.65 2.68
C CYS B 274 -44.93 32.30 2.77
N ILE B 275 -46.17 32.34 3.16
CA ILE B 275 -47.03 31.18 3.19
C ILE B 275 -48.20 31.51 2.24
N MET B 276 -48.71 30.50 1.55
CA MET B 276 -49.71 30.70 0.54
C MET B 276 -51.00 29.95 0.78
N LEU B 277 -52.10 30.51 0.26
CA LEU B 277 -53.41 29.91 0.24
C LEU B 277 -53.80 29.84 -1.22
N SER B 278 -54.24 28.66 -1.67
CA SER B 278 -54.64 28.46 -3.05
C SER B 278 -56.15 28.27 -3.13
N GLY B 279 -56.65 27.03 -3.15
CA GLY B 279 -58.07 26.73 -3.18
C GLY B 279 -58.84 27.24 -2.00
N GLU B 280 -58.16 27.46 -0.87
CA GLU B 280 -58.76 27.97 0.36
C GLU B 280 -59.30 29.38 0.14
N THR B 281 -58.63 30.20 -0.69
CA THR B 281 -59.10 31.56 -0.99
C THR B 281 -59.71 31.69 -2.37
N ALA B 282 -59.19 30.93 -3.34
CA ALA B 282 -59.69 30.99 -4.70
C ALA B 282 -61.11 30.39 -4.86
N LYS B 283 -61.40 29.23 -4.24
CA LYS B 283 -62.69 28.57 -4.44
C LYS B 283 -63.50 28.22 -3.20
N GLY B 284 -62.86 28.22 -2.03
CA GLY B 284 -63.47 27.80 -0.77
C GLY B 284 -64.59 28.63 -0.20
N ASN B 285 -65.27 28.10 0.82
CA ASN B 285 -66.38 28.80 1.48
C ASN B 285 -65.92 29.73 2.60
N PHE B 286 -64.64 29.67 3.02
CA PHE B 286 -64.16 30.50 4.11
C PHE B 286 -62.87 31.25 3.74
N PRO B 287 -62.86 32.06 2.66
CA PRO B 287 -61.59 32.71 2.25
C PRO B 287 -61.00 33.67 3.27
N VAL B 288 -61.85 34.42 3.95
CA VAL B 288 -61.38 35.38 4.94
C VAL B 288 -60.89 34.66 6.22
N GLU B 289 -61.55 33.57 6.59
CA GLU B 289 -61.22 32.76 7.75
C GLU B 289 -59.87 32.05 7.54
N ALA B 290 -59.58 31.64 6.31
CA ALA B 290 -58.34 30.99 6.00
C ALA B 290 -57.18 31.98 6.15
N VAL B 291 -57.39 33.24 5.70
CA VAL B 291 -56.37 34.29 5.82
C VAL B 291 -56.15 34.60 7.31
N LYS B 292 -57.23 34.71 8.08
CA LYS B 292 -57.13 34.97 9.51
C LYS B 292 -56.41 33.86 10.25
N MET B 293 -56.63 32.61 9.83
CA MET B 293 -56.02 31.46 10.47
C MET B 293 -54.52 31.46 10.23
N GLN B 294 -54.08 31.74 8.99
CA GLN B 294 -52.66 31.82 8.71
C GLN B 294 -52.00 32.95 9.49
N HIS B 295 -52.73 34.06 9.67
CA HIS B 295 -52.21 35.20 10.40
C HIS B 295 -51.92 34.82 11.86
N ALA B 296 -52.89 34.15 12.49
CA ALA B 296 -52.85 33.72 13.87
C ALA B 296 -51.72 32.75 14.12
N ILE B 297 -51.57 31.73 13.26
CA ILE B 297 -50.51 30.75 13.42
C ILE B 297 -49.14 31.36 13.21
N ALA B 298 -48.95 32.13 12.10
CA ALA B 298 -47.66 32.78 11.84
C ALA B 298 -47.15 33.64 13.01
N ARG B 299 -48.01 34.44 13.68
CA ARG B 299 -47.57 35.23 14.85
C ARG B 299 -46.99 34.32 15.97
N GLU B 300 -47.71 33.23 16.31
CA GLU B 300 -47.29 32.30 17.34
C GLU B 300 -45.97 31.63 16.96
N ALA B 301 -45.85 31.20 15.70
CA ALA B 301 -44.66 30.51 15.23
C ALA B 301 -43.46 31.42 15.20
N GLU B 302 -43.63 32.67 14.81
CA GLU B 302 -42.51 33.62 14.78
C GLU B 302 -41.89 33.83 16.15
N ALA B 303 -42.71 33.84 17.21
CA ALA B 303 -42.19 34.02 18.55
C ALA B 303 -41.45 32.76 19.02
N ALA B 304 -41.83 31.56 18.52
CA ALA B 304 -41.19 30.29 18.91
C ALA B 304 -39.84 30.03 18.23
N VAL B 305 -39.41 30.89 17.30
CA VAL B 305 -38.13 30.71 16.63
C VAL B 305 -36.98 30.85 17.68
N TYR B 306 -35.93 30.03 17.60
CA TYR B 306 -34.82 30.08 18.55
C TYR B 306 -33.74 31.02 18.01
N HIS B 307 -33.94 32.34 18.16
CA HIS B 307 -33.06 33.37 17.62
C HIS B 307 -31.60 33.26 18.05
N ARG B 308 -31.35 32.78 19.28
CA ARG B 308 -29.97 32.62 19.77
C ARG B 308 -29.13 31.75 18.83
N GLN B 309 -29.67 30.60 18.38
CA GLN B 309 -28.95 29.74 17.46
C GLN B 309 -29.06 30.24 16.04
N LEU B 310 -30.25 30.61 15.60
CA LEU B 310 -30.47 31.09 14.23
C LEU B 310 -29.55 32.29 13.86
N PHE B 311 -29.45 33.30 14.72
CA PHE B 311 -28.62 34.46 14.43
C PHE B 311 -27.14 34.07 14.35
N GLU B 312 -26.66 33.24 15.29
CA GLU B 312 -25.26 32.78 15.25
C GLU B 312 -24.95 32.01 13.97
N GLU B 313 -25.84 31.10 13.58
CA GLU B 313 -25.63 30.31 12.39
C GLU B 313 -25.68 31.17 11.14
N LEU B 314 -26.61 32.14 11.06
CA LEU B 314 -26.71 33.05 9.92
C LEU B 314 -25.43 33.88 9.81
N ARG B 315 -24.90 34.39 10.94
CA ARG B 315 -23.63 35.12 10.89
C ARG B 315 -22.49 34.21 10.44
N ARG B 316 -22.30 33.07 11.13
CA ARG B 316 -21.23 32.12 10.83
C ARG B 316 -21.19 31.73 9.34
N ALA B 317 -22.37 31.49 8.75
CA ALA B 317 -22.47 31.04 7.37
C ALA B 317 -22.30 32.16 6.38
N ALA B 318 -22.75 33.37 6.72
CA ALA B 318 -22.67 34.50 5.80
C ALA B 318 -21.18 34.85 5.54
N PRO B 319 -20.83 35.06 4.26
CA PRO B 319 -19.43 35.41 3.95
C PRO B 319 -19.11 36.86 4.34
N LEU B 320 -17.80 37.19 4.44
CA LEU B 320 -17.40 38.56 4.74
C LEU B 320 -17.85 39.45 3.60
N SER B 321 -18.22 40.68 3.93
CA SER B 321 -18.67 41.60 2.92
C SER B 321 -18.01 42.92 3.06
N ARG B 322 -17.69 43.53 1.93
CA ARG B 322 -17.18 44.90 1.94
C ARG B 322 -18.22 45.88 1.40
N ASP B 323 -19.50 45.46 1.27
CA ASP B 323 -20.60 46.29 0.84
C ASP B 323 -21.14 46.98 2.10
N PRO B 324 -21.05 48.31 2.15
CA PRO B 324 -21.49 49.03 3.36
C PRO B 324 -22.94 48.79 3.73
N THR B 325 -23.81 48.48 2.75
CA THR B 325 -25.20 48.19 3.05
C THR B 325 -25.29 46.91 3.89
N GLU B 326 -24.53 45.89 3.50
CA GLU B 326 -24.48 44.63 4.20
C GLU B 326 -23.85 44.79 5.59
N VAL B 327 -22.72 45.54 5.67
CA VAL B 327 -22.05 45.79 6.93
C VAL B 327 -22.95 46.56 7.92
N THR B 328 -23.66 47.59 7.44
CA THR B 328 -24.58 48.36 8.29
C THR B 328 -25.75 47.47 8.74
N ALA B 329 -26.25 46.60 7.83
CA ALA B 329 -27.37 45.70 8.13
C ALA B 329 -27.06 44.79 9.31
N ILE B 330 -25.90 44.10 9.32
CA ILE B 330 -25.58 43.21 10.43
C ILE B 330 -25.34 43.98 11.73
N GLY B 331 -24.79 45.18 11.63
CA GLY B 331 -24.58 46.03 12.81
C GLY B 331 -25.91 46.42 13.42
N ALA B 332 -26.88 46.82 12.56
CA ALA B 332 -28.22 47.21 12.98
C ALA B 332 -29.00 46.04 13.63
N VAL B 333 -28.93 44.84 13.05
CA VAL B 333 -29.60 43.68 13.62
C VAL B 333 -28.98 43.33 14.97
N GLU B 334 -27.65 43.36 15.07
CA GLU B 334 -26.97 43.08 16.33
C GLU B 334 -27.39 44.08 17.42
N ALA B 335 -27.43 45.39 17.07
CA ALA B 335 -27.83 46.41 18.01
C ALA B 335 -29.31 46.25 18.42
N ALA B 336 -30.18 45.85 17.50
CA ALA B 336 -31.59 45.62 17.82
C ALA B 336 -31.75 44.49 18.87
N PHE B 337 -30.93 43.43 18.77
CA PHE B 337 -30.97 42.34 19.75
C PHE B 337 -30.45 42.80 21.12
N LYS B 338 -29.47 43.68 21.15
CA LYS B 338 -28.87 44.17 22.38
C LYS B 338 -29.82 44.94 23.28
N CYS B 339 -30.73 45.71 22.68
CA CYS B 339 -31.67 46.54 23.45
C CYS B 339 -33.11 46.12 23.34
N CYS B 340 -33.44 44.97 22.73
CA CYS B 340 -34.83 44.54 22.46
C CYS B 340 -35.59 45.64 21.70
N ALA B 341 -34.95 46.22 20.67
CA ALA B 341 -35.50 47.32 19.88
C ALA B 341 -36.85 46.93 19.30
N ALA B 342 -37.78 47.88 19.35
CA ALA B 342 -39.12 47.63 18.84
C ALA B 342 -39.08 47.50 17.30
N ALA B 343 -38.28 48.31 16.65
CA ALA B 343 -38.22 48.33 15.21
C ALA B 343 -36.87 48.83 14.69
N ILE B 344 -36.62 48.59 13.42
CA ILE B 344 -35.50 49.10 12.69
C ILE B 344 -36.17 49.85 11.57
N ILE B 345 -36.04 51.19 11.53
CA ILE B 345 -36.62 51.97 10.46
C ILE B 345 -35.56 52.15 9.41
N VAL B 346 -35.84 51.76 8.16
CA VAL B 346 -34.86 51.85 7.09
C VAL B 346 -35.41 52.62 5.89
N LEU B 347 -34.58 53.48 5.28
CA LEU B 347 -34.99 54.22 4.10
C LEU B 347 -34.52 53.39 2.92
N THR B 348 -35.42 53.11 1.97
CA THR B 348 -35.04 52.29 0.84
C THR B 348 -35.72 52.76 -0.44
N THR B 349 -35.00 52.65 -1.56
CA THR B 349 -35.53 53.05 -2.86
C THR B 349 -36.01 51.79 -3.60
N THR B 350 -35.19 50.75 -3.61
CA THR B 350 -35.45 49.48 -4.28
C THR B 350 -35.92 48.35 -3.33
N GLY B 351 -35.76 48.55 -2.02
CA GLY B 351 -36.06 47.52 -1.03
C GLY B 351 -34.82 46.76 -0.58
N ARG B 352 -33.70 46.91 -1.30
CA ARG B 352 -32.48 46.19 -1.01
C ARG B 352 -31.99 46.32 0.46
N SER B 353 -31.96 47.55 0.99
CA SER B 353 -31.51 47.74 2.38
C SER B 353 -32.44 46.99 3.38
N ALA B 354 -33.75 46.96 3.11
CA ALA B 354 -34.69 46.25 3.96
C ALA B 354 -34.46 44.72 3.83
N GLN B 355 -34.17 44.25 2.60
CA GLN B 355 -33.91 42.85 2.37
C GLN B 355 -32.65 42.39 3.12
N LEU B 356 -31.58 43.20 3.10
CA LEU B 356 -30.37 42.83 3.79
C LEU B 356 -30.54 42.79 5.31
N LEU B 357 -31.46 43.58 5.87
CA LEU B 357 -31.73 43.53 7.30
C LEU B 357 -32.50 42.22 7.61
N SER B 358 -33.51 41.91 6.77
CA SER B 358 -34.39 40.76 6.84
C SER B 358 -33.63 39.42 6.81
N ARG B 359 -32.54 39.31 6.04
CA ARG B 359 -31.77 38.05 5.95
C ARG B 359 -31.18 37.60 7.29
N TYR B 360 -30.91 38.54 8.20
CA TYR B 360 -30.39 38.17 9.52
C TYR B 360 -31.47 37.83 10.51
N ARG B 361 -32.74 37.78 10.07
CA ARG B 361 -33.89 37.41 10.86
C ARG B 361 -34.00 38.14 12.21
N PRO B 362 -34.10 39.49 12.22
CA PRO B 362 -34.26 40.17 13.50
C PRO B 362 -35.60 39.89 14.15
N ARG B 363 -35.66 40.01 15.47
CA ARG B 363 -36.94 39.92 16.17
C ARG B 363 -37.69 41.29 15.98
N ALA B 364 -36.93 42.40 15.87
CA ALA B 364 -37.46 43.74 15.63
C ALA B 364 -38.06 43.85 14.23
N ALA B 365 -39.19 44.56 14.11
CA ALA B 365 -39.85 44.81 12.84
C ALA B 365 -38.99 45.73 11.98
N VAL B 366 -38.88 45.45 10.68
CA VAL B 366 -38.16 46.31 9.78
C VAL B 366 -39.19 47.21 9.09
N ILE B 367 -39.30 48.47 9.52
CA ILE B 367 -40.24 49.41 8.90
C ILE B 367 -39.54 50.08 7.71
N ALA B 368 -39.91 49.70 6.49
CA ALA B 368 -39.23 50.26 5.31
C ALA B 368 -39.96 51.48 4.75
N VAL B 369 -39.34 52.68 4.83
CA VAL B 369 -39.95 53.92 4.30
C VAL B 369 -39.45 54.13 2.89
N THR B 370 -40.36 54.16 1.92
CA THR B 370 -40.02 54.28 0.51
C THR B 370 -40.98 55.18 -0.24
N ARG B 371 -40.49 55.76 -1.34
CA ARG B 371 -41.32 56.56 -2.23
C ARG B 371 -41.84 55.71 -3.41
N SER B 372 -41.15 54.59 -3.72
CA SER B 372 -41.49 53.67 -4.78
C SER B 372 -42.65 52.78 -4.39
N ALA B 373 -43.79 52.92 -5.09
CA ALA B 373 -44.95 52.08 -4.83
C ALA B 373 -44.65 50.62 -5.22
N GLN B 374 -43.85 50.40 -6.28
CA GLN B 374 -43.49 49.04 -6.66
C GLN B 374 -42.62 48.39 -5.57
N ALA B 375 -41.60 49.09 -5.09
CA ALA B 375 -40.75 48.56 -4.02
C ALA B 375 -41.57 48.29 -2.76
N ALA B 376 -42.53 49.16 -2.44
CA ALA B 376 -43.39 48.96 -1.29
C ALA B 376 -44.19 47.65 -1.42
N ARG B 377 -44.65 47.30 -2.63
CA ARG B 377 -45.39 46.08 -2.84
C ARG B 377 -44.46 44.87 -2.83
N GLN B 378 -43.31 44.99 -3.50
CA GLN B 378 -42.36 43.89 -3.60
C GLN B 378 -41.66 43.46 -2.29
N VAL B 379 -41.46 44.38 -1.31
CA VAL B 379 -40.81 43.99 -0.06
C VAL B 379 -41.62 43.02 0.80
N HIS B 380 -42.88 42.77 0.43
CA HIS B 380 -43.71 41.78 1.12
C HIS B 380 -43.09 40.37 0.98
N LEU B 381 -42.24 40.13 -0.03
CA LEU B 381 -41.57 38.86 -0.20
C LEU B 381 -40.58 38.59 0.93
N CYS B 382 -40.09 39.62 1.62
CA CYS B 382 -39.10 39.49 2.70
C CYS B 382 -39.72 39.44 4.07
N ARG B 383 -39.41 38.39 4.84
CA ARG B 383 -39.92 38.26 6.18
C ARG B 383 -39.55 39.45 7.09
N GLY B 384 -40.54 40.02 7.73
CA GLY B 384 -40.37 41.08 8.71
C GLY B 384 -40.30 42.49 8.18
N VAL B 385 -40.53 42.67 6.88
CA VAL B 385 -40.50 44.00 6.30
C VAL B 385 -41.90 44.57 6.16
N PHE B 386 -42.16 45.70 6.83
CA PHE B 386 -43.43 46.40 6.83
C PHE B 386 -43.26 47.68 6.00
N PRO B 387 -43.76 47.65 4.75
CA PRO B 387 -43.58 48.82 3.86
C PRO B 387 -44.46 50.02 4.19
N LEU B 388 -43.88 51.22 4.08
CA LEU B 388 -44.59 52.49 4.27
C LEU B 388 -44.38 53.32 3.06
N LEU B 389 -45.46 53.65 2.36
CA LEU B 389 -45.33 54.49 1.19
C LEU B 389 -45.38 55.97 1.57
N TYR B 390 -44.30 56.69 1.31
CA TYR B 390 -44.16 58.10 1.62
C TYR B 390 -44.66 58.91 0.42
N ARG B 391 -45.70 59.71 0.63
CA ARG B 391 -46.33 60.44 -0.45
C ARG B 391 -45.99 61.92 -0.52
N GLU B 392 -45.44 62.50 0.57
CA GLU B 392 -45.07 63.93 0.60
C GLU B 392 -44.03 64.34 -0.45
N PRO B 393 -44.09 65.60 -0.93
CA PRO B 393 -43.12 66.06 -1.94
C PRO B 393 -41.75 66.40 -1.33
N PRO B 394 -40.67 66.24 -2.11
CA PRO B 394 -39.33 66.44 -1.56
C PRO B 394 -39.02 67.81 -0.97
N GLU B 395 -38.19 67.83 0.08
CA GLU B 395 -37.74 69.05 0.74
C GLU B 395 -36.56 69.64 -0.05
N ALA B 396 -36.28 70.95 0.16
CA ALA B 396 -35.17 71.62 -0.53
C ALA B 396 -33.83 71.05 -0.07
N ILE B 397 -33.70 70.81 1.23
CA ILE B 397 -32.48 70.24 1.78
C ILE B 397 -32.68 68.74 1.97
N TRP B 398 -31.83 67.92 1.34
CA TRP B 398 -31.91 66.46 1.42
C TRP B 398 -31.88 65.92 2.84
N ALA B 399 -31.01 66.45 3.69
CA ALA B 399 -30.95 66.04 5.08
C ALA B 399 -32.30 66.22 5.80
N ASP B 400 -33.04 67.27 5.45
CA ASP B 400 -34.36 67.52 6.03
C ASP B 400 -35.38 66.52 5.49
N ASP B 401 -35.28 66.20 4.20
CA ASP B 401 -36.14 65.24 3.55
C ASP B 401 -35.97 63.84 4.16
N VAL B 402 -34.72 63.48 4.50
CA VAL B 402 -34.38 62.21 5.13
C VAL B 402 -34.99 62.20 6.53
N ASP B 403 -34.80 63.27 7.29
CA ASP B 403 -35.35 63.36 8.62
C ASP B 403 -36.86 63.38 8.66
N ARG B 404 -37.53 63.90 7.65
CA ARG B 404 -38.99 63.86 7.61
C ARG B 404 -39.48 62.44 7.37
N ARG B 405 -38.76 61.69 6.52
CA ARG B 405 -39.09 60.30 6.24
C ARG B 405 -38.87 59.42 7.47
N VAL B 406 -37.85 59.72 8.30
CA VAL B 406 -37.61 58.96 9.51
C VAL B 406 -38.73 59.27 10.50
N GLN B 407 -39.10 60.55 10.66
CA GLN B 407 -40.20 60.92 11.55
C GLN B 407 -41.50 60.33 11.12
N PHE B 408 -41.74 60.20 9.82
CA PHE B 408 -42.94 59.56 9.26
C PHE B 408 -42.99 58.09 9.72
N GLY B 409 -41.84 57.43 9.72
CA GLY B 409 -41.71 56.05 10.14
C GLY B 409 -42.01 55.92 11.61
N ILE B 410 -41.53 56.85 12.42
CA ILE B 410 -41.78 56.85 13.85
C ILE B 410 -43.25 57.14 14.15
N GLU B 411 -43.83 58.13 13.47
CA GLU B 411 -45.22 58.48 13.68
C GLU B 411 -46.14 57.38 13.28
N SER B 412 -45.87 56.76 12.12
CA SER B 412 -46.67 55.64 11.67
C SER B 412 -46.50 54.43 12.56
N GLY B 413 -45.30 54.21 13.08
CA GLY B 413 -45.05 53.12 14.00
C GLY B 413 -45.80 53.30 15.31
N LYS B 414 -45.86 54.53 15.83
CA LYS B 414 -46.55 54.81 17.08
C LYS B 414 -48.04 54.65 16.87
N LEU B 415 -48.56 55.28 15.80
CA LEU B 415 -49.97 55.27 15.49
C LEU B 415 -50.50 53.90 15.12
N ARG B 416 -49.64 52.99 14.64
CA ARG B 416 -50.03 51.62 14.29
C ARG B 416 -49.75 50.58 15.38
N GLY B 417 -49.20 51.01 16.51
CA GLY B 417 -48.92 50.10 17.61
C GLY B 417 -47.53 49.49 17.62
N PHE B 418 -46.73 49.72 16.56
CA PHE B 418 -45.37 49.20 16.46
C PHE B 418 -44.40 49.79 17.49
N LEU B 419 -44.63 51.03 17.89
CA LEU B 419 -43.75 51.74 18.79
C LEU B 419 -44.50 52.40 19.91
N ARG B 420 -43.82 52.52 21.02
CA ARG B 420 -44.31 53.18 22.21
C ARG B 420 -43.28 54.20 22.68
N VAL B 421 -43.71 55.21 23.43
CA VAL B 421 -42.79 56.17 24.01
C VAL B 421 -41.86 55.46 25.00
N GLY B 422 -40.57 55.73 24.89
CA GLY B 422 -39.59 55.09 25.74
C GLY B 422 -38.87 53.95 25.05
N ASP B 423 -39.44 53.47 23.92
CA ASP B 423 -38.84 52.41 23.11
C ASP B 423 -37.56 52.88 22.42
N LEU B 424 -36.70 51.93 22.07
CA LEU B 424 -35.52 52.23 21.29
C LEU B 424 -35.78 51.72 19.89
N VAL B 425 -35.40 52.52 18.91
CA VAL B 425 -35.50 52.15 17.53
C VAL B 425 -34.10 52.28 16.91
N ILE B 426 -33.81 51.46 15.92
CA ILE B 426 -32.55 51.55 15.19
C ILE B 426 -32.90 52.20 13.84
N VAL B 427 -32.20 53.25 13.42
CA VAL B 427 -32.51 53.92 12.16
C VAL B 427 -31.40 53.69 11.17
N VAL B 428 -31.71 53.18 9.98
CA VAL B 428 -30.72 52.89 8.97
C VAL B 428 -30.92 53.80 7.74
N THR B 429 -29.87 54.59 7.40
CA THR B 429 -29.91 55.55 6.28
C THR B 429 -28.55 55.54 5.52
N GLY B 430 -28.45 56.31 4.44
CA GLY B 430 -27.23 56.47 3.65
C GLY B 430 -26.69 57.88 3.72
N TRP B 431 -25.49 58.07 3.19
CA TRP B 431 -24.80 59.36 3.22
C TRP B 431 -25.12 60.29 2.04
N ARG B 432 -25.81 59.80 1.02
CA ARG B 432 -26.16 60.58 -0.15
C ARG B 432 -27.40 60.02 -0.84
N PRO B 433 -28.13 60.83 -1.63
CA PRO B 433 -29.34 60.31 -2.31
C PRO B 433 -29.03 59.24 -3.34
N GLY B 434 -30.07 58.50 -3.69
CA GLY B 434 -29.94 57.42 -4.64
C GLY B 434 -29.76 56.09 -3.94
N SER B 435 -30.11 55.03 -4.64
CA SER B 435 -30.01 53.70 -4.14
C SER B 435 -28.55 53.24 -4.03
N GLY B 436 -28.25 52.38 -3.03
CA GLY B 436 -26.95 51.75 -2.84
C GLY B 436 -25.96 52.40 -1.92
N TYR B 437 -26.36 53.46 -1.21
CA TYR B 437 -25.43 54.19 -0.35
C TYR B 437 -25.68 54.06 1.15
N THR B 438 -26.48 53.06 1.57
CA THR B 438 -26.75 52.85 2.99
C THR B 438 -25.46 52.59 3.76
N ASN B 439 -25.21 53.34 4.81
CA ASN B 439 -23.99 53.17 5.60
C ASN B 439 -24.10 53.69 7.03
N ILE B 440 -25.26 54.17 7.44
CA ILE B 440 -25.42 54.76 8.77
C ILE B 440 -26.46 54.01 9.60
N MET B 441 -26.13 53.79 10.87
CA MET B 441 -27.04 53.18 11.81
CA MET B 441 -26.98 53.14 11.84
C MET B 441 -27.05 54.09 13.03
N ARG B 442 -28.25 54.42 13.49
CA ARG B 442 -28.41 55.32 14.63
C ARG B 442 -29.30 54.69 15.68
N VAL B 443 -28.97 54.88 16.97
CA VAL B 443 -29.80 54.37 18.04
C VAL B 443 -30.60 55.56 18.53
N LEU B 444 -31.92 55.48 18.43
CA LEU B 444 -32.80 56.58 18.80
CA LEU B 444 -32.81 56.57 18.76
C LEU B 444 -33.82 56.19 19.87
N SER B 445 -34.09 57.12 20.80
CA SER B 445 -35.07 56.87 21.85
C SER B 445 -36.39 57.55 21.48
N ILE B 446 -37.49 56.79 21.48
CA ILE B 446 -38.78 57.33 21.10
C ILE B 446 -39.34 58.25 22.17
N SER B 447 -39.61 59.50 21.81
CA SER B 447 -40.16 60.45 22.76
C SER B 447 -41.61 60.83 22.45
N GLU C 21 -25.96 11.34 48.23
CA GLU C 21 -25.12 10.19 47.88
C GLU C 21 -23.61 10.52 47.94
N LEU C 22 -23.17 11.62 47.29
CA LEU C 22 -21.76 12.04 47.33
C LEU C 22 -21.53 13.22 48.28
N GLY C 23 -22.55 14.04 48.48
CA GLY C 23 -22.48 15.20 49.37
C GLY C 23 -22.12 16.48 48.67
N THR C 24 -22.44 17.61 49.33
CA THR C 24 -22.16 18.95 48.81
C THR C 24 -20.64 19.25 48.76
N ALA C 25 -19.88 18.71 49.73
CA ALA C 25 -18.43 18.92 49.82
C ALA C 25 -17.72 18.41 48.57
N PHE C 26 -18.14 17.24 48.06
CA PHE C 26 -17.55 16.63 46.86
C PHE C 26 -17.62 17.57 45.67
N PHE C 27 -18.79 18.19 45.45
CA PHE C 27 -19.02 19.06 44.30
C PHE C 27 -18.34 20.44 44.40
N GLN C 28 -17.70 20.75 45.55
CA GLN C 28 -16.95 22.00 45.70
C GLN C 28 -15.42 21.81 45.49
N GLN C 29 -14.95 20.55 45.49
CA GLN C 29 -13.55 20.22 45.26
C GLN C 29 -13.26 20.04 43.77
N GLN C 30 -11.97 19.87 43.40
CA GLN C 30 -11.41 19.64 42.08
C GLN C 30 -12.05 20.47 40.96
N GLN C 31 -12.28 21.76 41.24
CA GLN C 31 -12.89 22.74 40.33
C GLN C 31 -14.21 22.28 39.72
N LEU C 32 -15.00 21.47 40.47
CA LEU C 32 -16.27 20.99 39.94
C LEU C 32 -17.26 22.15 39.62
N PRO C 33 -17.34 23.26 40.40
CA PRO C 33 -18.20 24.38 39.96
C PRO C 33 -17.79 24.93 38.57
N ALA C 34 -16.48 25.12 38.35
CA ALA C 34 -15.97 25.60 37.05
C ALA C 34 -16.17 24.59 35.91
N ALA C 35 -16.24 23.29 36.26
CA ALA C 35 -16.44 22.23 35.26
C ALA C 35 -17.86 22.25 34.69
N MET C 36 -18.84 22.66 35.52
CA MET C 36 -20.25 22.76 35.13
C MET C 36 -20.57 23.96 34.25
N ALA C 37 -19.64 24.90 34.08
CA ALA C 37 -19.87 26.10 33.30
C ALA C 37 -20.30 25.83 31.88
N ASP C 38 -21.18 26.69 31.35
CA ASP C 38 -21.69 26.55 29.99
C ASP C 38 -20.80 27.19 28.93
N THR C 39 -19.92 28.12 29.33
CA THR C 39 -18.96 28.76 28.44
C THR C 39 -17.56 28.71 29.05
N PHE C 40 -16.55 28.83 28.21
CA PHE C 40 -15.17 28.90 28.67
C PHE C 40 -14.96 30.16 29.54
N LEU C 41 -15.63 31.28 29.18
CA LEU C 41 -15.54 32.50 29.98
C LEU C 41 -16.09 32.26 31.37
N GLU C 42 -17.29 31.66 31.48
CA GLU C 42 -17.90 31.35 32.77
C GLU C 42 -17.00 30.37 33.58
N HIS C 43 -16.35 29.43 32.86
CA HIS C 43 -15.44 28.47 33.44
C HIS C 43 -14.25 29.19 34.07
N LEU C 44 -13.65 30.18 33.37
CA LEU C 44 -12.55 30.95 33.95
C LEU C 44 -13.00 31.68 35.21
N CYS C 45 -14.18 32.32 35.16
CA CYS C 45 -14.73 33.08 36.27
C CYS C 45 -14.96 32.21 37.49
N LEU C 46 -15.30 30.93 37.30
CA LEU C 46 -15.61 30.03 38.40
C LEU C 46 -14.40 29.32 39.01
N LEU C 47 -13.19 29.47 38.43
CA LEU C 47 -12.00 28.84 39.02
C LEU C 47 -11.77 29.35 40.46
N ASP C 48 -11.61 28.42 41.42
CA ASP C 48 -11.47 28.75 42.84
C ASP C 48 -10.13 28.29 43.43
N ILE C 49 -9.39 29.19 44.07
CA ILE C 49 -8.12 28.82 44.72
C ILE C 49 -8.34 27.94 45.99
N ASP C 50 -9.57 27.94 46.54
CA ASP C 50 -9.91 27.12 47.68
C ASP C 50 -10.51 25.75 47.31
N SER C 51 -10.69 25.47 46.01
CA SER C 51 -11.21 24.20 45.53
C SER C 51 -10.01 23.24 45.39
N GLU C 52 -9.83 22.34 46.37
CA GLU C 52 -8.67 21.48 46.40
C GLU C 52 -8.68 20.33 45.41
N PRO C 53 -7.51 20.07 44.79
CA PRO C 53 -7.42 18.94 43.85
C PRO C 53 -7.58 17.63 44.60
N VAL C 54 -8.34 16.71 44.02
CA VAL C 54 -8.58 15.42 44.65
C VAL C 54 -7.91 14.32 43.84
N ALA C 55 -8.05 14.37 42.51
CA ALA C 55 -7.46 13.39 41.63
C ALA C 55 -5.92 13.35 41.71
N ALA C 56 -5.34 12.18 41.40
CA ALA C 56 -3.90 12.02 41.40
C ALA C 56 -3.32 12.78 40.18
N ARG C 57 -2.06 13.20 40.29
CA ARG C 57 -1.40 13.92 39.22
C ARG C 57 -1.20 13.02 38.00
N SER C 58 -1.76 13.44 36.85
CA SER C 58 -1.77 12.68 35.62
C SER C 58 -0.68 13.02 34.57
N THR C 59 -0.11 14.24 34.60
CA THR C 59 0.98 14.62 33.68
C THR C 59 2.27 14.08 34.26
N SER C 60 2.99 13.26 33.50
CA SER C 60 4.23 12.66 34.00
C SER C 60 5.38 13.64 34.09
N ILE C 61 6.28 13.41 35.04
CA ILE C 61 7.44 14.26 35.23
C ILE C 61 8.69 13.51 34.77
N ILE C 62 9.40 14.09 33.81
CA ILE C 62 10.67 13.54 33.34
C ILE C 62 11.78 14.33 34.04
N ALA C 63 12.66 13.65 34.78
CA ALA C 63 13.76 14.33 35.44
C ALA C 63 15.07 13.90 34.79
N THR C 64 15.95 14.86 34.48
CA THR C 64 17.25 14.54 33.92
C THR C 64 18.18 14.14 35.05
N ILE C 65 18.85 12.99 34.91
CA ILE C 65 19.73 12.46 35.95
C ILE C 65 21.13 13.00 35.73
N GLY C 66 21.68 13.62 36.76
CA GLY C 66 23.02 14.18 36.66
C GLY C 66 23.76 14.15 37.98
N PRO C 67 24.83 14.96 38.10
CA PRO C 67 25.58 14.99 39.36
C PRO C 67 24.70 15.26 40.59
N ALA C 68 23.75 16.19 40.46
CA ALA C 68 22.85 16.56 41.55
C ALA C 68 21.81 15.50 41.88
N SER C 69 21.60 14.52 41.00
CA SER C 69 20.55 13.52 41.19
C SER C 69 21.05 12.11 40.94
N ARG C 70 22.31 11.81 41.33
CA ARG C 70 22.88 10.50 41.01
C ARG C 70 22.86 9.45 42.10
N SER C 71 22.96 9.84 43.37
CA SER C 71 22.98 8.87 44.45
C SER C 71 21.69 8.07 44.56
N VAL C 72 21.77 6.84 45.05
CA VAL C 72 20.62 5.99 45.21
C VAL C 72 19.61 6.61 46.22
N GLU C 73 20.12 7.25 47.28
CA GLU C 73 19.25 7.90 48.26
C GLU C 73 18.53 9.09 47.68
N ARG C 74 19.20 9.85 46.82
CA ARG C 74 18.62 11.03 46.17
C ARG C 74 17.52 10.58 45.18
N LEU C 75 17.78 9.51 44.43
CA LEU C 75 16.82 8.96 43.48
C LEU C 75 15.57 8.42 44.17
N LYS C 76 15.72 7.82 45.37
CA LYS C 76 14.58 7.32 46.12
C LYS C 76 13.68 8.50 46.54
N GLU C 77 14.28 9.62 46.92
CA GLU C 77 13.51 10.82 47.30
C GLU C 77 12.80 11.41 46.08
N MET C 78 13.44 11.36 44.90
CA MET C 78 12.87 11.87 43.67
CA MET C 78 12.87 11.87 43.67
C MET C 78 11.71 11.00 43.19
N ILE C 79 11.78 9.68 43.40
CA ILE C 79 10.70 8.79 43.02
C ILE C 79 9.48 9.10 43.91
N LYS C 80 9.73 9.30 45.23
CA LYS C 80 8.70 9.65 46.20
C LYS C 80 8.08 11.02 45.90
N ALA C 81 8.87 11.95 45.37
CA ALA C 81 8.39 13.27 45.00
C ALA C 81 7.53 13.28 43.73
N GLY C 82 7.67 12.25 42.89
CA GLY C 82 6.86 12.15 41.69
C GLY C 82 7.55 11.89 40.36
N MET C 83 8.86 11.63 40.34
CA MET C 83 9.56 11.35 39.09
C MET C 83 9.04 10.05 38.47
N ASN C 84 8.64 10.11 37.21
CA ASN C 84 8.11 8.93 36.52
C ASN C 84 9.10 8.43 35.49
N ILE C 85 9.84 9.35 34.84
CA ILE C 85 10.78 8.99 33.80
C ILE C 85 12.14 9.63 34.11
N ALA C 86 13.23 8.86 33.96
CA ALA C 86 14.58 9.32 34.21
C ALA C 86 15.27 9.52 32.88
N ARG C 87 15.72 10.75 32.59
CA ARG C 87 16.38 11.08 31.34
C ARG C 87 17.90 11.11 31.48
N LEU C 88 18.61 10.50 30.52
CA LEU C 88 20.07 10.51 30.45
C LEU C 88 20.39 11.29 29.21
N ASN C 89 21.09 12.40 29.39
CA ASN C 89 21.45 13.25 28.28
C ASN C 89 22.75 12.76 27.71
N PHE C 90 22.72 12.14 26.53
CA PHE C 90 23.96 11.65 25.91
C PHE C 90 24.75 12.73 25.17
N SER C 91 24.34 14.00 25.25
CA SER C 91 25.16 15.10 24.77
C SER C 91 26.37 15.22 25.76
N HIS C 92 26.09 15.12 27.08
CA HIS C 92 27.12 15.14 28.12
C HIS C 92 27.49 13.69 28.46
N GLY C 93 28.41 13.54 29.43
CA GLY C 93 28.81 12.27 30.01
C GLY C 93 29.37 11.28 29.04
N SER C 94 29.53 10.07 29.52
CA SER C 94 30.14 9.00 28.75
C SER C 94 29.30 7.72 28.91
N HIS C 95 29.63 6.67 28.13
CA HIS C 95 28.91 5.41 28.25
C HIS C 95 29.03 4.83 29.67
N GLU C 96 30.19 4.99 30.28
CA GLU C 96 30.45 4.45 31.61
C GLU C 96 29.67 5.21 32.64
N TYR C 97 29.67 6.56 32.58
CA TYR C 97 28.92 7.40 33.53
C TYR C 97 27.43 7.04 33.55
N HIS C 98 26.82 7.07 32.35
CA HIS C 98 25.43 6.79 32.09
C HIS C 98 25.04 5.36 32.43
N ALA C 99 25.96 4.38 32.32
CA ALA C 99 25.63 3.02 32.75
C ALA C 99 25.53 2.95 34.28
N GLU C 100 26.33 3.74 34.98
CA GLU C 100 26.27 3.78 36.44
C GLU C 100 25.01 4.50 36.91
N SER C 101 24.61 5.57 36.19
CA SER C 101 23.35 6.25 36.50
C SER C 101 22.15 5.29 36.35
N ILE C 102 22.10 4.50 35.25
CA ILE C 102 21.03 3.52 35.00
C ILE C 102 20.94 2.53 36.14
N ALA C 103 22.12 2.02 36.56
CA ALA C 103 22.22 1.07 37.68
C ALA C 103 21.67 1.68 38.98
N ASN C 104 21.97 2.95 39.24
CA ASN C 104 21.48 3.65 40.42
C ASN C 104 19.98 3.89 40.40
N VAL C 105 19.42 4.24 39.23
CA VAL C 105 17.99 4.43 39.08
C VAL C 105 17.27 3.10 39.34
N ARG C 106 17.71 2.02 38.71
CA ARG C 106 17.13 0.70 38.89
C ARG C 106 17.18 0.20 40.32
N GLU C 107 18.28 0.52 41.04
CA GLU C 107 18.43 0.14 42.43
C GLU C 107 17.44 0.89 43.33
N ALA C 108 17.26 2.19 43.10
CA ALA C 108 16.33 3.00 43.86
C ALA C 108 14.89 2.56 43.56
N VAL C 109 14.58 2.22 42.31
CA VAL C 109 13.24 1.78 41.91
C VAL C 109 12.93 0.42 42.51
N GLU C 110 13.91 -0.50 42.49
CA GLU C 110 13.66 -1.86 43.02
C GLU C 110 13.61 -1.94 44.54
N SER C 111 14.07 -0.89 45.23
CA SER C 111 13.97 -0.83 46.67
C SER C 111 12.52 -0.80 47.16
N PHE C 112 11.54 -0.51 46.27
CA PHE C 112 10.13 -0.46 46.64
C PHE C 112 9.30 -1.65 46.15
N ALA C 113 9.92 -2.60 45.40
CA ALA C 113 9.23 -3.78 44.86
C ALA C 113 8.70 -4.78 45.92
N GLY C 114 9.24 -4.68 47.15
CA GLY C 114 8.81 -5.50 48.28
C GLY C 114 7.39 -5.23 48.75
N SER C 115 6.79 -4.07 48.37
CA SER C 115 5.38 -3.71 48.69
C SER C 115 4.70 -3.59 47.32
N PRO C 116 4.22 -4.74 46.78
CA PRO C 116 3.68 -4.75 45.40
C PRO C 116 2.47 -3.85 45.09
N LEU C 117 1.64 -3.53 46.12
CA LEU C 117 0.49 -2.66 45.86
C LEU C 117 0.90 -1.19 45.70
N SER C 118 2.06 -0.78 46.27
CA SER C 118 2.54 0.61 46.20
C SER C 118 3.87 0.77 45.44
N TYR C 119 4.19 -0.16 44.51
CA TYR C 119 5.42 -0.05 43.73
C TYR C 119 5.18 0.92 42.57
N ARG C 120 6.15 1.78 42.25
CA ARG C 120 6.01 2.75 41.15
C ARG C 120 7.02 2.46 40.03
N PRO C 121 6.57 2.01 38.85
CA PRO C 121 7.51 1.78 37.74
C PRO C 121 8.15 3.09 37.26
N VAL C 122 9.45 3.14 36.91
CA VAL C 122 10.09 4.39 36.45
C VAL C 122 10.79 4.11 35.13
N ALA C 123 10.41 4.83 34.07
CA ALA C 123 10.99 4.60 32.74
C ALA C 123 12.37 5.21 32.63
N ILE C 124 13.19 4.68 31.71
CA ILE C 124 14.51 5.23 31.46
C ILE C 124 14.57 5.69 30.01
N ALA C 125 14.86 6.96 29.80
CA ALA C 125 14.91 7.52 28.46
C ALA C 125 16.30 8.00 28.10
N LEU C 126 16.72 7.73 26.86
CA LEU C 126 18.02 8.14 26.36
C LEU C 126 17.81 9.33 25.44
N ASP C 127 18.43 10.47 25.74
CA ASP C 127 18.34 11.64 24.88
C ASP C 127 19.60 11.66 24.03
N THR C 128 19.47 11.53 22.71
CA THR C 128 20.63 11.51 21.83
C THR C 128 21.32 12.87 21.69
N LYS C 129 22.61 12.87 21.32
CA LYS C 129 23.40 14.07 21.09
C LYS C 129 22.94 14.83 19.84
N GLY C 130 22.58 14.11 18.79
CA GLY C 130 22.09 14.72 17.57
C GLY C 130 23.03 14.68 16.38
N PRO C 131 22.55 15.19 15.23
CA PRO C 131 23.39 15.15 14.02
C PRO C 131 24.36 16.31 13.91
N GLY C 134 26.51 17.39 10.52
CA GLY C 134 26.39 16.20 9.70
C GLY C 134 25.03 15.99 9.07
N PRO C 135 24.99 15.19 7.98
CA PRO C 135 23.70 14.98 7.28
C PRO C 135 22.81 13.84 7.83
N GLY C 136 23.35 12.60 7.88
CA GLY C 136 22.60 11.44 8.36
C GLY C 136 22.65 11.27 9.86
N LEU C 137 22.43 10.04 10.31
CA LEU C 137 22.52 9.72 11.72
C LEU C 137 24.01 9.71 12.05
N SER C 138 24.44 10.55 12.99
CA SER C 138 25.84 10.60 13.37
C SER C 138 26.36 9.25 13.88
N GLU C 139 27.66 9.06 13.77
CA GLU C 139 28.33 7.86 14.19
C GLU C 139 28.14 7.66 15.71
N GLN C 140 28.19 8.77 16.46
CA GLN C 140 28.04 8.72 17.89
C GLN C 140 26.62 8.28 18.25
N ASP C 141 25.62 8.80 17.53
CA ASP C 141 24.22 8.44 17.76
C ASP C 141 24.01 6.97 17.55
N VAL C 142 24.65 6.35 16.52
CA VAL C 142 24.56 4.90 16.27
C VAL C 142 25.08 4.11 17.46
N ARG C 143 26.15 4.57 18.07
CA ARG C 143 26.77 3.92 19.22
C ARG C 143 25.95 4.07 20.48
N ASP C 144 25.37 5.26 20.68
CA ASP C 144 24.53 5.58 21.83
C ASP C 144 23.20 4.80 21.75
N LEU C 145 22.67 4.61 20.51
CA LEU C 145 21.47 3.79 20.34
C LEU C 145 21.77 2.33 20.61
N ARG C 146 22.95 1.84 20.23
CA ARG C 146 23.33 0.46 20.52
C ARG C 146 23.44 0.29 22.07
N PHE C 147 24.02 1.31 22.74
CA PHE C 147 24.14 1.34 24.20
C PHE C 147 22.76 1.20 24.85
N GLY C 148 21.80 1.98 24.33
CA GLY C 148 20.44 2.02 24.82
C GLY C 148 19.76 0.68 24.76
N VAL C 149 19.89 -0.01 23.63
CA VAL C 149 19.32 -1.34 23.44
C VAL C 149 19.96 -2.32 24.39
N GLU C 150 21.28 -2.27 24.54
CA GLU C 150 22.01 -3.16 25.44
C GLU C 150 21.69 -2.93 26.89
N HIS C 151 21.37 -1.70 27.26
CA HIS C 151 20.99 -1.38 28.64
C HIS C 151 19.49 -1.37 28.91
N GLY C 152 18.68 -1.74 27.93
CA GLY C 152 17.25 -1.86 28.10
C GLY C 152 16.51 -0.57 28.37
N VAL C 153 16.85 0.52 27.65
CA VAL C 153 16.09 1.75 27.82
C VAL C 153 14.67 1.56 27.23
N ASP C 154 13.72 2.37 27.71
CA ASP C 154 12.35 2.27 27.25
C ASP C 154 12.01 3.29 26.18
N ILE C 155 12.65 4.48 26.23
CA ILE C 155 12.35 5.57 25.34
C ILE C 155 13.63 6.19 24.80
N VAL C 156 13.54 6.77 23.61
CA VAL C 156 14.63 7.50 23.01
C VAL C 156 14.08 8.85 22.61
N PHE C 157 14.76 9.92 23.01
CA PHE C 157 14.40 11.27 22.59
C PHE C 157 15.36 11.56 21.47
N ALA C 158 14.92 11.44 20.22
CA ALA C 158 15.78 11.67 19.06
C ALA C 158 15.96 13.17 18.83
N SER C 159 17.19 13.68 19.02
CA SER C 159 17.47 15.10 18.84
C SER C 159 17.45 15.52 17.38
N PHE C 160 17.01 16.77 17.14
CA PHE C 160 16.97 17.45 15.84
C PHE C 160 16.33 16.63 14.69
N VAL C 161 15.12 16.10 14.90
CA VAL C 161 14.44 15.35 13.83
C VAL C 161 13.94 16.38 12.84
N ARG C 162 14.34 16.27 11.57
CA ARG C 162 13.96 17.27 10.55
C ARG C 162 12.93 16.75 9.54
N LYS C 163 12.86 15.44 9.37
CA LYS C 163 11.96 14.79 8.41
C LYS C 163 11.71 13.34 8.84
N ALA C 164 10.74 12.67 8.21
CA ALA C 164 10.38 11.29 8.54
C ALA C 164 11.54 10.31 8.37
N SER C 165 12.42 10.54 7.36
CA SER C 165 13.55 9.65 7.13
C SER C 165 14.53 9.64 8.32
N ASP C 166 14.59 10.74 9.11
CA ASP C 166 15.42 10.80 10.31
C ASP C 166 14.91 9.79 11.34
N VAL C 167 13.57 9.68 11.48
CA VAL C 167 12.97 8.72 12.42
C VAL C 167 13.28 7.30 11.95
N ALA C 168 13.17 7.04 10.64
CA ALA C 168 13.47 5.72 10.07
C ALA C 168 14.90 5.31 10.37
N ALA C 169 15.83 6.26 10.33
CA ALA C 169 17.23 6.00 10.62
C ALA C 169 17.42 5.62 12.09
N VAL C 170 16.72 6.26 13.00
CA VAL C 170 16.79 5.95 14.41
C VAL C 170 16.18 4.56 14.68
N ARG C 171 15.07 4.26 14.00
CA ARG C 171 14.36 3.00 14.13
C ARG C 171 15.23 1.83 13.64
N ALA C 172 15.98 2.04 12.52
CA ALA C 172 16.88 1.05 11.94
C ALA C 172 18.07 0.85 12.88
N ALA C 173 18.59 1.93 13.48
CA ALA C 173 19.70 1.84 14.42
C ALA C 173 19.30 1.13 15.71
N LEU C 174 18.02 1.17 16.10
CA LEU C 174 17.54 0.43 17.28
C LEU C 174 17.64 -1.12 17.09
N GLY C 175 18.15 -1.49 15.92
CA GLY C 175 18.61 -2.78 15.47
C GLY C 175 17.62 -3.85 15.66
N PRO C 176 18.14 -5.08 15.87
CA PRO C 176 17.21 -6.23 16.05
C PRO C 176 16.48 -6.28 17.41
N GLU C 177 17.21 -6.09 18.51
CA GLU C 177 16.68 -6.28 19.83
C GLU C 177 15.86 -5.12 20.41
N GLY C 178 15.75 -3.99 19.71
CA GLY C 178 15.07 -2.83 20.27
C GLY C 178 13.90 -2.23 19.53
N HIS C 179 13.17 -3.02 18.76
CA HIS C 179 12.01 -2.52 18.04
C HIS C 179 10.84 -2.11 19.00
N GLY C 180 10.89 -2.54 20.29
CA GLY C 180 9.92 -2.16 21.29
C GLY C 180 10.17 -0.83 21.99
N ILE C 181 11.32 -0.19 21.73
CA ILE C 181 11.64 1.09 22.34
C ILE C 181 10.80 2.21 21.70
N LYS C 182 10.24 3.12 22.50
CA LYS C 182 9.46 4.22 21.95
C LYS C 182 10.38 5.33 21.44
N ILE C 183 10.08 5.86 20.26
CA ILE C 183 10.87 6.96 19.70
C ILE C 183 10.07 8.27 19.78
N ILE C 184 10.54 9.21 20.60
CA ILE C 184 9.95 10.52 20.75
C ILE C 184 10.83 11.53 19.98
N SER C 185 10.32 12.09 18.87
CA SER C 185 11.07 13.01 18.04
C SER C 185 11.10 14.39 18.63
N LYS C 186 12.30 14.96 18.78
CA LYS C 186 12.45 16.31 19.30
C LYS C 186 12.42 17.27 18.14
N ILE C 187 11.48 18.22 18.18
CA ILE C 187 11.38 19.25 17.16
C ILE C 187 12.17 20.45 17.72
N GLU C 188 13.34 20.73 17.11
CA GLU C 188 14.21 21.78 17.62
C GLU C 188 14.54 22.87 16.58
N ASN C 189 13.96 22.81 15.37
CA ASN C 189 14.29 23.80 14.35
C ASN C 189 13.13 24.06 13.37
N HIS C 190 13.30 25.01 12.44
CA HIS C 190 12.28 25.36 11.47
C HIS C 190 11.82 24.21 10.57
N GLU C 191 12.76 23.39 10.05
CA GLU C 191 12.39 22.28 9.18
C GLU C 191 11.50 21.26 9.91
N GLY C 192 11.81 21.00 11.18
CA GLY C 192 11.02 20.08 11.99
C GLY C 192 9.60 20.56 12.16
N VAL C 193 9.44 21.87 12.36
CA VAL C 193 8.12 22.45 12.52
C VAL C 193 7.34 22.39 11.20
N LYS C 194 8.02 22.65 10.08
CA LYS C 194 7.38 22.59 8.78
C LYS C 194 6.98 21.19 8.36
N ARG C 195 7.83 20.21 8.63
CA ARG C 195 7.54 18.82 8.31
C ARG C 195 6.89 18.04 9.47
N PHE C 196 6.35 18.75 10.46
CA PHE C 196 5.73 18.16 11.63
C PHE C 196 4.79 16.98 11.35
N ASP C 197 3.82 17.12 10.44
CA ASP C 197 2.87 16.04 10.17
C ASP C 197 3.51 14.73 9.70
N GLU C 198 4.55 14.80 8.87
CA GLU C 198 5.23 13.59 8.40
C GLU C 198 6.07 12.95 9.52
N ILE C 199 6.63 13.77 10.41
CA ILE C 199 7.42 13.29 11.53
C ILE C 199 6.52 12.62 12.54
N LEU C 200 5.38 13.24 12.85
CA LEU C 200 4.44 12.68 13.82
C LEU C 200 3.87 11.36 13.36
N GLU C 201 3.59 11.23 12.08
CA GLU C 201 3.04 10.00 11.52
C GLU C 201 3.91 8.77 11.81
N VAL C 202 5.23 8.95 11.77
CA VAL C 202 6.16 7.85 11.98
C VAL C 202 6.80 7.82 13.39
N SER C 203 6.50 8.78 14.26
CA SER C 203 7.06 8.77 15.61
C SER C 203 6.05 8.25 16.63
N ASP C 204 6.54 7.77 17.77
CA ASP C 204 5.67 7.36 18.85
C ASP C 204 5.11 8.58 19.63
N GLY C 205 5.83 9.70 19.56
CA GLY C 205 5.47 10.95 20.21
C GLY C 205 6.40 12.08 19.82
N ILE C 206 6.16 13.26 20.38
CA ILE C 206 6.90 14.47 20.09
C ILE C 206 7.40 15.13 21.35
N MET C 207 8.56 15.79 21.24
CA MET C 207 9.05 16.61 22.31
C MET C 207 9.23 18.02 21.74
N VAL C 208 8.61 19.00 22.37
CA VAL C 208 8.75 20.40 21.99
C VAL C 208 10.02 20.82 22.70
N ALA C 209 11.17 20.74 22.00
CA ALA C 209 12.49 21.08 22.55
C ALA C 209 12.70 22.58 22.43
N ARG C 210 12.10 23.34 23.34
CA ARG C 210 12.08 24.80 23.34
C ARG C 210 13.45 25.48 23.36
N GLY C 211 14.47 24.86 23.99
CA GLY C 211 15.81 25.43 24.07
C GLY C 211 16.40 25.73 22.71
N ASP C 212 16.63 24.71 21.88
CA ASP C 212 17.18 24.91 20.55
C ASP C 212 16.20 25.61 19.65
N LEU C 213 14.92 25.24 19.75
CA LEU C 213 13.84 25.86 18.96
C LEU C 213 13.81 27.39 19.12
N GLY C 214 14.00 27.87 20.35
CA GLY C 214 14.07 29.29 20.67
C GLY C 214 15.24 30.06 20.09
N ILE C 215 16.24 29.33 19.57
CA ILE C 215 17.39 29.91 18.92
C ILE C 215 17.21 29.81 17.39
N GLU C 216 16.67 28.69 16.90
CA GLU C 216 16.45 28.42 15.48
C GLU C 216 15.33 29.25 14.88
N ILE C 217 14.35 29.61 15.70
CA ILE C 217 13.23 30.48 15.30
C ILE C 217 13.14 31.62 16.31
N PRO C 218 12.50 32.76 15.96
CA PRO C 218 12.40 33.88 16.94
C PRO C 218 11.78 33.46 18.26
N ALA C 219 12.41 33.83 19.38
CA ALA C 219 11.95 33.47 20.73
C ALA C 219 10.45 33.73 20.97
N GLU C 220 9.93 34.82 20.40
CA GLU C 220 8.53 35.21 20.55
C GLU C 220 7.54 34.30 19.78
N LYS C 221 8.03 33.40 18.93
CA LYS C 221 7.18 32.49 18.16
C LYS C 221 7.10 31.07 18.75
N VAL C 222 7.98 30.74 19.70
CA VAL C 222 8.04 29.42 20.30
C VAL C 222 6.69 28.98 20.90
N PHE C 223 5.99 29.85 21.61
CA PHE C 223 4.68 29.50 22.18
C PHE C 223 3.67 29.05 21.09
N LEU C 224 3.78 29.61 19.87
CA LEU C 224 2.90 29.22 18.78
C LEU C 224 3.21 27.81 18.35
N ALA C 225 4.51 27.48 18.25
CA ALA C 225 4.95 26.14 17.87
C ALA C 225 4.55 25.15 18.96
N GLN C 226 4.72 25.51 20.23
CA GLN C 226 4.32 24.64 21.35
C GLN C 226 2.81 24.32 21.27
N LYS C 227 1.97 25.36 21.11
CA LYS C 227 0.53 25.18 21.07
C LYS C 227 0.07 24.39 19.86
N MET C 228 0.64 24.66 18.68
CA MET C 228 0.28 23.91 17.49
C MET C 228 0.64 22.43 17.66
N MET C 229 1.86 22.16 18.14
CA MET C 229 2.34 20.80 18.28
C MET C 229 1.55 20.02 19.33
N ILE C 230 1.22 20.63 20.47
CA ILE C 230 0.43 19.94 21.48
C ILE C 230 -0.97 19.61 20.93
N GLY C 231 -1.57 20.57 20.24
CA GLY C 231 -2.86 20.37 19.61
C GLY C 231 -2.87 19.22 18.62
N ARG C 232 -1.88 19.17 17.72
CA ARG C 232 -1.80 18.09 16.73
C ARG C 232 -1.51 16.71 17.35
N CYS C 233 -0.74 16.68 18.45
CA CYS C 233 -0.48 15.42 19.15
C CYS C 233 -1.69 14.92 19.87
N ASN C 234 -2.44 15.84 20.50
CA ASN C 234 -3.71 15.50 21.17
C ASN C 234 -4.72 14.97 20.12
N LEU C 235 -4.72 15.57 18.94
CA LEU C 235 -5.58 15.15 17.85
C LEU C 235 -5.16 13.74 17.38
N ALA C 236 -3.86 13.48 17.27
CA ALA C 236 -3.37 12.17 16.83
C ALA C 236 -3.46 11.09 17.91
N GLY C 237 -3.60 11.48 19.18
CA GLY C 237 -3.57 10.53 20.27
C GLY C 237 -2.17 10.05 20.62
N LYS C 238 -1.14 10.87 20.28
CA LYS C 238 0.25 10.51 20.57
C LYS C 238 0.83 11.39 21.69
N PRO C 239 1.71 10.85 22.55
CA PRO C 239 2.25 11.67 23.64
C PRO C 239 3.07 12.88 23.15
N VAL C 240 2.98 13.96 23.93
CA VAL C 240 3.72 15.17 23.65
C VAL C 240 4.38 15.65 24.94
N VAL C 241 5.66 15.99 24.86
CA VAL C 241 6.44 16.42 26.02
C VAL C 241 6.80 17.86 25.87
N CYS C 242 6.57 18.67 26.91
CA CYS C 242 7.03 20.04 26.90
C CYS C 242 8.32 20.08 27.71
N ALA C 243 9.38 20.60 27.10
CA ALA C 243 10.67 20.59 27.76
C ALA C 243 11.39 21.95 27.72
N THR C 244 12.39 22.11 28.65
CA THR C 244 13.40 23.17 28.76
C THR C 244 12.96 24.48 29.41
N GLN C 245 13.70 24.86 30.47
CA GLN C 245 13.57 26.09 31.26
C GLN C 245 12.22 26.25 31.92
N MET C 246 11.55 25.16 32.24
CA MET C 246 10.25 25.24 32.91
C MET C 246 10.36 25.84 34.32
N LEU C 247 11.36 25.40 35.10
CA LEU C 247 11.61 25.92 36.45
C LEU C 247 13.09 26.34 36.58
N GLU C 248 13.68 26.86 35.50
CA GLU C 248 15.08 27.28 35.37
C GLU C 248 15.68 27.94 36.65
N SER C 249 14.99 28.93 37.24
CA SER C 249 15.49 29.62 38.43
C SER C 249 15.71 28.70 39.64
N MET C 250 15.04 27.54 39.66
CA MET C 250 15.20 26.60 40.77
C MET C 250 16.57 25.86 40.77
N ILE C 251 17.42 26.14 39.75
CA ILE C 251 18.77 25.59 39.73
C ILE C 251 19.57 26.17 40.94
N THR C 252 19.30 27.45 41.31
CA THR C 252 19.99 28.12 42.40
C THR C 252 19.07 28.60 43.52
N LYS C 253 17.77 28.79 43.23
CA LYS C 253 16.84 29.30 44.23
C LYS C 253 15.85 28.22 44.68
N PRO C 254 15.48 28.17 45.96
CA PRO C 254 14.55 27.11 46.42
C PRO C 254 13.10 27.26 45.93
N ARG C 255 12.74 28.42 45.37
CA ARG C 255 11.39 28.66 44.86
C ARG C 255 11.45 29.20 43.43
N PRO C 256 10.50 28.80 42.57
CA PRO C 256 10.50 29.30 41.19
C PRO C 256 9.91 30.72 41.06
N THR C 257 10.09 31.33 39.89
CA THR C 257 9.50 32.64 39.62
C THR C 257 8.00 32.48 39.27
N ARG C 258 7.26 33.59 39.29
CA ARG C 258 5.86 33.58 38.93
C ARG C 258 5.64 33.14 37.47
N ALA C 259 6.58 33.46 36.57
CA ALA C 259 6.50 33.05 35.18
C ALA C 259 6.73 31.53 35.02
N GLU C 260 7.55 30.94 35.89
CA GLU C 260 7.87 29.54 35.83
C GLU C 260 6.72 28.67 36.24
N THR C 261 6.06 28.99 37.37
CA THR C 261 4.89 28.22 37.79
C THR C 261 3.77 28.34 36.74
N SER C 262 3.61 29.55 36.16
CA SER C 262 2.66 29.83 35.12
C SER C 262 2.96 28.99 33.88
N ASP C 263 4.23 28.91 33.49
CA ASP C 263 4.63 28.13 32.32
C ASP C 263 4.27 26.65 32.47
N VAL C 264 4.52 26.07 33.68
CA VAL C 264 4.23 24.67 33.92
C VAL C 264 2.73 24.44 33.82
N ALA C 265 1.95 25.30 34.51
CA ALA C 265 0.49 25.20 34.49
C ALA C 265 -0.08 25.33 33.10
N ASN C 266 0.49 26.22 32.30
CA ASN C 266 0.02 26.42 30.95
C ASN C 266 0.37 25.27 30.03
N ALA C 267 1.50 24.59 30.25
CA ALA C 267 1.84 23.43 29.40
C ALA C 267 0.82 22.29 29.70
N VAL C 268 0.42 22.11 30.98
CA VAL C 268 -0.57 21.10 31.32
C VAL C 268 -1.92 21.50 30.72
N LEU C 269 -2.35 22.76 30.90
CA LEU C 269 -3.59 23.24 30.31
C LEU C 269 -3.62 23.08 28.80
N ASP C 270 -2.50 23.38 28.11
CA ASP C 270 -2.35 23.21 26.65
C ASP C 270 -2.65 21.79 26.21
N GLY C 271 -2.25 20.83 27.03
CA GLY C 271 -2.51 19.43 26.77
C GLY C 271 -1.29 18.55 26.76
N ALA C 272 -0.18 19.01 27.35
CA ALA C 272 1.06 18.22 27.37
C ALA C 272 0.93 16.93 28.20
N ASP C 273 1.39 15.80 27.66
CA ASP C 273 1.35 14.54 28.38
C ASP C 273 2.45 14.51 29.46
N CYS C 274 3.64 15.09 29.16
CA CYS C 274 4.77 15.11 30.09
C CYS C 274 5.38 16.46 30.16
N ILE C 275 5.92 16.77 31.32
CA ILE C 275 6.67 17.99 31.57
C ILE C 275 8.06 17.53 32.03
N MET C 276 9.08 18.28 31.67
CA MET C 276 10.47 17.90 31.94
C MET C 276 11.26 18.87 32.78
N LEU C 277 12.24 18.34 33.50
CA LEU C 277 13.24 19.09 34.27
C LEU C 277 14.60 18.70 33.73
N SER C 278 15.41 19.69 33.34
CA SER C 278 16.74 19.42 32.81
C SER C 278 17.83 19.80 33.84
N GLY C 279 18.39 21.01 33.75
CA GLY C 279 19.39 21.50 34.70
C GLY C 279 18.88 21.54 36.12
N GLU C 280 17.57 21.75 36.30
CA GLU C 280 16.93 21.80 37.61
C GLU C 280 17.18 20.52 38.42
N THR C 281 17.22 19.34 37.74
CA THR C 281 17.51 18.07 38.43
C THR C 281 18.94 17.55 38.18
N ALA C 282 19.55 17.88 37.04
CA ALA C 282 20.88 17.40 36.72
C ALA C 282 22.00 18.10 37.50
N LYS C 283 21.96 19.45 37.56
CA LYS C 283 23.02 20.21 38.20
C LYS C 283 22.57 21.11 39.35
N GLY C 284 21.28 21.39 39.46
CA GLY C 284 20.77 22.32 40.45
C GLY C 284 20.94 21.95 41.91
N ASN C 285 20.73 22.92 42.79
CA ASN C 285 20.84 22.69 44.24
C ASN C 285 19.57 22.15 44.86
N PHE C 286 18.43 22.13 44.13
CA PHE C 286 17.16 21.70 44.68
C PHE C 286 16.46 20.67 43.77
N PRO C 287 17.11 19.53 43.44
CA PRO C 287 16.48 18.58 42.50
C PRO C 287 15.16 17.99 43.00
N VAL C 288 15.07 17.67 44.29
CA VAL C 288 13.84 17.10 44.85
C VAL C 288 12.73 18.14 44.93
N GLU C 289 13.08 19.37 45.25
CA GLU C 289 12.16 20.48 45.36
C GLU C 289 11.56 20.85 43.99
N ALA C 290 12.36 20.74 42.92
CA ALA C 290 11.92 21.01 41.56
C ALA C 290 10.89 19.95 41.13
N VAL C 291 11.13 18.69 41.49
CA VAL C 291 10.19 17.62 41.18
C VAL C 291 8.89 17.84 41.95
N LYS C 292 8.99 18.21 43.24
CA LYS C 292 7.82 18.47 44.07
C LYS C 292 7.01 19.65 43.53
N MET C 293 7.69 20.67 43.01
CA MET C 293 7.04 21.85 42.50
C MET C 293 6.25 21.51 41.25
N GLN C 294 6.84 20.74 40.33
CA GLN C 294 6.11 20.33 39.12
C GLN C 294 4.89 19.48 39.47
N HIS C 295 5.02 18.65 40.50
CA HIS C 295 3.94 17.81 40.96
C HIS C 295 2.75 18.68 41.44
N ALA C 296 3.05 19.65 42.30
CA ALA C 296 2.07 20.55 42.88
C ALA C 296 1.31 21.34 41.81
N ILE C 297 2.05 21.94 40.83
CA ILE C 297 1.43 22.72 39.79
C ILE C 297 0.57 21.84 38.87
N ALA C 298 1.11 20.70 38.40
CA ALA C 298 0.36 19.82 37.51
C ALA C 298 -0.98 19.36 38.11
N ARG C 299 -1.02 19.05 39.40
CA ARG C 299 -2.27 18.64 40.06
C ARG C 299 -3.35 19.73 39.98
N GLU C 300 -2.95 21.00 40.24
CA GLU C 300 -3.85 22.14 40.19
C GLU C 300 -4.33 22.39 38.75
N ALA C 301 -3.41 22.35 37.80
CA ALA C 301 -3.71 22.61 36.41
C ALA C 301 -4.64 21.55 35.81
N GLU C 302 -4.44 20.28 36.18
CA GLU C 302 -5.31 19.21 35.68
C GLU C 302 -6.77 19.41 36.08
N ALA C 303 -7.01 19.91 37.31
CA ALA C 303 -8.37 20.18 37.75
C ALA C 303 -8.99 21.37 37.01
N ALA C 304 -8.17 22.35 36.57
CA ALA C 304 -8.66 23.54 35.86
C ALA C 304 -9.00 23.31 34.38
N VAL C 305 -8.76 22.09 33.87
CA VAL C 305 -9.06 21.78 32.48
C VAL C 305 -10.60 21.85 32.25
N TYR C 306 -11.06 22.42 31.11
CA TYR C 306 -12.49 22.54 30.81
C TYR C 306 -12.95 21.30 30.04
N HIS C 307 -13.15 20.18 30.75
CA HIS C 307 -13.52 18.88 30.16
C HIS C 307 -14.76 18.90 29.27
N ARG C 308 -15.74 19.75 29.58
CA ARG C 308 -16.96 19.85 28.77
C ARG C 308 -16.64 20.14 27.30
N GLN C 309 -15.77 21.13 27.03
CA GLN C 309 -15.41 21.46 25.67
C GLN C 309 -14.35 20.50 25.14
N LEU C 310 -13.34 20.20 25.93
CA LEU C 310 -12.26 19.30 25.53
C LEU C 310 -12.76 17.93 25.05
N PHE C 311 -13.61 17.28 25.83
CA PHE C 311 -14.13 15.97 25.46
C PHE C 311 -14.93 16.05 24.16
N GLU C 312 -15.81 17.03 24.05
CA GLU C 312 -16.65 17.20 22.88
C GLU C 312 -15.82 17.43 21.61
N GLU C 313 -14.76 18.27 21.71
CA GLU C 313 -13.88 18.55 20.58
C GLU C 313 -13.01 17.34 20.20
N LEU C 314 -12.49 16.60 21.20
CA LEU C 314 -11.71 15.40 20.95
C LEU C 314 -12.60 14.36 20.25
N ARG C 315 -13.84 14.20 20.74
CA ARG C 315 -14.84 13.31 20.17
C ARG C 315 -15.14 13.66 18.70
N ARG C 316 -15.47 14.94 18.43
CA ARG C 316 -15.82 15.52 17.13
C ARG C 316 -14.69 15.42 16.11
N ALA C 317 -13.44 15.67 16.55
CA ALA C 317 -12.30 15.62 15.64
C ALA C 317 -11.86 14.18 15.35
N ALA C 318 -12.00 13.28 16.32
CA ALA C 318 -11.58 11.89 16.15
C ALA C 318 -12.38 11.23 15.04
N PRO C 319 -11.69 10.48 14.16
CA PRO C 319 -12.41 9.83 13.05
C PRO C 319 -13.19 8.58 13.50
N LEU C 320 -14.13 8.13 12.67
CA LEU C 320 -14.89 6.92 12.98
C LEU C 320 -13.94 5.74 13.04
N SER C 321 -14.21 4.79 13.93
CA SER C 321 -13.35 3.63 14.02
C SER C 321 -14.11 2.36 14.06
N ARG C 322 -13.60 1.33 13.39
CA ARG C 322 -14.16 0.00 13.50
C ARG C 322 -13.24 -0.92 14.34
N ASP C 323 -12.25 -0.36 15.06
CA ASP C 323 -11.37 -1.11 15.92
C ASP C 323 -12.06 -1.21 17.26
N PRO C 324 -12.36 -2.43 17.74
CA PRO C 324 -13.09 -2.56 19.00
C PRO C 324 -12.40 -1.96 20.20
N THR C 325 -11.06 -1.87 20.17
CA THR C 325 -10.32 -1.26 21.28
C THR C 325 -10.65 0.23 21.33
N GLU C 326 -10.69 0.89 20.16
CA GLU C 326 -11.02 2.32 20.07
CA GLU C 326 -11.02 2.32 20.11
C GLU C 326 -12.49 2.56 20.47
N VAL C 327 -13.40 1.72 19.96
CA VAL C 327 -14.82 1.81 20.25
C VAL C 327 -15.10 1.62 21.74
N THR C 328 -14.46 0.62 22.37
CA THR C 328 -14.62 0.40 23.81
C THR C 328 -14.05 1.58 24.60
N ALA C 329 -12.92 2.15 24.13
CA ALA C 329 -12.28 3.26 24.82
C ALA C 329 -13.20 4.45 24.94
N ILE C 330 -13.86 4.89 23.84
CA ILE C 330 -14.73 6.05 23.92
C ILE C 330 -15.99 5.77 24.74
N GLY C 331 -16.49 4.52 24.70
CA GLY C 331 -17.62 4.12 25.51
C GLY C 331 -17.27 4.21 26.98
N ALA C 332 -16.07 3.68 27.37
CA ALA C 332 -15.60 3.70 28.75
C ALA C 332 -15.39 5.13 29.28
N VAL C 333 -14.80 6.02 28.46
CA VAL C 333 -14.57 7.39 28.90
C VAL C 333 -15.92 8.09 29.09
N GLU C 334 -16.86 7.90 28.16
CA GLU C 334 -18.19 8.47 28.28
CA GLU C 334 -18.19 8.48 28.28
C GLU C 334 -18.89 8.01 29.57
N ALA C 335 -18.83 6.69 29.85
CA ALA C 335 -19.43 6.16 31.07
C ALA C 335 -18.76 6.70 32.34
N ALA C 336 -17.43 6.89 32.32
CA ALA C 336 -16.71 7.44 33.47
C ALA C 336 -17.19 8.87 33.78
N PHE C 337 -17.47 9.67 32.73
CA PHE C 337 -17.98 11.02 32.94
C PHE C 337 -19.40 10.99 33.51
N LYS C 338 -20.23 10.07 33.06
CA LYS C 338 -21.61 9.95 33.50
C LYS C 338 -21.77 9.72 34.99
N CYS C 339 -20.91 8.89 35.59
CA CYS C 339 -21.03 8.58 37.01
C CYS C 339 -19.95 9.18 37.89
N CYS C 340 -19.07 10.04 37.33
CA CYS C 340 -17.92 10.60 38.06
C CYS C 340 -17.07 9.46 38.66
N ALA C 341 -16.79 8.45 37.82
CA ALA C 341 -16.02 7.27 38.18
C ALA C 341 -14.66 7.66 38.73
N ALA C 342 -14.23 7.01 39.80
CA ALA C 342 -12.96 7.29 40.42
C ALA C 342 -11.81 6.87 39.49
N ALA C 343 -11.97 5.75 38.79
CA ALA C 343 -10.94 5.23 37.93
C ALA C 343 -11.52 4.38 36.79
N ILE C 344 -10.71 4.12 35.77
CA ILE C 344 -10.97 3.20 34.69
C ILE C 344 -9.85 2.20 34.81
N ILE C 345 -10.13 0.95 35.21
CA ILE C 345 -9.10 -0.05 35.33
C ILE C 345 -9.02 -0.79 34.02
N VAL C 346 -7.86 -0.80 33.37
CA VAL C 346 -7.71 -1.47 32.08
C VAL C 346 -6.58 -2.52 32.11
N LEU C 347 -6.82 -3.68 31.50
CA LEU C 347 -5.80 -4.71 31.41
C LEU C 347 -5.11 -4.46 30.06
N THR C 348 -3.78 -4.34 30.07
CA THR C 348 -3.04 -4.08 28.85
C THR C 348 -1.74 -4.87 28.81
N THR C 349 -1.38 -5.36 27.62
CA THR C 349 -0.16 -6.13 27.45
C THR C 349 0.94 -5.19 26.88
N THR C 350 0.59 -4.37 25.89
CA THR C 350 1.47 -3.45 25.21
C THR C 350 1.26 -1.99 25.65
N GLY C 351 0.17 -1.69 26.36
CA GLY C 351 -0.15 -0.33 26.77
C GLY C 351 -1.16 0.33 25.84
N ARG C 352 -1.37 -0.26 24.65
CA ARG C 352 -2.25 0.31 23.65
C ARG C 352 -3.67 0.62 24.17
N SER C 353 -4.32 -0.29 24.91
CA SER C 353 -5.67 -0.04 25.42
C SER C 353 -5.69 1.15 26.39
N ALA C 354 -4.63 1.30 27.22
CA ALA C 354 -4.55 2.44 28.13
C ALA C 354 -4.31 3.74 27.33
N GLN C 355 -3.52 3.67 26.26
CA GLN C 355 -3.25 4.84 25.43
C GLN C 355 -4.53 5.33 24.76
N LEU C 356 -5.36 4.41 24.24
CA LEU C 356 -6.60 4.79 23.60
C LEU C 356 -7.61 5.40 24.57
N LEU C 357 -7.56 5.02 25.86
CA LEU C 357 -8.44 5.64 26.85
C LEU C 357 -7.96 7.07 27.12
N SER C 358 -6.64 7.21 27.33
CA SER C 358 -5.92 8.45 27.61
C SER C 358 -6.15 9.55 26.55
N ARG C 359 -6.25 9.20 25.25
CA ARG C 359 -6.44 10.19 24.18
C ARG C 359 -7.75 11.02 24.34
N TYR C 360 -8.78 10.44 24.98
CA TYR C 360 -10.03 11.17 25.22
C TYR C 360 -10.01 12.00 26.47
N ARG C 361 -8.88 12.06 27.17
CA ARG C 361 -8.67 12.86 28.35
C ARG C 361 -9.74 12.71 29.43
N PRO C 362 -9.93 11.51 29.99
CA PRO C 362 -10.88 11.37 31.08
C PRO C 362 -10.44 12.08 32.34
N ARG C 363 -11.40 12.48 33.19
CA ARG C 363 -11.06 13.04 34.50
C ARG C 363 -10.67 11.85 35.44
N ALA C 364 -11.27 10.67 35.22
CA ALA C 364 -11.00 9.45 35.96
C ALA C 364 -9.59 8.95 35.63
N ALA C 365 -8.87 8.46 36.67
CA ALA C 365 -7.54 7.89 36.52
C ALA C 365 -7.61 6.61 35.73
N VAL C 366 -6.69 6.40 34.78
CA VAL C 366 -6.66 5.15 34.03
C VAL C 366 -5.62 4.25 34.73
N ILE C 367 -6.07 3.26 35.51
CA ILE C 367 -5.17 2.36 36.19
C ILE C 367 -4.87 1.23 35.25
N ALA C 368 -3.65 1.18 34.68
CA ALA C 368 -3.31 0.12 33.72
C ALA C 368 -2.60 -1.04 34.39
N VAL C 369 -3.24 -2.21 34.42
CA VAL C 369 -2.64 -3.40 35.02
C VAL C 369 -1.99 -4.23 33.94
N THR C 370 -0.68 -4.47 34.10
CA THR C 370 0.09 -5.21 33.11
C THR C 370 1.08 -6.17 33.72
N ARG C 371 1.48 -7.18 32.95
CA ARG C 371 2.55 -8.10 33.34
C ARG C 371 3.86 -7.69 32.66
N SER C 372 3.83 -6.85 31.61
CA SER C 372 4.99 -6.37 30.93
C SER C 372 5.63 -5.22 31.70
N ALA C 373 6.84 -5.44 32.19
CA ALA C 373 7.56 -4.37 32.88
C ALA C 373 7.91 -3.20 31.89
N GLN C 374 8.22 -3.53 30.62
CA GLN C 374 8.50 -2.48 29.64
C GLN C 374 7.24 -1.65 29.30
N ALA C 375 6.06 -2.28 29.19
CA ALA C 375 4.81 -1.54 28.96
C ALA C 375 4.45 -0.69 30.19
N ALA C 376 4.70 -1.22 31.40
CA ALA C 376 4.47 -0.46 32.62
C ALA C 376 5.30 0.82 32.67
N ARG C 377 6.54 0.77 32.19
CA ARG C 377 7.38 1.96 32.19
C ARG C 377 6.96 2.91 31.08
N GLN C 378 6.72 2.37 29.89
CA GLN C 378 6.38 3.16 28.74
C GLN C 378 5.05 3.92 28.83
N VAL C 379 4.02 3.40 29.55
CA VAL C 379 2.74 4.12 29.63
C VAL C 379 2.81 5.43 30.42
N HIS C 380 3.98 5.73 31.04
CA HIS C 380 4.15 7.03 31.68
C HIS C 380 4.09 8.19 30.65
N LEU C 381 4.35 7.88 29.37
CA LEU C 381 4.27 8.86 28.31
C LEU C 381 2.85 9.37 28.11
N CYS C 382 1.82 8.59 28.51
CA CYS C 382 0.41 8.94 28.31
C CYS C 382 -0.20 9.59 29.53
N ARG C 383 -0.79 10.78 29.34
CA ARG C 383 -1.42 11.47 30.45
C ARG C 383 -2.55 10.67 31.09
N GLY C 384 -2.50 10.57 32.40
CA GLY C 384 -3.52 9.93 33.20
C GLY C 384 -3.43 8.44 33.32
N VAL C 385 -2.35 7.83 32.84
CA VAL C 385 -2.19 6.39 32.96
C VAL C 385 -1.26 6.07 34.14
N PHE C 386 -1.80 5.33 35.11
CA PHE C 386 -1.09 4.91 36.32
C PHE C 386 -0.77 3.43 36.19
N PRO C 387 0.47 3.10 35.82
CA PRO C 387 0.81 1.68 35.57
C PRO C 387 0.99 0.88 36.84
N LEU C 388 0.52 -0.39 36.80
CA LEU C 388 0.65 -1.32 37.89
C LEU C 388 1.27 -2.56 37.36
N LEU C 389 2.42 -2.95 37.90
CA LEU C 389 3.07 -4.19 37.45
C LEU C 389 2.60 -5.37 38.27
N TYR C 390 1.97 -6.32 37.60
CA TYR C 390 1.41 -7.51 38.23
C TYR C 390 2.46 -8.60 38.23
N ARG C 391 2.84 -9.03 39.45
CA ARG C 391 3.92 -10.00 39.61
C ARG C 391 3.47 -11.40 39.97
N GLU C 392 2.21 -11.61 40.33
CA GLU C 392 1.69 -12.94 40.65
C GLU C 392 1.74 -13.93 39.45
N PRO C 393 1.89 -15.23 39.76
CA PRO C 393 1.93 -16.24 38.67
C PRO C 393 0.54 -16.56 38.10
N PRO C 394 0.47 -16.93 36.80
CA PRO C 394 -0.85 -17.14 36.16
C PRO C 394 -1.73 -18.21 36.75
N GLU C 395 -3.05 -18.00 36.67
CA GLU C 395 -4.04 -18.94 37.15
C GLU C 395 -4.36 -19.93 36.04
N ALA C 396 -4.89 -21.10 36.40
CA ALA C 396 -5.23 -22.14 35.43
C ALA C 396 -6.36 -21.70 34.51
N ILE C 397 -7.36 -21.00 35.08
CA ILE C 397 -8.49 -20.51 34.33
C ILE C 397 -8.27 -19.04 34.05
N TRP C 398 -8.29 -18.67 32.76
CA TRP C 398 -8.05 -17.30 32.31
C TRP C 398 -8.97 -16.30 32.93
N ALA C 399 -10.28 -16.61 33.01
CA ALA C 399 -11.25 -15.70 33.62
C ALA C 399 -10.87 -15.38 35.08
N ASP C 400 -10.31 -16.35 35.82
CA ASP C 400 -9.86 -16.12 37.18
C ASP C 400 -8.63 -15.20 37.21
N ASP C 401 -7.70 -15.45 36.28
CA ASP C 401 -6.50 -14.66 36.14
C ASP C 401 -6.83 -13.19 35.84
N VAL C 402 -7.84 -12.96 34.98
CA VAL C 402 -8.30 -11.64 34.60
C VAL C 402 -8.88 -10.95 35.83
N ASP C 403 -9.75 -11.64 36.54
CA ASP C 403 -10.37 -11.11 37.74
C ASP C 403 -9.41 -10.83 38.84
N ARG C 404 -8.32 -11.59 38.95
CA ARG C 404 -7.32 -11.32 39.98
C ARG C 404 -6.59 -10.04 39.66
N ARG C 405 -6.30 -9.79 38.36
CA ARG C 405 -5.63 -8.59 37.93
C ARG C 405 -6.52 -7.36 38.12
N VAL C 406 -7.85 -7.51 37.96
CA VAL C 406 -8.76 -6.39 38.19
C VAL C 406 -8.78 -6.08 39.70
N GLN C 407 -8.85 -7.12 40.53
CA GLN C 407 -8.80 -6.94 41.98
C GLN C 407 -7.49 -6.31 42.44
N PHE C 408 -6.40 -6.62 41.76
CA PHE C 408 -5.11 -6.02 42.08
C PHE C 408 -5.14 -4.51 41.81
N GLY C 409 -5.74 -4.13 40.67
CA GLY C 409 -5.95 -2.71 40.35
C GLY C 409 -6.78 -2.00 41.42
N ILE C 410 -7.87 -2.67 41.94
CA ILE C 410 -8.70 -2.11 43.00
C ILE C 410 -7.96 -2.00 44.34
N GLU C 411 -7.18 -3.02 44.69
CA GLU C 411 -6.42 -3.01 45.91
C GLU C 411 -5.35 -1.92 45.89
N SER C 412 -4.68 -1.75 44.74
CA SER C 412 -3.68 -0.70 44.61
C SER C 412 -4.36 0.66 44.61
N GLY C 413 -5.48 0.80 43.96
CA GLY C 413 -6.22 2.06 43.94
C GLY C 413 -6.70 2.46 45.33
N LYS C 414 -7.09 1.48 46.19
CA LYS C 414 -7.54 1.78 47.55
C LYS C 414 -6.33 2.21 48.38
N LEU C 415 -5.21 1.47 48.26
CA LEU C 415 -4.02 1.76 49.02
C LEU C 415 -3.43 3.14 48.73
N ARG C 416 -3.35 3.51 47.45
CA ARG C 416 -2.80 4.80 47.04
C ARG C 416 -3.74 5.98 47.20
N GLY C 417 -5.01 5.75 47.51
CA GLY C 417 -5.95 6.84 47.69
C GLY C 417 -6.90 7.10 46.55
N PHE C 418 -6.70 6.45 45.40
CA PHE C 418 -7.60 6.62 44.26
C PHE C 418 -9.04 6.18 44.56
N LEU C 419 -9.21 5.07 45.29
CA LEU C 419 -10.52 4.45 45.50
C LEU C 419 -10.92 4.29 46.94
N ARG C 420 -12.23 4.36 47.17
CA ARG C 420 -12.88 4.12 48.47
C ARG C 420 -14.06 3.18 48.21
N VAL C 421 -14.52 2.48 49.26
CA VAL C 421 -15.68 1.59 49.14
C VAL C 421 -16.93 2.40 48.79
N GLY C 422 -17.68 1.91 47.84
CA GLY C 422 -18.86 2.62 47.36
C GLY C 422 -18.64 3.39 46.08
N ASP C 423 -17.37 3.59 45.69
CA ASP C 423 -17.04 4.28 44.45
C ASP C 423 -17.42 3.41 43.22
N LEU C 424 -17.58 4.03 42.06
CA LEU C 424 -17.82 3.29 40.83
C LEU C 424 -16.53 3.34 40.00
N VAL C 425 -16.14 2.24 39.39
CA VAL C 425 -14.99 2.21 38.48
C VAL C 425 -15.50 1.59 37.21
N ILE C 426 -14.82 1.88 36.12
CA ILE C 426 -15.13 1.29 34.85
C ILE C 426 -14.02 0.27 34.59
N VAL C 427 -14.33 -0.96 34.24
CA VAL C 427 -13.32 -1.98 34.00
C VAL C 427 -13.28 -2.38 32.51
N VAL C 428 -12.12 -2.16 31.85
CA VAL C 428 -11.94 -2.46 30.43
C VAL C 428 -11.08 -3.71 30.21
N THR C 429 -11.65 -4.72 29.56
CA THR C 429 -10.97 -5.99 29.30
C THR C 429 -11.29 -6.47 27.84
N GLY C 430 -10.72 -7.63 27.45
CA GLY C 430 -10.97 -8.26 26.16
C GLY C 430 -11.62 -9.61 26.32
N TRP C 431 -12.05 -10.21 25.22
CA TRP C 431 -12.74 -11.48 25.23
C TRP C 431 -11.87 -12.71 25.17
N ARG C 432 -10.57 -12.53 24.95
CA ARG C 432 -9.63 -13.64 24.88
C ARG C 432 -8.21 -13.17 25.24
N PRO C 433 -7.32 -14.08 25.66
CA PRO C 433 -5.94 -13.67 25.98
C PRO C 433 -5.17 -13.14 24.78
N GLY C 434 -4.12 -12.41 25.04
CA GLY C 434 -3.30 -11.84 24.00
C GLY C 434 -3.66 -10.39 23.78
N SER C 435 -2.71 -9.63 23.28
CA SER C 435 -2.89 -8.24 22.98
C SER C 435 -3.85 -8.04 21.75
N GLY C 436 -4.59 -6.93 21.72
CA GLY C 436 -5.43 -6.52 20.61
C GLY C 436 -6.90 -6.93 20.61
N TYR C 437 -7.38 -7.55 21.69
CA TYR C 437 -8.74 -8.04 21.75
C TYR C 437 -9.63 -7.29 22.73
N THR C 438 -9.24 -6.08 23.18
CA THR C 438 -10.08 -5.29 24.10
C THR C 438 -11.44 -5.00 23.44
N ASN C 439 -12.53 -5.35 24.15
CA ASN C 439 -13.86 -5.13 23.60
C ASN C 439 -14.95 -5.02 24.68
N ILE C 440 -14.60 -5.09 25.97
CA ILE C 440 -15.58 -5.11 27.04
C ILE C 440 -15.39 -3.98 28.00
N MET C 441 -16.48 -3.37 28.41
CA MET C 441 -16.49 -2.29 29.38
C MET C 441 -17.53 -2.68 30.43
N ARG C 442 -17.18 -2.68 31.70
CA ARG C 442 -18.08 -3.06 32.79
C ARG C 442 -18.14 -1.98 33.86
N VAL C 443 -19.31 -1.77 34.46
CA VAL C 443 -19.47 -0.78 35.52
C VAL C 443 -19.48 -1.57 36.83
N LEU C 444 -18.52 -1.29 37.72
CA LEU C 444 -18.40 -2.03 38.96
C LEU C 444 -18.44 -1.13 40.14
N SER C 445 -19.12 -1.58 41.18
CA SER C 445 -19.18 -0.85 42.44
CA SER C 445 -19.17 -0.85 42.44
C SER C 445 -18.09 -1.40 43.35
N ILE C 446 -17.25 -0.55 43.89
CA ILE C 446 -16.18 -0.96 44.79
C ILE C 446 -16.71 -1.46 46.11
N SER C 447 -16.41 -2.70 46.43
CA SER C 447 -16.80 -3.30 47.69
C SER C 447 -15.55 -3.76 48.47
N GLY D 23 -17.07 2.14 2.19
CA GLY D 23 -17.26 2.62 0.82
C GLY D 23 -17.92 3.98 0.72
N THR D 24 -17.81 4.61 -0.46
CA THR D 24 -18.39 5.93 -0.77
C THR D 24 -19.94 5.89 -0.73
N ALA D 25 -20.53 4.82 -1.26
CA ALA D 25 -21.98 4.65 -1.33
C ALA D 25 -22.62 4.73 0.06
N PHE D 26 -22.00 4.11 1.06
CA PHE D 26 -22.51 4.10 2.44
C PHE D 26 -22.69 5.51 2.98
N PHE D 27 -21.68 6.37 2.78
CA PHE D 27 -21.70 7.73 3.30
C PHE D 27 -22.62 8.70 2.53
N GLN D 28 -23.25 8.24 1.43
CA GLN D 28 -24.22 9.07 0.72
C GLN D 28 -25.68 8.69 1.10
N GLN D 29 -25.90 7.55 1.78
CA GLN D 29 -27.21 7.12 2.22
C GLN D 29 -27.53 7.69 3.61
N GLN D 30 -28.80 7.48 4.06
CA GLN D 30 -29.38 7.87 5.36
C GLN D 30 -28.95 9.26 5.85
N GLN D 31 -28.97 10.24 4.93
CA GLN D 31 -28.60 11.63 5.17
C GLN D 31 -27.26 11.80 5.88
N LEU D 32 -26.29 10.91 5.61
CA LEU D 32 -24.98 11.02 6.24
C LEU D 32 -24.25 12.34 5.87
N PRO D 33 -24.33 12.88 4.63
CA PRO D 33 -23.71 14.21 4.40
C PRO D 33 -24.29 15.30 5.32
N ALA D 34 -25.64 15.32 5.49
CA ALA D 34 -26.30 16.27 6.36
C ALA D 34 -26.00 16.05 7.84
N ALA D 35 -25.66 14.80 8.23
CA ALA D 35 -25.32 14.48 9.62
C ALA D 35 -23.96 15.05 10.03
N MET D 36 -23.02 15.15 9.07
CA MET D 36 -21.68 15.70 9.28
C MET D 36 -21.65 17.23 9.40
N ALA D 37 -22.76 17.93 9.10
CA ALA D 37 -22.81 19.38 9.13
C ALA D 37 -22.43 19.98 10.46
N ASP D 38 -21.77 21.14 10.42
CA ASP D 38 -21.32 21.84 11.63
C ASP D 38 -22.38 22.74 12.23
N THR D 39 -23.40 23.14 11.44
CA THR D 39 -24.52 23.92 11.94
C THR D 39 -25.85 23.27 11.52
N PHE D 40 -26.93 23.60 12.22
CA PHE D 40 -28.26 23.14 11.85
C PHE D 40 -28.66 23.73 10.48
N LEU D 41 -28.22 24.98 10.18
CA LEU D 41 -28.51 25.58 8.89
C LEU D 41 -27.82 24.78 7.78
N GLU D 42 -26.53 24.45 7.95
CA GLU D 42 -25.78 23.65 6.99
C GLU D 42 -26.42 22.24 6.83
N HIS D 43 -26.92 21.70 7.94
CA HIS D 43 -27.60 20.40 7.98
C HIS D 43 -28.84 20.46 7.12
N LEU D 44 -29.68 21.52 7.23
CA LEU D 44 -30.85 21.68 6.38
C LEU D 44 -30.46 21.73 4.91
N CYS D 45 -29.44 22.53 4.60
CA CYS D 45 -28.96 22.70 3.23
C CYS D 45 -28.48 21.41 2.60
N LEU D 46 -27.93 20.50 3.41
CA LEU D 46 -27.41 19.24 2.91
C LEU D 46 -28.42 18.12 2.80
N LEU D 47 -29.67 18.30 3.27
CA LEU D 47 -30.69 17.24 3.16
C LEU D 47 -30.93 16.88 1.69
N ASP D 48 -30.89 15.58 1.36
CA ASP D 48 -30.99 15.08 -0.01
C ASP D 48 -32.18 14.14 -0.20
N ILE D 49 -33.05 14.42 -1.17
CA ILE D 49 -34.18 13.55 -1.48
C ILE D 49 -33.73 12.21 -2.11
N ASP D 50 -32.51 12.15 -2.64
CA ASP D 50 -31.95 10.94 -3.22
C ASP D 50 -31.13 10.11 -2.23
N SER D 51 -30.99 10.56 -0.97
CA SER D 51 -30.24 9.85 0.06
C SER D 51 -31.23 8.88 0.73
N GLU D 52 -31.18 7.59 0.34
CA GLU D 52 -32.15 6.61 0.82
C GLU D 52 -31.99 6.18 2.26
N PRO D 53 -33.12 6.04 2.97
CA PRO D 53 -33.03 5.57 4.36
C PRO D 53 -32.56 4.11 4.38
N VAL D 54 -31.70 3.80 5.34
CA VAL D 54 -31.16 2.45 5.44
C VAL D 54 -31.65 1.80 6.72
N ALA D 55 -31.63 2.54 7.83
CA ALA D 55 -32.08 2.03 9.11
C ALA D 55 -33.58 1.65 9.13
N ALA D 56 -33.95 0.75 10.05
CA ALA D 56 -35.34 0.36 10.20
C ALA D 56 -36.11 1.53 10.85
N ARG D 57 -37.41 1.60 10.60
CA ARG D 57 -38.24 2.64 11.16
C ARG D 57 -38.37 2.49 12.68
N SER D 58 -37.96 3.52 13.42
CA SER D 58 -37.89 3.51 14.87
C SER D 58 -39.08 4.15 15.63
N THR D 59 -39.87 5.03 14.99
CA THR D 59 -41.07 5.60 15.64
C THR D 59 -42.21 4.58 15.49
N SER D 60 -42.83 4.17 16.59
CA SER D 60 -43.92 3.19 16.53
CA SER D 60 -43.92 3.19 16.56
C SER D 60 -45.20 3.76 15.96
N ILE D 61 -46.01 2.91 15.32
CA ILE D 61 -47.26 3.31 14.74
C ILE D 61 -48.39 2.68 15.57
N ILE D 62 -49.27 3.51 16.10
CA ILE D 62 -50.44 3.08 16.84
C ILE D 62 -51.63 3.16 15.87
N ALA D 63 -52.32 2.05 15.63
CA ALA D 63 -53.49 2.06 14.75
C ALA D 63 -54.73 1.83 15.55
N THR D 64 -55.77 2.64 15.37
CA THR D 64 -57.04 2.45 16.08
C THR D 64 -57.83 1.37 15.36
N ILE D 65 -58.39 0.39 16.09
CA ILE D 65 -59.16 -0.71 15.49
C ILE D 65 -60.68 -0.40 15.40
N GLY D 66 -61.28 -0.73 14.25
CA GLY D 66 -62.72 -0.53 14.09
C GLY D 66 -63.31 -1.25 12.90
N PRO D 67 -64.44 -0.76 12.41
CA PRO D 67 -65.10 -1.42 11.26
C PRO D 67 -64.20 -1.61 10.04
N ALA D 68 -63.28 -0.66 9.82
CA ALA D 68 -62.36 -0.76 8.70
C ALA D 68 -61.23 -1.77 8.94
N SER D 69 -60.95 -2.17 10.20
CA SER D 69 -59.80 -2.98 10.51
C SER D 69 -60.01 -4.14 11.51
N ARG D 70 -61.20 -4.72 11.57
CA ARG D 70 -61.45 -5.85 12.45
C ARG D 70 -61.21 -7.19 11.76
N SER D 71 -61.23 -7.26 10.44
CA SER D 71 -61.01 -8.48 9.68
C SER D 71 -59.65 -9.06 10.07
N VAL D 72 -59.55 -10.34 10.49
CA VAL D 72 -58.27 -10.95 10.82
C VAL D 72 -57.29 -10.85 9.62
N GLU D 73 -57.82 -10.96 8.38
CA GLU D 73 -56.99 -10.81 7.19
C GLU D 73 -56.47 -9.41 7.01
N ARG D 74 -57.29 -8.42 7.34
CA ARG D 74 -56.94 -7.01 7.25
C ARG D 74 -55.86 -6.68 8.31
N LEU D 75 -56.01 -7.23 9.54
CA LEU D 75 -55.07 -7.03 10.62
C LEU D 75 -53.70 -7.61 10.29
N LYS D 76 -53.66 -8.76 9.58
CA LYS D 76 -52.40 -9.36 9.17
C LYS D 76 -51.68 -8.43 8.19
N GLU D 77 -52.43 -7.78 7.28
CA GLU D 77 -51.82 -6.85 6.33
C GLU D 77 -51.30 -5.58 7.06
N MET D 78 -52.01 -5.15 8.11
CA MET D 78 -51.61 -3.99 8.89
CA MET D 78 -51.61 -3.99 8.89
C MET D 78 -50.37 -4.25 9.73
N ILE D 79 -50.22 -5.49 10.23
CA ILE D 79 -49.03 -5.85 10.99
C ILE D 79 -47.83 -5.85 10.03
N LYS D 80 -48.01 -6.38 8.80
CA LYS D 80 -46.97 -6.42 7.79
C LYS D 80 -46.59 -5.01 7.33
N ALA D 81 -47.56 -4.08 7.28
CA ALA D 81 -47.35 -2.68 6.90
C ALA D 81 -46.60 -1.89 7.97
N GLY D 82 -46.62 -2.34 9.23
CA GLY D 82 -45.87 -1.67 10.28
C GLY D 82 -46.58 -1.33 11.57
N MET D 83 -47.86 -1.76 11.76
CA MET D 83 -48.57 -1.48 13.00
C MET D 83 -47.86 -2.16 14.19
N ASN D 84 -47.58 -1.40 15.24
CA ASN D 84 -46.92 -1.93 16.43
C ASN D 84 -47.87 -2.00 17.58
N ILE D 85 -48.80 -1.03 17.70
CA ILE D 85 -49.74 -0.98 18.82
C ILE D 85 -51.15 -0.85 18.26
N ALA D 86 -52.10 -1.60 18.82
CA ALA D 86 -53.49 -1.56 18.41
C ALA D 86 -54.31 -0.85 19.48
N ARG D 87 -55.01 0.21 19.10
CA ARG D 87 -55.75 1.03 20.04
C ARG D 87 -57.24 0.74 19.97
N LEU D 88 -57.87 0.60 21.13
CA LEU D 88 -59.30 0.39 21.25
C LEU D 88 -59.85 1.63 21.88
N ASN D 89 -60.71 2.35 21.18
CA ASN D 89 -61.29 3.57 21.69
C ASN D 89 -62.55 3.25 22.47
N PHE D 90 -62.47 3.26 23.84
CA PHE D 90 -63.63 3.04 24.71
C PHE D 90 -64.56 4.28 24.82
N SER D 91 -64.39 5.30 23.93
CA SER D 91 -65.32 6.43 23.79
C SER D 91 -66.66 5.89 23.29
N HIS D 92 -66.64 4.83 22.48
CA HIS D 92 -67.82 4.18 21.97
C HIS D 92 -67.61 2.67 21.77
N GLY D 93 -68.68 1.93 21.49
CA GLY D 93 -68.62 0.48 21.31
C GLY D 93 -68.84 -0.25 22.64
N SER D 94 -69.46 -1.43 22.57
CA SER D 94 -69.73 -2.19 23.78
C SER D 94 -68.52 -3.02 24.21
N HIS D 95 -68.60 -3.61 25.42
CA HIS D 95 -67.53 -4.48 25.89
C HIS D 95 -67.41 -5.71 24.97
N GLU D 96 -68.53 -6.21 24.46
CA GLU D 96 -68.60 -7.32 23.52
C GLU D 96 -67.84 -6.97 22.22
N TYR D 97 -68.09 -5.77 21.69
CA TYR D 97 -67.43 -5.28 20.49
C TYR D 97 -65.90 -5.22 20.69
N HIS D 98 -65.45 -4.67 21.82
CA HIS D 98 -64.03 -4.52 22.08
C HIS D 98 -63.33 -5.86 22.39
N ALA D 99 -64.07 -6.80 23.01
CA ALA D 99 -63.50 -8.13 23.24
C ALA D 99 -63.28 -8.84 21.90
N GLU D 100 -64.17 -8.63 20.91
CA GLU D 100 -64.04 -9.24 19.56
C GLU D 100 -62.82 -8.61 18.84
N SER D 101 -62.61 -7.30 19.01
CA SER D 101 -61.46 -6.62 18.39
C SER D 101 -60.13 -7.19 18.97
N ILE D 102 -60.06 -7.38 20.28
CA ILE D 102 -58.88 -7.94 20.93
C ILE D 102 -58.58 -9.33 20.41
N ALA D 103 -59.62 -10.17 20.34
CA ALA D 103 -59.52 -11.55 19.86
C ALA D 103 -59.01 -11.59 18.42
N ASN D 104 -59.49 -10.68 17.55
CA ASN D 104 -59.04 -10.64 16.17
C ASN D 104 -57.60 -10.17 16.01
N VAL D 105 -57.20 -9.18 16.82
CA VAL D 105 -55.83 -8.68 16.81
C VAL D 105 -54.89 -9.83 17.27
N ARG D 106 -55.21 -10.49 18.40
CA ARG D 106 -54.40 -11.60 18.90
C ARG D 106 -54.28 -12.76 17.91
N GLU D 107 -55.36 -13.06 17.20
CA GLU D 107 -55.35 -14.11 16.21
C GLU D 107 -54.44 -13.75 15.02
N ALA D 108 -54.49 -12.51 14.53
CA ALA D 108 -53.63 -12.08 13.43
C ALA D 108 -52.16 -12.03 13.86
N VAL D 109 -51.89 -11.57 15.11
CA VAL D 109 -50.54 -11.51 15.66
C VAL D 109 -49.94 -12.91 15.84
N GLU D 110 -50.72 -13.83 16.44
CA GLU D 110 -50.22 -15.17 16.69
C GLU D 110 -50.12 -16.01 15.44
N SER D 111 -50.69 -15.58 14.29
CA SER D 111 -50.53 -16.33 13.03
C SER D 111 -49.07 -16.35 12.55
N PHE D 112 -48.23 -15.43 13.08
CA PHE D 112 -46.82 -15.35 12.72
C PHE D 112 -45.89 -15.97 13.77
N ALA D 113 -46.42 -16.52 14.86
CA ALA D 113 -45.61 -17.12 15.92
C ALA D 113 -44.81 -18.39 15.52
N GLY D 114 -45.17 -19.01 14.40
CA GLY D 114 -44.51 -20.22 13.90
C GLY D 114 -43.09 -20.01 13.40
N SER D 115 -42.71 -18.77 13.05
CA SER D 115 -41.34 -18.44 12.60
C SER D 115 -40.84 -17.43 13.61
N PRO D 116 -40.21 -17.91 14.70
CA PRO D 116 -39.85 -16.99 15.80
C PRO D 116 -38.84 -15.88 15.49
N LEU D 117 -37.99 -16.03 14.48
CA LEU D 117 -37.03 -15.00 14.11
C LEU D 117 -37.68 -13.78 13.44
N SER D 118 -38.96 -13.91 12.98
CA SER D 118 -39.68 -12.83 12.30
C SER D 118 -41.01 -12.40 13.02
N TYR D 119 -41.38 -13.05 14.14
CA TYR D 119 -42.57 -12.72 14.91
C TYR D 119 -42.49 -11.27 15.43
N ARG D 120 -43.57 -10.50 15.20
CA ARG D 120 -43.60 -9.12 15.65
C ARG D 120 -44.62 -8.98 16.71
N PRO D 121 -44.23 -8.80 17.98
CA PRO D 121 -45.23 -8.58 19.03
C PRO D 121 -46.00 -7.28 18.74
N VAL D 122 -47.31 -7.23 19.09
CA VAL D 122 -48.14 -6.05 18.89
C VAL D 122 -48.83 -5.77 20.21
N ALA D 123 -48.67 -4.55 20.72
CA ALA D 123 -49.29 -4.19 21.99
C ALA D 123 -50.77 -3.86 21.81
N ILE D 124 -51.56 -4.01 22.87
CA ILE D 124 -52.97 -3.63 22.85
C ILE D 124 -53.18 -2.52 23.87
N ALA D 125 -53.66 -1.37 23.41
CA ALA D 125 -53.88 -0.24 24.29
C ALA D 125 -55.36 0.10 24.40
N LEU D 126 -55.80 0.43 25.61
CA LEU D 126 -57.18 0.81 25.87
C LEU D 126 -57.24 2.30 26.06
N ASP D 127 -58.00 2.99 25.23
CA ASP D 127 -58.17 4.45 25.35
C ASP D 127 -59.48 4.69 26.11
N THR D 128 -59.41 5.28 27.30
CA THR D 128 -60.60 5.49 28.11
C THR D 128 -61.52 6.58 27.54
N LYS D 129 -62.82 6.55 27.90
CA LYS D 129 -63.82 7.52 27.46
C LYS D 129 -63.58 8.88 28.10
N GLY D 130 -63.20 8.89 29.38
CA GLY D 130 -62.89 10.13 30.07
C GLY D 130 -63.90 10.55 31.12
N PRO D 131 -63.58 11.64 31.84
CA PRO D 131 -64.47 12.09 32.91
C PRO D 131 -65.65 12.94 32.49
N GLY D 132 -65.59 13.53 31.30
CA GLY D 132 -66.64 14.41 30.78
C GLY D 132 -66.99 15.56 31.70
N SER D 133 -68.25 15.59 32.16
CA SER D 133 -68.75 16.62 33.07
C SER D 133 -68.23 16.47 34.51
N GLY D 134 -68.03 15.23 34.95
CA GLY D 134 -67.55 14.91 36.29
C GLY D 134 -66.16 15.39 36.67
N PRO D 135 -65.86 15.40 37.98
CA PRO D 135 -64.54 15.86 38.43
C PRO D 135 -63.44 14.78 38.48
N GLY D 136 -63.81 13.56 38.90
CA GLY D 136 -62.87 12.45 39.04
C GLY D 136 -63.05 11.32 38.06
N LEU D 137 -62.73 10.09 38.50
CA LEU D 137 -62.85 8.91 37.63
C LEU D 137 -64.29 8.48 37.49
N SER D 138 -64.83 8.56 36.26
CA SER D 138 -66.21 8.19 35.97
C SER D 138 -66.46 6.69 36.16
N GLU D 139 -67.72 6.31 36.42
CA GLU D 139 -68.09 4.91 36.64
C GLU D 139 -67.82 4.05 35.41
N GLN D 140 -68.02 4.62 34.22
CA GLN D 140 -67.76 3.90 32.99
C GLN D 140 -66.27 3.60 32.86
N ASP D 141 -65.42 4.57 33.22
CA ASP D 141 -63.97 4.40 33.20
C ASP D 141 -63.53 3.28 34.12
N VAL D 142 -64.14 3.14 35.30
CA VAL D 142 -63.82 2.07 36.23
C VAL D 142 -64.14 0.72 35.61
N ARG D 143 -65.28 0.63 34.93
CA ARG D 143 -65.70 -0.61 34.29
C ARG D 143 -64.80 -0.99 33.15
N ASP D 144 -64.40 0.00 32.35
CA ASP D 144 -63.52 -0.22 31.20
C ASP D 144 -62.10 -0.57 31.61
N LEU D 145 -61.60 0.05 32.69
CA LEU D 145 -60.29 -0.29 33.25
C LEU D 145 -60.28 -1.70 33.80
N ARG D 146 -61.38 -2.13 34.48
CA ARG D 146 -61.46 -3.50 34.97
CA ARG D 146 -61.55 -3.50 34.98
C ARG D 146 -61.52 -4.47 33.78
N PHE D 147 -62.22 -4.11 32.68
CA PHE D 147 -62.29 -4.91 31.47
C PHE D 147 -60.90 -5.11 30.90
N GLY D 148 -60.12 -4.04 30.86
CA GLY D 148 -58.76 -4.04 30.33
C GLY D 148 -57.85 -4.98 31.09
N VAL D 149 -57.94 -4.96 32.42
CA VAL D 149 -57.16 -5.85 33.27
C VAL D 149 -57.58 -7.30 33.01
N GLU D 150 -58.89 -7.55 32.90
CA GLU D 150 -59.38 -8.90 32.63
C GLU D 150 -58.98 -9.42 31.27
N HIS D 151 -58.83 -8.55 30.28
CA HIS D 151 -58.42 -8.96 28.95
C HIS D 151 -56.92 -8.85 28.67
N GLY D 152 -56.13 -8.45 29.66
CA GLY D 152 -54.68 -8.39 29.53
C GLY D 152 -54.12 -7.34 28.60
N VAL D 153 -54.68 -6.12 28.64
CA VAL D 153 -54.14 -5.03 27.82
C VAL D 153 -52.77 -4.61 28.37
N ASP D 154 -51.94 -4.03 27.50
CA ASP D 154 -50.60 -3.63 27.91
C ASP D 154 -50.49 -2.17 28.33
N ILE D 155 -51.30 -1.30 27.70
CA ILE D 155 -51.24 0.14 27.90
C ILE D 155 -52.63 0.71 28.08
N VAL D 156 -52.74 1.77 28.84
CA VAL D 156 -53.95 2.51 29.00
C VAL D 156 -53.66 3.97 28.62
N PHE D 157 -54.49 4.56 27.73
CA PHE D 157 -54.37 5.96 27.40
C PHE D 157 -55.46 6.62 28.24
N ALA D 158 -55.09 7.22 29.38
CA ALA D 158 -56.07 7.84 30.25
C ALA D 158 -56.51 9.19 29.69
N SER D 159 -57.77 9.33 29.33
CA SER D 159 -58.28 10.57 28.76
C SER D 159 -58.43 11.67 29.80
N PHE D 160 -58.23 12.94 29.35
CA PHE D 160 -58.36 14.17 30.12
C PHE D 160 -57.69 14.17 31.50
N VAL D 161 -56.41 13.79 31.55
CA VAL D 161 -55.67 13.85 32.81
C VAL D 161 -55.41 15.34 33.11
N ARG D 162 -55.86 15.80 34.26
CA ARG D 162 -55.74 17.21 34.64
C ARG D 162 -54.75 17.47 35.76
N LYS D 163 -54.42 16.45 36.54
CA LYS D 163 -53.49 16.55 37.67
C LYS D 163 -52.98 15.15 38.03
N ALA D 164 -51.94 15.07 38.88
CA ALA D 164 -51.36 13.81 39.31
C ALA D 164 -52.34 12.87 39.98
N SER D 165 -53.30 13.40 40.74
CA SER D 165 -54.29 12.58 41.43
C SER D 165 -55.17 11.79 40.45
N ASP D 166 -55.38 12.32 39.21
CA ASP D 166 -56.13 11.63 38.16
C ASP D 166 -55.40 10.35 37.77
N VAL D 167 -54.06 10.40 37.64
CA VAL D 167 -53.26 9.23 37.31
C VAL D 167 -53.36 8.20 38.45
N ALA D 168 -53.30 8.66 39.71
CA ALA D 168 -53.39 7.77 40.86
C ALA D 168 -54.73 7.03 40.87
N ALA D 169 -55.81 7.71 40.46
CA ALA D 169 -57.14 7.12 40.38
C ALA D 169 -57.20 6.02 39.32
N VAL D 170 -56.54 6.22 38.18
CA VAL D 170 -56.48 5.21 37.14
C VAL D 170 -55.67 4.00 37.60
N ARG D 171 -54.58 4.25 38.31
CA ARG D 171 -53.71 3.22 38.85
C ARG D 171 -54.44 2.35 39.88
N ALA D 172 -55.25 2.99 40.74
CA ALA D 172 -56.03 2.31 41.77
C ALA D 172 -57.14 1.49 41.12
N ALA D 173 -57.76 2.04 40.07
CA ALA D 173 -58.81 1.31 39.35
C ALA D 173 -58.29 0.06 38.63
N LEU D 174 -57.01 0.07 38.26
CA LEU D 174 -56.38 -1.11 37.66
C LEU D 174 -56.16 -2.23 38.70
N GLY D 175 -56.19 -1.90 40.01
CA GLY D 175 -56.02 -2.84 41.10
C GLY D 175 -54.66 -3.51 41.13
N PRO D 176 -54.54 -4.56 41.97
CA PRO D 176 -53.24 -5.27 42.08
C PRO D 176 -52.80 -6.05 40.83
N GLU D 177 -53.76 -6.60 40.08
CA GLU D 177 -53.45 -7.37 38.86
C GLU D 177 -52.92 -6.48 37.71
N GLY D 178 -53.33 -5.21 37.68
CA GLY D 178 -52.92 -4.31 36.63
C GLY D 178 -51.67 -3.53 36.95
N HIS D 179 -50.84 -4.00 37.90
CA HIS D 179 -49.62 -3.29 38.30
CA HIS D 179 -49.61 -3.31 38.32
C HIS D 179 -48.62 -3.12 37.16
N GLY D 180 -48.63 -4.07 36.21
CA GLY D 180 -47.74 -4.08 35.04
C GLY D 180 -48.16 -3.23 33.85
N ILE D 181 -49.41 -2.77 33.82
CA ILE D 181 -49.92 -1.99 32.72
C ILE D 181 -49.32 -0.58 32.69
N LYS D 182 -48.88 -0.12 31.51
CA LYS D 182 -48.34 1.23 31.40
C LYS D 182 -49.48 2.25 31.30
N ILE D 183 -49.36 3.37 32.02
CA ILE D 183 -50.35 4.43 31.98
C ILE D 183 -49.80 5.64 31.22
N ILE D 184 -50.39 5.94 30.06
CA ILE D 184 -50.00 7.06 29.22
C ILE D 184 -51.08 8.13 29.41
N SER D 185 -50.72 9.27 30.01
CA SER D 185 -51.69 10.31 30.28
C SER D 185 -51.94 11.16 29.05
N LYS D 186 -53.19 11.34 28.68
CA LYS D 186 -53.55 12.20 27.57
C LYS D 186 -53.76 13.63 28.06
N ILE D 187 -53.00 14.58 27.49
CA ILE D 187 -53.15 15.98 27.83
C ILE D 187 -54.08 16.57 26.78
N GLU D 188 -55.30 16.92 27.19
CA GLU D 188 -56.32 17.40 26.25
C GLU D 188 -56.87 18.78 26.59
N ASN D 189 -56.37 19.47 27.62
CA ASN D 189 -56.92 20.78 28.01
C ASN D 189 -55.87 21.69 28.69
N HIS D 190 -56.25 22.94 29.00
CA HIS D 190 -55.34 23.91 29.59
C HIS D 190 -54.75 23.49 30.95
N GLU D 191 -55.55 22.93 31.85
CA GLU D 191 -55.06 22.50 33.16
C GLU D 191 -54.00 21.42 33.02
N GLY D 192 -54.23 20.46 32.12
CA GLY D 192 -53.27 19.40 31.85
C GLY D 192 -51.94 19.94 31.37
N VAL D 193 -51.96 20.97 30.54
CA VAL D 193 -50.75 21.60 30.03
C VAL D 193 -50.05 22.33 31.16
N LYS D 194 -50.81 23.03 32.01
CA LYS D 194 -50.22 23.78 33.13
C LYS D 194 -49.64 22.89 34.22
N ARG D 195 -50.31 21.78 34.52
CA ARG D 195 -49.82 20.84 35.51
C ARG D 195 -49.05 19.67 34.90
N PHE D 196 -48.50 19.86 33.70
CA PHE D 196 -47.77 18.86 32.97
C PHE D 196 -46.68 18.17 33.77
N ASP D 197 -45.81 18.92 34.43
CA ASP D 197 -44.69 18.34 35.18
C ASP D 197 -45.12 17.37 36.27
N GLU D 198 -46.19 17.68 37.01
CA GLU D 198 -46.68 16.77 38.06
C GLU D 198 -47.33 15.49 37.46
N ILE D 199 -47.98 15.63 36.29
CA ILE D 199 -48.60 14.52 35.59
C ILE D 199 -47.53 13.59 35.02
N LEU D 200 -46.50 14.16 34.42
CA LEU D 200 -45.41 13.38 33.83
C LEU D 200 -44.65 12.60 34.89
N GLU D 201 -44.45 13.19 36.06
CA GLU D 201 -43.76 12.54 37.16
C GLU D 201 -44.38 11.19 37.55
N VAL D 202 -45.71 11.12 37.53
CA VAL D 202 -46.41 9.93 37.93
C VAL D 202 -46.92 9.06 36.78
N SER D 203 -46.73 9.48 35.53
CA SER D 203 -47.19 8.69 34.38
C SER D 203 -46.05 7.94 33.74
N ASP D 204 -46.37 6.86 33.02
CA ASP D 204 -45.34 6.13 32.27
C ASP D 204 -44.98 6.87 30.96
N GLY D 205 -45.86 7.74 30.48
CA GLY D 205 -45.68 8.53 29.27
C GLY D 205 -46.82 9.49 29.06
N ILE D 206 -46.76 10.23 27.95
CA ILE D 206 -47.74 11.25 27.61
C ILE D 206 -48.27 11.09 26.19
N MET D 207 -49.53 11.45 26.00
CA MET D 207 -50.10 11.53 24.67
C MET D 207 -50.55 12.96 24.44
N VAL D 208 -50.06 13.60 23.38
CA VAL D 208 -50.49 14.95 23.01
C VAL D 208 -51.79 14.71 22.22
N ALA D 209 -52.94 14.81 22.91
CA ALA D 209 -54.25 14.55 22.30
C ALA D 209 -54.75 15.83 21.64
N ARG D 210 -54.26 16.11 20.44
CA ARG D 210 -54.51 17.35 19.72
C ARG D 210 -55.98 17.66 19.37
N GLY D 211 -56.82 16.65 19.22
CA GLY D 211 -58.24 16.84 18.92
C GLY D 211 -58.96 17.70 19.95
N ASP D 212 -59.03 17.23 21.19
CA ASP D 212 -59.67 17.99 22.27
C ASP D 212 -58.86 19.21 22.62
N LEU D 213 -57.53 19.07 22.68
CA LEU D 213 -56.63 20.18 22.98
C LEU D 213 -56.86 21.39 22.05
N GLY D 214 -57.09 21.12 20.77
CA GLY D 214 -57.38 22.15 19.76
C GLY D 214 -58.69 22.89 19.93
N ILE D 215 -59.56 22.38 20.80
CA ILE D 215 -60.84 23.00 21.14
C ILE D 215 -60.73 23.73 22.47
N GLU D 216 -60.02 23.11 23.43
CA GLU D 216 -59.84 23.66 24.78
C GLU D 216 -58.94 24.86 24.81
N ILE D 217 -57.95 24.91 23.91
CA ILE D 217 -57.04 26.04 23.76
C ILE D 217 -57.10 26.51 22.28
N PRO D 218 -56.74 27.75 21.98
CA PRO D 218 -56.77 28.21 20.57
C PRO D 218 -56.00 27.29 19.63
N ALA D 219 -56.60 26.93 18.49
CA ALA D 219 -56.01 26.02 17.50
C ALA D 219 -54.58 26.36 17.12
N GLU D 220 -54.28 27.66 17.00
CA GLU D 220 -52.96 28.15 16.64
C GLU D 220 -51.90 27.97 17.73
N LYS D 221 -52.28 27.56 18.95
CA LYS D 221 -51.32 27.36 20.03
C LYS D 221 -50.96 25.89 20.24
N VAL D 222 -51.71 24.95 19.64
CA VAL D 222 -51.49 23.53 19.81
C VAL D 222 -50.07 23.08 19.45
N PHE D 223 -49.48 23.62 18.37
CA PHE D 223 -48.10 23.28 18.01
C PHE D 223 -47.11 23.62 19.13
N LEU D 224 -47.39 24.67 19.91
CA LEU D 224 -46.51 25.06 21.00
C LEU D 224 -46.60 24.01 22.10
N ALA D 225 -47.83 23.56 22.42
CA ALA D 225 -48.05 22.57 23.44
C ALA D 225 -47.41 21.25 23.00
N GLN D 226 -47.55 20.87 21.72
CA GLN D 226 -46.93 19.66 21.21
C GLN D 226 -45.39 19.71 21.38
N LYS D 227 -44.76 20.81 20.95
CA LYS D 227 -43.31 20.95 21.04
C LYS D 227 -42.79 20.99 22.47
N MET D 228 -43.50 21.69 23.37
CA MET D 228 -43.08 21.73 24.76
C MET D 228 -43.18 20.33 25.39
N MET D 229 -44.31 19.63 25.16
CA MET D 229 -44.52 18.32 25.75
C MET D 229 -43.55 17.29 25.23
N ILE D 230 -43.27 17.28 23.91
CA ILE D 230 -42.30 16.34 23.37
C ILE D 230 -40.91 16.61 23.97
N GLY D 231 -40.54 17.88 24.05
CA GLY D 231 -39.26 18.28 24.65
C GLY D 231 -39.10 17.80 26.07
N ARG D 232 -40.12 18.02 26.91
CA ARG D 232 -40.04 17.60 28.31
C ARG D 232 -40.02 16.09 28.49
N CYS D 233 -40.71 15.36 27.61
CA CYS D 233 -40.70 13.89 27.67
C CYS D 233 -39.37 13.33 27.22
N ASN D 234 -38.77 13.92 26.19
CA ASN D 234 -37.44 13.54 25.72
C ASN D 234 -36.41 13.80 26.85
N LEU D 235 -36.57 14.90 27.56
CA LEU D 235 -35.73 15.27 28.66
C LEU D 235 -35.91 14.24 29.81
N ALA D 236 -37.15 13.83 30.08
CA ALA D 236 -37.43 12.86 31.15
C ALA D 236 -37.08 11.41 30.77
N GLY D 237 -36.93 11.12 29.47
CA GLY D 237 -36.71 9.76 29.01
C GLY D 237 -38.00 8.94 29.00
N LYS D 238 -39.17 9.61 28.95
CA LYS D 238 -40.46 8.91 28.96
C LYS D 238 -41.13 8.98 27.59
N PRO D 239 -41.85 7.93 27.17
CA PRO D 239 -42.48 7.95 25.84
C PRO D 239 -43.50 9.06 25.65
N VAL D 240 -43.54 9.61 24.42
CA VAL D 240 -44.51 10.61 24.07
C VAL D 240 -45.17 10.22 22.74
N VAL D 241 -46.50 10.29 22.70
CA VAL D 241 -47.26 9.95 21.50
C VAL D 241 -47.88 11.21 20.89
N CYS D 242 -47.75 11.39 19.58
CA CYS D 242 -48.44 12.47 18.90
C CYS D 242 -49.67 11.86 18.23
N ALA D 243 -50.84 12.41 18.52
CA ALA D 243 -52.07 11.85 17.99
C ALA D 243 -53.02 12.86 17.36
N THR D 244 -53.97 12.37 16.53
CA THR D 244 -55.15 13.02 15.95
C THR D 244 -54.92 13.86 14.70
N GLN D 245 -55.65 13.46 13.62
CA GLN D 245 -55.71 14.09 12.30
C GLN D 245 -54.37 14.15 11.59
N MET D 246 -53.47 13.20 11.86
CA MET D 246 -52.18 13.17 11.20
C MET D 246 -52.29 12.95 9.69
N LEU D 247 -53.14 11.98 9.26
CA LEU D 247 -53.39 11.68 7.85
C LEU D 247 -54.91 11.67 7.60
N GLU D 248 -55.65 12.55 8.27
CA GLU D 248 -57.12 12.69 8.22
C GLU D 248 -57.74 12.50 6.83
N SER D 249 -57.22 13.15 5.79
CA SER D 249 -57.76 13.03 4.44
C SER D 249 -57.74 11.60 3.87
N MET D 250 -56.86 10.73 4.40
CA MET D 250 -56.78 9.36 3.95
C MET D 250 -57.98 8.50 4.37
N ILE D 251 -58.92 9.07 5.16
CA ILE D 251 -60.13 8.36 5.51
C ILE D 251 -60.98 8.09 4.20
N THR D 252 -60.93 9.02 3.25
CA THR D 252 -61.67 8.90 2.00
C THR D 252 -60.80 8.94 0.74
N LYS D 253 -59.59 9.51 0.83
CA LYS D 253 -58.71 9.61 -0.31
C LYS D 253 -57.51 8.65 -0.19
N PRO D 254 -57.07 8.03 -1.30
CA PRO D 254 -55.95 7.09 -1.22
C PRO D 254 -54.59 7.75 -0.94
N ARG D 255 -54.48 9.10 -1.08
CA ARG D 255 -53.23 9.82 -0.85
C ARG D 255 -53.43 10.96 0.14
N PRO D 256 -52.46 11.23 1.03
CA PRO D 256 -52.64 12.33 1.99
C PRO D 256 -52.36 13.70 1.37
N THR D 257 -52.72 14.78 2.09
CA THR D 257 -52.42 16.13 1.64
C THR D 257 -50.94 16.45 1.97
N ARG D 258 -50.40 17.51 1.35
CA ARG D 258 -49.03 17.94 1.60
C ARG D 258 -48.84 18.36 3.06
N ALA D 259 -49.89 18.92 3.71
CA ALA D 259 -49.82 19.31 5.12
C ALA D 259 -49.76 18.08 6.05
N GLU D 260 -50.39 16.98 5.63
CA GLU D 260 -50.44 15.76 6.40
C GLU D 260 -49.12 15.06 6.45
N THR D 261 -48.46 14.87 5.29
CA THR D 261 -47.15 14.23 5.28
C THR D 261 -46.13 15.09 6.07
N SER D 262 -46.25 16.41 5.92
CA SER D 262 -45.40 17.36 6.64
C SER D 262 -45.65 17.23 8.18
N ASP D 263 -46.91 17.11 8.59
CA ASP D 263 -47.23 16.96 10.02
C ASP D 263 -46.61 15.69 10.63
N VAL D 264 -46.67 14.56 9.89
CA VAL D 264 -46.10 13.31 10.39
C VAL D 264 -44.60 13.47 10.52
N ALA D 265 -43.96 13.99 9.48
CA ALA D 265 -42.51 14.19 9.48
C ALA D 265 -42.06 15.11 10.61
N ASN D 266 -42.83 16.17 10.86
CA ASN D 266 -42.50 17.11 11.90
C ASN D 266 -42.67 16.54 13.28
N ALA D 267 -43.64 15.64 13.51
CA ALA D 267 -43.82 15.02 14.82
C ALA D 267 -42.58 14.10 15.12
N VAL D 268 -42.08 13.39 14.09
CA VAL D 268 -40.91 12.54 14.27
C VAL D 268 -39.69 13.43 14.51
N LEU D 269 -39.50 14.48 13.69
CA LEU D 269 -38.38 15.40 13.90
C LEU D 269 -38.41 16.04 15.28
N ASP D 270 -39.59 16.43 15.79
CA ASP D 270 -39.78 17.02 17.12
C ASP D 270 -39.26 16.07 18.21
N GLY D 271 -39.42 14.78 18.01
CA GLY D 271 -38.94 13.79 18.96
C GLY D 271 -40.00 12.84 19.47
N ALA D 272 -41.14 12.71 18.76
CA ALA D 272 -42.21 11.81 19.19
C ALA D 272 -41.79 10.33 19.15
N ASP D 273 -42.09 9.58 20.22
CA ASP D 273 -41.78 8.14 20.24
C ASP D 273 -42.80 7.37 19.40
N CYS D 274 -44.08 7.80 19.38
CA CYS D 274 -45.15 7.13 18.61
C CYS D 274 -45.96 8.13 17.85
N ILE D 275 -46.47 7.70 16.70
CA ILE D 275 -47.40 8.44 15.89
C ILE D 275 -48.66 7.57 15.76
N MET D 276 -49.82 8.20 15.74
CA MET D 276 -51.08 7.50 15.76
C MET D 276 -51.97 7.74 14.56
N LEU D 277 -52.80 6.74 14.24
CA LEU D 277 -53.85 6.80 13.25
C LEU D 277 -55.15 6.51 14.00
N SER D 278 -56.16 7.37 13.84
CA SER D 278 -57.44 7.19 14.49
C SER D 278 -58.49 6.79 13.46
N GLY D 279 -59.22 7.75 12.88
CA GLY D 279 -60.25 7.49 11.88
C GLY D 279 -59.73 6.77 10.67
N GLU D 280 -58.48 7.10 10.32
CA GLU D 280 -57.75 6.59 9.15
C GLU D 280 -57.70 5.09 9.15
N THR D 281 -57.61 4.45 10.32
CA THR D 281 -57.61 2.98 10.37
C THR D 281 -58.86 2.37 10.97
N ALA D 282 -59.53 3.09 11.85
CA ALA D 282 -60.71 2.55 12.50
C ALA D 282 -61.87 2.47 11.59
N LYS D 283 -62.04 3.48 10.71
CA LYS D 283 -63.27 3.56 9.97
C LYS D 283 -63.11 3.97 8.48
N GLY D 284 -61.93 4.39 8.07
CA GLY D 284 -61.68 4.83 6.70
C GLY D 284 -61.63 3.75 5.64
N ASN D 285 -61.38 4.15 4.36
CA ASN D 285 -61.34 3.21 3.23
C ASN D 285 -59.96 2.71 2.88
N PHE D 286 -58.90 3.31 3.47
CA PHE D 286 -57.53 2.91 3.15
C PHE D 286 -56.70 2.64 4.42
N PRO D 287 -57.14 1.73 5.31
CA PRO D 287 -56.40 1.54 6.56
C PRO D 287 -54.99 1.04 6.38
N VAL D 288 -54.75 0.14 5.43
CA VAL D 288 -53.41 -0.39 5.19
C VAL D 288 -52.50 0.65 4.57
N GLU D 289 -53.05 1.47 3.67
CA GLU D 289 -52.34 2.54 2.97
C GLU D 289 -51.91 3.65 3.94
N ALA D 290 -52.76 3.94 4.95
CA ALA D 290 -52.44 4.93 5.97
C ALA D 290 -51.28 4.45 6.83
N VAL D 291 -51.25 3.15 7.18
CA VAL D 291 -50.16 2.58 7.98
C VAL D 291 -48.86 2.61 7.16
N LYS D 292 -48.95 2.25 5.86
CA LYS D 292 -47.79 2.28 4.97
C LYS D 292 -47.24 3.69 4.80
N MET D 293 -48.14 4.68 4.73
CA MET D 293 -47.75 6.07 4.55
C MET D 293 -46.99 6.56 5.78
N GLN D 294 -47.48 6.26 6.98
CA GLN D 294 -46.78 6.65 8.21
C GLN D 294 -45.43 6.00 8.30
N HIS D 295 -45.33 4.75 7.85
CA HIS D 295 -44.08 4.01 7.87
C HIS D 295 -43.05 4.68 6.96
N ALA D 296 -43.45 5.00 5.72
CA ALA D 296 -42.62 5.65 4.71
C ALA D 296 -42.09 7.01 5.19
N ILE D 297 -42.98 7.87 5.74
CA ILE D 297 -42.57 9.18 6.22
C ILE D 297 -41.66 9.07 7.43
N ALA D 298 -42.02 8.25 8.45
CA ALA D 298 -41.19 8.11 9.64
C ALA D 298 -39.75 7.68 9.32
N ARG D 299 -39.55 6.74 8.37
CA ARG D 299 -38.21 6.31 7.95
C ARG D 299 -37.38 7.48 7.41
N GLU D 300 -37.97 8.32 6.54
CA GLU D 300 -37.29 9.47 5.98
C GLU D 300 -36.99 10.51 7.05
N ALA D 301 -37.96 10.81 7.92
CA ALA D 301 -37.80 11.80 8.97
C ALA D 301 -36.75 11.39 9.99
N GLU D 302 -36.68 10.11 10.35
CA GLU D 302 -35.68 9.66 11.30
C GLU D 302 -34.25 9.89 10.79
N ALA D 303 -34.01 9.71 9.46
CA ALA D 303 -32.71 9.95 8.90
C ALA D 303 -32.37 11.46 8.90
N ALA D 304 -33.38 12.34 8.80
CA ALA D 304 -33.17 13.79 8.79
C ALA D 304 -32.91 14.42 10.17
N VAL D 305 -32.92 13.63 11.24
CA VAL D 305 -32.67 14.13 12.58
C VAL D 305 -31.21 14.57 12.68
N TYR D 306 -30.92 15.73 13.29
CA TYR D 306 -29.54 16.23 13.42
C TYR D 306 -28.93 15.68 14.72
N HIS D 307 -28.46 14.42 14.68
CA HIS D 307 -27.90 13.71 15.84
C HIS D 307 -26.73 14.42 16.50
N ARG D 308 -25.91 15.16 15.73
CA ARG D 308 -24.78 15.89 16.32
C ARG D 308 -25.24 16.84 17.46
N GLN D 309 -26.29 17.63 17.22
CA GLN D 309 -26.80 18.52 18.24
C GLN D 309 -27.65 17.77 19.27
N LEU D 310 -28.57 16.92 18.78
CA LEU D 310 -29.46 16.16 19.65
C LEU D 310 -28.73 15.35 20.72
N PHE D 311 -27.71 14.57 20.34
CA PHE D 311 -26.97 13.77 21.29
C PHE D 311 -26.26 14.63 22.32
N GLU D 312 -25.63 15.73 21.88
CA GLU D 312 -24.95 16.63 22.81
C GLU D 312 -25.90 17.24 23.81
N GLU D 313 -27.05 17.72 23.33
CA GLU D 313 -28.03 18.32 24.22
C GLU D 313 -28.62 17.31 25.19
N LEU D 314 -28.90 16.07 24.72
CA LEU D 314 -29.43 15.02 25.60
C LEU D 314 -28.42 14.65 26.67
N ARG D 315 -27.11 14.51 26.34
CA ARG D 315 -26.12 14.21 27.38
C ARG D 315 -26.02 15.39 28.36
N ARG D 316 -25.86 16.62 27.85
CA ARG D 316 -25.72 17.81 28.69
C ARG D 316 -26.89 17.96 29.69
N ALA D 317 -28.12 17.72 29.23
CA ALA D 317 -29.31 17.85 30.06
C ALA D 317 -29.49 16.73 31.07
N ALA D 318 -29.03 15.52 30.73
CA ALA D 318 -29.17 14.39 31.65
C ALA D 318 -28.29 14.61 32.86
N PRO D 319 -28.80 14.31 34.04
CA PRO D 319 -27.96 14.50 35.24
C PRO D 319 -26.97 13.34 35.44
N LEU D 320 -25.94 13.53 36.31
CA LEU D 320 -25.02 12.44 36.62
C LEU D 320 -25.78 11.30 37.29
N SER D 321 -25.43 10.06 36.96
CA SER D 321 -26.11 8.92 37.52
C SER D 321 -25.15 7.94 38.07
N ARG D 322 -25.52 7.33 39.17
CA ARG D 322 -24.73 6.26 39.74
C ARG D 322 -25.41 4.90 39.53
N ASP D 323 -26.46 4.83 38.69
CA ASP D 323 -27.16 3.60 38.37
C ASP D 323 -26.40 2.95 37.21
N PRO D 324 -25.85 1.75 37.43
CA PRO D 324 -25.05 1.11 36.38
C PRO D 324 -25.78 0.91 35.08
N THR D 325 -27.11 0.74 35.12
CA THR D 325 -27.88 0.56 33.90
C THR D 325 -27.82 1.84 33.06
N GLU D 326 -28.00 2.98 33.72
CA GLU D 326 -27.93 4.29 33.08
C GLU D 326 -26.49 4.58 32.56
N VAL D 327 -25.46 4.29 33.37
CA VAL D 327 -24.06 4.48 33.00
C VAL D 327 -23.67 3.63 31.79
N THR D 328 -24.08 2.35 31.79
CA THR D 328 -23.81 1.46 30.67
C THR D 328 -24.56 1.93 29.42
N ALA D 329 -25.80 2.47 29.59
CA ALA D 329 -26.59 2.92 28.47
C ALA D 329 -25.93 4.04 27.71
N ILE D 330 -25.43 5.08 28.40
CA ILE D 330 -24.77 6.17 27.69
C ILE D 330 -23.41 5.75 27.07
N GLY D 331 -22.71 4.82 27.72
CA GLY D 331 -21.48 4.29 27.16
C GLY D 331 -21.75 3.54 25.87
N ALA D 332 -22.80 2.69 25.87
CA ALA D 332 -23.20 1.92 24.70
C ALA D 332 -23.64 2.81 23.53
N VAL D 333 -24.42 3.87 23.79
CA VAL D 333 -24.87 4.76 22.74
C VAL D 333 -23.66 5.49 22.16
N GLU D 334 -22.75 5.96 23.01
CA GLU D 334 -21.54 6.65 22.55
CA GLU D 334 -21.55 6.64 22.55
C GLU D 334 -20.70 5.71 21.67
N ALA D 335 -20.51 4.45 22.08
CA ALA D 335 -19.76 3.49 21.31
C ALA D 335 -20.44 3.17 19.99
N ALA D 336 -21.76 3.11 19.96
CA ALA D 336 -22.51 2.85 18.72
C ALA D 336 -22.29 3.98 17.71
N PHE D 337 -22.22 5.23 18.17
CA PHE D 337 -21.96 6.36 17.28
C PHE D 337 -20.54 6.31 16.73
N LYS D 338 -19.58 5.90 17.55
CA LYS D 338 -18.16 5.83 17.16
C LYS D 338 -17.87 4.89 16.00
N CYS D 339 -18.56 3.76 15.95
CA CYS D 339 -18.32 2.77 14.90
C CYS D 339 -19.44 2.63 13.88
N CYS D 340 -20.49 3.47 13.96
CA CYS D 340 -21.64 3.36 13.07
C CYS D 340 -22.28 1.98 13.22
N ALA D 341 -22.41 1.51 14.47
CA ALA D 341 -22.94 0.19 14.78
C ALA D 341 -24.32 0.00 14.18
N ALA D 342 -24.55 -1.16 13.60
CA ALA D 342 -25.84 -1.45 12.99
C ALA D 342 -26.93 -1.55 14.07
N ALA D 343 -26.59 -2.11 15.23
CA ALA D 343 -27.56 -2.30 16.28
C ALA D 343 -26.88 -2.37 17.66
N ILE D 344 -27.67 -2.20 18.70
CA ILE D 344 -27.31 -2.38 20.08
C ILE D 344 -28.24 -3.49 20.51
N ILE D 345 -27.73 -4.67 20.81
CA ILE D 345 -28.55 -5.78 21.26
C ILE D 345 -28.57 -5.72 22.76
N VAL D 346 -29.76 -5.64 23.38
CA VAL D 346 -29.84 -5.57 24.83
C VAL D 346 -30.76 -6.65 25.38
N LEU D 347 -30.36 -7.26 26.52
CA LEU D 347 -31.18 -8.27 27.14
C LEU D 347 -31.97 -7.52 28.20
N THR D 348 -33.28 -7.71 28.21
CA THR D 348 -34.11 -6.99 29.16
C THR D 348 -35.25 -7.87 29.68
N THR D 349 -35.57 -7.72 30.96
CA THR D 349 -36.65 -8.48 31.56
C THR D 349 -37.92 -7.60 31.62
N THR D 350 -37.75 -6.34 32.02
CA THR D 350 -38.83 -5.36 32.16
C THR D 350 -38.89 -4.34 31.02
N GLY D 351 -37.84 -4.26 30.23
CA GLY D 351 -37.75 -3.25 29.16
C GLY D 351 -36.93 -2.05 29.57
N ARG D 352 -36.66 -1.89 30.88
CA ARG D 352 -35.94 -0.75 31.41
C ARG D 352 -34.58 -0.50 30.75
N SER D 353 -33.75 -1.54 30.56
CA SER D 353 -32.45 -1.34 29.91
C SER D 353 -32.60 -0.82 28.48
N ALA D 354 -33.62 -1.30 27.75
CA ALA D 354 -33.85 -0.82 26.38
C ALA D 354 -34.36 0.64 26.43
N GLN D 355 -35.18 0.98 27.43
CA GLN D 355 -35.69 2.34 27.57
C GLN D 355 -34.56 3.33 27.83
N LEU D 356 -33.61 2.96 28.71
CA LEU D 356 -32.48 3.84 28.99
C LEU D 356 -31.56 4.02 27.81
N LEU D 357 -31.47 3.04 26.90
CA LEU D 357 -30.66 3.22 25.68
C LEU D 357 -31.40 4.19 24.74
N SER D 358 -32.71 3.98 24.58
CA SER D 358 -33.62 4.74 23.74
C SER D 358 -33.65 6.26 24.08
N ARG D 359 -33.56 6.65 25.36
CA ARG D 359 -33.59 8.05 25.73
C ARG D 359 -32.44 8.89 25.12
N TYR D 360 -31.30 8.24 24.83
CA TYR D 360 -30.18 8.96 24.21
C TYR D 360 -30.28 9.04 22.69
N ARG D 361 -31.39 8.57 22.12
CA ARG D 361 -31.69 8.63 20.72
C ARG D 361 -30.56 8.14 19.81
N PRO D 362 -30.13 6.87 19.94
CA PRO D 362 -29.10 6.37 19.03
C PRO D 362 -29.60 6.24 17.60
N ARG D 363 -28.68 6.33 16.65
CA ARG D 363 -29.00 6.06 15.25
C ARG D 363 -29.11 4.51 15.08
N ALA D 364 -28.33 3.72 15.86
CA ALA D 364 -28.36 2.27 15.85
C ALA D 364 -29.68 1.74 16.46
N ALA D 365 -30.22 0.68 15.87
CA ALA D 365 -31.44 0.05 16.33
C ALA D 365 -31.17 -0.63 17.65
N VAL D 366 -32.09 -0.52 18.61
CA VAL D 366 -31.96 -1.20 19.88
C VAL D 366 -32.80 -2.49 19.78
N ILE D 367 -32.14 -3.62 19.54
CA ILE D 367 -32.83 -4.91 19.46
C ILE D 367 -32.98 -5.45 20.88
N ALA D 368 -34.18 -5.42 21.45
CA ALA D 368 -34.36 -5.87 22.83
C ALA D 368 -34.81 -7.33 22.88
N VAL D 369 -33.97 -8.21 23.43
CA VAL D 369 -34.30 -9.63 23.54
C VAL D 369 -34.87 -9.87 24.90
N THR D 370 -36.10 -10.40 24.97
CA THR D 370 -36.77 -10.62 26.24
C THR D 370 -37.59 -11.89 26.25
N ARG D 371 -37.82 -12.42 27.44
CA ARG D 371 -38.67 -13.59 27.62
C ARG D 371 -40.09 -13.17 28.01
N SER D 372 -40.27 -11.94 28.58
CA SER D 372 -41.55 -11.38 28.98
C SER D 372 -42.34 -10.92 27.74
N ALA D 373 -43.47 -11.57 27.47
CA ALA D 373 -44.32 -11.20 26.35
C ALA D 373 -44.90 -9.78 26.57
N GLN D 374 -45.23 -9.43 27.81
CA GLN D 374 -45.75 -8.10 28.12
C GLN D 374 -44.67 -7.04 27.86
N ALA D 375 -43.42 -7.25 28.35
CA ALA D 375 -42.34 -6.30 28.10
C ALA D 375 -42.09 -6.16 26.60
N ALA D 376 -42.15 -7.26 25.86
CA ALA D 376 -41.95 -7.21 24.41
C ALA D 376 -43.00 -6.31 23.74
N ARG D 377 -44.26 -6.37 24.20
CA ARG D 377 -45.30 -5.54 23.62
C ARG D 377 -45.12 -4.08 24.07
N GLN D 378 -44.86 -3.86 25.37
CA GLN D 378 -44.73 -2.52 25.94
C GLN D 378 -43.52 -1.69 25.45
N VAL D 379 -42.40 -2.30 25.04
CA VAL D 379 -41.25 -1.52 24.58
C VAL D 379 -41.51 -0.80 23.23
N HIS D 380 -42.63 -1.07 22.59
CA HIS D 380 -43.00 -0.35 21.37
C HIS D 380 -43.21 1.15 21.68
N LEU D 381 -43.49 1.51 22.94
CA LEU D 381 -43.64 2.89 23.33
C LEU D 381 -42.32 3.66 23.20
N CYS D 382 -41.16 3.01 23.25
CA CYS D 382 -39.86 3.66 23.20
C CYS D 382 -39.28 3.71 21.81
N ARG D 383 -38.92 4.91 21.31
CA ARG D 383 -38.38 5.03 19.95
C ARG D 383 -37.11 4.20 19.77
N GLY D 384 -37.06 3.46 18.69
CA GLY D 384 -35.90 2.69 18.31
C GLY D 384 -35.75 1.34 18.95
N VAL D 385 -36.76 0.88 19.73
CA VAL D 385 -36.64 -0.42 20.37
C VAL D 385 -37.41 -1.46 19.57
N PHE D 386 -36.73 -2.47 19.10
CA PHE D 386 -37.30 -3.56 18.30
C PHE D 386 -37.34 -4.81 19.19
N PRO D 387 -38.51 -5.14 19.73
CA PRO D 387 -38.59 -6.28 20.66
C PRO D 387 -38.55 -7.63 19.99
N LEU D 388 -37.88 -8.57 20.65
CA LEU D 388 -37.76 -9.95 20.19
C LEU D 388 -38.17 -10.84 21.30
N LEU D 389 -39.23 -11.62 21.10
CA LEU D 389 -39.69 -12.52 22.14
C LEU D 389 -38.96 -13.85 22.02
N TYR D 390 -38.16 -14.17 23.06
CA TYR D 390 -37.36 -15.37 23.10
C TYR D 390 -38.19 -16.46 23.72
N ARG D 391 -38.45 -17.51 22.94
CA ARG D 391 -39.33 -18.60 23.37
C ARG D 391 -38.61 -19.85 23.83
N GLU D 392 -37.33 -20.01 23.49
CA GLU D 392 -36.55 -21.19 23.88
C GLU D 392 -36.41 -21.37 25.40
N PRO D 393 -36.33 -22.63 25.86
CA PRO D 393 -36.21 -22.88 27.30
C PRO D 393 -34.77 -22.64 27.80
N PRO D 394 -34.62 -22.26 29.07
CA PRO D 394 -33.29 -21.93 29.59
C PRO D 394 -32.20 -23.01 29.48
N GLU D 395 -30.96 -22.57 29.29
CA GLU D 395 -29.79 -23.44 29.27
C GLU D 395 -29.33 -23.72 30.71
N ALA D 396 -28.54 -24.79 30.90
CA ALA D 396 -28.06 -25.15 32.24
C ALA D 396 -27.09 -24.12 32.77
N ILE D 397 -26.23 -23.60 31.91
CA ILE D 397 -25.29 -22.55 32.32
C ILE D 397 -25.83 -21.19 31.87
N TRP D 398 -26.03 -20.26 32.82
CA TRP D 398 -26.55 -18.92 32.52
C TRP D 398 -25.77 -18.18 31.45
N ALA D 399 -24.45 -18.22 31.49
CA ALA D 399 -23.61 -17.56 30.48
C ALA D 399 -23.94 -18.08 29.05
N ASP D 400 -24.27 -19.37 28.94
CA ASP D 400 -24.64 -19.95 27.65
C ASP D 400 -26.03 -19.47 27.21
N ASP D 401 -26.94 -19.34 28.18
CA ASP D 401 -28.29 -18.87 27.95
C ASP D 401 -28.27 -17.43 27.47
N VAL D 402 -27.37 -16.60 28.04
CA VAL D 402 -27.18 -15.23 27.66
C VAL D 402 -26.66 -15.18 26.24
N ASP D 403 -25.66 -15.99 25.93
CA ASP D 403 -25.09 -16.03 24.58
C ASP D 403 -26.04 -16.55 23.54
N ARG D 404 -26.96 -17.45 23.90
CA ARG D 404 -27.97 -17.92 22.94
C ARG D 404 -28.97 -16.80 22.61
N ARG D 405 -29.32 -15.99 23.62
CA ARG D 405 -30.22 -14.88 23.44
C ARG D 405 -29.57 -13.78 22.58
N VAL D 406 -28.25 -13.58 22.72
CA VAL D 406 -27.54 -12.61 21.90
C VAL D 406 -27.50 -13.12 20.45
N GLN D 407 -27.23 -14.41 20.25
CA GLN D 407 -27.23 -15.00 18.90
C GLN D 407 -28.61 -14.91 18.28
N PHE D 408 -29.67 -15.06 19.07
CA PHE D 408 -31.04 -14.97 18.59
C PHE D 408 -31.31 -13.54 18.04
N GLY D 409 -30.79 -12.52 18.73
CA GLY D 409 -30.92 -11.15 18.28
C GLY D 409 -30.17 -10.93 16.98
N ILE D 410 -28.96 -11.52 16.87
CA ILE D 410 -28.18 -11.43 15.66
C ILE D 410 -28.89 -12.13 14.49
N GLU D 411 -29.44 -13.32 14.73
CA GLU D 411 -30.15 -14.07 13.71
C GLU D 411 -31.40 -13.35 13.24
N SER D 412 -32.21 -12.83 14.19
CA SER D 412 -33.39 -12.03 13.86
C SER D 412 -32.98 -10.78 13.09
N GLY D 413 -31.92 -10.11 13.53
CA GLY D 413 -31.39 -8.94 12.88
C GLY D 413 -30.98 -9.21 11.45
N LYS D 414 -30.25 -10.32 11.19
CA LYS D 414 -29.80 -10.68 9.84
C LYS D 414 -31.01 -10.97 8.96
N LEU D 415 -31.97 -11.77 9.47
CA LEU D 415 -33.18 -12.17 8.74
C LEU D 415 -34.03 -10.95 8.36
N ARG D 416 -34.18 -10.00 9.28
CA ARG D 416 -34.99 -8.82 9.06
C ARG D 416 -34.32 -7.71 8.29
N GLY D 417 -33.02 -7.83 8.00
CA GLY D 417 -32.31 -6.84 7.23
C GLY D 417 -31.48 -5.85 8.01
N PHE D 418 -31.61 -5.81 9.34
CA PHE D 418 -30.82 -4.91 10.18
C PHE D 418 -29.30 -5.17 10.07
N LEU D 419 -28.89 -6.44 10.01
CA LEU D 419 -27.48 -6.80 10.07
C LEU D 419 -26.98 -7.58 8.89
N ARG D 420 -25.68 -7.38 8.60
CA ARG D 420 -24.93 -8.13 7.59
C ARG D 420 -23.60 -8.59 8.22
N VAL D 421 -22.97 -9.60 7.63
CA VAL D 421 -21.67 -10.08 8.09
C VAL D 421 -20.63 -8.97 7.91
N GLY D 422 -19.80 -8.77 8.92
CA GLY D 422 -18.82 -7.70 8.90
C GLY D 422 -19.25 -6.47 9.68
N ASP D 423 -20.55 -6.35 10.00
CA ASP D 423 -21.08 -5.24 10.79
C ASP D 423 -20.58 -5.31 12.24
N LEU D 424 -20.62 -4.17 12.92
CA LEU D 424 -20.30 -4.12 14.33
C LEU D 424 -21.61 -3.92 15.09
N VAL D 425 -21.72 -4.60 16.21
CA VAL D 425 -22.88 -4.52 17.07
C VAL D 425 -22.42 -4.28 18.52
N ILE D 426 -23.19 -3.51 19.30
CA ILE D 426 -22.86 -3.28 20.71
C ILE D 426 -23.78 -4.21 21.49
N VAL D 427 -23.26 -5.00 22.45
CA VAL D 427 -24.12 -5.90 23.21
C VAL D 427 -24.18 -5.43 24.64
N VAL D 428 -25.41 -5.27 25.19
CA VAL D 428 -25.60 -4.80 26.56
C VAL D 428 -26.25 -5.87 27.41
N THR D 429 -25.54 -6.28 28.48
CA THR D 429 -25.99 -7.35 29.38
C THR D 429 -25.66 -6.95 30.85
N GLY D 430 -26.04 -7.83 31.78
CA GLY D 430 -25.74 -7.67 33.20
C GLY D 430 -24.85 -8.81 33.68
N TRP D 431 -24.38 -8.70 34.91
CA TRP D 431 -23.44 -9.69 35.45
C TRP D 431 -24.10 -10.89 36.13
N ARG D 432 -25.42 -10.83 36.34
CA ARG D 432 -26.14 -11.91 36.99
C ARG D 432 -27.62 -11.90 36.55
N PRO D 433 -28.32 -13.04 36.65
CA PRO D 433 -29.73 -13.07 36.25
C PRO D 433 -30.62 -12.18 37.13
N GLY D 434 -31.79 -11.85 36.59
CA GLY D 434 -32.72 -10.97 37.26
C GLY D 434 -32.61 -9.56 36.73
N SER D 435 -33.68 -8.82 36.86
CA SER D 435 -33.79 -7.44 36.43
CA SER D 435 -33.75 -7.41 36.42
C SER D 435 -32.89 -6.53 37.30
N GLY D 436 -32.39 -5.43 36.72
CA GLY D 436 -31.63 -4.41 37.43
C GLY D 436 -30.13 -4.53 37.58
N TYR D 437 -29.52 -5.51 36.90
CA TYR D 437 -28.08 -5.72 37.02
C TYR D 437 -27.31 -5.39 35.77
N THR D 438 -27.90 -4.66 34.80
CA THR D 438 -27.20 -4.29 33.57
C THR D 438 -25.97 -3.48 33.89
N ASN D 439 -24.80 -3.92 33.41
CA ASN D 439 -23.55 -3.23 33.70
C ASN D 439 -22.46 -3.51 32.70
N ILE D 440 -22.73 -4.28 31.64
CA ILE D 440 -21.71 -4.66 30.67
C ILE D 440 -22.06 -4.23 29.27
N MET D 441 -21.07 -3.69 28.57
CA MET D 441 -21.23 -3.28 27.20
C MET D 441 -20.04 -3.94 26.46
N ARG D 442 -20.30 -4.64 25.37
CA ARG D 442 -19.32 -5.38 24.61
C ARG D 442 -19.38 -5.00 23.14
N VAL D 443 -18.24 -4.90 22.45
CA VAL D 443 -18.22 -4.60 21.02
C VAL D 443 -18.07 -5.93 20.29
N LEU D 444 -18.96 -6.23 19.37
CA LEU D 444 -18.98 -7.50 18.68
C LEU D 444 -18.94 -7.38 17.16
N SER D 445 -18.18 -8.23 16.49
CA SER D 445 -18.14 -8.25 15.03
C SER D 445 -19.03 -9.37 14.50
N ILE D 446 -19.98 -9.03 13.63
CA ILE D 446 -20.91 -10.02 13.09
C ILE D 446 -20.22 -10.99 12.13
N SER D 447 -20.34 -12.27 12.43
CA SER D 447 -19.75 -13.32 11.63
C SER D 447 -20.78 -14.12 10.80
N ALA E 25 -7.67 -32.18 -14.98
CA ALA E 25 -7.11 -32.17 -16.32
C ALA E 25 -5.89 -33.11 -16.44
N PHE E 26 -5.64 -33.58 -17.68
CA PHE E 26 -4.51 -34.43 -18.00
C PHE E 26 -3.19 -33.76 -17.61
N PHE E 27 -3.06 -32.47 -17.96
CA PHE E 27 -1.83 -31.70 -17.72
C PHE E 27 -1.63 -31.29 -16.25
N GLN E 28 -2.58 -31.60 -15.36
CA GLN E 28 -2.42 -31.34 -13.92
C GLN E 28 -2.02 -32.61 -13.13
N GLN E 29 -2.14 -33.79 -13.75
CA GLN E 29 -1.75 -35.05 -13.14
C GLN E 29 -0.28 -35.38 -13.43
N GLN E 30 0.23 -36.44 -12.78
CA GLN E 30 1.59 -36.99 -12.89
C GLN E 30 2.70 -35.93 -12.96
N GLN E 31 2.61 -34.89 -12.10
CA GLN E 31 3.55 -33.78 -12.00
C GLN E 31 3.86 -33.11 -13.33
N LEU E 32 2.88 -33.07 -14.26
CA LEU E 32 3.12 -32.44 -15.56
C LEU E 32 3.45 -30.94 -15.45
N PRO E 33 2.85 -30.13 -14.53
CA PRO E 33 3.32 -28.73 -14.38
C PRO E 33 4.82 -28.65 -14.03
N ALA E 34 5.30 -29.51 -13.09
CA ALA E 34 6.70 -29.54 -12.70
C ALA E 34 7.62 -30.07 -13.82
N ALA E 35 7.07 -30.89 -14.75
CA ALA E 35 7.83 -31.44 -15.88
C ALA E 35 8.14 -30.34 -16.92
N MET E 36 7.24 -29.34 -17.06
CA MET E 36 7.40 -28.22 -17.99
C MET E 36 8.41 -27.17 -17.54
N ALA E 37 8.87 -27.24 -16.28
CA ALA E 37 9.79 -26.25 -15.74
C ALA E 37 11.08 -26.10 -16.54
N ASP E 38 11.58 -24.87 -16.60
CA ASP E 38 12.80 -24.57 -17.34
C ASP E 38 14.07 -24.81 -16.53
N THR E 39 13.97 -24.84 -15.20
CA THR E 39 15.10 -25.13 -14.33
C THR E 39 14.72 -26.22 -13.33
N PHE E 40 15.72 -26.91 -12.77
CA PHE E 40 15.50 -27.89 -11.73
C PHE E 40 14.92 -27.20 -10.47
N LEU E 41 15.34 -25.97 -10.17
CA LEU E 41 14.81 -25.22 -9.06
C LEU E 41 13.30 -24.98 -9.25
N GLU E 42 12.90 -24.46 -10.44
CA GLU E 42 11.47 -24.24 -10.76
CA GLU E 42 11.47 -24.23 -10.71
C GLU E 42 10.71 -25.57 -10.69
N HIS E 43 11.34 -26.67 -11.12
CA HIS E 43 10.77 -28.00 -11.09
C HIS E 43 10.45 -28.39 -9.66
N LEU E 44 11.39 -28.20 -8.72
CA LEU E 44 11.14 -28.51 -7.30
C LEU E 44 9.97 -27.68 -6.77
N CYS E 45 9.96 -26.39 -7.08
CA CYS E 45 8.91 -25.49 -6.66
C CYS E 45 7.52 -25.89 -7.16
N LEU E 46 7.45 -26.50 -8.33
CA LEU E 46 6.16 -26.88 -8.92
C LEU E 46 5.65 -28.25 -8.51
N LEU E 47 6.43 -29.05 -7.75
CA LEU E 47 5.96 -30.35 -7.28
C LEU E 47 4.67 -30.19 -6.43
N ASP E 48 3.63 -30.97 -6.75
CA ASP E 48 2.32 -30.86 -6.11
C ASP E 48 1.89 -32.19 -5.45
N ILE E 49 1.53 -32.14 -4.16
CA ILE E 49 1.03 -33.32 -3.46
C ILE E 49 -0.37 -33.76 -3.95
N ASP E 50 -1.10 -32.86 -4.62
CA ASP E 50 -2.41 -33.15 -5.19
C ASP E 50 -2.37 -33.62 -6.65
N SER E 51 -1.18 -33.68 -7.27
CA SER E 51 -0.99 -34.14 -8.66
C SER E 51 -0.82 -35.66 -8.61
N GLU E 52 -1.89 -36.40 -8.92
CA GLU E 52 -1.87 -37.86 -8.80
C GLU E 52 -1.10 -38.61 -9.87
N PRO E 53 -0.35 -39.65 -9.44
CA PRO E 53 0.38 -40.46 -10.44
C PRO E 53 -0.60 -41.22 -11.33
N VAL E 54 -0.30 -41.26 -12.63
CA VAL E 54 -1.17 -41.94 -13.58
C VAL E 54 -0.47 -43.17 -14.15
N ALA E 55 0.82 -43.03 -14.50
CA ALA E 55 1.60 -44.12 -15.04
C ALA E 55 1.77 -45.31 -14.07
N ALA E 56 1.98 -46.51 -14.63
CA ALA E 56 2.21 -47.72 -13.83
C ALA E 56 3.59 -47.64 -13.18
N ARG E 57 3.76 -48.29 -12.03
CA ARG E 57 5.02 -48.27 -11.30
C ARG E 57 6.10 -49.01 -12.11
N SER E 58 7.18 -48.30 -12.44
CA SER E 58 8.25 -48.79 -13.28
C SER E 58 9.49 -49.35 -12.55
N THR E 59 9.76 -48.94 -11.29
CA THR E 59 10.90 -49.48 -10.54
C THR E 59 10.47 -50.81 -9.97
N SER E 60 11.21 -51.89 -10.26
CA SER E 60 10.82 -53.22 -9.77
C SER E 60 11.09 -53.40 -8.30
N ILE E 61 10.29 -54.26 -7.65
CA ILE E 61 10.44 -54.55 -6.23
C ILE E 61 10.97 -55.96 -6.07
N ILE E 62 12.09 -56.09 -5.39
CA ILE E 62 12.69 -57.39 -5.08
C ILE E 62 12.35 -57.70 -3.65
N ALA E 63 11.69 -58.83 -3.38
CA ALA E 63 11.33 -59.20 -2.02
C ALA E 63 12.09 -60.43 -1.61
N THR E 64 12.71 -60.43 -0.42
CA THR E 64 13.43 -61.59 0.07
C THR E 64 12.44 -62.57 0.67
N ILE E 65 12.56 -63.85 0.28
CA ILE E 65 11.67 -64.91 0.73
C ILE E 65 12.26 -65.56 1.98
N GLY E 66 11.42 -65.65 3.01
CA GLY E 66 11.78 -66.25 4.28
C GLY E 66 10.57 -66.77 5.02
N PRO E 67 10.74 -67.08 6.32
CA PRO E 67 9.62 -67.58 7.13
C PRO E 67 8.35 -66.73 7.08
N ALA E 68 8.49 -65.41 7.03
CA ALA E 68 7.34 -64.52 6.99
C ALA E 68 6.61 -64.47 5.66
N SER E 69 7.20 -65.02 4.58
CA SER E 69 6.67 -64.94 3.22
C SER E 69 6.85 -66.25 2.43
N ARG E 70 6.78 -67.41 3.11
CA ARG E 70 6.99 -68.70 2.47
C ARG E 70 5.74 -69.42 2.00
N SER E 71 4.59 -69.14 2.62
CA SER E 71 3.35 -69.82 2.23
C SER E 71 2.89 -69.38 0.85
N VAL E 72 2.25 -70.29 0.12
CA VAL E 72 1.75 -70.00 -1.21
C VAL E 72 0.70 -68.88 -1.16
N GLU E 73 -0.14 -68.86 -0.12
CA GLU E 73 -1.16 -67.81 0.04
C GLU E 73 -0.52 -66.44 0.27
N ARG E 74 0.57 -66.40 1.06
CA ARG E 74 1.28 -65.17 1.38
C ARG E 74 1.96 -64.62 0.11
N LEU E 75 2.57 -65.50 -0.67
CA LEU E 75 3.22 -65.15 -1.92
C LEU E 75 2.25 -64.60 -2.97
N LYS E 76 1.01 -65.15 -3.01
CA LYS E 76 -0.01 -64.65 -3.93
C LYS E 76 -0.38 -63.21 -3.56
N GLU E 77 -0.46 -62.90 -2.25
CA GLU E 77 -0.78 -61.54 -1.81
C GLU E 77 0.37 -60.56 -2.15
N MET E 78 1.62 -61.05 -2.06
CA MET E 78 2.80 -60.27 -2.37
CA MET E 78 2.80 -60.27 -2.37
C MET E 78 2.92 -59.98 -3.86
N ILE E 79 2.52 -60.94 -4.70
CA ILE E 79 2.55 -60.73 -6.15
C ILE E 79 1.50 -59.65 -6.50
N LYS E 80 0.31 -59.72 -5.88
CA LYS E 80 -0.76 -58.75 -6.09
C LYS E 80 -0.35 -57.34 -5.61
N ALA E 81 0.45 -57.26 -4.52
CA ALA E 81 0.95 -56.02 -3.95
C ALA E 81 2.05 -55.36 -4.82
N GLY E 82 2.71 -56.14 -5.67
CA GLY E 82 3.71 -55.60 -6.58
C GLY E 82 5.08 -56.26 -6.65
N MET E 83 5.27 -57.42 -5.99
CA MET E 83 6.57 -58.09 -6.04
C MET E 83 6.87 -58.57 -7.47
N ASN E 84 8.04 -58.23 -7.99
CA ASN E 84 8.45 -58.64 -9.33
C ASN E 84 9.54 -59.67 -9.30
N ILE E 85 10.42 -59.61 -8.30
CA ILE E 85 11.53 -60.54 -8.19
C ILE E 85 11.57 -61.12 -6.77
N ALA E 86 11.78 -62.43 -6.63
CA ALA E 86 11.84 -63.11 -5.35
C ALA E 86 13.28 -63.48 -5.08
N ARG E 87 13.82 -63.01 -3.96
CA ARG E 87 15.21 -63.25 -3.59
C ARG E 87 15.36 -64.37 -2.56
N LEU E 88 16.28 -65.28 -2.80
CA LEU E 88 16.59 -66.37 -1.87
C LEU E 88 17.96 -66.08 -1.33
N ASN E 89 18.06 -65.83 -0.02
CA ASN E 89 19.35 -65.54 0.59
C ASN E 89 20.03 -66.83 0.99
N PHE E 90 21.10 -67.19 0.29
CA PHE E 90 21.83 -68.42 0.57
C PHE E 90 22.83 -68.34 1.70
N SER E 91 22.86 -67.23 2.44
CA SER E 91 23.73 -67.11 3.60
C SER E 91 23.27 -68.09 4.69
N HIS E 92 21.93 -68.22 4.84
CA HIS E 92 21.25 -69.12 5.79
C HIS E 92 20.28 -70.04 5.03
N GLY E 93 19.87 -71.14 5.65
CA GLY E 93 18.94 -72.09 5.04
C GLY E 93 19.60 -73.16 4.20
N SER E 94 19.03 -74.37 4.22
CA SER E 94 19.56 -75.49 3.47
C SER E 94 19.09 -75.47 2.02
N HIS E 95 19.70 -76.31 1.16
CA HIS E 95 19.28 -76.46 -0.23
C HIS E 95 17.82 -76.96 -0.27
N GLU E 96 17.43 -77.83 0.67
CA GLU E 96 16.07 -78.36 0.78
C GLU E 96 15.08 -77.22 1.06
N TYR E 97 15.45 -76.33 1.98
CA TYR E 97 14.62 -75.18 2.36
C TYR E 97 14.39 -74.26 1.16
N HIS E 98 15.47 -73.96 0.42
CA HIS E 98 15.40 -73.06 -0.73
C HIS E 98 14.68 -73.70 -1.91
N ALA E 99 14.79 -75.02 -2.10
CA ALA E 99 14.06 -75.71 -3.16
C ALA E 99 12.55 -75.65 -2.88
N GLU E 100 12.15 -75.73 -1.59
CA GLU E 100 10.74 -75.64 -1.20
C GLU E 100 10.22 -74.22 -1.41
N SER E 101 11.05 -73.21 -1.08
CA SER E 101 10.72 -71.81 -1.29
C SER E 101 10.45 -71.54 -2.80
N ILE E 102 11.36 -72.03 -3.71
CA ILE E 102 11.23 -71.91 -5.17
C ILE E 102 9.93 -72.53 -5.66
N ALA E 103 9.62 -73.73 -5.15
CA ALA E 103 8.40 -74.45 -5.51
C ALA E 103 7.17 -73.64 -5.12
N ASN E 104 7.21 -73.00 -3.94
CA ASN E 104 6.09 -72.18 -3.45
C ASN E 104 5.90 -70.91 -4.26
N VAL E 105 7.01 -70.26 -4.65
CA VAL E 105 6.95 -69.06 -5.47
C VAL E 105 6.35 -69.41 -6.84
N ARG E 106 6.86 -70.48 -7.49
CA ARG E 106 6.35 -70.94 -8.78
C ARG E 106 4.89 -71.32 -8.75
N GLU E 107 4.44 -71.94 -7.67
CA GLU E 107 3.05 -72.32 -7.52
C GLU E 107 2.16 -71.08 -7.40
N ALA E 108 2.58 -70.06 -6.63
CA ALA E 108 1.80 -68.82 -6.47
C ALA E 108 1.76 -68.04 -7.79
N VAL E 109 2.89 -68.02 -8.53
CA VAL E 109 3.00 -67.33 -9.82
C VAL E 109 2.13 -67.99 -10.88
N GLU E 110 2.22 -69.32 -10.98
CA GLU E 110 1.45 -70.05 -11.98
C GLU E 110 -0.04 -70.11 -11.69
N SER E 111 -0.47 -69.77 -10.47
CA SER E 111 -1.90 -69.71 -10.16
C SER E 111 -2.64 -68.62 -10.98
N PHE E 112 -1.88 -67.68 -11.57
CA PHE E 112 -2.44 -66.59 -12.39
C PHE E 112 -2.27 -66.82 -13.91
N ALA E 113 -1.63 -67.94 -14.33
CA ALA E 113 -1.39 -68.25 -15.74
C ALA E 113 -2.64 -68.52 -16.58
N GLY E 114 -3.79 -68.71 -15.93
CA GLY E 114 -5.06 -68.98 -16.60
C GLY E 114 -5.62 -67.84 -17.40
N SER E 115 -5.23 -66.61 -17.06
CA SER E 115 -5.67 -65.40 -17.76
C SER E 115 -4.38 -64.79 -18.33
N PRO E 116 -3.97 -65.18 -19.55
CA PRO E 116 -2.68 -64.72 -20.09
C PRO E 116 -2.54 -63.22 -20.32
N LEU E 117 -3.66 -62.49 -20.43
CA LEU E 117 -3.68 -61.04 -20.60
C LEU E 117 -3.27 -60.27 -19.33
N SER E 118 -3.28 -60.95 -18.16
CA SER E 118 -2.95 -60.35 -16.87
C SER E 118 -1.86 -61.13 -16.07
N TYR E 119 -1.28 -62.20 -16.66
CA TYR E 119 -0.24 -62.98 -16.00
C TYR E 119 0.98 -62.11 -15.75
N ARG E 120 1.49 -62.12 -14.52
CA ARG E 120 2.65 -61.35 -14.18
C ARG E 120 3.79 -62.26 -13.88
N PRO E 121 4.80 -62.30 -14.77
CA PRO E 121 5.98 -63.15 -14.50
C PRO E 121 6.79 -62.65 -13.29
N VAL E 122 7.38 -63.56 -12.51
CA VAL E 122 8.14 -63.18 -11.32
C VAL E 122 9.49 -63.86 -11.40
N ALA E 123 10.56 -63.07 -11.37
CA ALA E 123 11.91 -63.65 -11.46
C ALA E 123 12.35 -64.26 -10.14
N ILE E 124 13.28 -65.23 -10.21
CA ILE E 124 13.80 -65.86 -9.03
C ILE E 124 15.29 -65.59 -8.98
N ALA E 125 15.76 -64.93 -7.93
CA ALA E 125 17.16 -64.58 -7.82
C ALA E 125 17.82 -65.28 -6.65
N LEU E 126 19.04 -65.77 -6.88
CA LEU E 126 19.81 -66.45 -5.86
C LEU E 126 20.88 -65.50 -5.34
N ASP E 127 20.85 -65.20 -4.04
CA ASP E 127 21.87 -64.33 -3.44
C ASP E 127 22.90 -65.26 -2.82
N THR E 128 24.14 -65.25 -3.32
CA THR E 128 25.18 -66.11 -2.79
C THR E 128 25.64 -65.71 -1.38
N LYS E 129 26.20 -66.68 -0.65
CA LYS E 129 26.71 -66.47 0.71
C LYS E 129 27.97 -65.58 0.70
N GLY E 130 28.83 -65.77 -0.29
CA GLY E 130 30.04 -64.96 -0.42
C GLY E 130 31.33 -65.66 -0.07
N PRO E 131 32.45 -64.96 -0.27
CA PRO E 131 33.75 -65.57 0.04
C PRO E 131 34.13 -65.48 1.52
N GLY E 136 39.02 -66.15 -3.21
CA GLY E 136 38.26 -66.41 -4.42
C GLY E 136 36.87 -66.99 -4.18
N LEU E 137 36.37 -67.79 -5.13
CA LEU E 137 35.05 -68.38 -5.03
C LEU E 137 35.05 -69.53 -4.04
N SER E 138 34.29 -69.38 -2.93
CA SER E 138 34.20 -70.41 -1.90
C SER E 138 33.52 -71.68 -2.41
N GLU E 139 33.83 -72.83 -1.78
CA GLU E 139 33.25 -74.12 -2.17
C GLU E 139 31.75 -74.16 -2.03
N GLN E 140 31.22 -73.50 -0.99
CA GLN E 140 29.78 -73.43 -0.78
C GLN E 140 29.13 -72.65 -1.93
N ASP E 141 29.76 -71.56 -2.38
CA ASP E 141 29.27 -70.76 -3.51
C ASP E 141 29.19 -71.59 -4.78
N VAL E 142 30.18 -72.46 -5.04
CA VAL E 142 30.15 -73.32 -6.22
C VAL E 142 28.96 -74.27 -6.16
N ARG E 143 28.67 -74.81 -4.98
CA ARG E 143 27.56 -75.73 -4.80
C ARG E 143 26.21 -75.02 -4.94
N ASP E 144 26.10 -73.79 -4.40
CA ASP E 144 24.89 -72.99 -4.46
C ASP E 144 24.61 -72.50 -5.88
N LEU E 145 25.65 -72.14 -6.63
CA LEU E 145 25.53 -71.73 -8.03
C LEU E 145 25.09 -72.91 -8.90
N ARG E 146 25.61 -74.10 -8.60
CA ARG E 146 25.21 -75.31 -9.31
C ARG E 146 23.73 -75.60 -9.05
N PHE E 147 23.30 -75.41 -7.79
CA PHE E 147 21.91 -75.58 -7.36
C PHE E 147 21.00 -74.65 -8.17
N GLY E 148 21.43 -73.40 -8.31
CA GLY E 148 20.69 -72.38 -9.04
C GLY E 148 20.46 -72.73 -10.49
N VAL E 149 21.50 -73.26 -11.15
CA VAL E 149 21.41 -73.70 -12.54
C VAL E 149 20.43 -74.87 -12.65
N GLU E 150 20.52 -75.83 -11.72
CA GLU E 150 19.65 -77.00 -11.69
C GLU E 150 18.19 -76.64 -11.43
N HIS E 151 17.95 -75.58 -10.66
CA HIS E 151 16.60 -75.15 -10.37
C HIS E 151 16.06 -74.03 -11.27
N GLY E 152 16.84 -73.63 -12.28
CA GLY E 152 16.43 -72.62 -13.25
C GLY E 152 16.21 -71.22 -12.73
N VAL E 153 17.12 -70.73 -11.86
CA VAL E 153 17.01 -69.34 -11.38
C VAL E 153 17.33 -68.39 -12.56
N ASP E 154 16.82 -67.16 -12.49
CA ASP E 154 17.01 -66.19 -13.56
C ASP E 154 18.19 -65.23 -13.31
N ILE E 155 18.42 -64.91 -12.03
CA ILE E 155 19.43 -63.94 -11.64
C ILE E 155 20.27 -64.47 -10.48
N VAL E 156 21.52 -64.05 -10.42
CA VAL E 156 22.40 -64.36 -9.32
C VAL E 156 22.92 -63.03 -8.78
N PHE E 157 22.82 -62.82 -7.48
CA PHE E 157 23.38 -61.66 -6.84
C PHE E 157 24.68 -62.17 -6.25
N ALA E 158 25.81 -61.90 -6.93
CA ALA E 158 27.10 -62.36 -6.46
C ALA E 158 27.60 -61.48 -5.32
N SER E 159 27.70 -62.05 -4.10
CA SER E 159 28.15 -61.31 -2.94
C SER E 159 29.64 -60.99 -2.98
N PHE E 160 30.01 -59.83 -2.41
CA PHE E 160 31.38 -59.33 -2.26
C PHE E 160 32.26 -59.40 -3.52
N VAL E 161 31.77 -58.87 -4.66
CA VAL E 161 32.56 -58.82 -5.89
C VAL E 161 33.62 -57.74 -5.70
N ARG E 162 34.91 -58.10 -5.81
CA ARG E 162 36.00 -57.14 -5.57
C ARG E 162 36.79 -56.75 -6.83
N LYS E 163 36.66 -57.54 -7.91
CA LYS E 163 37.34 -57.29 -9.18
C LYS E 163 36.62 -58.08 -10.30
N ALA E 164 36.95 -57.79 -11.57
CA ALA E 164 36.33 -58.46 -12.70
C ALA E 164 36.53 -59.98 -12.69
N SER E 165 37.69 -60.46 -12.22
CA SER E 165 37.95 -61.89 -12.18
C SER E 165 36.97 -62.65 -11.26
N ASP E 166 36.41 -61.96 -10.25
CA ASP E 166 35.40 -62.56 -9.37
C ASP E 166 34.15 -62.88 -10.18
N VAL E 167 33.75 -61.97 -11.09
CA VAL E 167 32.57 -62.19 -11.95
C VAL E 167 32.84 -63.37 -12.88
N ALA E 168 34.04 -63.45 -13.45
CA ALA E 168 34.43 -64.55 -14.34
C ALA E 168 34.33 -65.89 -13.62
N ALA E 169 34.70 -65.92 -12.33
CA ALA E 169 34.62 -67.13 -11.51
C ALA E 169 33.17 -67.57 -11.32
N VAL E 170 32.26 -66.63 -11.12
CA VAL E 170 30.83 -66.93 -10.96
C VAL E 170 30.26 -67.44 -12.29
N ARG E 171 30.67 -66.83 -13.39
CA ARG E 171 30.24 -67.22 -14.73
C ARG E 171 30.72 -68.64 -15.10
N ALA E 172 31.95 -69.00 -14.72
CA ALA E 172 32.52 -70.32 -14.96
C ALA E 172 31.82 -71.36 -14.08
N ALA E 173 31.48 -70.99 -12.83
CA ALA E 173 30.75 -71.89 -11.93
C ALA E 173 29.31 -72.14 -12.42
N LEU E 174 28.72 -71.21 -13.20
CA LEU E 174 27.40 -71.43 -13.80
C LEU E 174 27.44 -72.45 -14.97
N GLY E 175 28.65 -72.78 -15.46
CA GLY E 175 28.90 -73.73 -16.53
C GLY E 175 28.25 -73.34 -17.85
N PRO E 176 28.27 -74.26 -18.82
CA PRO E 176 27.64 -73.96 -20.12
C PRO E 176 26.11 -73.81 -20.07
N GLU E 177 25.43 -74.52 -19.14
CA GLU E 177 23.97 -74.47 -19.01
C GLU E 177 23.45 -73.18 -18.39
N GLY E 178 24.26 -72.59 -17.51
CA GLY E 178 23.90 -71.34 -16.84
C GLY E 178 24.39 -70.11 -17.57
N HIS E 179 24.46 -70.18 -18.90
CA HIS E 179 24.89 -69.08 -19.78
C HIS E 179 23.82 -67.95 -19.86
N GLY E 180 22.55 -68.30 -19.66
CA GLY E 180 21.44 -67.35 -19.74
C GLY E 180 21.14 -66.61 -18.46
N ILE E 181 21.71 -67.03 -17.33
CA ILE E 181 21.47 -66.38 -16.03
C ILE E 181 22.17 -65.03 -15.94
N LYS E 182 21.45 -63.99 -15.48
CA LYS E 182 22.04 -62.67 -15.31
C LYS E 182 22.86 -62.61 -14.03
N ILE E 183 24.05 -62.02 -14.11
CA ILE E 183 24.91 -61.85 -12.94
C ILE E 183 24.91 -60.39 -12.49
N ILE E 184 24.37 -60.14 -11.30
CA ILE E 184 24.32 -58.82 -10.71
C ILE E 184 25.37 -58.78 -9.60
N SER E 185 26.43 -57.99 -9.79
CA SER E 185 27.51 -57.92 -8.81
C SER E 185 27.16 -57.04 -7.65
N LYS E 186 27.32 -57.57 -6.42
CA LYS E 186 27.07 -56.78 -5.23
C LYS E 186 28.35 -56.11 -4.80
N ILE E 187 28.32 -54.77 -4.72
CA ILE E 187 29.47 -54.00 -4.27
C ILE E 187 29.27 -53.79 -2.78
N GLU E 188 30.11 -54.44 -1.96
CA GLU E 188 29.93 -54.39 -0.51
C GLU E 188 31.17 -53.88 0.25
N ASN E 189 32.24 -53.49 -0.45
CA ASN E 189 33.46 -53.05 0.23
C ASN E 189 34.26 -52.01 -0.58
N HIS E 190 35.35 -51.46 0.00
CA HIS E 190 36.16 -50.44 -0.63
C HIS E 190 36.78 -50.86 -1.96
N GLU E 191 37.33 -52.08 -2.06
CA GLU E 191 37.94 -52.54 -3.31
C GLU E 191 36.91 -52.60 -4.45
N GLY E 192 35.71 -53.07 -4.15
CA GLY E 192 34.62 -53.13 -5.12
C GLY E 192 34.25 -51.76 -5.65
N VAL E 193 34.25 -50.74 -4.78
CA VAL E 193 33.96 -49.39 -5.18
C VAL E 193 35.09 -48.82 -6.05
N LYS E 194 36.33 -49.11 -5.69
CA LYS E 194 37.48 -48.63 -6.45
C LYS E 194 37.60 -49.28 -7.82
N ARG E 195 37.33 -50.58 -7.90
CA ARG E 195 37.37 -51.28 -9.16
C ARG E 195 35.99 -51.42 -9.82
N PHE E 196 35.08 -50.49 -9.51
CA PHE E 196 33.72 -50.49 -10.02
C PHE E 196 33.62 -50.58 -11.54
N ASP E 197 34.38 -49.75 -12.28
CA ASP E 197 34.30 -49.74 -13.72
C ASP E 197 34.63 -51.07 -14.37
N GLU E 198 35.64 -51.79 -13.87
CA GLU E 198 36.00 -53.10 -14.42
C GLU E 198 34.95 -54.16 -14.08
N ILE E 199 34.32 -54.05 -12.90
CA ILE E 199 33.27 -54.98 -12.47
C ILE E 199 32.02 -54.77 -13.30
N LEU E 200 31.62 -53.52 -13.53
CA LEU E 200 30.43 -53.18 -14.30
C LEU E 200 30.56 -53.66 -15.73
N GLU E 201 31.74 -53.52 -16.31
CA GLU E 201 32.01 -53.92 -17.69
C GLU E 201 31.67 -55.39 -17.96
N VAL E 202 31.96 -56.25 -16.98
CA VAL E 202 31.74 -57.67 -17.13
C VAL E 202 30.48 -58.21 -16.43
N SER E 203 29.72 -57.36 -15.74
CA SER E 203 28.50 -57.78 -15.06
C SER E 203 27.27 -57.39 -15.84
N ASP E 204 26.16 -58.08 -15.61
CA ASP E 204 24.90 -57.70 -16.24
C ASP E 204 24.24 -56.50 -15.53
N GLY E 205 24.60 -56.27 -14.27
CA GLY E 205 24.11 -55.18 -13.44
C GLY E 205 24.83 -55.11 -12.10
N ILE E 206 24.41 -54.15 -11.27
CA ILE E 206 25.04 -53.90 -9.99
C ILE E 206 24.02 -53.83 -8.86
N MET E 207 24.43 -54.26 -7.67
CA MET E 207 23.62 -54.07 -6.49
C MET E 207 24.45 -53.26 -5.50
N VAL E 208 23.89 -52.14 -5.03
CA VAL E 208 24.52 -51.32 -4.01
C VAL E 208 24.12 -51.99 -2.72
N ALA E 209 24.99 -52.88 -2.19
CA ALA E 209 24.74 -53.63 -0.96
C ALA E 209 25.14 -52.79 0.24
N ARG E 210 24.28 -51.85 0.63
CA ARG E 210 24.52 -50.86 1.68
C ARG E 210 24.82 -51.41 3.08
N GLY E 211 24.29 -52.59 3.42
CA GLY E 211 24.53 -53.23 4.71
C GLY E 211 26.00 -53.44 5.01
N ASP E 212 26.67 -54.27 4.21
CA ASP E 212 28.10 -54.53 4.41
C ASP E 212 28.92 -53.32 4.06
N LEU E 213 28.55 -52.62 2.98
CA LEU E 213 29.23 -51.40 2.55
C LEU E 213 29.33 -50.36 3.69
N GLY E 214 28.25 -50.20 4.45
CA GLY E 214 28.19 -49.30 5.60
C GLY E 214 29.10 -49.66 6.76
N ILE E 215 29.64 -50.87 6.75
CA ILE E 215 30.58 -51.34 7.76
C ILE E 215 32.01 -51.26 7.21
N GLU E 216 32.19 -51.60 5.93
CA GLU E 216 33.49 -51.60 5.26
C GLU E 216 34.03 -50.19 5.01
N ILE E 217 33.13 -49.23 4.80
CA ILE E 217 33.48 -47.82 4.61
C ILE E 217 32.67 -46.99 5.64
N PRO E 218 33.11 -45.74 5.97
CA PRO E 218 32.35 -44.93 6.94
C PRO E 218 30.89 -44.76 6.55
N ALA E 219 29.96 -45.00 7.49
CA ALA E 219 28.52 -44.91 7.26
C ALA E 219 28.08 -43.63 6.52
N GLU E 220 28.73 -42.50 6.82
CA GLU E 220 28.42 -41.21 6.21
C GLU E 220 28.83 -41.09 4.74
N LYS E 221 29.58 -42.05 4.21
CA LYS E 221 30.04 -42.02 2.82
C LYS E 221 29.20 -42.91 1.90
N VAL E 222 28.36 -43.79 2.47
CA VAL E 222 27.57 -44.73 1.68
C VAL E 222 26.68 -44.03 0.62
N PHE E 223 26.03 -42.91 0.96
CA PHE E 223 25.22 -42.19 -0.01
C PHE E 223 26.03 -41.74 -1.24
N LEU E 224 27.33 -41.44 -1.06
CA LEU E 224 28.18 -41.03 -2.17
C LEU E 224 28.39 -42.22 -3.08
N ALA E 225 28.66 -43.41 -2.50
CA ALA E 225 28.86 -44.63 -3.27
C ALA E 225 27.56 -45.00 -4.00
N GLN E 226 26.41 -44.90 -3.33
CA GLN E 226 25.13 -45.18 -3.95
C GLN E 226 24.89 -44.26 -5.19
N LYS E 227 25.08 -42.94 -5.02
CA LYS E 227 24.86 -41.99 -6.10
C LYS E 227 25.85 -42.16 -7.27
N MET E 228 27.12 -42.43 -6.97
CA MET E 228 28.11 -42.67 -8.00
C MET E 228 27.74 -43.93 -8.79
N MET E 229 27.44 -45.02 -8.09
CA MET E 229 27.12 -46.28 -8.74
C MET E 229 25.85 -46.22 -9.57
N ILE E 230 24.79 -45.56 -9.07
CA ILE E 230 23.56 -45.42 -9.86
C ILE E 230 23.83 -44.61 -11.13
N GLY E 231 24.59 -43.52 -10.99
CA GLY E 231 24.96 -42.68 -12.10
C GLY E 231 25.71 -43.42 -13.18
N ARG E 232 26.74 -44.18 -12.80
CA ARG E 232 27.52 -44.95 -13.75
C ARG E 232 26.72 -46.07 -14.43
N CYS E 233 25.77 -46.69 -13.71
CA CYS E 233 24.92 -47.72 -14.29
C CYS E 233 23.94 -47.15 -15.26
N ASN E 234 23.37 -45.99 -14.93
CA ASN E 234 22.44 -45.30 -15.82
C ASN E 234 23.18 -44.88 -17.11
N LEU E 235 24.44 -44.45 -16.97
CA LEU E 235 25.29 -44.07 -18.07
C LEU E 235 25.59 -45.33 -18.94
N ALA E 236 25.84 -46.48 -18.31
CA ALA E 236 26.12 -47.72 -19.03
C ALA E 236 24.86 -48.39 -19.63
N GLY E 237 23.69 -48.04 -19.15
CA GLY E 237 22.46 -48.68 -19.56
C GLY E 237 22.28 -50.04 -18.89
N LYS E 238 22.95 -50.29 -17.74
CA LYS E 238 22.84 -51.57 -17.03
C LYS E 238 22.02 -51.43 -15.77
N PRO E 239 21.22 -52.46 -15.39
CA PRO E 239 20.40 -52.35 -14.18
C PRO E 239 21.18 -52.14 -12.90
N VAL E 240 20.60 -51.36 -11.99
CA VAL E 240 21.19 -51.08 -10.69
C VAL E 240 20.13 -51.27 -9.62
N VAL E 241 20.48 -52.01 -8.58
CA VAL E 241 19.55 -52.29 -7.48
C VAL E 241 20.00 -51.57 -6.22
N CYS E 242 19.08 -50.88 -5.53
CA CYS E 242 19.41 -50.27 -4.25
C CYS E 242 18.85 -51.21 -3.18
N ALA E 243 19.70 -51.65 -2.26
CA ALA E 243 19.28 -52.62 -1.28
C ALA E 243 19.66 -52.26 0.17
N THR E 244 18.96 -52.91 1.15
CA THR E 244 19.20 -52.96 2.59
C THR E 244 18.71 -51.77 3.40
N GLN E 245 17.86 -52.06 4.40
CA GLN E 245 17.29 -51.15 5.39
C GLN E 245 16.46 -50.03 4.80
N MET E 246 15.85 -50.26 3.63
CA MET E 246 15.00 -49.23 3.01
C MET E 246 13.75 -48.93 3.85
N LEU E 247 13.07 -49.98 4.36
CA LEU E 247 11.89 -49.84 5.22
C LEU E 247 12.10 -50.66 6.51
N GLU E 248 13.34 -50.74 7.02
CA GLU E 248 13.76 -51.50 8.19
C GLU E 248 12.76 -51.51 9.37
N SER E 249 12.24 -50.35 9.79
CA SER E 249 11.28 -50.26 10.90
C SER E 249 9.99 -51.05 10.66
N MET E 250 9.65 -51.34 9.41
CA MET E 250 8.45 -52.11 9.08
C MET E 250 8.57 -53.61 9.42
N ILE E 251 9.75 -54.06 9.89
CA ILE E 251 9.91 -55.43 10.38
C ILE E 251 9.01 -55.63 11.63
N THR E 252 8.81 -54.57 12.45
CA THR E 252 8.01 -54.65 13.66
C THR E 252 6.86 -53.67 13.70
N LYS E 253 6.93 -52.58 12.95
CA LYS E 253 5.88 -51.55 12.97
C LYS E 253 5.10 -51.54 11.65
N PRO E 254 3.80 -51.29 11.70
CA PRO E 254 3.00 -51.31 10.46
C PRO E 254 3.24 -50.13 9.51
N ARG E 255 3.91 -49.08 9.97
CA ARG E 255 4.19 -47.89 9.16
C ARG E 255 5.70 -47.57 9.20
N PRO E 256 6.28 -47.12 8.08
CA PRO E 256 7.71 -46.78 8.09
C PRO E 256 7.98 -45.40 8.69
N THR E 257 9.24 -45.11 9.00
CA THR E 257 9.63 -43.80 9.50
C THR E 257 9.68 -42.78 8.33
N ARG E 258 9.74 -41.48 8.65
CA ARG E 258 9.84 -40.44 7.63
C ARG E 258 11.15 -40.55 6.84
N ALA E 259 12.23 -41.05 7.48
CA ALA E 259 13.52 -41.27 6.81
C ALA E 259 13.44 -42.42 5.81
N GLU E 260 12.63 -43.44 6.11
CA GLU E 260 12.49 -44.62 5.29
C GLU E 260 11.75 -44.34 4.01
N THR E 261 10.61 -43.63 4.08
CA THR E 261 9.87 -43.29 2.87
C THR E 261 10.73 -42.37 1.98
N SER E 262 11.46 -41.43 2.61
CA SER E 262 12.38 -40.53 1.93
C SER E 262 13.50 -41.33 1.23
N ASP E 263 14.06 -42.33 1.90
CA ASP E 263 15.11 -43.16 1.33
C ASP E 263 14.65 -43.88 0.05
N VAL E 264 13.45 -44.45 0.09
CA VAL E 264 12.91 -45.17 -1.06
C VAL E 264 12.70 -44.19 -2.23
N ALA E 265 12.07 -43.04 -1.96
CA ALA E 265 11.82 -42.03 -2.96
C ALA E 265 13.12 -41.51 -3.57
N ASN E 266 14.15 -41.35 -2.75
CA ASN E 266 15.40 -40.84 -3.22
C ASN E 266 16.16 -41.85 -4.04
N ALA E 267 16.02 -43.15 -3.77
CA ALA E 267 16.69 -44.18 -4.58
C ALA E 267 16.06 -44.19 -6.00
N VAL E 268 14.73 -44.01 -6.09
CA VAL E 268 14.06 -43.96 -7.38
C VAL E 268 14.49 -42.68 -8.09
N LEU E 269 14.45 -41.52 -7.42
CA LEU E 269 14.88 -40.27 -8.02
C LEU E 269 16.33 -40.32 -8.49
N ASP E 270 17.23 -40.97 -7.73
CA ASP E 270 18.64 -41.16 -8.10
C ASP E 270 18.75 -41.89 -9.44
N GLY E 271 17.85 -42.83 -9.69
CA GLY E 271 17.83 -43.58 -10.94
C GLY E 271 17.92 -45.08 -10.77
N ALA E 272 17.60 -45.63 -9.59
CA ALA E 272 17.66 -47.07 -9.34
C ALA E 272 16.63 -47.84 -10.16
N ASP E 273 17.04 -48.95 -10.79
CA ASP E 273 16.12 -49.78 -11.56
C ASP E 273 15.25 -50.64 -10.65
N CYS E 274 15.83 -51.13 -9.53
CA CYS E 274 15.12 -51.95 -8.56
C CYS E 274 15.37 -51.47 -7.15
N ILE E 275 14.36 -51.65 -6.32
CA ILE E 275 14.45 -51.41 -4.89
C ILE E 275 14.16 -52.75 -4.19
N MET E 276 14.83 -53.01 -3.08
CA MET E 276 14.74 -54.30 -2.41
C MET E 276 14.23 -54.23 -0.98
N LEU E 277 13.60 -55.34 -0.55
CA LEU E 277 13.15 -55.56 0.81
C LEU E 277 13.86 -56.83 1.27
N SER E 278 14.54 -56.75 2.41
CA SER E 278 15.24 -57.92 2.95
C SER E 278 14.47 -58.47 4.17
N GLY E 279 14.87 -58.10 5.40
CA GLY E 279 14.22 -58.52 6.63
C GLY E 279 12.76 -58.15 6.67
N GLU E 280 12.38 -57.04 6.01
CA GLU E 280 11.00 -56.55 5.94
C GLU E 280 10.07 -57.61 5.39
N THR E 281 10.52 -58.42 4.41
CA THR E 281 9.69 -59.48 3.84
C THR E 281 10.10 -60.89 4.33
N ALA E 282 11.36 -61.08 4.67
CA ALA E 282 11.85 -62.38 5.09
C ALA E 282 11.42 -62.76 6.51
N LYS E 283 11.58 -61.86 7.48
CA LYS E 283 11.25 -62.18 8.87
C LYS E 283 10.20 -61.27 9.52
N GLY E 284 9.92 -60.12 8.92
CA GLY E 284 9.02 -59.13 9.51
C GLY E 284 7.58 -59.52 9.71
N ASN E 285 6.85 -58.71 10.49
CA ASN E 285 5.43 -58.94 10.75
C ASN E 285 4.52 -58.34 9.70
N PHE E 286 5.05 -57.51 8.77
CA PHE E 286 4.23 -56.85 7.76
C PHE E 286 4.81 -57.01 6.35
N PRO E 287 5.03 -58.26 5.86
CA PRO E 287 5.66 -58.40 4.53
C PRO E 287 4.86 -57.83 3.37
N VAL E 288 3.54 -57.99 3.39
CA VAL E 288 2.70 -57.48 2.32
C VAL E 288 2.59 -55.96 2.36
N GLU E 289 2.56 -55.39 3.57
CA GLU E 289 2.46 -53.96 3.79
C GLU E 289 3.75 -53.25 3.35
N ALA E 290 4.90 -53.90 3.52
CA ALA E 290 6.19 -53.38 3.10
C ALA E 290 6.24 -53.31 1.58
N VAL E 291 5.72 -54.33 0.89
CA VAL E 291 5.68 -54.36 -0.57
C VAL E 291 4.74 -53.26 -1.08
N LYS E 292 3.58 -53.12 -0.43
CA LYS E 292 2.62 -52.09 -0.81
C LYS E 292 3.20 -50.68 -0.61
N MET E 293 3.97 -50.49 0.46
CA MET E 293 4.56 -49.21 0.77
C MET E 293 5.59 -48.83 -0.29
N GLN E 294 6.46 -49.77 -0.69
CA GLN E 294 7.43 -49.51 -1.75
C GLN E 294 6.74 -49.18 -3.06
N HIS E 295 5.64 -49.87 -3.35
CA HIS E 295 4.88 -49.63 -4.57
C HIS E 295 4.36 -48.19 -4.60
N ALA E 296 3.72 -47.75 -3.49
CA ALA E 296 3.13 -46.44 -3.36
C ALA E 296 4.18 -45.33 -3.51
N ILE E 297 5.34 -45.46 -2.84
CA ILE E 297 6.40 -44.46 -2.93
C ILE E 297 7.01 -44.39 -4.33
N ALA E 298 7.37 -45.56 -4.90
CA ALA E 298 7.96 -45.60 -6.25
C ALA E 298 7.09 -44.92 -7.30
N ARG E 299 5.76 -45.12 -7.27
CA ARG E 299 4.85 -44.46 -8.21
C ARG E 299 4.94 -42.93 -8.13
N GLU E 300 4.96 -42.38 -6.89
CA GLU E 300 5.04 -40.94 -6.68
C GLU E 300 6.40 -40.41 -7.14
N ALA E 301 7.48 -41.10 -6.79
CA ALA E 301 8.83 -40.69 -7.12
C ALA E 301 9.09 -40.71 -8.62
N GLU E 302 8.55 -41.69 -9.35
CA GLU E 302 8.71 -41.74 -10.81
C GLU E 302 8.10 -40.52 -11.49
N ALA E 303 6.97 -40.01 -10.98
CA ALA E 303 6.35 -38.83 -11.56
C ALA E 303 7.19 -37.56 -11.26
N ALA E 304 7.91 -37.52 -10.13
CA ALA E 304 8.74 -36.38 -9.73
C ALA E 304 10.09 -36.27 -10.47
N VAL E 305 10.42 -37.24 -11.33
CA VAL E 305 11.65 -37.21 -12.11
C VAL E 305 11.60 -36.03 -13.11
N TYR E 306 12.69 -35.27 -13.25
CA TYR E 306 12.77 -34.13 -14.16
C TYR E 306 13.25 -34.60 -15.53
N HIS E 307 12.32 -35.18 -16.33
CA HIS E 307 12.63 -35.76 -17.65
C HIS E 307 13.31 -34.82 -18.63
N ARG E 308 13.00 -33.52 -18.56
CA ARG E 308 13.64 -32.54 -19.45
C ARG E 308 15.17 -32.58 -19.35
N GLN E 309 15.72 -32.56 -18.14
CA GLN E 309 17.16 -32.63 -17.97
C GLN E 309 17.68 -34.07 -18.13
N LEU E 310 17.02 -35.02 -17.49
CA LEU E 310 17.42 -36.43 -17.54
C LEU E 310 17.55 -36.97 -18.99
N PHE E 311 16.52 -36.77 -19.83
CA PHE E 311 16.57 -37.25 -21.21
C PHE E 311 17.72 -36.59 -21.97
N GLU E 312 17.89 -35.27 -21.83
CA GLU E 312 19.00 -34.58 -22.51
C GLU E 312 20.35 -35.09 -22.11
N GLU E 313 20.57 -35.29 -20.81
CA GLU E 313 21.83 -35.78 -20.32
C GLU E 313 22.11 -37.20 -20.76
N LEU E 314 21.07 -38.08 -20.72
CA LEU E 314 21.20 -39.47 -21.16
C LEU E 314 21.52 -39.56 -22.63
N ARG E 315 20.76 -38.85 -23.47
CA ARG E 315 20.97 -38.73 -24.90
C ARG E 315 22.43 -38.27 -25.22
N ARG E 316 22.88 -37.13 -24.61
CA ARG E 316 24.19 -36.51 -24.81
C ARG E 316 25.31 -37.51 -24.45
N ALA E 317 25.11 -38.25 -23.35
CA ALA E 317 26.07 -39.21 -22.85
C ALA E 317 26.17 -40.48 -23.68
N ALA E 318 25.03 -41.08 -24.07
CA ALA E 318 24.97 -42.33 -24.86
C ALA E 318 25.77 -42.17 -26.14
N PRO E 319 26.77 -43.05 -26.37
CA PRO E 319 27.64 -42.84 -27.52
C PRO E 319 26.97 -43.09 -28.84
N LEU E 320 27.53 -42.49 -29.91
CA LEU E 320 27.02 -42.67 -31.26
C LEU E 320 27.16 -44.14 -31.65
N SER E 321 26.17 -44.64 -32.38
CA SER E 321 26.13 -46.05 -32.71
C SER E 321 25.68 -46.29 -34.10
N ARG E 322 26.19 -47.36 -34.70
CA ARG E 322 25.70 -47.85 -35.98
C ARG E 322 24.95 -49.19 -35.82
N ASP E 323 24.52 -49.55 -34.57
CA ASP E 323 23.70 -50.71 -34.31
C ASP E 323 22.25 -50.26 -34.49
N PRO E 324 21.53 -50.83 -35.48
CA PRO E 324 20.16 -50.40 -35.73
C PRO E 324 19.23 -50.52 -34.53
N THR E 325 19.49 -51.45 -33.61
CA THR E 325 18.64 -51.59 -32.42
C THR E 325 18.79 -50.34 -31.56
N GLU E 326 20.08 -49.89 -31.36
CA GLU E 326 20.44 -48.67 -30.63
C GLU E 326 19.84 -47.41 -31.28
N VAL E 327 19.92 -47.33 -32.60
CA VAL E 327 19.39 -46.21 -33.36
C VAL E 327 17.85 -46.15 -33.32
N THR E 328 17.17 -47.29 -33.51
CA THR E 328 15.71 -47.33 -33.44
C THR E 328 15.23 -47.01 -32.02
N ALA E 329 15.96 -47.48 -30.98
CA ALA E 329 15.57 -47.23 -29.59
C ALA E 329 15.49 -45.75 -29.26
N ILE E 330 16.53 -44.94 -29.62
CA ILE E 330 16.49 -43.52 -29.32
C ILE E 330 15.44 -42.78 -30.17
N GLY E 331 15.22 -43.24 -31.40
CA GLY E 331 14.15 -42.68 -32.23
C GLY E 331 12.78 -42.93 -31.60
N ALA E 332 12.56 -44.15 -31.11
CA ALA E 332 11.29 -44.51 -30.47
C ALA E 332 11.04 -43.73 -29.17
N VAL E 333 12.07 -43.57 -28.30
CA VAL E 333 11.90 -42.81 -27.08
C VAL E 333 11.62 -41.34 -27.39
N GLU E 334 12.33 -40.79 -28.37
CA GLU E 334 12.11 -39.40 -28.78
C GLU E 334 10.68 -39.21 -29.29
N ALA E 335 10.19 -40.13 -30.13
CA ALA E 335 8.84 -40.06 -30.66
C ALA E 335 7.79 -40.21 -29.55
N ALA E 336 8.05 -41.07 -28.55
CA ALA E 336 7.13 -41.26 -27.42
C ALA E 336 6.98 -39.94 -26.62
N PHE E 337 8.07 -39.19 -26.44
CA PHE E 337 7.98 -37.92 -25.73
C PHE E 337 7.23 -36.87 -26.55
N LYS E 338 7.37 -36.89 -27.87
CA LYS E 338 6.72 -35.93 -28.75
C LYS E 338 5.20 -35.98 -28.71
N CYS E 339 4.64 -37.19 -28.56
CA CYS E 339 3.18 -37.33 -28.57
C CYS E 339 2.58 -37.73 -27.23
N CYS E 340 3.40 -37.81 -26.16
CA CYS E 340 2.93 -38.27 -24.86
C CYS E 340 2.35 -39.69 -24.99
N ALA E 341 3.06 -40.55 -25.73
CA ALA E 341 2.63 -41.92 -26.00
C ALA E 341 2.38 -42.69 -24.71
N ALA E 342 1.31 -43.48 -24.69
CA ALA E 342 0.97 -44.25 -23.51
C ALA E 342 1.99 -45.36 -23.30
N ALA E 343 2.44 -45.99 -24.39
CA ALA E 343 3.37 -47.09 -24.26
C ALA E 343 4.21 -47.23 -25.53
N ILE E 344 5.31 -47.98 -25.41
CA ILE E 344 6.16 -48.40 -26.48
C ILE E 344 6.06 -49.91 -26.43
N ILE E 345 5.43 -50.55 -27.43
CA ILE E 345 5.34 -52.00 -27.46
C ILE E 345 6.53 -52.52 -28.24
N VAL E 346 7.33 -53.41 -27.65
CA VAL E 346 8.51 -53.91 -28.33
C VAL E 346 8.53 -55.45 -28.34
N LEU E 347 8.94 -56.04 -29.47
CA LEU E 347 9.06 -57.49 -29.58
C LEU E 347 10.50 -57.80 -29.26
N THR E 348 10.72 -58.72 -28.33
CA THR E 348 12.08 -59.07 -27.92
C THR E 348 12.21 -60.56 -27.66
N THR E 349 13.37 -61.10 -27.98
CA THR E 349 13.65 -62.52 -27.78
C THR E 349 14.49 -62.68 -26.50
N THR E 350 15.51 -61.83 -26.36
CA THR E 350 16.43 -61.84 -25.23
C THR E 350 16.15 -60.72 -24.22
N GLY E 351 15.32 -59.74 -24.58
CA GLY E 351 15.08 -58.59 -23.73
C GLY E 351 15.92 -57.38 -24.13
N ARG E 352 16.96 -57.59 -24.95
CA ARG E 352 17.87 -56.53 -25.36
C ARG E 352 17.18 -55.30 -25.95
N SER E 353 16.23 -55.47 -26.87
CA SER E 353 15.52 -54.32 -27.45
C SER E 353 14.77 -53.52 -26.39
N ALA E 354 14.18 -54.19 -25.40
CA ALA E 354 13.48 -53.51 -24.32
C ALA E 354 14.49 -52.78 -23.41
N GLN E 355 15.65 -53.39 -23.16
CA GLN E 355 16.69 -52.79 -22.34
C GLN E 355 17.22 -51.51 -22.99
N LEU E 356 17.43 -51.51 -24.32
CA LEU E 356 17.92 -50.32 -25.02
C LEU E 356 16.90 -49.18 -25.01
N LEU E 357 15.58 -49.50 -24.94
CA LEU E 357 14.57 -48.44 -24.84
C LEU E 357 14.60 -47.86 -23.39
N SER E 358 14.69 -48.75 -22.40
CA SER E 358 14.71 -48.41 -20.98
CA SER E 358 14.72 -48.42 -20.97
C SER E 358 15.87 -47.50 -20.57
N ARG E 359 17.06 -47.66 -21.18
CA ARG E 359 18.21 -46.82 -20.84
C ARG E 359 17.96 -45.32 -21.05
N TYR E 360 17.08 -44.95 -21.99
CA TYR E 360 16.76 -43.55 -22.22
C TYR E 360 15.69 -43.02 -21.29
N ARG E 361 15.23 -43.82 -20.31
CA ARG E 361 14.25 -43.48 -19.30
C ARG E 361 12.98 -42.81 -19.85
N PRO E 362 12.22 -43.49 -20.74
CA PRO E 362 10.99 -42.88 -21.23
C PRO E 362 9.93 -42.77 -20.12
N ARG E 363 9.03 -41.79 -20.26
CA ARG E 363 7.89 -41.68 -19.36
C ARG E 363 6.86 -42.76 -19.82
N ALA E 364 6.81 -43.11 -21.14
CA ALA E 364 5.93 -44.16 -21.70
C ALA E 364 6.39 -45.53 -21.22
N ALA E 365 5.44 -46.40 -20.91
CA ALA E 365 5.72 -47.75 -20.45
C ALA E 365 6.27 -48.58 -21.60
N VAL E 366 7.30 -49.38 -21.34
CA VAL E 366 7.82 -50.27 -22.37
C VAL E 366 7.18 -51.64 -22.18
N ILE E 367 6.17 -51.97 -23.00
CA ILE E 367 5.52 -53.27 -22.93
C ILE E 367 6.31 -54.26 -23.79
N ALA E 368 7.06 -55.17 -23.16
CA ALA E 368 7.89 -56.10 -23.92
C ALA E 368 7.18 -57.43 -24.16
N VAL E 369 6.87 -57.76 -25.42
CA VAL E 369 6.21 -59.02 -25.78
C VAL E 369 7.26 -60.05 -26.17
N THR E 370 7.33 -61.15 -25.43
CA THR E 370 8.33 -62.18 -25.67
C THR E 370 7.76 -63.60 -25.55
N ARG E 371 8.43 -64.56 -26.20
CA ARG E 371 8.10 -65.98 -26.07
C ARG E 371 9.00 -66.66 -25.03
N SER E 372 10.17 -66.07 -24.74
CA SER E 372 11.11 -66.61 -23.78
C SER E 372 10.62 -66.32 -22.35
N ALA E 373 10.27 -67.38 -21.61
CA ALA E 373 9.82 -67.21 -20.23
C ALA E 373 10.95 -66.62 -19.36
N GLN E 374 12.18 -67.04 -19.62
CA GLN E 374 13.33 -66.52 -18.90
C GLN E 374 13.52 -65.02 -19.20
N ALA E 375 13.47 -64.59 -20.48
CA ALA E 375 13.60 -63.18 -20.81
C ALA E 375 12.46 -62.36 -20.17
N ALA E 376 11.25 -62.92 -20.13
CA ALA E 376 10.11 -62.24 -19.49
C ALA E 376 10.38 -62.00 -17.99
N ARG E 377 11.02 -62.94 -17.32
CA ARG E 377 11.32 -62.78 -15.90
C ARG E 377 12.49 -61.82 -15.73
N GLN E 378 13.54 -61.96 -16.55
CA GLN E 378 14.75 -61.14 -16.47
C GLN E 378 14.58 -59.65 -16.79
N VAL E 379 13.61 -59.26 -17.63
CA VAL E 379 13.45 -57.84 -17.95
C VAL E 379 12.91 -57.01 -16.77
N HIS E 380 12.54 -57.65 -15.65
CA HIS E 380 12.14 -56.94 -14.44
C HIS E 380 13.33 -56.12 -13.88
N LEU E 381 14.57 -56.50 -14.22
CA LEU E 381 15.72 -55.75 -13.80
C LEU E 381 15.76 -54.35 -14.42
N CYS E 382 15.11 -54.13 -15.58
CA CYS E 382 15.13 -52.84 -16.27
C CYS E 382 13.94 -51.98 -15.92
N ARG E 383 14.21 -50.73 -15.47
CA ARG E 383 13.13 -49.83 -15.13
C ARG E 383 12.20 -49.53 -16.31
N GLY E 384 10.90 -49.66 -16.07
CA GLY E 384 9.89 -49.32 -17.05
C GLY E 384 9.55 -50.40 -18.05
N VAL E 385 10.11 -51.61 -17.87
CA VAL E 385 9.80 -52.70 -18.79
C VAL E 385 8.75 -53.61 -18.16
N PHE E 386 7.61 -53.75 -18.83
CA PHE E 386 6.49 -54.56 -18.40
C PHE E 386 6.44 -55.80 -19.30
N PRO E 387 6.95 -56.93 -18.81
CA PRO E 387 6.99 -58.14 -19.66
C PRO E 387 5.66 -58.85 -19.88
N LEU E 388 5.45 -59.34 -21.10
CA LEU E 388 4.27 -60.09 -21.48
C LEU E 388 4.71 -61.39 -22.08
N LEU E 389 4.35 -62.52 -21.47
CA LEU E 389 4.72 -63.81 -22.02
C LEU E 389 3.67 -64.27 -23.02
N TYR E 390 4.10 -64.42 -24.27
CA TYR E 390 3.24 -64.83 -25.37
C TYR E 390 3.30 -66.34 -25.46
N ARG E 391 2.16 -66.98 -25.26
CA ARG E 391 2.12 -68.44 -25.21
C ARG E 391 1.63 -69.09 -26.49
N GLU E 392 0.95 -68.34 -27.37
CA GLU E 392 0.40 -68.87 -28.61
C GLU E 392 1.44 -69.50 -29.56
N PRO E 393 1.03 -70.52 -30.34
CA PRO E 393 1.97 -71.15 -31.27
C PRO E 393 2.19 -70.31 -32.54
N PRO E 394 3.39 -70.43 -33.15
CA PRO E 394 3.71 -69.60 -34.32
C PRO E 394 2.78 -69.71 -35.53
N GLU E 395 2.61 -68.59 -36.23
CA GLU E 395 1.82 -68.53 -37.45
C GLU E 395 2.68 -68.98 -38.66
N ALA E 396 2.02 -69.35 -39.76
CA ALA E 396 2.68 -69.79 -40.99
C ALA E 396 3.46 -68.63 -41.62
N ILE E 397 2.86 -67.44 -41.63
CA ILE E 397 3.52 -66.27 -42.17
C ILE E 397 4.07 -65.44 -41.02
N TRP E 398 5.39 -65.21 -41.02
CA TRP E 398 6.07 -64.46 -39.97
C TRP E 398 5.48 -63.07 -39.72
N ALA E 399 5.16 -62.34 -40.78
CA ALA E 399 4.57 -61.02 -40.65
C ALA E 399 3.24 -61.07 -39.86
N ASP E 400 2.47 -62.16 -40.03
CA ASP E 400 1.22 -62.34 -39.29
C ASP E 400 1.51 -62.67 -37.81
N ASP E 401 2.54 -63.46 -37.56
CA ASP E 401 2.96 -63.81 -36.23
C ASP E 401 3.41 -62.57 -35.45
N VAL E 402 4.11 -61.65 -36.13
CA VAL E 402 4.58 -60.40 -35.55
C VAL E 402 3.36 -59.55 -35.20
N ASP E 403 2.42 -59.42 -36.14
CA ASP E 403 1.21 -58.64 -35.90
C ASP E 403 0.33 -59.19 -34.79
N ARG E 404 0.30 -60.51 -34.61
CA ARG E 404 -0.48 -61.10 -33.54
C ARG E 404 0.13 -60.75 -32.18
N ARG E 405 1.46 -60.75 -32.11
CA ARG E 405 2.16 -60.40 -30.89
C ARG E 405 1.99 -58.93 -30.54
N VAL E 406 1.89 -58.06 -31.56
CA VAL E 406 1.66 -56.63 -31.31
C VAL E 406 0.24 -56.46 -30.76
N GLN E 407 -0.75 -57.13 -31.39
CA GLN E 407 -2.14 -57.07 -30.90
C GLN E 407 -2.30 -57.61 -29.50
N PHE E 408 -1.53 -58.64 -29.16
CA PHE E 408 -1.52 -59.21 -27.82
C PHE E 408 -1.05 -58.14 -26.80
N GLY E 409 -0.02 -57.37 -27.18
CA GLY E 409 0.49 -56.30 -26.35
C GLY E 409 -0.54 -55.21 -26.15
N ILE E 410 -1.27 -54.85 -27.22
CA ILE E 410 -2.34 -53.85 -27.14
C ILE E 410 -3.51 -54.35 -26.27
N GLU E 411 -3.89 -55.63 -26.43
CA GLU E 411 -4.98 -56.19 -25.64
C GLU E 411 -4.60 -56.28 -24.18
N SER E 412 -3.41 -56.80 -23.87
CA SER E 412 -2.90 -56.86 -22.49
C SER E 412 -2.82 -55.42 -21.91
N GLY E 413 -2.42 -54.46 -22.74
CA GLY E 413 -2.30 -53.07 -22.33
C GLY E 413 -3.61 -52.45 -21.95
N LYS E 414 -4.64 -52.68 -22.77
CA LYS E 414 -5.99 -52.18 -22.50
C LYS E 414 -6.52 -52.82 -21.22
N LEU E 415 -6.32 -54.14 -21.05
CA LEU E 415 -6.77 -54.91 -19.91
C LEU E 415 -6.18 -54.41 -18.60
N ARG E 416 -4.87 -54.14 -18.58
CA ARG E 416 -4.23 -53.71 -17.33
C ARG E 416 -4.34 -52.22 -17.02
N GLY E 417 -4.95 -51.44 -17.92
CA GLY E 417 -5.15 -50.02 -17.71
C GLY E 417 -4.14 -49.11 -18.38
N PHE E 418 -3.07 -49.67 -18.96
CA PHE E 418 -2.05 -48.87 -19.66
C PHE E 418 -2.61 -48.11 -20.84
N LEU E 419 -3.53 -48.72 -21.59
CA LEU E 419 -4.02 -48.12 -22.82
C LEU E 419 -5.50 -47.93 -22.86
N ARG E 420 -5.91 -46.88 -23.54
CA ARG E 420 -7.30 -46.57 -23.81
C ARG E 420 -7.43 -46.24 -25.30
N VAL E 421 -8.64 -46.35 -25.84
CA VAL E 421 -8.90 -46.05 -27.24
C VAL E 421 -8.63 -44.55 -27.48
N GLY E 422 -7.95 -44.24 -28.56
CA GLY E 422 -7.57 -42.86 -28.87
C GLY E 422 -6.13 -42.55 -28.52
N ASP E 423 -5.49 -43.39 -27.68
CA ASP E 423 -4.09 -43.24 -27.29
C ASP E 423 -3.15 -43.49 -28.46
N LEU E 424 -1.93 -42.94 -28.38
CA LEU E 424 -0.91 -43.23 -29.38
C LEU E 424 0.12 -44.15 -28.75
N VAL E 425 0.59 -45.12 -29.52
CA VAL E 425 1.64 -46.02 -29.07
C VAL E 425 2.74 -46.12 -30.12
N ILE E 426 3.94 -46.41 -29.64
CA ILE E 426 5.08 -46.60 -30.54
C ILE E 426 5.32 -48.10 -30.60
N VAL E 427 5.42 -48.70 -31.79
CA VAL E 427 5.68 -50.12 -31.91
C VAL E 427 7.07 -50.36 -32.48
N VAL E 428 7.90 -51.14 -31.78
CA VAL E 428 9.26 -51.42 -32.19
C VAL E 428 9.45 -52.89 -32.55
N THR E 429 9.81 -53.16 -33.83
CA THR E 429 9.99 -54.53 -34.37
C THR E 429 11.28 -54.61 -35.25
N GLY E 430 11.58 -55.80 -35.76
CA GLY E 430 12.70 -56.03 -36.67
C GLY E 430 12.24 -56.49 -38.05
N TRP E 431 13.18 -56.55 -38.99
CA TRP E 431 12.86 -56.90 -40.38
C TRP E 431 12.92 -58.40 -40.69
N ARG E 432 13.41 -59.22 -39.76
CA ARG E 432 13.51 -60.66 -39.93
C ARG E 432 13.50 -61.37 -38.57
N PRO E 433 13.13 -62.66 -38.53
CA PRO E 433 13.11 -63.38 -37.24
C PRO E 433 14.50 -63.55 -36.64
N GLY E 434 14.51 -63.83 -35.35
CA GLY E 434 15.75 -63.99 -34.62
C GLY E 434 16.12 -62.71 -33.90
N SER E 435 16.91 -62.86 -32.88
CA SER E 435 17.35 -61.77 -32.05
C SER E 435 18.40 -60.89 -32.80
N GLY E 436 18.39 -59.58 -32.50
CA GLY E 436 19.37 -58.64 -33.03
C GLY E 436 19.05 -57.88 -34.29
N TYR E 437 17.80 -57.98 -34.79
CA TYR E 437 17.42 -57.33 -36.03
C TYR E 437 16.42 -56.21 -35.89
N THR E 438 16.22 -55.69 -34.67
CA THR E 438 15.29 -54.56 -34.47
C THR E 438 15.72 -53.35 -35.30
N ASN E 439 14.80 -52.80 -36.07
CA ASN E 439 15.13 -51.66 -36.94
C ASN E 439 13.92 -50.85 -37.35
N ILE E 440 12.73 -51.16 -36.85
CA ILE E 440 11.53 -50.47 -37.29
C ILE E 440 10.79 -49.85 -36.11
N MET E 441 10.31 -48.64 -36.32
CA MET E 441 9.49 -47.96 -35.33
CA MET E 441 9.54 -47.89 -35.34
C MET E 441 8.26 -47.45 -36.05
N ARG E 442 7.10 -47.73 -35.48
CA ARG E 442 5.82 -47.35 -36.07
C ARG E 442 4.99 -46.56 -35.08
N VAL E 443 4.29 -45.51 -35.55
CA VAL E 443 3.43 -44.76 -34.63
C VAL E 443 2.00 -45.23 -34.92
N LEU E 444 1.35 -45.71 -33.88
CA LEU E 444 0.06 -46.36 -33.96
C LEU E 444 -1.03 -45.71 -33.13
N SER E 445 -2.23 -45.54 -33.69
CA SER E 445 -3.35 -44.98 -32.92
CA SER E 445 -3.36 -44.98 -32.94
C SER E 445 -4.23 -46.13 -32.43
N ILE E 446 -4.47 -46.21 -31.10
CA ILE E 446 -5.26 -47.27 -30.50
C ILE E 446 -6.71 -47.16 -30.88
N SER E 447 -7.22 -48.20 -31.51
CA SER E 447 -8.61 -48.26 -31.90
C SER E 447 -9.35 -49.37 -31.08
N ALA F 13 34.62 -39.93 -25.73
CA ALA F 13 34.08 -41.23 -25.26
C ALA F 13 32.71 -41.56 -25.92
N ASP F 14 31.87 -40.54 -26.13
CA ASP F 14 30.57 -40.70 -26.81
C ASP F 14 30.72 -40.87 -28.35
N VAL F 15 31.96 -40.92 -28.87
CA VAL F 15 32.27 -41.08 -30.28
C VAL F 15 33.42 -42.07 -30.52
N ALA F 16 34.03 -42.68 -29.46
CA ALA F 16 35.18 -43.59 -29.58
C ALA F 16 35.00 -44.81 -30.52
N GLN F 17 33.88 -45.53 -30.40
CA GLN F 17 33.61 -46.70 -31.23
C GLN F 17 33.33 -46.26 -32.66
N LEU F 18 32.50 -45.21 -32.86
CA LEU F 18 32.24 -44.72 -34.21
C LEU F 18 33.51 -44.16 -34.88
N THR F 19 34.45 -43.64 -34.07
CA THR F 19 35.75 -43.15 -34.51
C THR F 19 36.62 -44.32 -34.97
N GLN F 20 36.53 -45.46 -34.27
CA GLN F 20 37.25 -46.66 -34.66
C GLN F 20 36.69 -47.23 -35.97
N GLU F 21 35.36 -47.18 -36.15
CA GLU F 21 34.67 -47.71 -37.32
C GLU F 21 34.83 -46.82 -38.53
N LEU F 22 34.50 -45.54 -38.40
CA LEU F 22 34.53 -44.62 -39.53
C LEU F 22 35.88 -43.98 -39.78
N GLY F 23 36.75 -43.99 -38.77
CA GLY F 23 38.09 -43.46 -38.88
C GLY F 23 38.20 -42.03 -38.42
N THR F 24 39.44 -41.60 -38.16
CA THR F 24 39.68 -40.24 -37.70
C THR F 24 39.46 -39.21 -38.80
N ALA F 25 39.71 -39.56 -40.06
CA ALA F 25 39.49 -38.63 -41.17
C ALA F 25 38.03 -38.16 -41.25
N PHE F 26 37.08 -39.05 -41.04
CA PHE F 26 35.66 -38.72 -41.10
C PHE F 26 35.30 -37.64 -40.08
N PHE F 27 35.79 -37.80 -38.85
CA PHE F 27 35.49 -36.89 -37.76
C PHE F 27 36.25 -35.55 -37.84
N GLN F 28 37.13 -35.37 -38.84
CA GLN F 28 37.82 -34.10 -39.04
C GLN F 28 37.13 -33.26 -40.13
N GLN F 29 36.27 -33.87 -40.96
CA GLN F 29 35.57 -33.17 -42.03
C GLN F 29 34.26 -32.57 -41.51
N GLN F 30 33.58 -31.77 -42.37
CA GLN F 30 32.29 -31.11 -42.16
C GLN F 30 32.10 -30.50 -40.76
N GLN F 31 33.14 -29.82 -40.25
CA GLN F 31 33.19 -29.19 -38.93
C GLN F 31 32.75 -30.12 -37.79
N LEU F 32 33.01 -31.44 -37.90
CA LEU F 32 32.63 -32.35 -36.84
C LEU F 32 33.36 -32.05 -35.52
N PRO F 33 34.64 -31.61 -35.45
CA PRO F 33 35.22 -31.22 -34.14
C PRO F 33 34.42 -30.09 -33.47
N ALA F 34 34.01 -29.07 -34.26
CA ALA F 34 33.23 -27.95 -33.75
C ALA F 34 31.80 -28.37 -33.37
N ALA F 35 31.26 -29.44 -33.98
CA ALA F 35 29.92 -29.96 -33.67
C ALA F 35 29.87 -30.63 -32.31
N MET F 36 30.98 -31.25 -31.87
CA MET F 36 31.12 -31.91 -30.57
C MET F 36 31.29 -30.94 -29.40
N ALA F 37 31.51 -29.64 -29.66
CA ALA F 37 31.70 -28.65 -28.61
C ALA F 37 30.55 -28.58 -27.62
N ASP F 38 30.91 -28.35 -26.35
CA ASP F 38 29.94 -28.27 -25.27
C ASP F 38 29.34 -26.87 -25.12
N THR F 39 29.99 -25.84 -25.66
CA THR F 39 29.46 -24.47 -25.64
C THR F 39 29.53 -23.87 -27.04
N PHE F 40 28.71 -22.86 -27.31
CA PHE F 40 28.75 -22.14 -28.57
C PHE F 40 30.11 -21.44 -28.71
N LEU F 41 30.70 -20.95 -27.59
CA LEU F 41 32.02 -20.31 -27.63
C LEU F 41 33.05 -21.32 -28.08
N GLU F 42 33.05 -22.52 -27.47
CA GLU F 42 33.98 -23.59 -27.85
C GLU F 42 33.76 -24.00 -29.31
N HIS F 43 32.52 -23.98 -29.76
CA HIS F 43 32.14 -24.30 -31.13
C HIS F 43 32.78 -23.30 -32.07
N LEU F 44 32.70 -21.99 -31.77
CA LEU F 44 33.37 -20.98 -32.60
C LEU F 44 34.87 -21.22 -32.66
N CYS F 45 35.49 -21.49 -31.51
CA CYS F 45 36.94 -21.71 -31.42
C CYS F 45 37.39 -22.89 -32.24
N LEU F 46 36.54 -23.92 -32.37
CA LEU F 46 36.90 -25.14 -33.09
C LEU F 46 36.63 -25.09 -34.59
N LEU F 47 35.96 -24.05 -35.12
CA LEU F 47 35.72 -23.94 -36.56
C LEU F 47 37.06 -23.96 -37.33
N ASP F 48 37.17 -24.81 -38.35
CA ASP F 48 38.43 -25.02 -39.09
C ASP F 48 38.26 -24.78 -40.60
N ILE F 49 39.10 -23.94 -41.18
CA ILE F 49 39.08 -23.68 -42.62
C ILE F 49 39.60 -24.89 -43.42
N ASP F 50 40.29 -25.84 -42.77
CA ASP F 50 40.77 -27.06 -43.39
C ASP F 50 39.79 -28.26 -43.25
N SER F 51 38.67 -28.06 -42.56
CA SER F 51 37.64 -29.08 -42.39
C SER F 51 36.68 -28.97 -43.58
N GLU F 52 36.84 -29.83 -44.59
CA GLU F 52 36.05 -29.72 -45.81
C GLU F 52 34.60 -30.15 -45.70
N PRO F 53 33.69 -29.38 -46.33
CA PRO F 53 32.27 -29.79 -46.35
C PRO F 53 32.11 -31.08 -47.16
N VAL F 54 31.31 -32.00 -46.65
CA VAL F 54 31.09 -33.27 -47.30
C VAL F 54 29.65 -33.36 -47.79
N ALA F 55 28.69 -32.93 -46.98
CA ALA F 55 27.27 -32.95 -47.32
C ALA F 55 26.93 -32.09 -48.55
N ALA F 56 25.82 -32.43 -49.21
CA ALA F 56 25.32 -31.68 -50.36
C ALA F 56 24.71 -30.36 -49.86
N ARG F 57 24.73 -29.33 -50.71
CA ARG F 57 24.21 -28.02 -50.32
C ARG F 57 22.73 -28.08 -50.13
N SER F 58 22.27 -27.74 -48.92
CA SER F 58 20.87 -27.81 -48.53
C SER F 58 20.03 -26.50 -48.64
N THR F 59 20.64 -25.31 -48.63
CA THR F 59 19.90 -24.06 -48.79
C THR F 59 19.70 -23.84 -50.28
N SER F 60 18.44 -23.68 -50.71
CA SER F 60 18.17 -23.49 -52.13
C SER F 60 18.57 -22.12 -52.65
N ILE F 61 18.88 -22.05 -53.93
CA ILE F 61 19.26 -20.80 -54.57
C ILE F 61 18.15 -20.38 -55.53
N ILE F 62 17.63 -19.18 -55.33
CA ILE F 62 16.62 -18.59 -56.21
C ILE F 62 17.32 -17.62 -57.12
N ALA F 63 17.25 -17.80 -58.42
CA ALA F 63 17.91 -16.87 -59.36
C ALA F 63 16.84 -16.13 -60.15
N THR F 64 16.99 -14.80 -60.25
CA THR F 64 16.05 -14.00 -61.03
C THR F 64 16.42 -14.10 -62.49
N ILE F 65 15.43 -14.36 -63.35
CA ILE F 65 15.64 -14.51 -64.81
C ILE F 65 15.50 -13.16 -65.50
N GLY F 66 16.45 -12.81 -66.35
CA GLY F 66 16.42 -11.55 -67.08
C GLY F 66 17.30 -11.61 -68.33
N PRO F 67 17.62 -10.46 -68.94
CA PRO F 67 18.48 -10.47 -70.14
C PRO F 67 19.78 -11.27 -70.01
N ALA F 68 20.43 -11.20 -68.84
CA ALA F 68 21.67 -11.91 -68.61
C ALA F 68 21.52 -13.41 -68.41
N SER F 69 20.32 -13.90 -68.16
CA SER F 69 20.09 -15.29 -67.86
C SER F 69 18.85 -15.82 -68.57
N ARG F 70 18.67 -15.44 -69.83
CA ARG F 70 17.46 -15.83 -70.55
C ARG F 70 17.63 -16.93 -71.56
N SER F 71 18.80 -16.99 -72.21
CA SER F 71 19.03 -18.00 -73.22
C SER F 71 18.97 -19.40 -72.65
N VAL F 72 18.56 -20.35 -73.46
CA VAL F 72 18.47 -21.75 -73.08
C VAL F 72 19.84 -22.29 -72.65
N GLU F 73 20.91 -21.86 -73.33
CA GLU F 73 22.26 -22.31 -72.99
C GLU F 73 22.75 -21.76 -71.67
N ARG F 74 22.38 -20.50 -71.37
CA ARG F 74 22.74 -19.84 -70.13
C ARG F 74 22.02 -20.50 -68.94
N LEU F 75 20.74 -20.82 -69.13
CA LEU F 75 19.93 -21.47 -68.12
C LEU F 75 20.43 -22.88 -67.78
N LYS F 76 20.93 -23.60 -68.79
CA LYS F 76 21.48 -24.93 -68.56
C LYS F 76 22.74 -24.83 -67.67
N GLU F 77 23.57 -23.81 -67.90
CA GLU F 77 24.78 -23.55 -67.10
CA GLU F 77 24.76 -23.62 -67.08
C GLU F 77 24.40 -23.23 -65.64
N MET F 78 23.31 -22.45 -65.48
CA MET F 78 22.83 -22.04 -64.17
CA MET F 78 22.84 -22.04 -64.18
C MET F 78 22.23 -23.19 -63.38
N ILE F 79 21.58 -24.12 -64.07
CA ILE F 79 21.01 -25.30 -63.41
C ILE F 79 22.17 -26.16 -62.91
N LYS F 80 23.23 -26.31 -63.74
CA LYS F 80 24.43 -27.07 -63.39
C LYS F 80 25.19 -26.44 -62.23
N ALA F 81 25.19 -25.10 -62.15
CA ALA F 81 25.84 -24.35 -61.06
C ALA F 81 25.06 -24.46 -59.72
N GLY F 82 23.76 -24.80 -59.76
CA GLY F 82 22.99 -24.96 -58.55
C GLY F 82 21.67 -24.22 -58.40
N MET F 83 21.17 -23.56 -59.46
CA MET F 83 19.89 -22.86 -59.38
C MET F 83 18.75 -23.88 -59.14
N ASN F 84 17.91 -23.64 -58.14
CA ASN F 84 16.80 -24.53 -57.82
C ASN F 84 15.48 -23.88 -58.17
N ILE F 85 15.38 -22.57 -58.04
CA ILE F 85 14.14 -21.84 -58.29
C ILE F 85 14.44 -20.66 -59.21
N ALA F 86 13.59 -20.45 -60.23
CA ALA F 86 13.73 -19.38 -61.19
C ALA F 86 12.67 -18.34 -60.89
N ARG F 87 13.09 -17.11 -60.63
CA ARG F 87 12.18 -16.00 -60.29
C ARG F 87 11.93 -15.08 -61.48
N LEU F 88 10.66 -14.78 -61.73
CA LEU F 88 10.27 -13.86 -62.79
C LEU F 88 9.77 -12.64 -62.09
N ASN F 89 10.44 -11.49 -62.30
CA ASN F 89 10.03 -10.26 -61.64
C ASN F 89 9.02 -9.55 -62.51
N PHE F 90 7.77 -9.53 -62.04
CA PHE F 90 6.70 -8.88 -62.80
C PHE F 90 6.62 -7.38 -62.62
N SER F 91 7.59 -6.75 -61.96
CA SER F 91 7.61 -5.30 -61.85
C SER F 91 7.83 -4.68 -63.23
N HIS F 92 8.68 -5.31 -64.06
CA HIS F 92 9.00 -4.90 -65.44
C HIS F 92 8.73 -6.08 -66.39
N GLY F 93 8.67 -5.80 -67.70
CA GLY F 93 8.49 -6.84 -68.71
C GLY F 93 7.05 -7.19 -69.00
N SER F 94 6.77 -7.52 -70.25
CA SER F 94 5.41 -7.87 -70.67
C SER F 94 5.08 -9.32 -70.37
N HIS F 95 3.78 -9.69 -70.50
CA HIS F 95 3.35 -11.08 -70.36
C HIS F 95 4.03 -11.95 -71.43
N GLU F 96 4.23 -11.41 -72.64
CA GLU F 96 4.89 -12.10 -73.75
C GLU F 96 6.34 -12.42 -73.36
N TYR F 97 7.05 -11.44 -72.76
CA TYR F 97 8.43 -11.58 -72.33
C TYR F 97 8.55 -12.67 -71.26
N HIS F 98 7.66 -12.65 -70.27
CA HIS F 98 7.70 -13.62 -69.19
C HIS F 98 7.28 -15.03 -69.64
N ALA F 99 6.36 -15.13 -70.62
CA ALA F 99 6.00 -16.44 -71.16
C ALA F 99 7.18 -17.04 -71.91
N GLU F 100 7.99 -16.22 -72.59
CA GLU F 100 9.16 -16.69 -73.30
C GLU F 100 10.24 -17.16 -72.32
N SER F 101 10.38 -16.47 -71.19
CA SER F 101 11.32 -16.86 -70.17
C SER F 101 10.91 -18.20 -69.56
N ILE F 102 9.62 -18.40 -69.26
CA ILE F 102 9.13 -19.67 -68.72
C ILE F 102 9.42 -20.83 -69.70
N ALA F 103 9.15 -20.60 -70.98
CA ALA F 103 9.40 -21.58 -72.04
C ALA F 103 10.90 -21.94 -72.09
N ASN F 104 11.79 -20.94 -71.96
CA ASN F 104 13.23 -21.18 -71.99
C ASN F 104 13.73 -21.93 -70.77
N VAL F 105 13.18 -21.62 -69.59
CA VAL F 105 13.54 -22.31 -68.36
C VAL F 105 13.13 -23.78 -68.48
N ARG F 106 11.87 -24.06 -68.88
CA ARG F 106 11.37 -25.41 -69.06
C ARG F 106 12.17 -26.23 -70.09
N GLU F 107 12.59 -25.58 -71.16
CA GLU F 107 13.39 -26.23 -72.19
C GLU F 107 14.79 -26.64 -71.62
N ALA F 108 15.41 -25.82 -70.76
CA ALA F 108 16.69 -26.16 -70.15
C ALA F 108 16.50 -27.25 -69.10
N VAL F 109 15.42 -27.19 -68.32
CA VAL F 109 15.12 -28.18 -67.29
C VAL F 109 14.91 -29.53 -67.94
N GLU F 110 14.15 -29.56 -69.05
CA GLU F 110 13.82 -30.83 -69.69
C GLU F 110 14.95 -31.41 -70.52
N SER F 111 15.99 -30.63 -70.81
CA SER F 111 17.15 -31.16 -71.50
C SER F 111 17.90 -32.23 -70.65
N PHE F 112 17.68 -32.24 -69.32
CA PHE F 112 18.33 -33.20 -68.43
C PHE F 112 17.41 -34.33 -67.96
N ALA F 113 16.20 -34.46 -68.56
CA ALA F 113 15.15 -35.40 -68.17
C ALA F 113 15.40 -36.88 -68.47
N GLY F 114 16.31 -37.20 -69.39
CA GLY F 114 16.60 -38.59 -69.75
C GLY F 114 16.83 -39.53 -68.57
N SER F 115 17.76 -39.15 -67.68
CA SER F 115 18.06 -39.93 -66.50
C SER F 115 17.44 -39.24 -65.32
N PRO F 116 16.43 -39.85 -64.69
CA PRO F 116 15.84 -39.23 -63.50
C PRO F 116 16.73 -39.43 -62.25
N LEU F 117 18.04 -39.31 -62.46
CA LEU F 117 19.13 -39.40 -61.51
C LEU F 117 20.30 -38.51 -62.07
N SER F 118 19.91 -37.35 -62.63
CA SER F 118 20.66 -36.23 -63.26
C SER F 118 19.67 -35.01 -63.53
N TYR F 119 18.36 -35.30 -63.55
CA TYR F 119 17.31 -34.34 -63.77
C TYR F 119 17.14 -33.48 -62.55
N ARG F 120 17.08 -32.18 -62.76
CA ARG F 120 16.87 -31.25 -61.67
C ARG F 120 15.53 -30.55 -61.78
N PRO F 121 14.55 -30.87 -60.92
CA PRO F 121 13.30 -30.11 -60.92
C PRO F 121 13.63 -28.67 -60.51
N VAL F 122 13.24 -27.72 -61.34
CA VAL F 122 13.49 -26.33 -61.04
C VAL F 122 12.15 -25.66 -60.90
N ALA F 123 11.88 -25.05 -59.76
CA ALA F 123 10.59 -24.38 -59.55
C ALA F 123 10.53 -23.04 -60.27
N ILE F 124 9.33 -22.59 -60.62
CA ILE F 124 9.15 -21.30 -61.26
C ILE F 124 8.31 -20.43 -60.36
N ALA F 125 8.88 -19.30 -59.94
CA ALA F 125 8.19 -18.39 -59.04
C ALA F 125 7.87 -17.06 -59.71
N LEU F 126 6.66 -16.55 -59.46
CA LEU F 126 6.21 -15.28 -60.00
C LEU F 126 6.28 -14.24 -58.90
N ASP F 127 7.08 -13.19 -59.10
CA ASP F 127 7.19 -12.12 -58.13
C ASP F 127 6.26 -11.01 -58.61
N THR F 128 5.20 -10.71 -57.85
CA THR F 128 4.24 -9.67 -58.23
C THR F 128 4.82 -8.25 -58.17
N LYS F 129 4.22 -7.33 -58.95
CA LYS F 129 4.62 -5.93 -59.00
C LYS F 129 4.29 -5.21 -57.69
N GLY F 130 3.15 -5.54 -57.09
CA GLY F 130 2.76 -4.96 -55.82
C GLY F 130 1.65 -3.93 -55.90
N PRO F 131 1.23 -3.42 -54.72
CA PRO F 131 0.14 -2.43 -54.71
C PRO F 131 0.63 -1.00 -54.94
N PRO F 135 -3.12 0.52 -52.08
CA PRO F 135 -4.18 0.19 -51.10
C PRO F 135 -4.46 -1.32 -50.96
N GLY F 136 -5.18 -1.92 -51.91
CA GLY F 136 -5.45 -3.37 -51.92
C GLY F 136 -4.74 -4.08 -53.06
N LEU F 137 -5.33 -5.16 -53.60
CA LEU F 137 -4.72 -5.89 -54.72
C LEU F 137 -4.92 -5.10 -56.02
N SER F 138 -3.81 -4.62 -56.62
CA SER F 138 -3.87 -3.84 -57.85
C SER F 138 -4.40 -4.66 -59.04
N GLU F 139 -4.96 -3.99 -60.05
CA GLU F 139 -5.51 -4.64 -61.23
C GLU F 139 -4.46 -5.41 -62.01
N GLN F 140 -3.24 -4.85 -62.08
CA GLN F 140 -2.14 -5.52 -62.77
C GLN F 140 -1.79 -6.81 -62.04
N ASP F 141 -1.79 -6.79 -60.70
CA ASP F 141 -1.52 -7.99 -59.89
C ASP F 141 -2.53 -9.09 -60.16
N VAL F 142 -3.81 -8.75 -60.32
CA VAL F 142 -4.84 -9.74 -60.63
C VAL F 142 -4.56 -10.40 -61.98
N ARG F 143 -4.14 -9.59 -62.96
CA ARG F 143 -3.85 -10.10 -64.29
C ARG F 143 -2.61 -10.98 -64.30
N ASP F 144 -1.59 -10.59 -63.54
CA ASP F 144 -0.33 -11.32 -63.43
C ASP F 144 -0.51 -12.65 -62.68
N LEU F 145 -1.36 -12.66 -61.64
CA LEU F 145 -1.67 -13.87 -60.89
C LEU F 145 -2.46 -14.84 -61.76
N ARG F 146 -3.38 -14.32 -62.59
CA ARG F 146 -4.13 -15.15 -63.52
C ARG F 146 -3.18 -15.78 -64.55
N PHE F 147 -2.20 -15.00 -65.03
CA PHE F 147 -1.17 -15.44 -65.97
C PHE F 147 -0.39 -16.60 -65.36
N GLY F 148 -0.01 -16.47 -64.09
CA GLY F 148 0.75 -17.47 -63.36
C GLY F 148 0.03 -18.79 -63.28
N VAL F 149 -1.27 -18.75 -63.00
CA VAL F 149 -2.10 -19.95 -62.93
C VAL F 149 -2.19 -20.61 -64.31
N GLU F 150 -2.36 -19.80 -65.34
CA GLU F 150 -2.43 -20.29 -66.72
C GLU F 150 -1.13 -20.91 -67.21
N HIS F 151 0.00 -20.41 -66.71
CA HIS F 151 1.30 -20.94 -67.09
C HIS F 151 1.88 -21.99 -66.12
N GLY F 152 1.13 -22.36 -65.10
CA GLY F 152 1.54 -23.38 -64.15
C GLY F 152 2.73 -23.08 -63.26
N VAL F 153 2.81 -21.83 -62.74
CA VAL F 153 3.89 -21.50 -61.82
C VAL F 153 3.70 -22.28 -60.50
N ASP F 154 4.78 -22.49 -59.76
CA ASP F 154 4.73 -23.25 -58.51
C ASP F 154 4.62 -22.37 -57.27
N ILE F 155 5.20 -21.17 -57.33
CA ILE F 155 5.28 -20.24 -56.20
C ILE F 155 4.92 -18.82 -56.62
N VAL F 156 4.38 -18.05 -55.69
CA VAL F 156 4.11 -16.65 -55.91
C VAL F 156 4.76 -15.89 -54.76
N PHE F 157 5.57 -14.86 -55.08
CA PHE F 157 6.16 -14.00 -54.09
C PHE F 157 5.27 -12.78 -54.08
N ALA F 158 4.37 -12.69 -53.13
CA ALA F 158 3.47 -11.56 -53.04
C ALA F 158 4.18 -10.33 -52.49
N SER F 159 4.34 -9.28 -53.31
CA SER F 159 5.01 -8.06 -52.88
C SER F 159 4.18 -7.24 -51.92
N PHE F 160 4.87 -6.55 -50.98
CA PHE F 160 4.31 -5.64 -49.98
C PHE F 160 3.09 -6.18 -49.21
N VAL F 161 3.21 -7.38 -48.64
CA VAL F 161 2.14 -7.93 -47.82
C VAL F 161 2.15 -7.16 -46.50
N ARG F 162 1.01 -6.52 -46.16
CA ARG F 162 0.93 -5.70 -44.97
C ARG F 162 0.06 -6.28 -43.84
N LYS F 163 -0.80 -7.23 -44.18
CA LYS F 163 -1.71 -7.89 -43.24
C LYS F 163 -2.20 -9.22 -43.84
N ALA F 164 -2.84 -10.06 -43.03
CA ALA F 164 -3.35 -11.36 -43.47
C ALA F 164 -4.34 -11.25 -44.62
N SER F 165 -5.18 -10.21 -44.65
CA SER F 165 -6.16 -10.03 -45.71
C SER F 165 -5.51 -9.86 -47.10
N ASP F 166 -4.27 -9.34 -47.15
CA ASP F 166 -3.52 -9.22 -48.39
C ASP F 166 -3.22 -10.61 -48.95
N VAL F 167 -2.86 -11.56 -48.08
CA VAL F 167 -2.60 -12.94 -48.51
C VAL F 167 -3.90 -13.59 -49.03
N ALA F 168 -5.01 -13.36 -48.33
CA ALA F 168 -6.31 -13.90 -48.75
C ALA F 168 -6.69 -13.39 -50.14
N ALA F 169 -6.38 -12.11 -50.43
CA ALA F 169 -6.67 -11.51 -51.72
C ALA F 169 -5.87 -12.17 -52.82
N VAL F 170 -4.60 -12.51 -52.54
CA VAL F 170 -3.74 -13.20 -53.51
C VAL F 170 -4.26 -14.62 -53.77
N ARG F 171 -4.70 -15.31 -52.70
CA ARG F 171 -5.22 -16.67 -52.78
CA ARG F 171 -5.23 -16.67 -52.77
C ARG F 171 -6.50 -16.71 -53.60
N ALA F 172 -7.39 -15.71 -53.39
CA ALA F 172 -8.65 -15.62 -54.12
C ALA F 172 -8.37 -15.28 -55.59
N ALA F 173 -7.39 -14.41 -55.86
CA ALA F 173 -7.03 -14.07 -57.24
C ALA F 173 -6.45 -15.25 -58.01
N LEU F 174 -5.85 -16.23 -57.32
CA LEU F 174 -5.37 -17.44 -58.00
C LEU F 174 -6.55 -18.32 -58.47
N GLY F 175 -7.69 -18.23 -57.77
CA GLY F 175 -8.88 -18.96 -58.15
C GLY F 175 -8.83 -20.43 -57.79
N PRO F 176 -9.80 -21.20 -58.27
CA PRO F 176 -9.83 -22.63 -57.91
C PRO F 176 -8.69 -23.49 -58.48
N GLU F 177 -8.18 -23.15 -59.68
CA GLU F 177 -7.09 -23.91 -60.28
C GLU F 177 -5.71 -23.67 -59.66
N GLY F 178 -5.51 -22.47 -59.11
CA GLY F 178 -4.24 -22.14 -58.48
C GLY F 178 -4.20 -22.49 -57.00
N HIS F 179 -4.98 -23.49 -56.58
CA HIS F 179 -5.05 -23.92 -55.18
C HIS F 179 -3.75 -24.62 -54.69
N GLY F 180 -2.99 -25.19 -55.63
CA GLY F 180 -1.73 -25.89 -55.32
C GLY F 180 -0.50 -24.99 -55.22
N ILE F 181 -0.59 -23.76 -55.73
CA ILE F 181 0.52 -22.80 -55.73
C ILE F 181 0.87 -22.31 -54.33
N LYS F 182 2.16 -22.30 -53.98
CA LYS F 182 2.61 -21.80 -52.69
C LYS F 182 2.67 -20.27 -52.68
N ILE F 183 2.18 -19.64 -51.61
CA ILE F 183 2.23 -18.19 -51.47
C ILE F 183 3.30 -17.79 -50.42
N ILE F 184 4.35 -17.10 -50.88
CA ILE F 184 5.43 -16.61 -50.02
C ILE F 184 5.24 -15.10 -49.89
N SER F 185 4.90 -14.65 -48.68
CA SER F 185 4.67 -13.23 -48.45
C SER F 185 5.96 -12.44 -48.28
N LYS F 186 6.11 -11.36 -49.05
CA LYS F 186 7.28 -10.50 -48.92
C LYS F 186 7.02 -9.42 -47.90
N ILE F 187 7.86 -9.36 -46.85
CA ILE F 187 7.75 -8.33 -45.83
C ILE F 187 8.70 -7.22 -46.26
N GLU F 188 8.15 -6.07 -46.69
CA GLU F 188 8.97 -4.98 -47.23
C GLU F 188 8.78 -3.64 -46.49
N ASN F 189 7.99 -3.60 -45.41
CA ASN F 189 7.73 -2.34 -44.71
C ASN F 189 7.42 -2.53 -43.22
N HIS F 190 7.25 -1.42 -42.47
CA HIS F 190 7.01 -1.49 -41.03
C HIS F 190 5.73 -2.22 -40.63
N GLU F 191 4.63 -2.00 -41.35
CA GLU F 191 3.37 -2.66 -41.03
C GLU F 191 3.49 -4.20 -41.18
N GLY F 192 4.18 -4.64 -42.22
CA GLY F 192 4.42 -6.06 -42.45
C GLY F 192 5.21 -6.69 -41.32
N VAL F 193 6.19 -5.97 -40.78
CA VAL F 193 6.98 -6.48 -39.67
C VAL F 193 6.14 -6.52 -38.40
N LYS F 194 5.29 -5.50 -38.18
CA LYS F 194 4.44 -5.47 -36.99
C LYS F 194 3.36 -6.53 -37.02
N ARG F 195 2.76 -6.77 -38.18
CA ARG F 195 1.70 -7.77 -38.31
C ARG F 195 2.27 -9.12 -38.85
N PHE F 196 3.57 -9.38 -38.60
CA PHE F 196 4.26 -10.58 -39.05
C PHE F 196 3.56 -11.87 -38.66
N ASP F 197 3.19 -12.03 -37.39
CA ASP F 197 2.57 -13.26 -36.93
C ASP F 197 1.28 -13.61 -37.66
N GLU F 198 0.42 -12.61 -37.95
CA GLU F 198 -0.83 -12.88 -38.65
C GLU F 198 -0.58 -13.23 -40.13
N ILE F 199 0.46 -12.62 -40.74
CA ILE F 199 0.83 -12.89 -42.12
C ILE F 199 1.42 -14.30 -42.26
N LEU F 200 2.30 -14.68 -41.32
CA LEU F 200 2.91 -15.99 -41.34
C LEU F 200 1.88 -17.11 -41.18
N GLU F 201 0.91 -16.89 -40.31
CA GLU F 201 -0.13 -17.87 -40.05
C GLU F 201 -0.89 -18.30 -41.30
N VAL F 202 -1.12 -17.35 -42.21
CA VAL F 202 -1.86 -17.62 -43.44
C VAL F 202 -1.00 -17.79 -44.70
N SER F 203 0.33 -17.64 -44.59
CA SER F 203 1.20 -17.79 -45.76
C SER F 203 1.90 -19.14 -45.73
N ASP F 204 2.36 -19.59 -46.89
CA ASP F 204 3.14 -20.82 -46.97
C ASP F 204 4.62 -20.58 -46.53
N GLY F 205 5.08 -19.34 -46.62
CA GLY F 205 6.43 -18.94 -46.25
C GLY F 205 6.59 -17.43 -46.30
N ILE F 206 7.81 -16.95 -46.00
CA ILE F 206 8.13 -15.54 -45.94
C ILE F 206 9.37 -15.20 -46.73
N MET F 207 9.39 -14.00 -47.31
CA MET F 207 10.59 -13.49 -47.93
C MET F 207 10.96 -12.19 -47.22
N VAL F 208 12.20 -12.11 -46.69
CA VAL F 208 12.73 -10.91 -46.07
C VAL F 208 13.22 -10.07 -47.24
N ALA F 209 12.37 -9.18 -47.76
CA ALA F 209 12.68 -8.33 -48.92
C ALA F 209 13.46 -7.09 -48.47
N ARG F 210 14.75 -7.26 -48.23
CA ARG F 210 15.61 -6.25 -47.66
C ARG F 210 15.74 -4.94 -48.44
N GLY F 211 15.59 -4.97 -49.77
CA GLY F 211 15.71 -3.77 -50.60
C GLY F 211 14.76 -2.67 -50.17
N ASP F 212 13.43 -2.94 -50.26
CA ASP F 212 12.39 -1.99 -49.87
C ASP F 212 12.38 -1.81 -48.37
N LEU F 213 12.54 -2.90 -47.62
CA LEU F 213 12.59 -2.85 -46.15
C LEU F 213 13.66 -1.87 -45.64
N GLY F 214 14.83 -1.85 -46.27
CA GLY F 214 15.92 -0.94 -45.93
C GLY F 214 15.65 0.55 -46.18
N ILE F 215 14.58 0.85 -46.91
CA ILE F 215 14.13 2.21 -47.19
C ILE F 215 12.97 2.56 -46.25
N GLU F 216 12.05 1.61 -46.03
CA GLU F 216 10.88 1.80 -45.19
C GLU F 216 11.20 1.89 -43.70
N ILE F 217 12.27 1.21 -43.27
CA ILE F 217 12.78 1.26 -41.91
C ILE F 217 14.27 1.67 -41.95
N PRO F 218 14.84 2.18 -40.85
CA PRO F 218 16.27 2.58 -40.87
C PRO F 218 17.17 1.43 -41.27
N ALA F 219 18.10 1.67 -42.20
CA ALA F 219 19.01 0.66 -42.72
C ALA F 219 19.69 -0.18 -41.63
N GLU F 220 20.04 0.44 -40.49
CA GLU F 220 20.70 -0.23 -39.36
C GLU F 220 19.80 -1.19 -38.60
N LYS F 221 18.50 -1.21 -38.87
CA LYS F 221 17.55 -2.08 -38.19
C LYS F 221 17.16 -3.31 -38.99
N VAL F 222 17.50 -3.34 -40.29
CA VAL F 222 17.14 -4.45 -41.17
C VAL F 222 17.64 -5.80 -40.65
N PHE F 223 18.87 -5.88 -40.14
CA PHE F 223 19.37 -7.14 -39.58
C PHE F 223 18.49 -7.68 -38.45
N LEU F 224 17.87 -6.78 -37.66
CA LEU F 224 17.01 -7.19 -36.56
C LEU F 224 15.76 -7.85 -37.14
N ALA F 225 15.18 -7.23 -38.19
CA ALA F 225 14.01 -7.76 -38.84
C ALA F 225 14.33 -9.10 -39.50
N GLN F 226 15.48 -9.19 -40.19
CA GLN F 226 15.89 -10.46 -40.80
C GLN F 226 16.00 -11.59 -39.74
N LYS F 227 16.72 -11.32 -38.63
CA LYS F 227 16.91 -12.33 -37.61
C LYS F 227 15.63 -12.73 -36.91
N MET F 228 14.75 -11.78 -36.63
CA MET F 228 13.49 -12.09 -35.98
C MET F 228 12.63 -12.95 -36.90
N MET F 229 12.52 -12.55 -38.17
CA MET F 229 11.70 -13.27 -39.13
C MET F 229 12.20 -14.68 -39.42
N ILE F 230 13.54 -14.86 -39.55
CA ILE F 230 14.08 -16.20 -39.75
C ILE F 230 13.80 -17.09 -38.53
N GLY F 231 14.00 -16.55 -37.34
CA GLY F 231 13.72 -17.25 -36.10
C GLY F 231 12.28 -17.72 -35.99
N ARG F 232 11.32 -16.81 -36.26
CA ARG F 232 9.89 -17.17 -36.19
C ARG F 232 9.48 -18.20 -37.25
N CYS F 233 10.09 -18.15 -38.45
CA CYS F 233 9.80 -19.11 -39.51
C CYS F 233 10.37 -20.46 -39.17
N ASN F 234 11.58 -20.49 -38.60
CA ASN F 234 12.20 -21.74 -38.16
C ASN F 234 11.34 -22.38 -37.04
N LEU F 235 10.82 -21.55 -36.15
CA LEU F 235 9.95 -21.97 -35.08
C LEU F 235 8.63 -22.54 -35.66
N ALA F 236 8.06 -21.87 -36.69
CA ALA F 236 6.82 -22.32 -37.32
C ALA F 236 7.00 -23.51 -38.26
N GLY F 237 8.23 -23.80 -38.69
CA GLY F 237 8.48 -24.84 -39.67
C GLY F 237 8.11 -24.42 -41.07
N LYS F 238 8.06 -23.10 -41.35
CA LYS F 238 7.70 -22.58 -42.68
C LYS F 238 8.92 -22.01 -43.38
N PRO F 239 9.02 -22.16 -44.72
CA PRO F 239 10.21 -21.64 -45.43
C PRO F 239 10.40 -20.13 -45.31
N VAL F 240 11.67 -19.72 -45.25
CA VAL F 240 12.02 -18.31 -45.20
C VAL F 240 13.12 -18.02 -46.21
N VAL F 241 12.94 -16.97 -47.00
CA VAL F 241 13.90 -16.60 -48.04
C VAL F 241 14.60 -15.30 -47.68
N CYS F 242 15.92 -15.27 -47.75
CA CYS F 242 16.65 -14.02 -47.55
C CYS F 242 16.97 -13.47 -48.93
N ALA F 243 16.58 -12.23 -49.21
CA ALA F 243 16.79 -11.67 -50.53
C ALA F 243 17.42 -10.27 -50.54
N THR F 244 17.95 -9.87 -51.74
CA THR F 244 18.42 -8.56 -52.18
C THR F 244 19.80 -8.11 -51.70
N GLN F 245 20.66 -7.80 -52.70
CA GLN F 245 22.01 -7.30 -52.56
C GLN F 245 22.94 -8.24 -51.80
N MET F 246 22.68 -9.56 -51.88
CA MET F 246 23.55 -10.54 -51.22
C MET F 246 24.96 -10.56 -51.87
N LEU F 247 25.05 -10.54 -53.21
CA LEU F 247 26.32 -10.51 -53.93
C LEU F 247 26.32 -9.35 -54.94
N GLU F 248 25.68 -8.24 -54.61
CA GLU F 248 25.51 -7.05 -55.44
C GLU F 248 26.74 -6.66 -56.31
N SER F 249 27.95 -6.59 -55.75
CA SER F 249 29.14 -6.23 -56.51
C SER F 249 29.44 -7.18 -57.68
N MET F 250 28.92 -8.41 -57.64
CA MET F 250 29.12 -9.36 -58.72
C MET F 250 28.33 -9.03 -60.00
N ILE F 251 27.51 -7.97 -59.99
CA ILE F 251 26.83 -7.51 -61.18
C ILE F 251 27.90 -7.03 -62.23
N THR F 252 29.02 -6.45 -61.74
CA THR F 252 30.07 -5.94 -62.63
C THR F 252 31.44 -6.54 -62.36
N LYS F 253 31.67 -7.10 -61.17
CA LYS F 253 32.96 -7.68 -60.82
C LYS F 253 32.89 -9.20 -60.73
N PRO F 254 33.93 -9.91 -61.16
CA PRO F 254 33.88 -11.38 -61.14
C PRO F 254 33.94 -12.00 -59.73
N ARG F 255 34.34 -11.23 -58.71
CA ARG F 255 34.44 -11.72 -57.34
C ARG F 255 33.64 -10.82 -56.37
N PRO F 256 33.00 -11.40 -55.35
CA PRO F 256 32.23 -10.56 -54.41
C PRO F 256 33.12 -9.91 -53.35
N THR F 257 32.57 -8.95 -52.61
CA THR F 257 33.31 -8.30 -51.54
C THR F 257 33.32 -9.22 -50.29
N ARG F 258 34.19 -8.92 -49.33
CA ARG F 258 34.25 -9.68 -48.09
C ARG F 258 32.96 -9.58 -47.28
N ALA F 259 32.24 -8.45 -47.38
CA ALA F 259 30.94 -8.26 -46.72
C ALA F 259 29.85 -9.12 -47.36
N GLU F 260 29.95 -9.34 -48.68
CA GLU F 260 28.95 -10.10 -49.42
C GLU F 260 29.03 -11.57 -49.11
N THR F 261 30.23 -12.16 -49.10
CA THR F 261 30.36 -13.58 -48.76
C THR F 261 29.91 -13.80 -47.31
N SER F 262 30.26 -12.86 -46.42
CA SER F 262 29.87 -12.88 -45.03
C SER F 262 28.33 -12.81 -44.89
N ASP F 263 27.67 -11.95 -45.67
CA ASP F 263 26.22 -11.82 -45.65
C ASP F 263 25.51 -13.13 -46.02
N VAL F 264 26.00 -13.80 -47.06
CA VAL F 264 25.41 -15.05 -47.51
C VAL F 264 25.58 -16.12 -46.43
N ALA F 265 26.80 -16.24 -45.89
CA ALA F 265 27.09 -17.20 -44.83
C ALA F 265 26.23 -16.95 -43.61
N ASN F 266 26.03 -15.68 -43.25
CA ASN F 266 25.24 -15.35 -42.09
C ASN F 266 23.77 -15.60 -42.29
N ALA F 267 23.24 -15.44 -43.49
CA ALA F 267 21.82 -15.77 -43.75
C ALA F 267 21.59 -17.28 -43.57
N VAL F 268 22.54 -18.12 -44.01
CA VAL F 268 22.44 -19.57 -43.85
C VAL F 268 22.56 -19.90 -42.38
N LEU F 269 23.57 -19.35 -41.70
CA LEU F 269 23.73 -19.57 -40.26
C LEU F 269 22.50 -19.15 -39.47
N ASP F 270 21.87 -18.00 -39.82
CA ASP F 270 20.64 -17.52 -39.18
C ASP F 270 19.53 -18.56 -39.26
N GLY F 271 19.46 -19.27 -40.38
CA GLY F 271 18.47 -20.31 -40.59
C GLY F 271 17.64 -20.15 -41.84
N ALA F 272 18.09 -19.36 -42.82
CA ALA F 272 17.34 -19.16 -44.06
C ALA F 272 17.20 -20.45 -44.90
N ASP F 273 16.00 -20.74 -45.38
CA ASP F 273 15.78 -21.91 -46.23
C ASP F 273 16.29 -21.64 -47.65
N CYS F 274 16.12 -20.39 -48.16
CA CYS F 274 16.57 -20.02 -49.50
C CYS F 274 17.32 -18.71 -49.48
N ILE F 275 18.26 -18.59 -50.36
CA ILE F 275 19.00 -17.37 -50.59
C ILE F 275 18.73 -16.98 -52.05
N MET F 276 18.65 -15.69 -52.33
CA MET F 276 18.29 -15.20 -53.64
C MET F 276 19.32 -14.33 -54.31
N LEU F 277 19.30 -14.34 -55.65
CA LEU F 277 20.11 -13.48 -56.50
C LEU F 277 19.12 -12.73 -57.37
N SER F 278 19.24 -11.41 -57.41
CA SER F 278 18.36 -10.57 -58.20
C SER F 278 19.09 -10.01 -59.42
N GLY F 279 19.61 -8.79 -59.36
CA GLY F 279 20.38 -8.20 -60.46
C GLY F 279 21.65 -8.93 -60.79
N GLU F 280 22.18 -9.72 -59.84
CA GLU F 280 23.38 -10.51 -60.06
C GLU F 280 23.14 -11.54 -61.18
N THR F 281 21.92 -12.09 -61.29
CA THR F 281 21.57 -13.05 -62.35
C THR F 281 20.69 -12.44 -63.44
N ALA F 282 19.82 -11.51 -63.07
CA ALA F 282 18.93 -10.89 -64.04
C ALA F 282 19.67 -9.97 -65.04
N LYS F 283 20.66 -9.19 -64.58
CA LYS F 283 21.30 -8.21 -65.46
C LYS F 283 22.80 -8.22 -65.52
N GLY F 284 23.43 -8.77 -64.49
CA GLY F 284 24.88 -8.74 -64.33
C GLY F 284 25.70 -9.45 -65.37
N ASN F 285 27.02 -9.23 -65.34
CA ASN F 285 27.94 -9.84 -66.29
C ASN F 285 28.42 -11.24 -65.88
N PHE F 286 28.13 -11.67 -64.64
CA PHE F 286 28.59 -12.98 -64.16
C PHE F 286 27.46 -13.79 -63.53
N PRO F 287 26.35 -14.06 -64.27
CA PRO F 287 25.22 -14.77 -63.63
C PRO F 287 25.54 -16.18 -63.14
N VAL F 288 26.34 -16.91 -63.88
CA VAL F 288 26.71 -18.28 -63.50
C VAL F 288 27.68 -18.28 -62.30
N GLU F 289 28.59 -17.32 -62.28
CA GLU F 289 29.57 -17.15 -61.21
C GLU F 289 28.89 -16.75 -59.90
N ALA F 290 27.82 -15.97 -59.97
CA ALA F 290 27.08 -15.57 -58.78
C ALA F 290 26.38 -16.79 -58.18
N VAL F 291 25.81 -17.66 -59.04
CA VAL F 291 25.14 -18.88 -58.58
C VAL F 291 26.17 -19.82 -57.95
N LYS F 292 27.34 -19.97 -58.59
CA LYS F 292 28.40 -20.81 -58.07
C LYS F 292 28.92 -20.31 -56.71
N MET F 293 29.00 -18.99 -56.55
CA MET F 293 29.49 -18.39 -55.33
C MET F 293 28.54 -18.65 -54.19
N GLN F 294 27.23 -18.50 -54.42
CA GLN F 294 26.25 -18.82 -53.38
C GLN F 294 26.30 -20.28 -52.99
N HIS F 295 26.53 -21.15 -53.97
CA HIS F 295 26.61 -22.58 -53.74
C HIS F 295 27.78 -22.90 -52.78
N ALA F 296 28.94 -22.35 -53.07
CA ALA F 296 30.17 -22.55 -52.33
C ALA F 296 30.05 -22.06 -50.90
N ILE F 297 29.51 -20.84 -50.69
CA ILE F 297 29.33 -20.30 -49.35
C ILE F 297 28.31 -21.10 -48.54
N ALA F 298 27.12 -21.37 -49.12
CA ALA F 298 26.09 -22.14 -48.42
C ALA F 298 26.58 -23.51 -47.92
N ARG F 299 27.38 -24.23 -48.71
CA ARG F 299 27.94 -25.51 -48.28
C ARG F 299 28.81 -25.37 -47.01
N GLU F 300 29.69 -24.34 -46.97
CA GLU F 300 30.57 -24.09 -45.84
C GLU F 300 29.75 -23.66 -44.62
N ALA F 301 28.77 -22.79 -44.82
CA ALA F 301 27.95 -22.29 -43.73
C ALA F 301 27.09 -23.35 -43.12
N GLU F 302 26.54 -24.27 -43.93
CA GLU F 302 25.72 -25.35 -43.40
C GLU F 302 26.49 -26.22 -42.43
N ALA F 303 27.77 -26.49 -42.72
CA ALA F 303 28.56 -27.33 -41.84
C ALA F 303 28.89 -26.59 -40.53
N ALA F 304 28.96 -25.23 -40.55
CA ALA F 304 29.27 -24.42 -39.36
C ALA F 304 28.09 -24.24 -38.39
N VAL F 305 26.90 -24.73 -38.73
CA VAL F 305 25.74 -24.62 -37.85
C VAL F 305 25.99 -25.44 -36.56
N TYR F 306 25.57 -24.95 -35.38
CA TYR F 306 25.80 -25.65 -34.12
C TYR F 306 24.59 -26.54 -33.82
N HIS F 307 24.51 -27.71 -34.46
CA HIS F 307 23.35 -28.62 -34.34
C HIS F 307 23.01 -29.05 -32.93
N ARG F 308 24.01 -29.20 -32.05
CA ARG F 308 23.75 -29.58 -30.66
C ARG F 308 22.75 -28.62 -29.96
N GLN F 309 22.94 -27.31 -30.12
CA GLN F 309 22.03 -26.35 -29.53
C GLN F 309 20.77 -26.18 -30.37
N LEU F 310 20.93 -26.05 -31.68
CA LEU F 310 19.80 -25.86 -32.59
C LEU F 310 18.74 -26.99 -32.46
N PHE F 311 19.16 -28.25 -32.46
CA PHE F 311 18.22 -29.36 -32.35
C PHE F 311 17.51 -29.35 -31.01
N GLU F 312 18.24 -29.12 -29.90
CA GLU F 312 17.60 -29.04 -28.59
C GLU F 312 16.58 -27.92 -28.52
N GLU F 313 16.91 -26.73 -29.02
CA GLU F 313 16.00 -25.60 -28.99
C GLU F 313 14.79 -25.83 -29.86
N LEU F 314 14.97 -26.40 -31.07
CA LEU F 314 13.85 -26.72 -31.96
C LEU F 314 12.92 -27.72 -31.29
N ARG F 315 13.49 -28.75 -30.68
CA ARG F 315 12.70 -29.76 -29.98
C ARG F 315 11.97 -29.17 -28.72
N ARG F 316 12.66 -28.38 -27.91
CA ARG F 316 12.09 -27.75 -26.72
C ARG F 316 10.93 -26.83 -27.09
N ALA F 317 11.09 -26.04 -28.16
CA ALA F 317 10.09 -25.04 -28.56
C ALA F 317 8.91 -25.64 -29.29
N ALA F 318 9.14 -26.74 -30.02
CA ALA F 318 8.05 -27.35 -30.78
C ALA F 318 6.99 -27.92 -29.81
N PRO F 319 5.71 -27.67 -30.10
CA PRO F 319 4.66 -28.18 -29.22
C PRO F 319 4.46 -29.69 -29.39
N LEU F 320 3.81 -30.33 -28.39
CA LEU F 320 3.48 -31.75 -28.48
C LEU F 320 2.54 -31.97 -29.65
N SER F 321 2.70 -33.10 -30.32
CA SER F 321 1.86 -33.37 -31.47
C SER F 321 1.30 -34.76 -31.41
N ARG F 322 0.06 -34.89 -31.85
CA ARG F 322 -0.53 -36.20 -32.00
C ARG F 322 -0.66 -36.60 -33.47
N ASP F 323 0.00 -35.85 -34.39
CA ASP F 323 0.01 -36.14 -35.81
C ASP F 323 1.14 -37.13 -36.05
N PRO F 324 0.81 -38.34 -36.51
CA PRO F 324 1.86 -39.36 -36.70
C PRO F 324 2.97 -38.94 -37.65
N THR F 325 2.67 -38.07 -38.61
CA THR F 325 3.70 -37.59 -39.53
C THR F 325 4.75 -36.78 -38.75
N GLU F 326 4.29 -35.92 -37.86
CA GLU F 326 5.15 -35.09 -37.04
C GLU F 326 5.94 -35.97 -36.04
N VAL F 327 5.26 -36.93 -35.39
CA VAL F 327 5.89 -37.84 -34.45
C VAL F 327 6.99 -38.70 -35.12
N THR F 328 6.70 -39.24 -36.32
CA THR F 328 7.68 -40.03 -37.06
C THR F 328 8.85 -39.15 -37.49
N ALA F 329 8.56 -37.89 -37.89
CA ALA F 329 9.61 -36.97 -38.33
C ALA F 329 10.65 -36.73 -37.25
N ILE F 330 10.24 -36.41 -36.01
CA ILE F 330 11.22 -36.16 -34.96
C ILE F 330 11.97 -37.42 -34.55
N GLY F 331 11.32 -38.57 -34.63
CA GLY F 331 11.97 -39.85 -34.36
C GLY F 331 13.06 -40.11 -35.38
N ALA F 332 12.74 -39.87 -36.70
CA ALA F 332 13.67 -40.07 -37.80
C ALA F 332 14.89 -39.13 -37.71
N VAL F 333 14.67 -37.85 -37.37
CA VAL F 333 15.77 -36.89 -37.25
C VAL F 333 16.65 -37.30 -36.07
N GLU F 334 16.05 -37.69 -34.94
CA GLU F 334 16.83 -38.13 -33.78
CA GLU F 334 16.82 -38.13 -33.79
C GLU F 334 17.68 -39.35 -34.13
N ALA F 335 17.09 -40.35 -34.82
CA ALA F 335 17.82 -41.54 -35.23
C ALA F 335 18.95 -41.20 -36.22
N ALA F 336 18.73 -40.25 -37.14
CA ALA F 336 19.77 -39.84 -38.08
C ALA F 336 20.98 -39.25 -37.35
N PHE F 337 20.74 -38.48 -36.28
CA PHE F 337 21.85 -37.91 -35.50
C PHE F 337 22.61 -38.99 -34.74
N LYS F 338 21.91 -40.02 -34.26
CA LYS F 338 22.51 -41.11 -33.49
C LYS F 338 23.55 -41.92 -34.24
N CYS F 339 23.34 -42.13 -35.52
CA CYS F 339 24.23 -42.95 -36.35
C CYS F 339 24.98 -42.19 -37.41
N CYS F 340 24.88 -40.86 -37.49
CA CYS F 340 25.51 -40.08 -38.56
C CYS F 340 24.98 -40.51 -39.92
N ALA F 341 23.67 -40.75 -40.02
CA ALA F 341 23.03 -41.24 -41.24
C ALA F 341 23.33 -40.34 -42.42
N ALA F 342 23.63 -40.96 -43.56
CA ALA F 342 23.95 -40.20 -44.74
C ALA F 342 22.70 -39.43 -45.26
N ALA F 343 21.55 -40.08 -45.19
CA ALA F 343 20.32 -39.51 -45.71
C ALA F 343 19.09 -40.08 -45.00
N ILE F 344 17.96 -39.40 -45.17
CA ILE F 344 16.67 -39.83 -44.71
C ILE F 344 15.88 -39.87 -46.02
N ILE F 345 15.48 -41.06 -46.48
CA ILE F 345 14.68 -41.16 -47.71
C ILE F 345 13.24 -41.13 -47.28
N VAL F 346 12.44 -40.23 -47.84
CA VAL F 346 11.03 -40.11 -47.48
C VAL F 346 10.13 -40.16 -48.71
N LEU F 347 9.01 -40.89 -48.60
CA LEU F 347 8.04 -40.95 -49.69
C LEU F 347 7.03 -39.85 -49.42
N THR F 348 6.78 -38.99 -50.42
CA THR F 348 5.85 -37.89 -50.20
C THR F 348 5.02 -37.63 -51.44
N THR F 349 3.77 -37.24 -51.24
CA THR F 349 2.87 -36.92 -52.34
C THR F 349 2.79 -35.40 -52.51
N THR F 350 2.63 -34.69 -51.39
CA THR F 350 2.50 -33.23 -51.35
C THR F 350 3.80 -32.51 -50.91
N GLY F 351 4.76 -33.26 -50.37
CA GLY F 351 5.97 -32.66 -49.82
C GLY F 351 5.91 -32.49 -48.32
N ARG F 352 4.71 -32.58 -47.72
CA ARG F 352 4.52 -32.37 -46.30
C ARG F 352 5.44 -33.22 -45.39
N SER F 353 5.56 -34.54 -45.65
CA SER F 353 6.45 -35.37 -44.83
C SER F 353 7.91 -34.90 -44.90
N ALA F 354 8.37 -34.45 -46.08
CA ALA F 354 9.72 -33.94 -46.23
C ALA F 354 9.87 -32.60 -45.47
N GLN F 355 8.82 -31.75 -45.51
CA GLN F 355 8.84 -30.49 -44.81
C GLN F 355 8.94 -30.70 -43.30
N LEU F 356 8.19 -31.67 -42.74
CA LEU F 356 8.24 -31.92 -41.32
C LEU F 356 9.59 -32.48 -40.86
N LEU F 357 10.32 -33.18 -41.74
CA LEU F 357 11.66 -33.65 -41.39
C LEU F 357 12.63 -32.44 -41.38
N SER F 358 12.51 -31.58 -42.40
CA SER F 358 13.30 -30.37 -42.65
C SER F 358 13.23 -29.38 -41.49
N ARG F 359 12.06 -29.23 -40.82
CA ARG F 359 11.91 -28.27 -39.72
C ARG F 359 12.82 -28.55 -38.54
N TYR F 360 13.22 -29.82 -38.34
CA TYR F 360 14.13 -30.17 -37.25
C TYR F 360 15.59 -30.01 -37.63
N ARG F 361 15.88 -29.49 -38.82
CA ARG F 361 17.20 -29.20 -39.32
C ARG F 361 18.19 -30.36 -39.18
N PRO F 362 17.94 -31.53 -39.80
CA PRO F 362 18.92 -32.63 -39.73
C PRO F 362 20.20 -32.30 -40.49
N ARG F 363 21.30 -32.92 -40.08
CA ARG F 363 22.53 -32.81 -40.85
C ARG F 363 22.43 -33.78 -42.10
N ALA F 364 21.68 -34.89 -41.96
CA ALA F 364 21.42 -35.84 -43.03
C ALA F 364 20.51 -35.23 -44.09
N ALA F 365 20.80 -35.51 -45.37
CA ALA F 365 20.03 -35.04 -46.51
C ALA F 365 18.66 -35.72 -46.51
N VAL F 366 17.60 -34.97 -46.78
CA VAL F 366 16.28 -35.54 -46.89
C VAL F 366 16.00 -35.77 -48.37
N ILE F 367 16.12 -37.03 -48.82
CA ILE F 367 15.84 -37.37 -50.22
C ILE F 367 14.34 -37.65 -50.37
N ALA F 368 13.59 -36.74 -51.00
CA ALA F 368 12.16 -36.92 -51.12
C ALA F 368 11.77 -37.58 -52.44
N VAL F 369 11.23 -38.83 -52.40
CA VAL F 369 10.80 -39.56 -53.60
C VAL F 369 9.32 -39.29 -53.83
N THR F 370 8.95 -38.71 -54.98
CA THR F 370 7.57 -38.33 -55.26
C THR F 370 7.22 -38.50 -56.73
N ARG F 371 5.94 -38.73 -57.00
CA ARG F 371 5.44 -38.83 -58.38
C ARG F 371 4.91 -37.47 -58.89
N SER F 372 4.59 -36.53 -57.96
CA SER F 372 4.08 -35.21 -58.27
C SER F 372 5.21 -34.29 -58.73
N ALA F 373 5.14 -33.84 -59.99
CA ALA F 373 6.15 -32.93 -60.52
C ALA F 373 6.07 -31.58 -59.80
N GLN F 374 4.84 -31.12 -59.46
CA GLN F 374 4.68 -29.87 -58.74
C GLN F 374 5.30 -29.96 -57.34
N ALA F 375 5.02 -31.03 -56.60
CA ALA F 375 5.60 -31.20 -55.27
C ALA F 375 7.12 -31.27 -55.35
N ALA F 376 7.66 -31.93 -56.38
CA ALA F 376 9.09 -32.03 -56.56
C ALA F 376 9.71 -30.62 -56.73
N ARG F 377 9.03 -29.72 -57.45
CA ARG F 377 9.53 -28.38 -57.65
C ARG F 377 9.37 -27.55 -56.38
N GLN F 378 8.21 -27.64 -55.74
CA GLN F 378 7.92 -26.87 -54.53
C GLN F 378 8.76 -27.21 -53.27
N VAL F 379 9.24 -28.47 -53.11
CA VAL F 379 10.04 -28.81 -51.92
C VAL F 379 11.42 -28.11 -51.88
N HIS F 380 11.79 -27.42 -52.95
CA HIS F 380 13.02 -26.64 -52.97
C HIS F 380 12.94 -25.49 -51.93
N LEU F 381 11.74 -25.07 -51.53
CA LEU F 381 11.57 -24.05 -50.52
C LEU F 381 12.07 -24.52 -49.16
N CYS F 382 12.13 -25.85 -48.89
CA CYS F 382 12.55 -26.40 -47.60
C CYS F 382 14.00 -26.77 -47.57
N ARG F 383 14.74 -26.24 -46.59
CA ARG F 383 16.16 -26.55 -46.46
C ARG F 383 16.42 -28.04 -46.28
N GLY F 384 17.31 -28.57 -47.10
CA GLY F 384 17.77 -29.95 -46.99
C GLY F 384 16.95 -30.99 -47.69
N VAL F 385 15.95 -30.56 -48.46
CA VAL F 385 15.13 -31.50 -49.19
C VAL F 385 15.59 -31.60 -50.64
N PHE F 386 15.98 -32.80 -51.05
CA PHE F 386 16.46 -33.10 -52.40
C PHE F 386 15.37 -33.90 -53.11
N PRO F 387 14.58 -33.23 -53.97
CA PRO F 387 13.47 -33.92 -54.65
C PRO F 387 13.92 -34.85 -55.76
N LEU F 388 13.32 -36.02 -55.77
CA LEU F 388 13.57 -37.07 -56.75
C LEU F 388 12.24 -37.40 -57.40
N LEU F 389 12.07 -37.13 -58.69
CA LEU F 389 10.83 -37.45 -59.38
C LEU F 389 10.83 -38.92 -59.90
N TYR F 390 9.86 -39.71 -59.47
CA TYR F 390 9.71 -41.13 -59.84
C TYR F 390 8.75 -41.22 -61.03
N ARG F 391 9.23 -41.74 -62.15
CA ARG F 391 8.44 -41.77 -63.37
C ARG F 391 7.87 -43.14 -63.72
N GLU F 392 8.36 -44.22 -63.10
CA GLU F 392 7.84 -45.57 -63.37
C GLU F 392 6.34 -45.76 -63.07
N PRO F 393 5.67 -46.66 -63.83
CA PRO F 393 4.23 -46.88 -63.59
C PRO F 393 3.97 -47.77 -62.36
N PRO F 394 2.83 -47.56 -61.70
CA PRO F 394 2.55 -48.30 -60.46
C PRO F 394 2.56 -49.82 -60.53
N GLU F 395 3.00 -50.47 -59.45
CA GLU F 395 3.01 -51.93 -59.32
C GLU F 395 1.63 -52.41 -58.89
N ALA F 396 1.32 -53.71 -59.11
CA ALA F 396 0.02 -54.27 -58.74
C ALA F 396 -0.15 -54.27 -57.22
N ILE F 397 0.91 -54.64 -56.50
CA ILE F 397 0.88 -54.65 -55.05
C ILE F 397 1.53 -53.38 -54.52
N TRP F 398 0.78 -52.59 -53.74
CA TRP F 398 1.25 -51.32 -53.19
C TRP F 398 2.54 -51.44 -52.39
N ALA F 399 2.67 -52.47 -51.56
CA ALA F 399 3.89 -52.70 -50.80
C ALA F 399 5.13 -52.82 -51.71
N ASP F 400 4.95 -53.43 -52.89
CA ASP F 400 6.03 -53.57 -53.86
C ASP F 400 6.35 -52.22 -54.50
N ASP F 401 5.32 -51.44 -54.78
CA ASP F 401 5.45 -50.12 -55.37
C ASP F 401 6.22 -49.19 -54.42
N VAL F 402 5.96 -49.31 -53.11
CA VAL F 402 6.62 -48.53 -52.07
C VAL F 402 8.09 -48.95 -52.04
N ASP F 403 8.36 -50.25 -52.02
CA ASP F 403 9.72 -50.75 -51.99
C ASP F 403 10.51 -50.41 -53.22
N ARG F 404 9.87 -50.29 -54.40
CA ARG F 404 10.58 -49.89 -55.61
C ARG F 404 10.99 -48.43 -55.53
N ARG F 405 10.12 -47.58 -54.95
CA ARG F 405 10.40 -46.18 -54.78
C ARG F 405 11.53 -45.96 -53.75
N VAL F 406 11.60 -46.81 -52.71
CA VAL F 406 12.66 -46.71 -51.73
C VAL F 406 13.97 -47.11 -52.39
N GLN F 407 13.97 -48.22 -53.15
CA GLN F 407 15.17 -48.66 -53.86
C GLN F 407 15.63 -47.65 -54.88
N PHE F 408 14.70 -46.96 -55.54
CA PHE F 408 15.01 -45.89 -56.49
C PHE F 408 15.78 -44.76 -55.77
N GLY F 409 15.33 -44.43 -54.57
CA GLY F 409 15.95 -43.41 -53.74
C GLY F 409 17.35 -43.82 -53.35
N ILE F 410 17.53 -45.08 -52.99
CA ILE F 410 18.84 -45.59 -52.61
C ILE F 410 19.77 -45.60 -53.81
N GLU F 411 19.28 -46.07 -54.96
CA GLU F 411 20.09 -46.12 -56.17
C GLU F 411 20.50 -44.78 -56.64
N SER F 412 19.58 -43.83 -56.73
CA SER F 412 19.92 -42.45 -57.12
C SER F 412 20.84 -41.80 -56.07
N GLY F 413 20.67 -42.15 -54.80
CA GLY F 413 21.51 -41.63 -53.73
C GLY F 413 22.95 -42.06 -53.91
N LYS F 414 23.18 -43.37 -54.13
CA LYS F 414 24.51 -43.94 -54.33
C LYS F 414 25.14 -43.36 -55.58
N LEU F 415 24.34 -43.27 -56.65
CA LEU F 415 24.74 -42.75 -57.95
C LEU F 415 25.12 -41.31 -57.94
N ARG F 416 24.39 -40.47 -57.19
CA ARG F 416 24.70 -39.04 -57.08
C ARG F 416 25.73 -38.72 -55.97
N GLY F 417 26.25 -39.73 -55.30
CA GLY F 417 27.26 -39.53 -54.28
C GLY F 417 26.75 -39.39 -52.86
N PHE F 418 25.41 -39.14 -52.71
CA PHE F 418 24.74 -38.98 -51.43
C PHE F 418 24.99 -40.18 -50.50
N LEU F 419 25.02 -41.38 -51.09
CA LEU F 419 25.22 -42.60 -50.33
C LEU F 419 26.43 -43.36 -50.80
N ARG F 420 26.92 -44.16 -49.89
CA ARG F 420 28.04 -45.06 -50.03
C ARG F 420 27.60 -46.40 -49.39
N VAL F 421 28.23 -47.52 -49.76
CA VAL F 421 27.91 -48.79 -49.14
C VAL F 421 28.43 -48.78 -47.72
N GLY F 422 27.71 -49.44 -46.84
CA GLY F 422 28.05 -49.46 -45.43
C GLY F 422 27.41 -48.32 -44.67
N ASP F 423 26.90 -47.30 -45.41
CA ASP F 423 26.19 -46.17 -44.85
C ASP F 423 24.84 -46.61 -44.25
N LEU F 424 24.35 -45.87 -43.24
CA LEU F 424 23.03 -46.10 -42.70
C LEU F 424 22.13 -45.01 -43.26
N VAL F 425 20.94 -45.39 -43.63
CA VAL F 425 19.94 -44.45 -44.09
C VAL F 425 18.69 -44.69 -43.21
N ILE F 426 17.90 -43.63 -43.02
CA ILE F 426 16.64 -43.74 -42.32
C ILE F 426 15.55 -43.65 -43.41
N VAL F 427 14.58 -44.60 -43.42
CA VAL F 427 13.55 -44.59 -44.44
C VAL F 427 12.21 -44.26 -43.79
N VAL F 428 11.51 -43.24 -44.31
CA VAL F 428 10.24 -42.81 -43.76
C VAL F 428 9.10 -43.05 -44.76
N THR F 429 8.11 -43.87 -44.35
CA THR F 429 6.96 -44.25 -45.19
C THR F 429 5.64 -44.26 -44.35
N GLY F 430 4.51 -44.52 -45.00
CA GLY F 430 3.21 -44.63 -44.35
C GLY F 430 2.63 -46.03 -44.45
N TRP F 431 1.54 -46.27 -43.74
CA TRP F 431 0.91 -47.58 -43.69
C TRP F 431 -0.15 -47.83 -44.79
N ARG F 432 -0.52 -46.80 -45.55
CA ARG F 432 -1.52 -46.92 -46.61
C ARG F 432 -1.30 -45.82 -47.67
N PRO F 433 -1.79 -46.02 -48.91
CA PRO F 433 -1.62 -44.99 -49.95
C PRO F 433 -2.36 -43.70 -49.66
N GLY F 434 -1.94 -42.63 -50.34
CA GLY F 434 -2.51 -41.32 -50.15
C GLY F 434 -1.71 -40.49 -49.18
N SER F 435 -1.89 -39.17 -49.25
CA SER F 435 -1.22 -38.24 -48.35
C SER F 435 -1.70 -38.32 -46.93
N GLY F 436 -0.80 -38.00 -46.02
CA GLY F 436 -1.11 -37.85 -44.61
C GLY F 436 -1.03 -39.07 -43.73
N TYR F 437 -0.48 -40.19 -44.24
CA TYR F 437 -0.43 -41.41 -43.44
C TYR F 437 0.95 -41.86 -43.04
N THR F 438 1.96 -40.97 -43.13
CA THR F 438 3.33 -41.30 -42.73
C THR F 438 3.36 -41.71 -41.26
N ASN F 439 3.91 -42.86 -40.95
CA ASN F 439 3.99 -43.33 -39.57
C ASN F 439 5.09 -44.35 -39.33
N ILE F 440 5.92 -44.65 -40.33
CA ILE F 440 6.94 -45.67 -40.21
C ILE F 440 8.34 -45.10 -40.44
N MET F 441 9.26 -45.50 -39.60
CA MET F 441 10.65 -45.13 -39.74
CA MET F 441 10.67 -45.12 -39.66
C MET F 441 11.45 -46.41 -39.65
N ARG F 442 12.35 -46.62 -40.59
CA ARG F 442 13.15 -47.83 -40.65
C ARG F 442 14.63 -47.48 -40.72
N VAL F 443 15.48 -48.26 -40.04
CA VAL F 443 16.92 -48.06 -40.10
C VAL F 443 17.43 -49.10 -41.06
N LEU F 444 18.03 -48.66 -42.16
CA LEU F 444 18.52 -49.56 -43.21
CA LEU F 444 18.50 -49.54 -43.22
C LEU F 444 20.01 -49.41 -43.48
N SER F 445 20.68 -50.53 -43.73
CA SER F 445 22.11 -50.52 -44.03
C SER F 445 22.29 -50.61 -45.54
N ILE F 446 22.99 -49.66 -46.15
CA ILE F 446 23.17 -49.66 -47.60
CA ILE F 446 23.18 -49.65 -47.61
C ILE F 446 24.16 -50.73 -48.01
N SER F 447 23.73 -51.63 -48.89
CA SER F 447 24.61 -52.70 -49.36
C SER F 447 24.98 -52.50 -50.85
N ALA G 25 46.78 -31.95 -5.39
CA ALA G 25 46.12 -32.59 -4.23
C ALA G 25 44.84 -31.85 -3.83
N PHE G 26 44.90 -30.50 -3.89
CA PHE G 26 43.77 -29.63 -3.56
C PHE G 26 42.56 -29.95 -4.44
N PHE G 27 42.80 -30.13 -5.75
CA PHE G 27 41.73 -30.39 -6.71
C PHE G 27 41.16 -31.81 -6.65
N GLN G 28 41.71 -32.69 -5.81
CA GLN G 28 41.18 -34.04 -5.64
C GLN G 28 40.29 -34.16 -4.35
N GLN G 29 40.35 -33.16 -3.46
CA GLN G 29 39.56 -33.12 -2.23
C GLN G 29 38.22 -32.41 -2.49
N GLN G 30 37.31 -32.44 -1.47
CA GLN G 30 35.98 -31.83 -1.42
C GLN G 30 35.17 -31.94 -2.73
N GLN G 31 35.20 -33.14 -3.34
CA GLN G 31 34.51 -33.48 -4.58
C GLN G 31 34.79 -32.50 -5.72
N LEU G 32 36.00 -31.91 -5.76
CA LEU G 32 36.31 -30.96 -6.82
C LEU G 32 36.27 -31.61 -8.22
N PRO G 33 36.69 -32.88 -8.46
CA PRO G 33 36.49 -33.48 -9.79
C PRO G 33 35.01 -33.50 -10.22
N ALA G 34 34.10 -33.87 -9.29
CA ALA G 34 32.66 -33.89 -9.57
C ALA G 34 32.08 -32.48 -9.75
N ALA G 35 32.71 -31.46 -9.15
CA ALA G 35 32.25 -30.07 -9.28
C ALA G 35 32.50 -29.52 -10.68
N MET G 36 33.58 -29.98 -11.33
CA MET G 36 33.97 -29.57 -12.69
C MET G 36 33.10 -30.18 -13.79
N ALA G 37 32.26 -31.17 -13.46
CA ALA G 37 31.45 -31.86 -14.46
C ALA G 37 30.54 -30.94 -15.26
N ASP G 38 30.34 -31.29 -16.54
CA ASP G 38 29.51 -30.48 -17.43
C ASP G 38 28.03 -30.83 -17.36
N THR G 39 27.70 -32.02 -16.86
CA THR G 39 26.31 -32.44 -16.66
C THR G 39 26.13 -32.98 -15.24
N PHE G 40 24.88 -33.00 -14.77
CA PHE G 40 24.56 -33.58 -13.48
C PHE G 40 24.86 -35.08 -13.49
N LEU G 41 24.62 -35.76 -14.63
CA LEU G 41 24.94 -37.19 -14.75
C LEU G 41 26.43 -37.41 -14.58
N GLU G 42 27.29 -36.63 -15.29
CA GLU G 42 28.75 -36.75 -15.14
CA GLU G 42 28.74 -36.79 -15.13
C GLU G 42 29.17 -36.43 -13.70
N HIS G 43 28.48 -35.47 -13.06
CA HIS G 43 28.73 -35.06 -11.68
C HIS G 43 28.47 -36.25 -10.77
N LEU G 44 27.35 -36.98 -10.94
CA LEU G 44 27.09 -38.17 -10.12
C LEU G 44 28.19 -39.20 -10.30
N CYS G 45 28.57 -39.46 -11.56
CA CYS G 45 29.59 -40.45 -11.89
C CYS G 45 30.92 -40.14 -11.26
N LEU G 46 31.26 -38.85 -11.09
CA LEU G 46 32.53 -38.44 -10.55
C LEU G 46 32.60 -38.35 -9.03
N LEU G 47 31.47 -38.54 -8.31
CA LEU G 47 31.49 -38.51 -6.83
C LEU G 47 32.44 -39.60 -6.30
N ASP G 48 33.38 -39.22 -5.41
CA ASP G 48 34.40 -40.13 -4.89
C ASP G 48 34.33 -40.29 -3.37
N ILE G 49 34.24 -41.52 -2.86
CA ILE G 49 34.23 -41.76 -1.43
C ILE G 49 35.61 -41.47 -0.78
N ASP G 50 36.68 -41.41 -1.57
CA ASP G 50 38.02 -41.08 -1.08
C ASP G 50 38.36 -39.57 -1.18
N SER G 51 37.45 -38.74 -1.71
CA SER G 51 37.63 -37.30 -1.82
C SER G 51 37.16 -36.69 -0.49
N GLU G 52 38.10 -36.33 0.41
CA GLU G 52 37.76 -35.86 1.74
C GLU G 52 37.21 -34.46 1.82
N PRO G 53 36.16 -34.26 2.66
CA PRO G 53 35.62 -32.90 2.84
C PRO G 53 36.64 -32.02 3.53
N VAL G 54 36.78 -30.78 3.05
CA VAL G 54 37.72 -29.85 3.62
C VAL G 54 37.00 -28.71 4.32
N ALA G 55 35.97 -28.18 3.67
CA ALA G 55 35.17 -27.09 4.23
C ALA G 55 34.46 -27.45 5.56
N ALA G 56 34.18 -26.44 6.38
CA ALA G 56 33.48 -26.65 7.63
C ALA G 56 31.99 -26.96 7.34
N ARG G 57 31.34 -27.68 8.24
CA ARG G 57 29.94 -28.04 8.08
C ARG G 57 29.02 -26.80 8.13
N SER G 58 28.26 -26.59 7.06
CA SER G 58 27.43 -25.41 6.89
C SER G 58 25.93 -25.55 7.24
N THR G 59 25.38 -26.77 7.27
CA THR G 59 23.98 -26.98 7.64
C THR G 59 23.95 -27.06 9.16
N SER G 60 23.17 -26.20 9.81
CA SER G 60 23.09 -26.20 11.27
C SER G 60 22.34 -27.38 11.84
N ILE G 61 22.73 -27.78 13.06
CA ILE G 61 22.09 -28.88 13.75
C ILE G 61 21.27 -28.35 14.92
N ILE G 62 19.97 -28.64 14.90
CA ILE G 62 19.07 -28.28 15.99
C ILE G 62 18.88 -29.51 16.85
N ALA G 63 19.21 -29.43 18.14
CA ALA G 63 19.03 -30.58 19.04
C ALA G 63 17.97 -30.26 20.05
N THR G 64 17.02 -31.18 20.26
CA THR G 64 15.96 -30.99 21.25
C THR G 64 16.52 -31.32 22.63
N ILE G 65 16.42 -30.39 23.57
CA ILE G 65 16.98 -30.58 24.90
C ILE G 65 15.97 -31.24 25.83
N GLY G 66 16.27 -32.45 26.28
CA GLY G 66 15.36 -33.17 27.16
C GLY G 66 16.06 -33.88 28.29
N PRO G 67 15.43 -34.91 28.88
CA PRO G 67 16.08 -35.67 29.97
C PRO G 67 17.49 -36.16 29.65
N ALA G 68 17.68 -36.74 28.46
CA ALA G 68 18.95 -37.27 27.99
C ALA G 68 20.01 -36.21 27.69
N SER G 69 19.59 -34.95 27.49
CA SER G 69 20.52 -33.90 27.13
C SER G 69 20.53 -32.71 28.08
N ARG G 70 19.96 -32.84 29.27
CA ARG G 70 19.83 -31.73 30.20
C ARG G 70 21.05 -31.26 31.00
N SER G 71 21.93 -32.16 31.43
CA SER G 71 23.06 -31.75 32.27
C SER G 71 24.02 -30.72 31.59
N VAL G 72 24.72 -29.91 32.38
CA VAL G 72 25.66 -28.93 31.86
C VAL G 72 26.86 -29.63 31.18
N GLU G 73 27.34 -30.74 31.76
CA GLU G 73 28.44 -31.50 31.16
C GLU G 73 28.06 -32.13 29.85
N ARG G 74 26.81 -32.62 29.74
CA ARG G 74 26.27 -33.24 28.53
C ARG G 74 26.13 -32.18 27.43
N LEU G 75 25.64 -31.00 27.78
CA LEU G 75 25.47 -29.89 26.85
C LEU G 75 26.80 -29.39 26.31
N LYS G 76 27.86 -29.39 27.13
CA LYS G 76 29.19 -28.98 26.69
C LYS G 76 29.70 -29.96 25.62
N GLU G 77 29.44 -31.26 25.80
CA GLU G 77 29.83 -32.28 24.83
C GLU G 77 29.05 -32.12 23.51
N MET G 78 27.77 -31.76 23.61
CA MET G 78 26.92 -31.55 22.47
CA MET G 78 26.92 -31.55 22.47
C MET G 78 27.31 -30.31 21.69
N ILE G 79 27.78 -29.26 22.37
CA ILE G 79 28.24 -28.05 21.69
C ILE G 79 29.52 -28.39 20.91
N LYS G 80 30.42 -29.16 21.53
CA LYS G 80 31.67 -29.61 20.92
C LYS G 80 31.41 -30.50 19.69
N ALA G 81 30.37 -31.34 19.76
CA ALA G 81 29.97 -32.24 18.69
C ALA G 81 29.32 -31.50 17.49
N GLY G 82 28.83 -30.28 17.71
CA GLY G 82 28.25 -29.51 16.62
C GLY G 82 26.87 -28.94 16.79
N MET G 83 26.26 -29.01 17.99
CA MET G 83 24.93 -28.42 18.19
C MET G 83 25.00 -26.90 18.05
N ASN G 84 24.14 -26.34 17.20
CA ASN G 84 24.12 -24.90 17.00
C ASN G 84 22.89 -24.29 17.62
N ILE G 85 21.76 -25.01 17.63
CA ILE G 85 20.51 -24.49 18.14
C ILE G 85 19.92 -25.52 19.10
N ALA G 86 19.44 -25.05 20.26
CA ALA G 86 18.85 -25.90 21.30
C ALA G 86 17.34 -25.69 21.27
N ARG G 87 16.58 -26.75 21.03
CA ARG G 87 15.13 -26.70 20.93
C ARG G 87 14.47 -27.15 22.23
N LEU G 88 13.46 -26.39 22.67
CA LEU G 88 12.68 -26.70 23.85
C LEU G 88 11.29 -26.99 23.33
N ASN G 89 10.82 -28.20 23.52
CA ASN G 89 9.49 -28.58 23.04
C ASN G 89 8.47 -28.25 24.11
N PHE G 90 7.67 -27.20 23.89
CA PHE G 90 6.66 -26.81 24.87
C PHE G 90 5.37 -27.61 24.75
N SER G 91 5.45 -28.80 24.21
CA SER G 91 4.35 -29.76 24.25
C SER G 91 4.51 -30.61 25.54
N HIS G 92 5.76 -30.81 26.00
CA HIS G 92 6.09 -31.55 27.20
C HIS G 92 6.59 -30.53 28.24
N GLY G 93 6.70 -30.96 29.49
CA GLY G 93 7.32 -30.19 30.55
C GLY G 93 6.71 -28.87 30.95
N SER G 94 7.01 -28.48 32.19
CA SER G 94 6.49 -27.24 32.73
C SER G 94 7.37 -26.04 32.35
N HIS G 95 6.88 -24.81 32.61
CA HIS G 95 7.67 -23.61 32.43
C HIS G 95 8.92 -23.66 33.34
N GLU G 96 8.78 -24.21 34.56
CA GLU G 96 9.88 -24.35 35.50
C GLU G 96 10.98 -25.25 34.91
N TYR G 97 10.57 -26.37 34.31
CA TYR G 97 11.47 -27.34 33.72
C TYR G 97 12.26 -26.69 32.58
N HIS G 98 11.55 -25.97 31.68
CA HIS G 98 12.17 -25.34 30.54
C HIS G 98 13.05 -24.15 30.93
N ALA G 99 12.72 -23.45 32.02
CA ALA G 99 13.59 -22.38 32.49
C ALA G 99 14.91 -22.96 32.99
N GLU G 100 14.89 -24.15 33.62
CA GLU G 100 16.11 -24.80 34.10
CA GLU G 100 16.12 -24.77 34.09
C GLU G 100 16.95 -25.31 32.93
N SER G 101 16.27 -25.84 31.87
CA SER G 101 16.96 -26.31 30.67
C SER G 101 17.72 -25.10 30.02
N ILE G 102 17.05 -23.93 29.86
CA ILE G 102 17.64 -22.71 29.30
C ILE G 102 18.86 -22.28 30.08
N ALA G 103 18.73 -22.30 31.42
CA ALA G 103 19.83 -21.94 32.33
C ALA G 103 21.04 -22.86 32.12
N ASN G 104 20.80 -24.15 31.94
CA ASN G 104 21.87 -25.11 31.71
C ASN G 104 22.56 -24.94 30.36
N VAL G 105 21.77 -24.64 29.32
CA VAL G 105 22.33 -24.41 27.99
C VAL G 105 23.24 -23.17 28.04
N ARG G 106 22.74 -22.05 28.61
CA ARG G 106 23.52 -20.83 28.75
C ARG G 106 24.80 -20.99 29.54
N GLU G 107 24.75 -21.82 30.59
CA GLU G 107 25.92 -22.10 31.39
C GLU G 107 26.98 -22.89 30.61
N ALA G 108 26.56 -23.90 29.84
CA ALA G 108 27.47 -24.69 29.04
C ALA G 108 28.07 -23.83 27.93
N VAL G 109 27.27 -22.94 27.31
CA VAL G 109 27.71 -22.06 26.23
C VAL G 109 28.72 -21.06 26.74
N GLU G 110 28.41 -20.42 27.87
CA GLU G 110 29.31 -19.39 28.40
C GLU G 110 30.58 -19.94 29.03
N SER G 111 30.66 -21.27 29.26
CA SER G 111 31.90 -21.88 29.75
C SER G 111 33.07 -21.75 28.74
N PHE G 112 32.75 -21.44 27.47
CA PHE G 112 33.76 -21.28 26.42
C PHE G 112 34.03 -19.80 26.06
N ALA G 113 33.38 -18.84 26.74
CA ALA G 113 33.57 -17.42 26.45
C ALA G 113 34.98 -16.86 26.81
N GLY G 114 35.75 -17.63 27.56
CA GLY G 114 37.11 -17.26 27.96
C GLY G 114 38.13 -17.27 26.84
N SER G 115 37.84 -17.96 25.74
CA SER G 115 38.73 -18.00 24.56
C SER G 115 37.88 -17.40 23.43
N PRO G 116 37.92 -16.07 23.27
CA PRO G 116 37.01 -15.40 22.30
C PRO G 116 37.18 -15.77 20.82
N LEU G 117 38.39 -16.20 20.37
CA LEU G 117 38.58 -16.60 18.98
C LEU G 117 37.95 -17.94 18.62
N SER G 118 37.53 -18.73 19.63
CA SER G 118 36.89 -20.04 19.43
C SER G 118 35.46 -20.14 20.03
N TYR G 119 34.94 -19.03 20.62
CA TYR G 119 33.61 -19.07 21.23
C TYR G 119 32.51 -19.31 20.18
N ARG G 120 31.67 -20.33 20.45
CA ARG G 120 30.60 -20.72 19.55
C ARG G 120 29.23 -20.36 20.09
N PRO G 121 28.53 -19.38 19.47
CA PRO G 121 27.19 -19.03 19.93
C PRO G 121 26.22 -20.20 19.71
N VAL G 122 25.19 -20.31 20.58
CA VAL G 122 24.17 -21.36 20.46
C VAL G 122 22.80 -20.74 20.62
N ALA G 123 21.93 -20.85 19.61
CA ALA G 123 20.60 -20.25 19.68
C ALA G 123 19.65 -21.09 20.53
N ILE G 124 18.62 -20.45 21.09
CA ILE G 124 17.60 -21.15 21.85
C ILE G 124 16.26 -20.99 21.16
N ALA G 125 15.63 -22.09 20.78
CA ALA G 125 14.36 -22.03 20.07
C ALA G 125 13.24 -22.64 20.88
N LEU G 126 12.08 -22.00 20.86
CA LEU G 126 10.90 -22.47 21.56
C LEU G 126 9.95 -23.08 20.55
N ASP G 127 9.62 -24.35 20.72
CA ASP G 127 8.66 -25.03 19.84
C ASP G 127 7.31 -24.99 20.55
N THR G 128 6.31 -24.31 19.99
CA THR G 128 4.99 -24.20 20.61
C THR G 128 4.20 -25.51 20.56
N LYS G 129 3.23 -25.66 21.46
CA LYS G 129 2.35 -26.83 21.54
C LYS G 129 1.37 -26.86 20.37
N GLY G 130 0.86 -25.71 19.96
CA GLY G 130 -0.04 -25.64 18.83
C GLY G 130 -1.49 -25.35 19.17
N PRO G 131 -2.32 -25.18 18.13
CA PRO G 131 -3.74 -24.86 18.37
C PRO G 131 -4.59 -26.09 18.64
N GLY G 134 -8.69 -26.41 18.33
CA GLY G 134 -9.08 -25.04 18.64
C GLY G 134 -8.85 -24.05 17.51
N PRO G 135 -9.63 -22.94 17.54
CA PRO G 135 -9.46 -21.90 16.50
C PRO G 135 -8.54 -20.76 16.98
N GLY G 136 -7.58 -20.43 16.12
CA GLY G 136 -6.63 -19.38 16.45
C GLY G 136 -5.60 -19.77 17.48
N LEU G 137 -5.00 -18.74 18.07
CA LEU G 137 -3.91 -18.94 19.01
C LEU G 137 -4.45 -19.38 20.35
N SER G 138 -4.09 -20.60 20.77
CA SER G 138 -4.49 -21.17 22.04
C SER G 138 -3.94 -20.38 23.25
N GLU G 139 -4.62 -20.47 24.40
CA GLU G 139 -4.21 -19.78 25.62
C GLU G 139 -2.84 -20.20 26.06
N GLN G 140 -2.53 -21.50 25.94
CA GLN G 140 -1.25 -22.03 26.35
C GLN G 140 -0.15 -21.43 25.48
N ASP G 141 -0.40 -21.30 24.17
CA ASP G 141 0.55 -20.72 23.24
C ASP G 141 0.86 -19.29 23.59
N VAL G 142 -0.14 -18.49 23.99
CA VAL G 142 0.08 -17.11 24.42
C VAL G 142 1.00 -17.05 25.64
N ARG G 143 0.79 -17.96 26.57
CA ARG G 143 1.59 -18.00 27.79
C ARG G 143 3.01 -18.45 27.52
N ASP G 144 3.18 -19.43 26.62
CA ASP G 144 4.48 -19.98 26.24
C ASP G 144 5.30 -18.95 25.43
N LEU G 145 4.61 -18.18 24.54
CA LEU G 145 5.24 -17.12 23.77
C LEU G 145 5.67 -15.98 24.70
N ARG G 146 4.85 -15.66 25.70
CA ARG G 146 5.23 -14.64 26.67
C ARG G 146 6.47 -15.12 27.48
N PHE G 147 6.50 -16.41 27.83
CA PHE G 147 7.62 -17.03 28.55
C PHE G 147 8.90 -16.86 27.73
N GLY G 148 8.80 -17.14 26.42
CA GLY G 148 9.90 -17.04 25.49
C GLY G 148 10.52 -15.67 25.44
N VAL G 149 9.68 -14.64 25.38
CA VAL G 149 10.12 -13.25 25.36
C VAL G 149 10.81 -12.92 26.67
N GLU G 150 10.24 -13.35 27.79
CA GLU G 150 10.80 -13.10 29.12
C GLU G 150 12.11 -13.80 29.33
N HIS G 151 12.33 -14.96 28.69
CA HIS G 151 13.58 -15.68 28.81
C HIS G 151 14.58 -15.44 27.67
N GLY G 152 14.27 -14.52 26.78
CA GLY G 152 15.17 -14.17 25.70
C GLY G 152 15.47 -15.24 24.66
N VAL G 153 14.44 -16.00 24.23
CA VAL G 153 14.67 -16.98 23.18
C VAL G 153 14.95 -16.23 21.85
N ASP G 154 15.62 -16.90 20.92
CA ASP G 154 15.96 -16.29 19.64
C ASP G 154 15.00 -16.67 18.52
N ILE G 155 14.43 -17.88 18.59
CA ILE G 155 13.57 -18.40 17.56
C ILE G 155 12.32 -19.04 18.14
N VAL G 156 11.25 -19.04 17.36
CA VAL G 156 10.02 -19.70 17.74
C VAL G 156 9.64 -20.59 16.58
N PHE G 157 9.35 -21.86 16.85
CA PHE G 157 8.86 -22.79 15.85
C PHE G 157 7.36 -22.82 16.09
N ALA G 158 6.59 -22.10 15.30
CA ALA G 158 5.14 -22.05 15.47
C ALA G 158 4.50 -23.31 14.92
N SER G 159 3.91 -24.14 15.78
CA SER G 159 3.27 -25.39 15.35
C SER G 159 1.96 -25.16 14.62
N PHE G 160 1.68 -26.05 13.65
CA PHE G 160 0.46 -26.09 12.84
C PHE G 160 0.04 -24.74 12.21
N VAL G 161 0.95 -24.07 11.50
CA VAL G 161 0.61 -22.82 10.84
C VAL G 161 -0.23 -23.20 9.63
N ARG G 162 -1.46 -22.70 9.54
CA ARG G 162 -2.36 -23.07 8.43
C ARG G 162 -2.56 -21.94 7.39
N LYS G 163 -2.29 -20.68 7.80
CA LYS G 163 -2.49 -19.51 6.96
C LYS G 163 -1.65 -18.34 7.50
N ALA G 164 -1.52 -17.25 6.72
CA ALA G 164 -0.73 -16.08 7.12
C ALA G 164 -1.22 -15.43 8.40
N SER G 165 -2.55 -15.44 8.66
CA SER G 165 -3.10 -14.86 9.87
C SER G 165 -2.62 -15.57 11.14
N ASP G 166 -2.25 -16.86 11.04
CA ASP G 166 -1.70 -17.61 12.17
C ASP G 166 -0.33 -17.01 12.55
N VAL G 167 0.49 -16.65 11.54
CA VAL G 167 1.79 -16.05 11.81
C VAL G 167 1.61 -14.67 12.44
N ALA G 168 0.64 -13.90 11.95
CA ALA G 168 0.35 -12.57 12.51
C ALA G 168 -0.05 -12.67 13.96
N ALA G 169 -0.77 -13.72 14.35
CA ALA G 169 -1.17 -13.94 15.72
C ALA G 169 0.04 -14.25 16.60
N VAL G 170 0.98 -15.02 16.10
CA VAL G 170 2.20 -15.34 16.84
C VAL G 170 3.05 -14.07 17.01
N ARG G 171 3.09 -13.20 15.96
CA ARG G 171 3.83 -11.95 15.95
C ARG G 171 3.29 -10.98 16.98
N ALA G 172 1.96 -10.91 17.03
CA ALA G 172 1.21 -10.07 17.95
C ALA G 172 1.40 -10.56 19.42
N ALA G 173 1.47 -11.88 19.60
CA ALA G 173 1.69 -12.48 20.90
C ALA G 173 3.11 -12.23 21.39
N LEU G 174 4.08 -12.07 20.48
CA LEU G 174 5.47 -11.75 20.87
C LEU G 174 5.61 -10.31 21.48
N GLY G 175 4.47 -9.72 21.80
CA GLY G 175 4.23 -8.51 22.58
C GLY G 175 5.14 -7.40 22.24
N PRO G 176 5.34 -6.46 23.18
CA PRO G 176 6.21 -5.32 22.86
C PRO G 176 7.72 -5.63 22.76
N GLU G 177 8.25 -6.47 23.65
CA GLU G 177 9.68 -6.65 23.71
C GLU G 177 10.24 -7.86 22.90
N GLY G 178 9.43 -8.53 22.08
CA GLY G 178 9.91 -9.69 21.32
C GLY G 178 9.84 -9.56 19.81
N HIS G 179 9.83 -8.33 19.32
CA HIS G 179 9.72 -8.11 17.89
C HIS G 179 10.94 -8.59 17.07
N GLY G 180 12.06 -8.87 17.74
CA GLY G 180 13.30 -9.35 17.14
C GLY G 180 13.44 -10.86 17.06
N ILE G 181 12.51 -11.60 17.65
CA ILE G 181 12.57 -13.07 17.63
C ILE G 181 12.17 -13.57 16.24
N LYS G 182 12.88 -14.57 15.71
CA LYS G 182 12.57 -15.13 14.40
C LYS G 182 11.42 -16.10 14.51
N ILE G 183 10.45 -16.03 13.59
CA ILE G 183 9.33 -16.96 13.57
C ILE G 183 9.47 -17.96 12.40
N ILE G 184 9.67 -19.23 12.74
CA ILE G 184 9.77 -20.29 11.77
C ILE G 184 8.44 -21.07 11.80
N SER G 185 7.65 -21.01 10.71
CA SER G 185 6.37 -21.67 10.64
C SER G 185 6.49 -23.12 10.31
N LYS G 186 5.86 -23.97 11.12
CA LYS G 186 5.88 -25.40 10.90
C LYS G 186 4.70 -25.77 10.03
N ILE G 187 4.97 -26.38 8.89
CA ILE G 187 3.92 -26.85 7.99
C ILE G 187 3.69 -28.32 8.36
N GLU G 188 2.53 -28.62 8.97
CA GLU G 188 2.26 -29.97 9.46
C GLU G 188 0.98 -30.58 8.89
N ASN G 189 0.27 -29.90 7.98
CA ASN G 189 -0.98 -30.44 7.45
C ASN G 189 -1.27 -29.98 6.00
N HIS G 190 -2.36 -30.48 5.40
CA HIS G 190 -2.71 -30.14 4.03
C HIS G 190 -2.94 -28.66 3.77
N GLU G 191 -3.67 -27.95 4.68
CA GLU G 191 -3.93 -26.53 4.49
C GLU G 191 -2.62 -25.71 4.47
N GLY G 192 -1.69 -26.05 5.34
CA GLY G 192 -0.40 -25.39 5.39
C GLY G 192 0.37 -25.54 4.10
N VAL G 193 0.30 -26.73 3.49
CA VAL G 193 0.98 -26.98 2.22
C VAL G 193 0.30 -26.19 1.09
N LYS G 194 -1.04 -26.14 1.10
CA LYS G 194 -1.77 -25.42 0.06
C LYS G 194 -1.59 -23.91 0.16
N ARG G 195 -1.56 -23.37 1.39
CA ARG G 195 -1.36 -21.95 1.59
C ARG G 195 0.11 -21.58 1.88
N PHE G 196 1.05 -22.44 1.45
CA PHE G 196 2.48 -22.25 1.63
C PHE G 196 3.00 -20.87 1.25
N ASP G 197 2.70 -20.38 0.04
CA ASP G 197 3.23 -19.09 -0.41
C ASP G 197 2.85 -17.91 0.48
N GLU G 198 1.61 -17.88 0.98
CA GLU G 198 1.17 -16.79 1.86
C GLU G 198 1.85 -16.88 3.23
N ILE G 199 2.10 -18.11 3.72
CA ILE G 199 2.75 -18.35 5.00
C ILE G 199 4.20 -17.95 4.92
N LEU G 200 4.89 -18.35 3.84
CA LEU G 200 6.30 -18.02 3.64
C LEU G 200 6.53 -16.53 3.55
N GLU G 201 5.64 -15.82 2.87
CA GLU G 201 5.77 -14.38 2.70
C GLU G 201 5.87 -13.64 4.04
N VAL G 202 5.13 -14.11 5.05
CA VAL G 202 5.10 -13.46 6.34
C VAL G 202 5.93 -14.14 7.42
N SER G 203 6.58 -15.28 7.12
CA SER G 203 7.42 -15.96 8.11
C SER G 203 8.89 -15.68 7.88
N ASP G 204 9.70 -15.85 8.92
CA ASP G 204 11.14 -15.71 8.77
C ASP G 204 11.77 -16.96 8.11
N GLY G 205 11.08 -18.10 8.23
CA GLY G 205 11.50 -19.36 7.66
C GLY G 205 10.43 -20.43 7.86
N ILE G 206 10.72 -21.66 7.39
CA ILE G 206 9.80 -22.76 7.39
C ILE G 206 10.42 -23.99 8.01
N MET G 207 9.59 -24.79 8.68
CA MET G 207 10.02 -26.07 9.15
C MET G 207 9.11 -27.12 8.51
N VAL G 208 9.71 -28.10 7.82
CA VAL G 208 8.98 -29.21 7.22
C VAL G 208 8.82 -30.18 8.37
N ALA G 209 7.67 -30.10 9.08
CA ALA G 209 7.38 -30.95 10.25
C ALA G 209 6.80 -32.26 9.77
N ARG G 210 7.67 -33.17 9.32
CA ARG G 210 7.33 -34.43 8.71
C ARG G 210 6.49 -35.39 9.58
N GLY G 211 6.64 -35.35 10.90
CA GLY G 211 5.89 -36.20 11.83
C GLY G 211 4.39 -36.07 11.66
N ASP G 212 3.85 -34.88 11.93
CA ASP G 212 2.40 -34.65 11.78
C ASP G 212 2.00 -34.66 10.33
N LEU G 213 2.82 -34.05 9.46
CA LEU G 213 2.56 -34.03 8.02
C LEU G 213 2.35 -35.44 7.43
N GLY G 214 3.16 -36.40 7.88
CA GLY G 214 3.05 -37.80 7.47
C GLY G 214 1.78 -38.52 7.89
N ILE G 215 1.03 -37.92 8.81
CA ILE G 215 -0.25 -38.43 9.28
C ILE G 215 -1.40 -37.69 8.59
N GLU G 216 -1.25 -36.36 8.41
CA GLU G 216 -2.26 -35.50 7.79
C GLU G 216 -2.38 -35.71 6.29
N ILE G 217 -1.30 -36.13 5.64
CA ILE G 217 -1.27 -36.44 4.20
C ILE G 217 -0.67 -37.84 4.06
N PRO G 218 -0.92 -38.54 2.93
CA PRO G 218 -0.34 -39.90 2.76
C PRO G 218 1.17 -39.92 2.92
N ALA G 219 1.69 -40.86 3.71
CA ALA G 219 3.12 -40.99 3.99
C ALA G 219 4.02 -40.94 2.74
N GLU G 220 3.55 -41.53 1.63
CA GLU G 220 4.29 -41.59 0.38
C GLU G 220 4.37 -40.23 -0.36
N LYS G 221 3.64 -39.21 0.10
CA LYS G 221 3.65 -37.88 -0.52
C LYS G 221 4.52 -36.86 0.22
N VAL G 222 4.95 -37.18 1.45
CA VAL G 222 5.73 -36.28 2.28
C VAL G 222 7.02 -35.78 1.57
N PHE G 223 7.75 -36.68 0.88
CA PHE G 223 8.96 -36.26 0.18
C PHE G 223 8.68 -35.18 -0.89
N LEU G 224 7.48 -35.20 -1.49
CA LEU G 224 7.11 -34.19 -2.48
C LEU G 224 6.95 -32.85 -1.81
N ALA G 225 6.29 -32.84 -0.63
CA ALA G 225 6.07 -31.62 0.14
C ALA G 225 7.42 -31.09 0.63
N GLN G 226 8.30 -31.98 1.11
CA GLN G 226 9.63 -31.57 1.56
C GLN G 226 10.41 -30.88 0.41
N LYS G 227 10.46 -31.53 -0.77
CA LYS G 227 11.19 -30.99 -1.91
C LYS G 227 10.62 -29.69 -2.43
N MET G 228 9.30 -29.58 -2.50
CA MET G 228 8.67 -28.35 -2.96
C MET G 228 9.00 -27.20 -1.99
N MET G 229 8.82 -27.46 -0.69
CA MET G 229 9.05 -26.44 0.32
C MET G 229 10.50 -26.00 0.39
N ILE G 230 11.46 -26.93 0.31
CA ILE G 230 12.88 -26.55 0.33
C ILE G 230 13.21 -25.70 -0.90
N GLY G 231 12.73 -26.11 -2.07
CA GLY G 231 12.89 -25.36 -3.30
C GLY G 231 12.36 -23.95 -3.22
N ARG G 232 11.13 -23.77 -2.72
CA ARG G 232 10.54 -22.44 -2.59
C ARG G 232 11.25 -21.56 -1.56
N CYS G 233 11.77 -22.15 -0.49
CA CYS G 233 12.52 -21.40 0.51
C CYS G 233 13.87 -20.97 -0.01
N ASN G 234 14.55 -21.84 -0.75
CA ASN G 234 15.81 -21.52 -1.41
C ASN G 234 15.60 -20.39 -2.43
N LEU G 235 14.49 -20.43 -3.15
CA LEU G 235 14.12 -19.42 -4.11
C LEU G 235 13.86 -18.09 -3.38
N ALA G 236 13.17 -18.12 -2.26
CA ALA G 236 12.88 -16.91 -1.48
C ALA G 236 14.07 -16.37 -0.68
N GLY G 237 15.09 -17.20 -0.46
CA GLY G 237 16.22 -16.82 0.38
C GLY G 237 15.91 -16.89 1.86
N LYS G 238 14.91 -17.71 2.25
CA LYS G 238 14.54 -17.85 3.66
C LYS G 238 14.93 -19.21 4.23
N PRO G 239 15.34 -19.30 5.51
CA PRO G 239 15.75 -20.61 6.05
C PRO G 239 14.65 -21.67 6.03
N VAL G 240 15.07 -22.92 5.84
CA VAL G 240 14.17 -24.04 5.82
C VAL G 240 14.79 -25.17 6.67
N VAL G 241 14.00 -25.74 7.57
CA VAL G 241 14.47 -26.78 8.48
C VAL G 241 13.80 -28.08 8.13
N CYS G 242 14.58 -29.17 8.04
CA CYS G 242 14.00 -30.48 7.83
C CYS G 242 13.99 -31.16 9.19
N ALA G 243 12.83 -31.61 9.63
CA ALA G 243 12.73 -32.20 10.96
C ALA G 243 12.00 -33.55 10.99
N THR G 244 12.22 -34.30 12.11
CA THR G 244 11.54 -35.53 12.55
C THR G 244 11.97 -36.83 11.88
N GLN G 245 12.39 -37.79 12.74
CA GLN G 245 12.80 -39.15 12.45
C GLN G 245 14.00 -39.24 11.51
N MET G 246 14.88 -38.24 11.53
CA MET G 246 16.06 -38.27 10.69
C MET G 246 17.03 -39.41 11.07
N LEU G 247 17.28 -39.59 12.37
CA LEU G 247 18.15 -40.66 12.89
C LEU G 247 17.40 -41.43 14.00
N GLU G 248 16.08 -41.60 13.85
CA GLU G 248 15.18 -42.25 14.77
C GLU G 248 15.76 -43.51 15.50
N SER G 249 16.35 -44.45 14.76
CA SER G 249 16.93 -45.67 15.35
C SER G 249 18.03 -45.41 16.37
N MET G 250 18.68 -44.24 16.30
CA MET G 250 19.74 -43.89 17.25
C MET G 250 19.22 -43.58 18.66
N ILE G 251 17.89 -43.60 18.87
CA ILE G 251 17.32 -43.44 20.21
C ILE G 251 17.76 -44.66 21.09
N THR G 252 17.90 -45.86 20.48
CA THR G 252 18.28 -47.07 21.19
C THR G 252 19.56 -47.72 20.67
N LYS G 253 19.94 -47.46 19.42
CA LYS G 253 21.11 -48.09 18.82
C LYS G 253 22.24 -47.07 18.61
N PRO G 254 23.51 -47.47 18.82
CA PRO G 254 24.62 -46.50 18.65
C PRO G 254 24.91 -46.09 17.20
N ARG G 255 24.34 -46.79 16.21
CA ARG G 255 24.56 -46.48 14.79
C ARG G 255 23.20 -46.36 14.09
N PRO G 256 23.08 -45.42 13.13
CA PRO G 256 21.81 -45.30 12.40
C PRO G 256 21.66 -46.33 11.27
N THR G 257 20.45 -46.43 10.73
CA THR G 257 20.20 -47.34 9.61
C THR G 257 20.70 -46.68 8.29
N ARG G 258 20.82 -47.49 7.23
CA ARG G 258 21.21 -46.99 5.93
C ARG G 258 20.22 -45.96 5.38
N ALA G 259 18.92 -46.11 5.69
CA ALA G 259 17.91 -45.16 5.27
C ALA G 259 18.04 -43.81 6.00
N GLU G 260 18.50 -43.84 7.25
CA GLU G 260 18.63 -42.66 8.06
C GLU G 260 19.76 -41.79 7.62
N THR G 261 20.95 -42.37 7.37
CA THR G 261 22.07 -41.58 6.89
C THR G 261 21.74 -40.99 5.51
N SER G 262 21.05 -41.77 4.66
CA SER G 262 20.61 -41.36 3.36
C SER G 262 19.62 -40.19 3.46
N ASP G 263 18.68 -40.27 4.40
CA ASP G 263 17.70 -39.21 4.61
C ASP G 263 18.37 -37.86 4.97
N VAL G 264 19.38 -37.91 5.88
CA VAL G 264 20.08 -36.71 6.31
C VAL G 264 20.81 -36.11 5.12
N ALA G 265 21.56 -36.94 4.39
CA ALA G 265 22.31 -36.49 3.22
C ALA G 265 21.41 -35.89 2.16
N ASN G 266 20.24 -36.49 1.96
CA ASN G 266 19.32 -36.00 0.96
C ASN G 266 18.66 -34.71 1.37
N ALA G 267 18.42 -34.47 2.67
CA ALA G 267 17.84 -33.19 3.11
C ALA G 267 18.87 -32.06 2.85
N VAL G 268 20.18 -32.32 3.07
CA VAL G 268 21.22 -31.34 2.80
C VAL G 268 21.30 -31.12 1.29
N LEU G 269 21.36 -32.18 0.50
CA LEU G 269 21.39 -32.06 -0.96
C LEU G 269 20.20 -31.30 -1.49
N ASP G 270 18.99 -31.56 -0.96
CA ASP G 270 17.75 -30.86 -1.34
C ASP G 270 17.89 -29.36 -1.18
N GLY G 271 18.59 -28.93 -0.13
CA GLY G 271 18.83 -27.54 0.12
C GLY G 271 18.43 -27.06 1.49
N ALA G 272 18.26 -27.97 2.46
CA ALA G 272 17.85 -27.60 3.82
C ALA G 272 18.92 -26.76 4.54
N ASP G 273 18.51 -25.66 5.18
CA ASP G 273 19.44 -24.84 5.95
C ASP G 273 19.79 -25.52 7.29
N CYS G 274 18.79 -26.20 7.92
CA CYS G 274 18.98 -26.87 9.21
C CYS G 274 18.40 -28.25 9.17
N ILE G 275 19.02 -29.13 9.95
CA ILE G 275 18.54 -30.48 10.17
C ILE G 275 18.34 -30.62 11.68
N MET G 276 17.34 -31.38 12.08
CA MET G 276 16.96 -31.49 13.49
C MET G 276 17.01 -32.88 14.07
N LEU G 277 17.26 -32.94 15.38
CA LEU G 277 17.20 -34.16 16.18
C LEU G 277 16.13 -33.90 17.26
N SER G 278 15.17 -34.82 17.37
CA SER G 278 14.10 -34.70 18.36
CA SER G 278 14.11 -34.69 18.38
C SER G 278 14.31 -35.71 19.51
N GLY G 279 13.66 -36.89 19.47
CA GLY G 279 13.84 -37.91 20.50
C GLY G 279 15.27 -38.39 20.60
N GLU G 280 16.01 -38.37 19.47
CA GLU G 280 17.40 -38.80 19.43
C GLU G 280 18.26 -38.07 20.46
N THR G 281 17.98 -36.76 20.73
CA THR G 281 18.72 -36.00 21.75
C THR G 281 17.91 -35.78 23.04
N ALA G 282 16.59 -35.72 22.95
CA ALA G 282 15.74 -35.51 24.12
C ALA G 282 15.67 -36.74 25.07
N LYS G 283 15.38 -37.93 24.52
CA LYS G 283 15.21 -39.13 25.33
C LYS G 283 16.16 -40.29 25.04
N GLY G 284 16.84 -40.26 23.91
CA GLY G 284 17.71 -41.35 23.49
C GLY G 284 18.93 -41.66 24.34
N ASN G 285 19.52 -42.83 24.10
CA ASN G 285 20.70 -43.26 24.83
C ASN G 285 22.00 -42.73 24.24
N PHE G 286 21.96 -42.14 23.02
CA PHE G 286 23.17 -41.66 22.36
C PHE G 286 23.02 -40.20 21.87
N PRO G 287 22.70 -39.24 22.75
CA PRO G 287 22.48 -37.86 22.26
C PRO G 287 23.70 -37.22 21.60
N VAL G 288 24.89 -37.45 22.15
CA VAL G 288 26.12 -36.87 21.59
C VAL G 288 26.49 -37.54 20.26
N GLU G 289 26.27 -38.84 20.17
CA GLU G 289 26.56 -39.64 19.00
C GLU G 289 25.64 -39.27 17.83
N ALA G 290 24.38 -38.92 18.12
CA ALA G 290 23.42 -38.49 17.13
C ALA G 290 23.82 -37.15 16.54
N VAL G 291 24.32 -36.23 17.39
CA VAL G 291 24.80 -34.94 16.94
C VAL G 291 26.04 -35.13 16.06
N LYS G 292 26.96 -35.99 16.50
CA LYS G 292 28.17 -36.28 15.73
C LYS G 292 27.85 -36.90 14.37
N MET G 293 26.84 -37.75 14.33
CA MET G 293 26.45 -38.43 13.11
C MET G 293 25.91 -37.43 12.11
N GLN G 294 25.03 -36.52 12.57
CA GLN G 294 24.50 -35.49 11.66
C GLN G 294 25.61 -34.58 11.13
N HIS G 295 26.61 -34.31 11.99
CA HIS G 295 27.75 -33.48 11.60
C HIS G 295 28.53 -34.15 10.46
N ALA G 296 28.86 -35.42 10.64
CA ALA G 296 29.61 -36.20 9.68
C ALA G 296 28.91 -36.29 8.31
N ILE G 297 27.59 -36.59 8.30
CA ILE G 297 26.84 -36.70 7.07
C ILE G 297 26.72 -35.35 6.36
N ALA G 298 26.34 -34.30 7.10
CA ALA G 298 26.20 -32.97 6.50
C ALA G 298 27.47 -32.49 5.79
N ARG G 299 28.65 -32.71 6.38
CA ARG G 299 29.92 -32.35 5.77
C ARG G 299 30.13 -33.00 4.40
N GLU G 300 29.84 -34.31 4.31
CA GLU G 300 29.97 -35.07 3.07
C GLU G 300 28.96 -34.60 2.04
N ALA G 301 27.72 -34.38 2.44
CA ALA G 301 26.65 -33.98 1.54
C ALA G 301 26.88 -32.58 0.98
N GLU G 302 27.40 -31.67 1.79
CA GLU G 302 27.68 -30.30 1.31
C GLU G 302 28.71 -30.30 0.18
N ALA G 303 29.73 -31.18 0.25
CA ALA G 303 30.72 -31.28 -0.80
C ALA G 303 30.12 -31.87 -2.09
N ALA G 304 29.10 -32.74 -1.98
CA ALA G 304 28.47 -33.37 -3.14
C ALA G 304 27.46 -32.47 -3.88
N VAL G 305 27.22 -31.25 -3.40
CA VAL G 305 26.28 -30.34 -4.06
C VAL G 305 26.87 -29.93 -5.44
N TYR G 306 26.04 -29.85 -6.50
CA TYR G 306 26.50 -29.49 -7.84
C TYR G 306 26.40 -27.98 -8.02
N HIS G 307 27.37 -27.24 -7.46
CA HIS G 307 27.38 -25.77 -7.46
C HIS G 307 27.26 -25.12 -8.84
N ARG G 308 27.81 -25.75 -9.89
CA ARG G 308 27.73 -25.22 -11.24
C ARG G 308 26.29 -24.95 -11.67
N GLN G 309 25.39 -25.92 -11.45
CA GLN G 309 23.99 -25.74 -11.80
C GLN G 309 23.25 -24.94 -10.75
N LEU G 310 23.47 -25.25 -9.47
CA LEU G 310 22.80 -24.56 -8.38
C LEU G 310 23.00 -23.03 -8.41
N PHE G 311 24.24 -22.58 -8.55
CA PHE G 311 24.51 -21.14 -8.61
C PHE G 311 23.83 -20.48 -9.80
N GLU G 312 23.91 -21.10 -11.00
CA GLU G 312 23.28 -20.54 -12.18
C GLU G 312 21.79 -20.42 -12.01
N GLU G 313 21.15 -21.48 -11.49
CA GLU G 313 19.70 -21.48 -11.30
C GLU G 313 19.27 -20.48 -10.25
N LEU G 314 20.00 -20.38 -9.13
CA LEU G 314 19.69 -19.40 -8.09
C LEU G 314 19.82 -17.98 -8.65
N ARG G 315 20.89 -17.74 -9.44
CA ARG G 315 21.15 -16.47 -10.08
C ARG G 315 20.00 -16.10 -11.04
N ARG G 316 19.64 -17.03 -11.95
CA ARG G 316 18.60 -16.90 -12.99
C ARG G 316 17.20 -16.65 -12.38
N ALA G 317 16.86 -17.38 -11.31
CA ALA G 317 15.56 -17.25 -10.66
C ALA G 317 15.45 -15.99 -9.81
N ALA G 318 16.55 -15.56 -9.19
CA ALA G 318 16.53 -14.36 -8.34
C ALA G 318 16.18 -13.12 -9.17
N PRO G 319 15.28 -12.28 -8.65
CA PRO G 319 14.88 -11.09 -9.41
C PRO G 319 15.94 -9.99 -9.39
N LEU G 320 15.85 -9.02 -10.32
CA LEU G 320 16.78 -7.88 -10.33
C LEU G 320 16.64 -7.12 -9.04
N SER G 321 17.75 -6.60 -8.52
CA SER G 321 17.67 -5.83 -7.29
C SER G 321 18.41 -4.56 -7.37
N ARG G 322 17.83 -3.51 -6.79
CA ARG G 322 18.53 -2.25 -6.65
C ARG G 322 18.96 -1.99 -5.19
N ASP G 323 18.92 -3.03 -4.34
CA ASP G 323 19.36 -2.94 -2.95
C ASP G 323 20.86 -3.21 -2.96
N PRO G 324 21.69 -2.25 -2.53
CA PRO G 324 23.15 -2.46 -2.59
C PRO G 324 23.65 -3.66 -1.81
N THR G 325 22.94 -4.05 -0.75
CA THR G 325 23.33 -5.23 0.02
C THR G 325 23.18 -6.48 -0.86
N GLU G 326 22.07 -6.57 -1.61
CA GLU G 326 21.82 -7.72 -2.49
CA GLU G 326 21.86 -7.73 -2.48
C GLU G 326 22.83 -7.71 -3.66
N VAL G 327 23.07 -6.54 -4.26
CA VAL G 327 24.01 -6.38 -5.36
C VAL G 327 25.44 -6.75 -4.93
N THR G 328 25.87 -6.30 -3.75
CA THR G 328 27.19 -6.65 -3.23
C THR G 328 27.27 -8.15 -2.93
N ALA G 329 26.16 -8.74 -2.43
CA ALA G 329 26.15 -10.14 -2.09
C ALA G 329 26.42 -11.03 -3.28
N ILE G 330 25.74 -10.81 -4.42
CA ILE G 330 25.98 -11.64 -5.59
C ILE G 330 27.36 -11.42 -6.20
N GLY G 331 27.88 -10.19 -6.11
CA GLY G 331 29.22 -9.88 -6.57
C GLY G 331 30.24 -10.65 -5.75
N ALA G 332 30.08 -10.62 -4.41
CA ALA G 332 30.98 -11.33 -3.49
C ALA G 332 30.96 -12.85 -3.69
N VAL G 333 29.77 -13.46 -3.88
CA VAL G 333 29.68 -14.90 -4.10
C VAL G 333 30.36 -15.26 -5.42
N GLU G 334 30.10 -14.48 -6.47
CA GLU G 334 30.73 -14.71 -7.77
CA GLU G 334 30.73 -14.71 -7.77
C GLU G 334 32.25 -14.64 -7.67
N ALA G 335 32.79 -13.62 -6.98
CA ALA G 335 34.22 -13.49 -6.78
C ALA G 335 34.81 -14.65 -5.96
N ALA G 336 34.08 -15.14 -4.95
CA ALA G 336 34.53 -16.27 -4.14
C ALA G 336 34.68 -17.53 -4.99
N PHE G 337 33.77 -17.74 -5.97
CA PHE G 337 33.87 -18.90 -6.85
C PHE G 337 35.05 -18.75 -7.80
N LYS G 338 35.33 -17.55 -8.27
CA LYS G 338 36.40 -17.29 -9.21
C LYS G 338 37.77 -17.67 -8.69
N CYS G 339 38.03 -17.40 -7.39
CA CYS G 339 39.35 -17.69 -6.81
C CYS G 339 39.38 -18.82 -5.84
N CYS G 340 38.26 -19.57 -5.67
CA CYS G 340 38.15 -20.63 -4.66
C CYS G 340 38.51 -20.09 -3.25
N ALA G 341 37.92 -18.92 -2.93
CA ALA G 341 38.13 -18.23 -1.68
C ALA G 341 37.79 -19.12 -0.49
N ALA G 342 38.63 -19.07 0.54
CA ALA G 342 38.42 -19.87 1.73
C ALA G 342 37.16 -19.42 2.47
N ALA G 343 36.94 -18.10 2.53
CA ALA G 343 35.84 -17.55 3.27
C ALA G 343 35.42 -16.19 2.72
N ILE G 344 34.23 -15.74 3.10
CA ILE G 344 33.70 -14.42 2.85
C ILE G 344 33.47 -13.87 4.24
N ILE G 345 34.22 -12.87 4.68
CA ILE G 345 34.05 -12.30 6.00
C ILE G 345 33.13 -11.14 5.85
N VAL G 346 31.99 -11.15 6.55
CA VAL G 346 31.01 -10.08 6.44
C VAL G 346 30.71 -9.43 7.80
N LEU G 347 30.62 -8.11 7.86
CA LEU G 347 30.31 -7.41 9.11
C LEU G 347 28.78 -7.19 9.09
N THR G 348 28.09 -7.64 10.14
CA THR G 348 26.63 -7.55 10.15
C THR G 348 26.04 -7.19 11.52
N THR G 349 25.08 -6.26 11.58
CA THR G 349 24.44 -5.91 12.85
C THR G 349 23.19 -6.75 13.11
N THR G 350 22.41 -7.01 12.05
CA THR G 350 21.18 -7.79 12.13
C THR G 350 21.31 -9.20 11.53
N GLY G 351 22.39 -9.47 10.80
CA GLY G 351 22.56 -10.75 10.13
C GLY G 351 22.12 -10.70 8.67
N ARG G 352 21.39 -9.65 8.26
CA ARG G 352 20.87 -9.53 6.92
C ARG G 352 21.93 -9.67 5.81
N SER G 353 23.09 -9.00 5.94
CA SER G 353 24.15 -9.12 4.93
C SER G 353 24.66 -10.56 4.81
N ALA G 354 24.76 -11.30 5.94
CA ALA G 354 25.18 -12.68 5.90
C ALA G 354 24.10 -13.55 5.24
N GLN G 355 22.83 -13.25 5.51
CA GLN G 355 21.73 -14.00 4.94
C GLN G 355 21.69 -13.86 3.43
N LEU G 356 21.92 -12.62 2.92
CA LEU G 356 21.92 -12.40 1.49
C LEU G 356 23.09 -13.08 0.78
N LEU G 357 24.21 -13.28 1.47
CA LEU G 357 25.33 -14.02 0.88
C LEU G 357 24.96 -15.52 0.79
N SER G 358 24.42 -16.03 1.90
CA SER G 358 23.99 -17.40 2.10
C SER G 358 22.95 -17.90 1.05
N ARG G 359 22.02 -17.03 0.63
CA ARG G 359 20.98 -17.42 -0.35
C ARG G 359 21.57 -17.89 -1.72
N TYR G 360 22.76 -17.39 -2.10
CA TYR G 360 23.41 -17.82 -3.34
C TYR G 360 24.24 -19.07 -3.18
N ARG G 361 24.21 -19.69 -2.00
CA ARG G 361 24.88 -20.92 -1.71
C ARG G 361 26.36 -20.97 -2.10
N PRO G 362 27.20 -20.09 -1.55
CA PRO G 362 28.64 -20.18 -1.87
C PRO G 362 29.27 -21.42 -1.27
N ARG G 363 30.35 -21.89 -1.88
CA ARG G 363 31.13 -22.99 -1.31
C ARG G 363 32.00 -22.41 -0.17
N ALA G 364 32.42 -21.12 -0.28
CA ALA G 364 33.20 -20.44 0.72
C ALA G 364 32.34 -20.19 1.96
N ALA G 365 32.95 -20.36 3.16
CA ALA G 365 32.29 -20.15 4.44
C ALA G 365 32.00 -18.67 4.60
N VAL G 366 30.80 -18.31 5.08
CA VAL G 366 30.47 -16.92 5.34
C VAL G 366 30.74 -16.69 6.84
N ILE G 367 31.86 -16.05 7.18
CA ILE G 367 32.18 -15.76 8.57
C ILE G 367 31.53 -14.44 8.92
N ALA G 368 30.45 -14.46 9.70
CA ALA G 368 29.73 -13.22 10.04
C ALA G 368 30.19 -12.64 11.36
N VAL G 369 30.81 -11.49 11.32
CA VAL G 369 31.32 -10.82 12.51
C VAL G 369 30.30 -9.83 13.02
N THR G 370 29.84 -10.05 14.24
CA THR G 370 28.87 -9.16 14.84
C THR G 370 29.16 -8.83 16.30
N ARG G 371 28.57 -7.73 16.74
CA ARG G 371 28.53 -7.33 18.12
C ARG G 371 27.19 -7.68 18.76
N SER G 372 26.21 -8.16 17.98
CA SER G 372 24.93 -8.48 18.50
C SER G 372 24.91 -9.93 18.85
N ALA G 373 24.83 -10.24 20.13
CA ALA G 373 24.74 -11.63 20.54
C ALA G 373 23.45 -12.31 19.96
N GLN G 374 22.34 -11.59 19.84
CA GLN G 374 21.12 -12.16 19.28
C GLN G 374 21.30 -12.48 17.78
N ALA G 375 21.86 -11.53 17.01
CA ALA G 375 22.12 -11.79 15.58
C ALA G 375 23.12 -12.96 15.42
N ALA G 376 24.13 -13.04 16.30
CA ALA G 376 25.06 -14.16 16.25
C ALA G 376 24.36 -15.50 16.46
N ARG G 377 23.40 -15.56 17.36
CA ARG G 377 22.66 -16.80 17.58
C ARG G 377 21.71 -17.10 16.42
N GLN G 378 20.99 -16.08 15.97
CA GLN G 378 20.01 -16.25 14.91
C GLN G 378 20.55 -16.62 13.53
N VAL G 379 21.77 -16.19 13.15
CA VAL G 379 22.33 -16.55 11.84
C VAL G 379 22.63 -18.02 11.67
N HIS G 380 22.49 -18.85 12.73
CA HIS G 380 22.62 -20.29 12.60
C HIS G 380 21.52 -20.87 11.69
N LEU G 381 20.40 -20.15 11.52
CA LEU G 381 19.33 -20.57 10.65
C LEU G 381 19.76 -20.57 9.20
N CYS G 382 20.78 -19.76 8.81
CA CYS G 382 21.21 -19.63 7.41
C CYS G 382 22.35 -20.54 7.07
N ARG G 383 22.21 -21.38 6.03
CA ARG G 383 23.29 -22.29 5.66
C ARG G 383 24.58 -21.59 5.31
N GLY G 384 25.66 -22.05 5.93
CA GLY G 384 26.99 -21.56 5.67
C GLY G 384 27.42 -20.32 6.38
N VAL G 385 26.62 -19.85 7.33
CA VAL G 385 26.99 -18.67 8.11
C VAL G 385 27.57 -19.12 9.46
N PHE G 386 28.82 -18.73 9.71
CA PHE G 386 29.58 -19.04 10.92
C PHE G 386 29.67 -17.75 11.74
N PRO G 387 28.81 -17.61 12.75
CA PRO G 387 28.82 -16.36 13.52
C PRO G 387 29.98 -16.22 14.51
N LEU G 388 30.52 -14.99 14.60
CA LEU G 388 31.55 -14.70 15.57
C LEU G 388 31.09 -13.51 16.31
N LEU G 389 31.20 -13.56 17.65
CA LEU G 389 30.76 -12.44 18.47
C LEU G 389 31.94 -11.69 19.01
N TYR G 390 32.05 -10.44 18.56
CA TYR G 390 33.11 -9.48 18.83
C TYR G 390 32.81 -8.78 20.13
N ARG G 391 33.66 -9.03 21.11
CA ARG G 391 33.45 -8.53 22.45
C ARG G 391 34.36 -7.35 22.80
N GLU G 392 35.35 -7.01 21.96
CA GLU G 392 36.25 -5.88 22.22
C GLU G 392 35.52 -4.54 22.29
N PRO G 393 36.05 -3.58 23.07
CA PRO G 393 35.40 -2.25 23.15
C PRO G 393 35.67 -1.39 21.90
N PRO G 394 34.73 -0.48 21.58
CA PRO G 394 34.85 0.30 20.32
C PRO G 394 36.02 1.23 20.21
N GLU G 395 36.53 1.42 18.96
CA GLU G 395 37.63 2.36 18.68
C GLU G 395 37.04 3.69 18.26
N ALA G 396 37.81 4.77 18.49
CA ALA G 396 37.38 6.12 18.16
C ALA G 396 37.16 6.31 16.65
N ILE G 397 38.04 5.73 15.82
CA ILE G 397 37.92 5.84 14.39
C ILE G 397 37.24 4.61 13.84
N TRP G 398 36.15 4.85 13.12
CA TRP G 398 35.29 3.81 12.60
C TRP G 398 36.02 2.89 11.68
N ALA G 399 36.77 3.45 10.73
CA ALA G 399 37.55 2.65 9.80
C ALA G 399 38.49 1.67 10.55
N ASP G 400 39.07 2.11 11.68
CA ASP G 400 39.91 1.25 12.47
C ASP G 400 39.11 0.15 13.19
N ASP G 401 37.96 0.52 13.78
CA ASP G 401 37.08 -0.42 14.44
C ASP G 401 36.60 -1.52 13.44
N VAL G 402 36.32 -1.14 12.17
CA VAL G 402 35.89 -2.04 11.08
C VAL G 402 37.03 -3.03 10.83
N ASP G 403 38.24 -2.50 10.62
CA ASP G 403 39.41 -3.33 10.38
C ASP G 403 39.73 -4.24 11.51
N ARG G 404 39.55 -3.81 12.74
CA ARG G 404 39.79 -4.70 13.90
C ARG G 404 38.79 -5.84 13.93
N ARG G 405 37.63 -5.73 13.26
CA ARG G 405 36.62 -6.77 13.25
C ARG G 405 36.83 -7.70 12.10
N VAL G 406 37.35 -7.20 10.97
CA VAL G 406 37.75 -8.04 9.85
C VAL G 406 38.96 -8.88 10.35
N GLN G 407 39.91 -8.26 11.07
CA GLN G 407 41.02 -8.99 11.68
C GLN G 407 40.61 -9.98 12.70
N PHE G 408 39.59 -9.68 13.50
CA PHE G 408 39.04 -10.63 14.45
C PHE G 408 38.48 -11.86 13.71
N GLY G 409 37.82 -11.65 12.58
CA GLY G 409 37.31 -12.76 11.79
C GLY G 409 38.43 -13.60 11.18
N ILE G 410 39.54 -12.95 10.71
CA ILE G 410 40.66 -13.68 10.14
C ILE G 410 41.38 -14.49 11.21
N GLU G 411 41.64 -13.90 12.39
CA GLU G 411 42.30 -14.59 13.48
C GLU G 411 41.46 -15.81 13.92
N SER G 412 40.13 -15.61 14.14
CA SER G 412 39.23 -16.72 14.49
C SER G 412 39.20 -17.77 13.39
N GLY G 413 39.17 -17.35 12.14
CA GLY G 413 39.14 -18.26 11.01
C GLY G 413 40.39 -19.13 10.89
N LYS G 414 41.59 -18.60 11.23
CA LYS G 414 42.83 -19.39 11.17
C LYS G 414 42.87 -20.37 12.32
N LEU G 415 42.46 -19.92 13.50
CA LEU G 415 42.45 -20.76 14.70
C LEU G 415 41.53 -21.98 14.51
N ARG G 416 40.37 -21.78 13.89
CA ARG G 416 39.41 -22.87 13.70
C ARG G 416 39.67 -23.76 12.50
N GLY G 417 40.65 -23.40 11.66
CA GLY G 417 40.97 -24.21 10.51
C GLY G 417 40.44 -23.72 9.18
N PHE G 418 39.55 -22.72 9.18
CA PHE G 418 39.03 -22.17 7.93
C PHE G 418 40.12 -21.53 7.06
N LEU G 419 41.10 -20.82 7.66
CA LEU G 419 42.08 -20.07 6.88
C LEU G 419 43.53 -20.39 7.16
N ARG G 420 44.36 -20.21 6.14
CA ARG G 420 45.81 -20.37 6.19
C ARG G 420 46.42 -19.15 5.49
N VAL G 421 47.70 -18.86 5.78
CA VAL G 421 48.41 -17.75 5.14
C VAL G 421 48.53 -18.05 3.64
N GLY G 422 48.26 -17.04 2.83
CA GLY G 422 48.29 -17.21 1.39
C GLY G 422 46.92 -17.42 0.76
N ASP G 423 45.91 -17.73 1.59
CA ASP G 423 44.54 -17.89 1.12
C ASP G 423 43.94 -16.53 0.67
N LEU G 424 42.89 -16.58 -0.16
CA LEU G 424 42.19 -15.37 -0.54
C LEU G 424 40.83 -15.38 0.20
N VAL G 425 40.42 -14.24 0.74
CA VAL G 425 39.11 -14.12 1.34
C VAL G 425 38.46 -12.93 0.70
N ILE G 426 37.15 -12.91 0.72
CA ILE G 426 36.39 -11.80 0.22
C ILE G 426 35.87 -11.08 1.46
N VAL G 427 36.01 -9.77 1.56
CA VAL G 427 35.54 -9.02 2.73
C VAL G 427 34.39 -8.14 2.32
N VAL G 428 33.23 -8.26 3.01
CA VAL G 428 32.03 -7.48 2.70
C VAL G 428 31.71 -6.51 3.83
N THR G 429 31.71 -5.20 3.52
CA THR G 429 31.44 -4.13 4.50
C THR G 429 30.49 -3.05 3.90
N GLY G 430 30.17 -2.01 4.67
CA GLY G 430 29.37 -0.87 4.25
C GLY G 430 30.17 0.42 4.31
N TRP G 431 29.63 1.51 3.76
CA TRP G 431 30.30 2.79 3.72
C TRP G 431 30.05 3.71 4.93
N ARG G 432 29.10 3.36 5.79
CA ARG G 432 28.83 4.15 6.99
C ARG G 432 28.40 3.25 8.13
N PRO G 433 28.62 3.62 9.41
CA PRO G 433 28.15 2.74 10.50
C PRO G 433 26.64 2.56 10.51
N GLY G 434 26.18 1.57 11.24
CA GLY G 434 24.77 1.26 11.33
C GLY G 434 24.36 0.23 10.31
N SER G 435 23.38 -0.61 10.65
CA SER G 435 22.81 -1.61 9.77
C SER G 435 22.19 -1.05 8.41
N GLY G 436 22.22 -1.86 7.34
CA GLY G 436 21.58 -1.54 6.06
C GLY G 436 22.33 -0.71 5.03
N TYR G 437 23.68 -0.61 5.14
CA TYR G 437 24.53 0.16 4.25
C TYR G 437 25.64 -0.66 3.58
N THR G 438 25.53 -2.01 3.59
CA THR G 438 26.52 -2.86 2.95
C THR G 438 26.62 -2.53 1.44
N ASN G 439 27.83 -2.23 0.96
CA ASN G 439 28.00 -1.88 -0.44
C ASN G 439 29.41 -2.14 -0.96
N ILE G 440 30.32 -2.70 -0.15
CA ILE G 440 31.70 -2.88 -0.52
C ILE G 440 32.12 -4.31 -0.45
N MET G 441 32.85 -4.76 -1.46
CA MET G 441 33.41 -6.10 -1.55
C MET G 441 34.90 -5.90 -1.84
N ARG G 442 35.76 -6.54 -1.06
CA ARG G 442 37.20 -6.43 -1.23
C ARG G 442 37.85 -7.78 -1.34
N VAL G 443 38.84 -7.94 -2.22
CA VAL G 443 39.58 -9.19 -2.35
C VAL G 443 40.87 -9.02 -1.54
N LEU G 444 41.04 -9.87 -0.55
CA LEU G 444 42.12 -9.76 0.39
C LEU G 444 42.94 -11.05 0.49
N SER G 445 44.26 -10.87 0.58
CA SER G 445 45.17 -11.99 0.70
C SER G 445 45.56 -12.17 2.15
N ILE G 446 45.39 -13.36 2.68
CA ILE G 446 45.69 -13.64 4.08
C ILE G 446 47.18 -13.61 4.36
N SER G 447 47.57 -12.75 5.28
CA SER G 447 48.97 -12.65 5.70
C SER G 447 49.14 -13.04 7.19
N GLY H 23 10.07 1.29 -14.35
CA GLY H 23 8.90 1.45 -15.20
C GLY H 23 8.84 0.46 -16.36
N THR H 24 7.65 0.35 -16.99
CA THR H 24 7.39 -0.53 -18.14
C THR H 24 8.21 -0.13 -19.38
N ALA H 25 8.35 1.18 -19.62
CA ALA H 25 9.07 1.71 -20.75
C ALA H 25 10.52 1.24 -20.79
N PHE H 26 11.19 1.23 -19.61
CA PHE H 26 12.59 0.80 -19.51
C PHE H 26 12.78 -0.63 -20.02
N PHE H 27 11.90 -1.55 -19.62
CA PHE H 27 12.00 -2.96 -19.99
C PHE H 27 11.59 -3.27 -21.44
N GLN H 28 11.13 -2.26 -22.19
CA GLN H 28 10.83 -2.44 -23.62
C GLN H 28 11.95 -1.92 -24.53
N GLN H 29 12.90 -1.14 -23.98
CA GLN H 29 14.04 -0.62 -24.72
C GLN H 29 15.22 -1.61 -24.68
N GLN H 30 16.28 -1.31 -25.47
CA GLN H 30 17.55 -2.03 -25.60
C GLN H 30 17.40 -3.56 -25.64
N GLN H 31 16.41 -4.04 -26.41
CA GLN H 31 16.08 -5.46 -26.60
C GLN H 31 15.93 -6.22 -25.29
N LEU H 32 15.44 -5.56 -24.22
CA LEU H 32 15.28 -6.24 -22.93
C LEU H 32 14.27 -7.42 -23.01
N PRO H 33 13.15 -7.37 -23.78
CA PRO H 33 12.32 -8.59 -23.90
C PRO H 33 13.12 -9.78 -24.48
N ALA H 34 13.93 -9.54 -25.53
CA ALA H 34 14.76 -10.59 -26.14
C ALA H 34 15.90 -11.06 -25.21
N ALA H 35 16.33 -10.20 -24.28
CA ALA H 35 17.40 -10.56 -23.34
C ALA H 35 16.91 -11.57 -22.29
N MET H 36 15.62 -11.49 -21.91
CA MET H 36 14.97 -12.38 -20.95
C MET H 36 14.67 -13.78 -21.50
N ALA H 37 14.84 -14.00 -22.81
CA ALA H 37 14.53 -15.29 -23.42
C ALA H 37 15.29 -16.45 -22.84
N ASP H 38 14.63 -17.60 -22.76
CA ASP H 38 15.24 -18.81 -22.20
C ASP H 38 16.05 -19.61 -23.21
N THR H 39 15.82 -19.40 -24.52
CA THR H 39 16.60 -20.02 -25.58
C THR H 39 17.07 -18.96 -26.59
N PHE H 40 18.13 -19.28 -27.34
CA PHE H 40 18.61 -18.43 -28.40
C PHE H 40 17.53 -18.28 -29.49
N LEU H 41 16.76 -19.36 -29.75
CA LEU H 41 15.69 -19.29 -30.75
C LEU H 41 14.62 -18.29 -30.28
N GLU H 42 14.19 -18.38 -29.02
CA GLU H 42 13.20 -17.46 -28.45
C GLU H 42 13.74 -16.01 -28.48
N HIS H 43 15.06 -15.86 -28.22
CA HIS H 43 15.76 -14.58 -28.26
C HIS H 43 15.66 -13.98 -29.63
N LEU H 44 15.92 -14.74 -30.70
CA LEU H 44 15.78 -14.25 -32.07
C LEU H 44 14.36 -13.79 -32.34
N CYS H 45 13.39 -14.60 -31.94
CA CYS H 45 11.97 -14.29 -32.16
C CYS H 45 11.53 -13.03 -31.48
N LEU H 46 12.13 -12.69 -30.35
CA LEU H 46 11.75 -11.50 -29.59
C LEU H 46 12.45 -10.22 -30.02
N LEU H 47 13.43 -10.27 -30.93
CA LEU H 47 14.14 -9.05 -31.38
C LEU H 47 13.12 -8.08 -32.00
N ASP H 48 13.15 -6.80 -31.56
CA ASP H 48 12.20 -5.78 -31.99
C ASP H 48 12.88 -4.57 -32.67
N ILE H 49 12.43 -4.21 -33.87
CA ILE H 49 12.95 -3.03 -34.56
C ILE H 49 12.51 -1.72 -33.88
N ASP H 50 11.47 -1.76 -33.05
CA ASP H 50 11.00 -0.60 -32.32
C ASP H 50 11.61 -0.47 -30.91
N SER H 51 12.46 -1.42 -30.49
CA SER H 51 13.11 -1.39 -29.19
C SER H 51 14.39 -0.57 -29.34
N GLU H 52 14.38 0.70 -28.92
CA GLU H 52 15.52 1.59 -29.16
C GLU H 52 16.73 1.35 -28.28
N PRO H 53 17.93 1.43 -28.89
CA PRO H 53 19.15 1.25 -28.09
C PRO H 53 19.30 2.40 -27.11
N VAL H 54 19.72 2.09 -25.89
CA VAL H 54 19.88 3.10 -24.84
C VAL H 54 21.35 3.25 -24.51
N ALA H 55 22.06 2.13 -24.38
CA ALA H 55 23.48 2.10 -24.08
C ALA H 55 24.34 2.83 -25.13
N ALA H 56 25.49 3.36 -24.70
CA ALA H 56 26.41 4.01 -25.63
C ALA H 56 27.08 2.93 -26.49
N ARG H 57 27.51 3.29 -27.69
CA ARG H 57 28.14 2.34 -28.59
C ARG H 57 29.49 1.89 -28.03
N SER H 58 29.64 0.59 -27.83
CA SER H 58 30.81 -0.01 -27.22
C SER H 58 31.89 -0.59 -28.18
N THR H 59 31.54 -0.93 -29.44
CA THR H 59 32.53 -1.41 -30.41
C THR H 59 33.24 -0.18 -30.99
N SER H 60 34.57 -0.10 -30.90
CA SER H 60 35.29 1.05 -31.43
C SER H 60 35.35 1.09 -32.96
N ILE H 61 35.41 2.28 -33.52
CA ILE H 61 35.49 2.47 -34.95
C ILE H 61 36.90 2.96 -35.30
N ILE H 62 37.59 2.22 -36.17
CA ILE H 62 38.90 2.61 -36.68
C ILE H 62 38.68 3.21 -38.06
N ALA H 63 39.12 4.45 -38.28
CA ALA H 63 38.97 5.09 -39.60
C ALA H 63 40.31 5.30 -40.23
N THR H 64 40.48 4.90 -41.49
CA THR H 64 41.76 5.08 -42.19
C THR H 64 41.84 6.53 -42.68
N ILE H 65 42.94 7.23 -42.37
CA ILE H 65 43.09 8.64 -42.76
C ILE H 65 43.77 8.70 -44.12
N GLY H 66 43.14 9.45 -45.03
CA GLY H 66 43.68 9.65 -46.37
C GLY H 66 43.23 10.99 -46.92
N PRO H 67 43.22 11.13 -48.25
CA PRO H 67 42.85 12.40 -48.87
C PRO H 67 41.48 12.91 -48.45
N ALA H 68 40.53 11.99 -48.35
CA ALA H 68 39.16 12.33 -48.02
C ALA H 68 38.96 12.75 -46.58
N SER H 69 39.94 12.47 -45.71
CA SER H 69 39.78 12.71 -44.29
C SER H 69 40.94 13.45 -43.68
N ARG H 70 41.77 14.15 -44.48
CA ARG H 70 42.91 14.83 -43.91
C ARG H 70 42.61 16.26 -43.46
N SER H 71 41.47 16.86 -43.84
CA SER H 71 41.14 18.21 -43.41
C SER H 71 40.88 18.21 -41.93
N VAL H 72 41.42 19.16 -41.17
CA VAL H 72 41.17 19.25 -39.74
C VAL H 72 39.68 19.43 -39.44
N GLU H 73 38.99 20.23 -40.27
CA GLU H 73 37.54 20.40 -40.10
C GLU H 73 36.77 19.12 -40.30
N ARG H 74 37.18 18.32 -41.29
CA ARG H 74 36.55 17.05 -41.65
C ARG H 74 36.89 16.01 -40.52
N LEU H 75 38.12 16.05 -39.98
CA LEU H 75 38.54 15.18 -38.87
C LEU H 75 37.70 15.47 -37.60
N LYS H 76 37.43 16.75 -37.30
CA LYS H 76 36.59 17.12 -36.15
C LYS H 76 35.20 16.54 -36.30
N GLU H 77 34.66 16.53 -37.53
CA GLU H 77 33.34 15.96 -37.77
C GLU H 77 33.36 14.42 -37.56
N MET H 78 34.46 13.77 -37.94
CA MET H 78 34.64 12.34 -37.79
CA MET H 78 34.64 12.33 -37.79
C MET H 78 34.76 11.92 -36.33
N ILE H 79 35.40 12.77 -35.50
CA ILE H 79 35.52 12.48 -34.07
C ILE H 79 34.11 12.59 -33.44
N LYS H 80 33.33 13.60 -33.84
CA LYS H 80 31.99 13.80 -33.35
C LYS H 80 31.08 12.66 -33.77
N ALA H 81 31.27 12.11 -34.99
CA ALA H 81 30.50 11.00 -35.55
C ALA H 81 30.81 9.67 -34.84
N GLY H 82 31.97 9.55 -34.20
CA GLY H 82 32.31 8.34 -33.47
C GLY H 82 33.67 7.70 -33.70
N MET H 83 34.56 8.32 -34.49
CA MET H 83 35.89 7.73 -34.72
C MET H 83 36.68 7.66 -33.41
N ASN H 84 37.22 6.49 -33.10
CA ASN H 84 37.99 6.30 -31.88
C ASN H 84 39.44 6.11 -32.19
N ILE H 85 39.78 5.45 -33.31
CA ILE H 85 41.16 5.19 -33.68
C ILE H 85 41.40 5.64 -35.11
N ALA H 86 42.52 6.31 -35.38
CA ALA H 86 42.87 6.79 -36.70
C ALA H 86 44.00 5.91 -37.25
N ARG H 87 43.77 5.31 -38.41
CA ARG H 87 44.72 4.38 -39.01
C ARG H 87 45.48 5.02 -40.14
N LEU H 88 46.80 4.83 -40.14
CA LEU H 88 47.68 5.34 -41.19
C LEU H 88 48.18 4.12 -41.92
N ASN H 89 47.85 4.00 -43.21
CA ASN H 89 48.23 2.83 -43.99
C ASN H 89 49.60 3.06 -44.63
N PHE H 90 50.67 2.52 -44.02
CA PHE H 90 52.03 2.64 -44.55
C PHE H 90 52.29 1.77 -45.81
N SER H 91 51.26 1.17 -46.39
CA SER H 91 51.36 0.44 -47.66
C SER H 91 51.68 1.47 -48.79
N HIS H 92 51.22 2.71 -48.64
CA HIS H 92 51.53 3.81 -49.54
C HIS H 92 51.57 5.17 -48.79
N GLY H 93 52.20 6.15 -49.41
CA GLY H 93 52.33 7.48 -48.82
C GLY H 93 53.69 7.61 -48.20
N SER H 94 54.30 8.79 -48.33
CA SER H 94 55.64 9.02 -47.78
C SER H 94 55.62 9.26 -46.29
N HIS H 95 56.79 9.34 -45.66
CA HIS H 95 56.85 9.67 -44.24
C HIS H 95 56.35 11.07 -44.00
N GLU H 96 56.67 12.02 -44.90
CA GLU H 96 56.23 13.41 -44.84
C GLU H 96 54.70 13.48 -44.88
N TYR H 97 54.10 12.70 -45.77
CA TYR H 97 52.67 12.62 -45.91
C TYR H 97 52.02 12.12 -44.63
N HIS H 98 52.53 11.00 -44.07
CA HIS H 98 51.96 10.44 -42.84
C HIS H 98 52.20 11.34 -41.61
N ALA H 99 53.32 12.07 -41.55
CA ALA H 99 53.54 13.01 -40.45
C ALA H 99 52.50 14.15 -40.50
N GLU H 100 52.09 14.59 -41.70
CA GLU H 100 51.04 15.60 -41.87
C GLU H 100 49.68 15.06 -41.35
N SER H 101 49.36 13.79 -41.61
CA SER H 101 48.11 13.20 -41.13
C SER H 101 48.09 13.15 -39.57
N ILE H 102 49.20 12.74 -38.97
CA ILE H 102 49.30 12.65 -37.52
C ILE H 102 49.08 14.01 -36.87
N ALA H 103 49.78 15.03 -37.37
CA ALA H 103 49.65 16.40 -36.92
C ALA H 103 48.17 16.95 -37.11
N ASN H 104 47.46 16.55 -38.17
CA ASN H 104 46.09 17.00 -38.37
C ASN H 104 45.10 16.29 -37.47
N VAL H 105 45.34 15.00 -37.22
CA VAL H 105 44.49 14.23 -36.30
C VAL H 105 44.65 14.83 -34.89
N ARG H 106 45.92 15.04 -34.45
CA ARG H 106 46.20 15.62 -33.14
C ARG H 106 45.60 17.01 -32.95
N GLU H 107 45.62 17.83 -33.99
CA GLU H 107 45.03 19.15 -33.95
C GLU H 107 43.52 19.08 -33.77
N ALA H 108 42.85 18.20 -34.53
CA ALA H 108 41.39 18.06 -34.41
C ALA H 108 41.00 17.50 -33.06
N VAL H 109 41.78 16.55 -32.53
CA VAL H 109 41.54 15.93 -31.23
C VAL H 109 41.72 16.93 -30.09
N GLU H 110 42.83 17.68 -30.10
CA GLU H 110 43.11 18.64 -29.06
C GLU H 110 42.23 19.88 -29.10
N SER H 111 41.47 20.10 -30.18
CA SER H 111 40.54 21.23 -30.25
C SER H 111 39.39 21.08 -29.24
N PHE H 112 39.19 19.85 -28.71
CA PHE H 112 38.15 19.57 -27.72
C PHE H 112 38.70 19.44 -26.30
N ALA H 113 40.00 19.62 -26.07
CA ALA H 113 40.60 19.52 -24.75
C ALA H 113 40.18 20.64 -23.76
N GLY H 114 39.57 21.71 -24.27
CA GLY H 114 39.11 22.83 -23.45
C GLY H 114 37.94 22.50 -22.53
N SER H 115 37.18 21.45 -22.85
CA SER H 115 36.04 21.00 -22.03
C SER H 115 36.39 19.59 -21.61
N PRO H 116 37.07 19.43 -20.47
CA PRO H 116 37.57 18.09 -20.10
C PRO H 116 36.52 17.00 -19.81
N LEU H 117 35.29 17.36 -19.45
CA LEU H 117 34.25 16.38 -19.21
C LEU H 117 33.72 15.71 -20.49
N SER H 118 34.02 16.30 -21.67
CA SER H 118 33.57 15.79 -22.97
C SER H 118 34.74 15.47 -23.96
N TYR H 119 36.00 15.64 -23.55
CA TYR H 119 37.17 15.33 -24.38
C TYR H 119 37.19 13.84 -24.71
N ARG H 120 37.37 13.50 -25.98
CA ARG H 120 37.40 12.11 -26.39
C ARG H 120 38.77 11.84 -26.93
N PRO H 121 39.56 11.03 -26.23
CA PRO H 121 40.89 10.69 -26.76
C PRO H 121 40.73 9.87 -28.05
N VAL H 122 41.69 9.98 -28.99
CA VAL H 122 41.65 9.23 -30.23
C VAL H 122 43.02 8.60 -30.44
N ALA H 123 43.07 7.29 -30.61
CA ALA H 123 44.34 6.60 -30.78
C ALA H 123 44.86 6.73 -32.19
N ILE H 124 46.19 6.62 -32.37
CA ILE H 124 46.79 6.65 -33.69
C ILE H 124 47.48 5.31 -33.93
N ALA H 125 47.07 4.62 -34.98
CA ALA H 125 47.63 3.31 -35.30
C ALA H 125 48.37 3.32 -36.61
N LEU H 126 49.52 2.65 -36.65
CA LEU H 126 50.33 2.54 -37.83
C LEU H 126 50.15 1.17 -38.44
N ASP H 127 49.68 1.09 -39.67
CA ASP H 127 49.51 -0.19 -40.36
C ASP H 127 50.73 -0.39 -41.23
N THR H 128 51.54 -1.41 -40.95
CA THR H 128 52.76 -1.65 -41.71
C THR H 128 52.48 -2.16 -43.14
N LYS H 129 53.42 -1.93 -44.07
CA LYS H 129 53.34 -2.33 -45.46
C LYS H 129 53.42 -3.86 -45.57
N GLY H 130 54.28 -4.49 -44.78
CA GLY H 130 54.39 -5.95 -44.78
C GLY H 130 55.67 -6.50 -45.38
N PRO H 131 55.84 -7.83 -45.28
CA PRO H 131 57.07 -8.46 -45.78
C PRO H 131 57.09 -8.78 -47.26
N GLY H 132 55.92 -8.85 -47.89
CA GLY H 132 55.78 -9.21 -49.29
C GLY H 132 56.47 -10.50 -49.68
N SER H 133 57.47 -10.38 -50.57
CA SER H 133 58.28 -11.48 -51.08
C SER H 133 59.19 -12.12 -50.00
N GLY H 134 59.79 -11.25 -49.16
CA GLY H 134 60.70 -11.64 -48.11
C GLY H 134 60.18 -12.56 -47.01
N PRO H 135 61.13 -13.16 -46.26
CA PRO H 135 60.73 -14.06 -45.18
C PRO H 135 60.48 -13.40 -43.82
N GLY H 136 61.29 -12.38 -43.48
CA GLY H 136 61.22 -11.69 -42.21
C GLY H 136 60.79 -10.24 -42.29
N LEU H 137 61.29 -9.42 -41.36
CA LEU H 137 60.94 -8.00 -41.31
C LEU H 137 61.65 -7.22 -42.38
N SER H 138 60.88 -6.66 -43.34
CA SER H 138 61.42 -5.87 -44.43
C SER H 138 62.07 -4.58 -43.94
N GLU H 139 63.05 -4.05 -44.71
CA GLU H 139 63.74 -2.82 -44.30
C GLU H 139 62.83 -1.62 -44.24
N GLN H 140 61.82 -1.57 -45.12
CA GLN H 140 60.84 -0.48 -45.10
C GLN H 140 60.04 -0.53 -43.80
N ASP H 141 59.65 -1.75 -43.36
CA ASP H 141 58.94 -1.94 -42.10
C ASP H 141 59.74 -1.44 -40.92
N VAL H 142 61.06 -1.68 -40.89
CA VAL H 142 61.93 -1.20 -39.82
C VAL H 142 61.93 0.31 -39.78
N ARG H 143 61.97 0.96 -40.95
CA ARG H 143 61.97 2.41 -41.03
C ARG H 143 60.65 2.99 -40.60
N ASP H 144 59.55 2.35 -40.99
CA ASP H 144 58.19 2.79 -40.65
C ASP H 144 57.90 2.62 -39.16
N LEU H 145 58.37 1.51 -38.57
CA LEU H 145 58.23 1.25 -37.13
C LEU H 145 59.03 2.24 -36.32
N ARG H 146 60.23 2.60 -36.80
CA ARG H 146 61.05 3.62 -36.15
C ARG H 146 60.34 4.98 -36.22
N PHE H 147 59.71 5.29 -37.37
CA PHE H 147 58.93 6.52 -37.57
C PHE H 147 57.80 6.60 -36.55
N GLY H 148 57.11 5.47 -36.36
CA GLY H 148 56.00 5.38 -35.43
C GLY H 148 56.40 5.67 -34.01
N VAL H 149 57.54 5.13 -33.58
CA VAL H 149 58.06 5.37 -32.23
C VAL H 149 58.44 6.85 -32.09
N GLU H 150 59.06 7.43 -33.12
CA GLU H 150 59.44 8.84 -33.10
C GLU H 150 58.24 9.78 -33.07
N HIS H 151 57.12 9.37 -33.67
CA HIS H 151 55.92 10.19 -33.68
C HIS H 151 54.89 9.82 -32.59
N GLY H 152 55.24 8.87 -31.70
CA GLY H 152 54.39 8.50 -30.58
C GLY H 152 53.07 7.83 -30.92
N VAL H 153 53.06 6.89 -31.86
CA VAL H 153 51.83 6.15 -32.19
C VAL H 153 51.48 5.22 -31.01
N ASP H 154 50.22 4.85 -30.88
CA ASP H 154 49.78 3.99 -29.78
C ASP H 154 49.70 2.52 -30.14
N ILE H 155 49.38 2.22 -31.40
CA ILE H 155 49.17 0.86 -31.87
C ILE H 155 49.89 0.62 -33.18
N VAL H 156 50.31 -0.60 -33.40
CA VAL H 156 50.88 -1.01 -34.67
C VAL H 156 50.05 -2.22 -35.16
N PHE H 157 49.58 -2.16 -36.42
CA PHE H 157 48.91 -3.29 -37.04
C PHE H 157 49.98 -3.96 -37.87
N ALA H 158 50.60 -5.03 -37.37
CA ALA H 158 51.66 -5.71 -38.10
C ALA H 158 51.09 -6.56 -39.23
N SER H 159 51.38 -6.21 -40.48
CA SER H 159 50.86 -6.94 -41.63
C SER H 159 51.53 -8.30 -41.81
N PHE H 160 50.74 -9.28 -42.32
CA PHE H 160 51.15 -10.65 -42.65
C PHE H 160 51.95 -11.38 -41.57
N VAL H 161 51.45 -11.40 -40.33
CA VAL H 161 52.10 -12.14 -39.26
C VAL H 161 51.86 -13.62 -39.54
N ARG H 162 52.92 -14.39 -39.69
CA ARG H 162 52.82 -15.82 -40.02
C ARG H 162 53.20 -16.76 -38.86
N LYS H 163 53.92 -16.24 -37.87
CA LYS H 163 54.36 -17.01 -36.71
C LYS H 163 54.75 -16.06 -35.57
N ALA H 164 54.95 -16.60 -34.37
CA ALA H 164 55.31 -15.80 -33.20
C ALA H 164 56.59 -15.01 -33.37
N SER H 165 57.58 -15.56 -34.09
CA SER H 165 58.84 -14.86 -34.30
C SER H 165 58.68 -13.56 -35.08
N ASP H 166 57.62 -13.47 -35.93
CA ASP H 166 57.29 -12.25 -36.67
C ASP H 166 56.91 -11.13 -35.68
N VAL H 167 56.13 -11.46 -34.65
CA VAL H 167 55.75 -10.49 -33.64
C VAL H 167 56.99 -10.04 -32.86
N ALA H 168 57.89 -10.97 -32.52
CA ALA H 168 59.12 -10.64 -31.80
C ALA H 168 59.97 -9.67 -32.60
N ALA H 169 60.00 -9.83 -33.92
CA ALA H 169 60.75 -8.94 -34.81
C ALA H 169 60.18 -7.54 -34.81
N VAL H 170 58.86 -7.42 -34.78
CA VAL H 170 58.21 -6.11 -34.71
C VAL H 170 58.50 -5.43 -33.38
N ARG H 171 58.47 -6.20 -32.29
N ARG H 171 58.47 -6.20 -32.29
CA ARG H 171 58.74 -5.70 -30.94
CA ARG H 171 58.75 -5.69 -30.96
C ARG H 171 60.17 -5.20 -30.81
C ARG H 171 60.19 -5.18 -30.85
N ALA H 172 61.14 -5.94 -31.39
CA ALA H 172 62.54 -5.57 -31.37
C ALA H 172 62.78 -4.33 -32.21
N ALA H 173 62.09 -4.22 -33.37
CA ALA H 173 62.19 -3.04 -34.23
C ALA H 173 61.61 -1.80 -33.56
N LEU H 174 60.64 -1.97 -32.67
CA LEU H 174 60.11 -0.85 -31.90
C LEU H 174 61.10 -0.31 -30.86
N GLY H 175 62.14 -1.09 -30.52
CA GLY H 175 63.19 -0.69 -29.60
C GLY H 175 62.70 -0.46 -28.18
N PRO H 176 63.60 0.06 -27.33
CA PRO H 176 63.22 0.29 -25.92
C PRO H 176 62.17 1.39 -25.69
N GLU H 177 62.15 2.44 -26.53
CA GLU H 177 61.19 3.52 -26.35
C GLU H 177 59.75 3.12 -26.75
N GLY H 178 59.62 2.15 -27.65
CA GLY H 178 58.30 1.71 -28.09
C GLY H 178 57.71 0.59 -27.25
N HIS H 179 58.24 0.36 -26.03
CA HIS H 179 57.76 -0.73 -25.16
CA HIS H 179 57.78 -0.72 -25.14
C HIS H 179 56.28 -0.65 -24.82
N GLY H 180 55.74 0.59 -24.77
CA GLY H 180 54.33 0.82 -24.47
C GLY H 180 53.34 0.67 -25.62
N ILE H 181 53.83 0.56 -26.86
CA ILE H 181 52.99 0.45 -28.05
C ILE H 181 52.35 -0.93 -28.13
N LYS H 182 51.03 -0.97 -28.40
CA LYS H 182 50.34 -2.25 -28.57
C LYS H 182 50.58 -2.83 -29.97
N ILE H 183 50.85 -4.12 -30.04
CA ILE H 183 51.06 -4.80 -31.32
C ILE H 183 49.85 -5.69 -31.66
N ILE H 184 49.11 -5.34 -32.71
CA ILE H 184 47.96 -6.09 -33.16
C ILE H 184 48.39 -6.85 -34.41
N SER H 185 48.43 -8.18 -34.35
CA SER H 185 48.87 -8.97 -35.48
C SER H 185 47.77 -9.17 -36.49
N LYS H 186 48.07 -8.87 -37.76
CA LYS H 186 47.10 -9.08 -38.83
C LYS H 186 47.26 -10.47 -39.40
N ILE H 187 46.18 -11.25 -39.37
CA ILE H 187 46.19 -12.60 -39.95
C ILE H 187 45.64 -12.45 -41.37
N GLU H 188 46.51 -12.63 -42.36
CA GLU H 188 46.14 -12.41 -43.76
C GLU H 188 46.36 -13.62 -44.65
N ASN H 189 46.81 -14.78 -44.12
CA ASN H 189 47.08 -15.94 -44.97
C ASN H 189 46.88 -17.29 -44.22
N HIS H 190 47.03 -18.41 -44.93
CA HIS H 190 46.83 -19.73 -44.35
C HIS H 190 47.76 -20.06 -43.17
N GLU H 191 49.05 -19.75 -43.25
CA GLU H 191 49.99 -20.02 -42.16
C GLU H 191 49.60 -19.28 -40.89
N GLY H 192 49.18 -18.02 -41.03
CA GLY H 192 48.73 -17.20 -39.91
C GLY H 192 47.54 -17.82 -39.21
N VAL H 193 46.61 -18.40 -39.98
CA VAL H 193 45.43 -19.04 -39.42
C VAL H 193 45.83 -20.33 -38.71
N LYS H 194 46.76 -21.09 -39.30
CA LYS H 194 47.22 -22.35 -38.68
C LYS H 194 48.02 -22.12 -37.42
N ARG H 195 48.88 -21.11 -37.40
CA ARG H 195 49.69 -20.81 -36.23
C ARG H 195 49.07 -19.72 -35.36
N PHE H 196 47.76 -19.54 -35.44
CA PHE H 196 47.02 -18.54 -34.71
C PHE H 196 47.30 -18.53 -33.22
N ASP H 197 47.24 -19.68 -32.55
CA ASP H 197 47.44 -19.75 -31.11
C ASP H 197 48.80 -19.23 -30.65
N GLU H 198 49.87 -19.53 -31.39
CA GLU H 198 51.21 -19.04 -31.03
C GLU H 198 51.34 -17.52 -31.26
N ILE H 199 50.66 -17.00 -32.30
CA ILE H 199 50.67 -15.58 -32.62
C ILE H 199 49.90 -14.81 -31.56
N LEU H 200 48.73 -15.31 -31.18
CA LEU H 200 47.88 -14.66 -30.18
C LEU H 200 48.57 -14.59 -28.83
N GLU H 201 49.29 -15.64 -28.46
CA GLU H 201 50.00 -15.70 -27.19
C GLU H 201 50.97 -14.53 -27.00
N VAL H 202 51.65 -14.13 -28.07
CA VAL H 202 52.64 -13.06 -28.01
C VAL H 202 52.16 -11.71 -28.52
N SER H 203 50.91 -11.59 -29.00
CA SER H 203 50.40 -10.32 -29.51
C SER H 203 49.48 -9.67 -28.50
N ASP H 204 49.30 -8.35 -28.62
CA ASP H 204 48.35 -7.66 -27.76
C ASP H 204 46.90 -7.85 -28.24
N GLY H 205 46.74 -8.19 -29.52
CA GLY H 205 45.45 -8.42 -30.15
C GLY H 205 45.61 -8.91 -31.58
N ILE H 206 44.47 -9.12 -32.25
CA ILE H 206 44.43 -9.65 -33.61
C ILE H 206 43.58 -8.80 -34.53
N MET H 207 43.96 -8.75 -35.81
CA MET H 207 43.12 -8.13 -36.82
C MET H 207 42.82 -9.18 -37.87
N VAL H 208 41.53 -9.43 -38.13
CA VAL H 208 41.11 -10.36 -39.18
C VAL H 208 41.17 -9.50 -40.46
N ALA H 209 42.29 -9.59 -41.19
CA ALA H 209 42.53 -8.81 -42.40
C ALA H 209 41.92 -9.53 -43.61
N ARG H 210 40.60 -9.41 -43.77
CA ARG H 210 39.81 -10.13 -44.76
C ARG H 210 40.20 -9.90 -46.24
N GLY H 211 40.76 -8.73 -46.57
CA GLY H 211 41.21 -8.44 -47.93
C GLY H 211 42.20 -9.44 -48.48
N ASP H 212 43.38 -9.52 -47.89
CA ASP H 212 44.41 -10.47 -48.30
C ASP H 212 43.99 -11.89 -47.98
N LEU H 213 43.38 -12.10 -46.82
CA LEU H 213 42.92 -13.43 -46.41
C LEU H 213 41.97 -14.06 -47.47
N GLY H 214 41.08 -13.25 -48.03
CA GLY H 214 40.14 -13.65 -49.08
C GLY H 214 40.78 -14.05 -50.40
N ILE H 215 42.05 -13.71 -50.58
CA ILE H 215 42.81 -14.08 -51.76
C ILE H 215 43.71 -15.28 -51.47
N GLU H 216 44.30 -15.34 -50.26
CA GLU H 216 45.18 -16.40 -49.83
C GLU H 216 44.45 -17.71 -49.57
N ILE H 217 43.21 -17.63 -49.11
CA ILE H 217 42.36 -18.78 -48.88
C ILE H 217 41.06 -18.59 -49.70
N PRO H 218 40.31 -19.66 -50.01
CA PRO H 218 39.04 -19.48 -50.75
C PRO H 218 38.10 -18.49 -50.08
N ALA H 219 37.55 -17.53 -50.86
CA ALA H 219 36.66 -16.47 -50.37
C ALA H 219 35.54 -17.00 -49.49
N GLU H 220 34.98 -18.16 -49.83
CA GLU H 220 33.89 -18.77 -49.07
C GLU H 220 34.31 -19.34 -47.70
N LYS H 221 35.60 -19.37 -47.38
CA LYS H 221 36.06 -19.88 -46.08
C LYS H 221 36.41 -18.77 -45.08
N VAL H 222 36.52 -17.50 -45.56
CA VAL H 222 36.90 -16.37 -44.74
C VAL H 222 36.00 -16.19 -43.51
N PHE H 223 34.67 -16.37 -43.66
CA PHE H 223 33.77 -16.26 -42.52
C PHE H 223 34.11 -17.25 -41.40
N LEU H 224 34.63 -18.43 -41.76
CA LEU H 224 34.99 -19.43 -40.77
C LEU H 224 36.20 -18.93 -40.00
N ALA H 225 37.20 -18.37 -40.71
CA ALA H 225 38.40 -17.84 -40.09
C ALA H 225 38.03 -16.65 -39.20
N GLN H 226 37.13 -15.77 -39.67
CA GLN H 226 36.68 -14.65 -38.85
C GLN H 226 36.04 -15.12 -37.53
N LYS H 227 35.09 -16.07 -37.61
CA LYS H 227 34.39 -16.58 -36.45
C LYS H 227 35.31 -17.34 -35.49
N MET H 228 36.22 -18.14 -36.01
CA MET H 228 37.17 -18.85 -35.15
C MET H 228 38.07 -17.85 -34.40
N MET H 229 38.62 -16.87 -35.14
CA MET H 229 39.54 -15.90 -34.55
C MET H 229 38.87 -15.01 -33.52
N ILE H 230 37.63 -14.53 -33.80
CA ILE H 230 36.92 -13.72 -32.83
C ILE H 230 36.64 -14.53 -31.56
N GLY H 231 36.20 -15.78 -31.74
CA GLY H 231 35.96 -16.69 -30.61
C GLY H 231 37.18 -16.89 -29.73
N ARG H 232 38.34 -17.19 -30.35
CA ARG H 232 39.55 -17.41 -29.57
C ARG H 232 40.07 -16.17 -28.89
N CYS H 233 39.86 -14.98 -29.48
CA CYS H 233 40.27 -13.71 -28.86
C CYS H 233 39.38 -13.36 -27.71
N ASN H 234 38.07 -13.60 -27.85
CA ASN H 234 37.11 -13.41 -26.77
C ASN H 234 37.44 -14.34 -25.60
N LEU H 235 37.85 -15.55 -25.90
CA LEU H 235 38.24 -16.52 -24.92
C LEU H 235 39.53 -16.06 -24.21
N ALA H 236 40.48 -15.53 -24.96
CA ALA H 236 41.74 -15.05 -24.39
C ALA H 236 41.62 -13.69 -23.65
N GLY H 237 40.55 -12.95 -23.91
CA GLY H 237 40.40 -11.62 -23.36
C GLY H 237 41.27 -10.60 -24.08
N LYS H 238 41.64 -10.87 -25.34
CA LYS H 238 42.47 -9.94 -26.12
C LYS H 238 41.66 -9.27 -27.22
N PRO H 239 41.93 -7.99 -27.55
CA PRO H 239 41.12 -7.33 -28.59
C PRO H 239 41.20 -7.96 -29.96
N VAL H 240 40.08 -7.93 -30.69
CA VAL H 240 40.04 -8.44 -32.05
C VAL H 240 39.36 -7.39 -32.95
N VAL H 241 39.98 -7.11 -34.09
CA VAL H 241 39.45 -6.13 -35.05
C VAL H 241 38.96 -6.84 -36.30
N CYS H 242 37.77 -6.49 -36.77
CA CYS H 242 37.28 -6.99 -38.05
C CYS H 242 37.50 -5.88 -39.06
N ALA H 243 38.19 -6.20 -40.15
CA ALA H 243 38.53 -5.18 -41.14
C ALA H 243 38.22 -5.57 -42.59
N THR H 244 38.15 -4.56 -43.47
CA THR H 244 38.11 -4.60 -44.95
C THR H 244 36.76 -4.88 -45.59
N GLN H 245 36.34 -3.93 -46.44
CA GLN H 245 35.12 -3.95 -47.25
C GLN H 245 33.84 -4.03 -46.44
N MET H 246 33.83 -3.51 -45.21
CA MET H 246 32.63 -3.54 -44.39
C MET H 246 31.49 -2.70 -44.99
N LEU H 247 31.81 -1.47 -45.45
CA LEU H 247 30.84 -0.57 -46.08
C LEU H 247 31.40 -0.08 -47.43
N GLU H 248 32.12 -0.95 -48.14
CA GLU H 248 32.79 -0.68 -49.42
C GLU H 248 32.01 0.21 -50.40
N SER H 249 30.72 -0.06 -50.62
CA SER H 249 29.92 0.72 -51.56
C SER H 249 29.78 2.19 -51.17
N MET H 250 29.98 2.53 -49.88
CA MET H 250 29.89 3.90 -49.44
C MET H 250 31.08 4.78 -49.90
N ILE H 251 32.06 4.20 -50.61
CA ILE H 251 33.13 4.98 -51.20
C ILE H 251 32.54 5.93 -52.28
N THR H 252 31.48 5.50 -52.98
CA THR H 252 30.86 6.29 -54.04
C THR H 252 29.37 6.55 -53.81
N LYS H 253 28.70 5.73 -53.00
CA LYS H 253 27.27 5.89 -52.76
C LYS H 253 26.99 6.39 -51.33
N PRO H 254 26.00 7.28 -51.15
CA PRO H 254 25.74 7.80 -49.79
C PRO H 254 25.11 6.78 -48.83
N ARG H 255 24.61 5.63 -49.34
CA ARG H 255 23.99 4.60 -48.51
C ARG H 255 24.65 3.24 -48.78
N PRO H 256 24.83 2.40 -47.74
CA PRO H 256 25.46 1.08 -47.97
C PRO H 256 24.48 0.06 -48.54
N THR H 257 24.99 -1.08 -49.00
CA THR H 257 24.13 -2.17 -49.50
C THR H 257 23.56 -2.95 -48.28
N ARG H 258 22.53 -3.76 -48.53
CA ARG H 258 21.93 -4.57 -47.47
C ARG H 258 22.93 -5.58 -46.91
N ALA H 259 23.87 -6.08 -47.74
CA ALA H 259 24.90 -7.02 -47.29
C ALA H 259 25.93 -6.33 -46.39
N GLU H 260 26.20 -5.05 -46.64
CA GLU H 260 27.15 -4.28 -45.87
C GLU H 260 26.68 -3.99 -44.47
N THR H 261 25.43 -3.53 -44.31
CA THR H 261 24.92 -3.28 -42.95
C THR H 261 24.85 -4.60 -42.16
N SER H 262 24.48 -5.68 -42.84
CA SER H 262 24.41 -6.99 -42.26
C SER H 262 25.83 -7.44 -41.81
N ASP H 263 26.85 -7.22 -42.66
CA ASP H 263 28.21 -7.58 -42.32
C ASP H 263 28.71 -6.89 -41.04
N VAL H 264 28.42 -5.59 -40.91
CA VAL H 264 28.84 -4.82 -39.74
C VAL H 264 28.17 -5.38 -38.51
N ALA H 265 26.84 -5.57 -38.57
CA ALA H 265 26.07 -6.10 -37.46
C ALA H 265 26.55 -7.49 -37.04
N ASN H 266 26.90 -8.34 -38.02
CA ASN H 266 27.35 -9.66 -37.72
C ASN H 266 28.72 -9.69 -37.11
N ALA H 267 29.62 -8.76 -37.47
CA ALA H 267 30.95 -8.71 -36.86
C ALA H 267 30.80 -8.32 -35.35
N VAL H 268 29.86 -7.39 -35.03
CA VAL H 268 29.63 -7.00 -33.65
C VAL H 268 28.99 -8.17 -32.89
N LEU H 269 27.96 -8.82 -33.49
CA LEU H 269 27.34 -9.97 -32.85
C LEU H 269 28.34 -11.09 -32.61
N ASP H 270 29.26 -11.36 -33.56
CA ASP H 270 30.31 -12.38 -33.44
C ASP H 270 31.17 -12.13 -32.20
N GLY H 271 31.42 -10.87 -31.88
CA GLY H 271 32.20 -10.50 -30.72
C GLY H 271 33.39 -9.62 -31.02
N ALA H 272 33.41 -8.94 -32.19
CA ALA H 272 34.52 -8.04 -32.54
C ALA H 272 34.66 -6.84 -31.59
N ASP H 273 35.87 -6.54 -31.12
CA ASP H 273 36.09 -5.36 -30.27
C ASP H 273 36.08 -4.09 -31.11
N CYS H 274 36.63 -4.13 -32.35
CA CYS H 274 36.69 -2.98 -33.26
C CYS H 274 36.23 -3.35 -34.64
N ILE H 275 35.64 -2.37 -35.32
CA ILE H 275 35.26 -2.47 -36.71
C ILE H 275 36.00 -1.36 -37.43
N MET H 276 36.41 -1.61 -38.67
CA MET H 276 37.25 -0.70 -39.42
C MET H 276 36.65 -0.20 -40.73
N LEU H 277 37.05 1.01 -41.12
CA LEU H 277 36.74 1.62 -42.39
C LEU H 277 38.09 1.91 -43.06
N SER H 278 38.25 1.45 -44.30
CA SER H 278 39.48 1.66 -45.06
C SER H 278 39.26 2.71 -46.17
N GLY H 279 38.94 2.28 -47.38
CA GLY H 279 38.71 3.21 -48.48
C GLY H 279 37.55 4.13 -48.25
N GLU H 280 36.58 3.69 -47.45
CA GLU H 280 35.37 4.43 -47.10
C GLU H 280 35.71 5.74 -46.46
N THR H 281 36.80 5.80 -45.66
CA THR H 281 37.21 7.08 -45.05
C THR H 281 38.56 7.63 -45.56
N ALA H 282 39.37 6.81 -46.24
CA ALA H 282 40.62 7.33 -46.78
C ALA H 282 40.36 8.06 -48.07
N LYS H 283 39.55 7.49 -48.98
CA LYS H 283 39.37 8.11 -50.29
C LYS H 283 37.94 8.40 -50.71
N GLY H 284 36.97 7.81 -50.04
CA GLY H 284 35.57 7.94 -50.43
C GLY H 284 34.97 9.33 -50.42
N ASN H 285 33.78 9.45 -51.00
CA ASN H 285 33.07 10.72 -51.02
C ASN H 285 32.23 10.97 -49.77
N PHE H 286 32.05 9.94 -48.90
CA PHE H 286 31.20 10.08 -47.73
C PHE H 286 31.90 9.60 -46.46
N PRO H 287 33.10 10.13 -46.11
CA PRO H 287 33.79 9.61 -44.93
C PRO H 287 33.05 9.77 -43.62
N VAL H 288 32.38 10.89 -43.41
CA VAL H 288 31.63 11.12 -42.17
C VAL H 288 30.39 10.25 -42.09
N GLU H 289 29.74 10.04 -43.23
CA GLU H 289 28.53 9.22 -43.34
C GLU H 289 28.84 7.74 -43.07
N ALA H 290 30.03 7.28 -43.49
CA ALA H 290 30.47 5.90 -43.26
C ALA H 290 30.69 5.69 -41.77
N VAL H 291 31.29 6.68 -41.07
CA VAL H 291 31.53 6.60 -39.62
C VAL H 291 30.20 6.61 -38.88
N LYS H 292 29.25 7.47 -39.31
CA LYS H 292 27.92 7.52 -38.71
C LYS H 292 27.16 6.22 -38.91
N MET H 293 27.30 5.61 -40.08
CA MET H 293 26.62 4.36 -40.39
C MET H 293 27.13 3.23 -39.49
N GLN H 294 28.45 3.13 -39.31
CA GLN H 294 29.02 2.12 -38.42
C GLN H 294 28.57 2.32 -37.01
N HIS H 295 28.45 3.58 -36.57
CA HIS H 295 28.02 3.92 -35.24
C HIS H 295 26.59 3.43 -35.01
N ALA H 296 25.68 3.75 -35.95
CA ALA H 296 24.28 3.38 -35.90
C ALA H 296 24.08 1.87 -35.86
N ILE H 297 24.77 1.11 -36.72
CA ILE H 297 24.64 -0.35 -36.74
C ILE H 297 25.22 -0.96 -35.48
N ALA H 298 26.44 -0.56 -35.05
CA ALA H 298 27.04 -1.14 -33.84
C ALA H 298 26.17 -0.98 -32.61
N ARG H 299 25.50 0.18 -32.41
CA ARG H 299 24.58 0.39 -31.29
C ARG H 299 23.42 -0.61 -31.31
N GLU H 300 22.80 -0.85 -32.47
CA GLU H 300 21.71 -1.81 -32.61
C GLU H 300 22.19 -3.23 -32.36
N ALA H 301 23.33 -3.61 -32.93
CA ALA H 301 23.88 -4.94 -32.80
C ALA H 301 24.28 -5.25 -31.36
N GLU H 302 24.86 -4.29 -30.64
CA GLU H 302 25.24 -4.52 -29.25
C GLU H 302 24.04 -4.86 -28.38
N ALA H 303 22.87 -4.22 -28.63
CA ALA H 303 21.67 -4.51 -27.87
C ALA H 303 21.12 -5.91 -28.20
N ALA H 304 21.35 -6.41 -29.43
CA ALA H 304 20.87 -7.74 -29.85
C ALA H 304 21.73 -8.92 -29.36
N VAL H 305 22.81 -8.65 -28.64
CA VAL H 305 23.67 -9.70 -28.11
C VAL H 305 22.90 -10.49 -27.04
N TYR H 306 23.00 -11.83 -27.02
CA TYR H 306 22.29 -12.67 -26.05
C TYR H 306 23.17 -12.86 -24.82
N HIS H 307 23.20 -11.84 -23.93
CA HIS H 307 24.06 -11.83 -22.74
C HIS H 307 23.86 -13.01 -21.82
N ARG H 308 22.63 -13.55 -21.71
CA ARG H 308 22.35 -14.70 -20.85
C ARG H 308 23.29 -15.89 -21.19
N GLN H 309 23.42 -16.23 -22.47
CA GLN H 309 24.31 -17.31 -22.87
C GLN H 309 25.77 -16.87 -22.90
N LEU H 310 26.04 -15.70 -23.50
CA LEU H 310 27.40 -15.18 -23.60
C LEU H 310 28.13 -15.07 -22.25
N PHE H 311 27.48 -14.47 -21.24
CA PHE H 311 28.09 -14.34 -19.93
C PHE H 311 28.38 -15.68 -19.30
N GLU H 312 27.41 -16.63 -19.39
CA GLU H 312 27.61 -17.96 -18.83
C GLU H 312 28.75 -18.68 -19.47
N GLU H 313 28.84 -18.63 -20.79
CA GLU H 313 29.92 -19.29 -21.51
C GLU H 313 31.28 -18.66 -21.20
N LEU H 314 31.33 -17.31 -21.11
CA LEU H 314 32.58 -16.61 -20.79
C LEU H 314 33.06 -16.99 -19.38
N ARG H 315 32.16 -17.03 -18.36
CA ARG H 315 32.62 -17.43 -17.02
C ARG H 315 33.03 -18.91 -16.97
N ARG H 316 32.23 -19.79 -17.62
CA ARG H 316 32.51 -21.23 -17.64
C ARG H 316 33.89 -21.50 -18.27
N ALA H 317 34.21 -20.82 -19.38
CA ALA H 317 35.46 -21.02 -20.09
C ALA H 317 36.67 -20.39 -19.42
N ALA H 318 36.47 -19.26 -18.71
CA ALA H 318 37.57 -18.60 -18.03
C ALA H 318 38.07 -19.44 -16.88
N PRO H 319 39.38 -19.59 -16.75
CA PRO H 319 39.92 -20.44 -15.66
C PRO H 319 39.88 -19.75 -14.31
N LEU H 320 40.05 -20.52 -13.20
CA LEU H 320 40.11 -19.93 -11.88
C LEU H 320 41.31 -19.01 -11.78
N SER H 321 41.17 -17.89 -11.07
CA SER H 321 42.26 -16.96 -10.95
C SER H 321 42.48 -16.55 -9.53
N ARG H 322 43.72 -16.38 -9.17
CA ARG H 322 44.06 -15.84 -7.85
C ARG H 322 44.57 -14.39 -7.94
N ASP H 323 44.41 -13.73 -9.10
CA ASP H 323 44.81 -12.35 -9.31
C ASP H 323 43.62 -11.50 -8.87
N PRO H 324 43.81 -10.66 -7.83
CA PRO H 324 42.69 -9.87 -7.33
C PRO H 324 42.04 -8.98 -8.34
N THR H 325 42.79 -8.53 -9.37
CA THR H 325 42.21 -7.68 -10.41
C THR H 325 41.19 -8.48 -11.20
N GLU H 326 41.53 -9.71 -11.55
CA GLU H 326 40.65 -10.62 -12.28
C GLU H 326 39.41 -10.99 -11.42
N VAL H 327 39.63 -11.33 -10.14
CA VAL H 327 38.57 -11.68 -9.20
C VAL H 327 37.59 -10.52 -8.99
N THR H 328 38.11 -9.30 -8.81
CA THR H 328 37.25 -8.12 -8.66
C THR H 328 36.50 -7.84 -9.95
N ALA H 329 37.13 -8.11 -11.12
CA ALA H 329 36.49 -7.84 -12.39
C ALA H 329 35.24 -8.66 -12.59
N ILE H 330 35.31 -9.98 -12.34
CA ILE H 330 34.13 -10.83 -12.50
C ILE H 330 33.03 -10.52 -11.45
N GLY H 331 33.44 -10.14 -10.24
CA GLY H 331 32.48 -9.75 -9.22
C GLY H 331 31.75 -8.48 -9.63
N ALA H 332 32.48 -7.49 -10.16
CA ALA H 332 31.91 -6.22 -10.62
C ALA H 332 30.95 -6.42 -11.80
N VAL H 333 31.29 -7.28 -12.78
CA VAL H 333 30.42 -7.53 -13.92
C VAL H 333 29.15 -8.22 -13.44
N GLU H 334 29.31 -9.21 -12.55
CA GLU H 334 28.14 -9.92 -11.99
C GLU H 334 27.20 -8.94 -11.26
N ALA H 335 27.76 -8.04 -10.42
CA ALA H 335 26.97 -7.07 -9.70
C ALA H 335 26.30 -6.08 -10.64
N ALA H 336 26.96 -5.70 -11.73
CA ALA H 336 26.37 -4.79 -12.72
C ALA H 336 25.16 -5.43 -13.40
N PHE H 337 25.20 -6.74 -13.68
CA PHE H 337 24.05 -7.42 -14.25
C PHE H 337 22.90 -7.51 -13.26
N LYS H 338 23.18 -7.70 -11.98
CA LYS H 338 22.16 -7.83 -10.94
C LYS H 338 21.28 -6.60 -10.78
N CYS H 339 21.86 -5.41 -10.91
CA CYS H 339 21.11 -4.17 -10.72
C CYS H 339 20.87 -3.37 -11.97
N CYS H 340 21.27 -3.90 -13.16
CA CYS H 340 21.16 -3.18 -14.42
C CYS H 340 21.92 -1.85 -14.32
N ALA H 341 23.15 -1.92 -13.77
CA ALA H 341 23.98 -0.75 -13.53
C ALA H 341 24.22 0.00 -14.82
N ALA H 342 24.15 1.31 -14.77
CA ALA H 342 24.38 2.14 -15.95
C ALA H 342 25.85 2.05 -16.39
N ALA H 343 26.76 1.98 -15.43
CA ALA H 343 28.18 1.97 -15.74
C ALA H 343 28.99 1.31 -14.63
N ILE H 344 30.21 0.92 -14.95
CA ILE H 344 31.21 0.43 -14.04
C ILE H 344 32.32 1.45 -14.19
N ILE H 345 32.59 2.27 -13.18
CA ILE H 345 33.66 3.25 -13.25
C ILE H 345 34.89 2.59 -12.71
N VAL H 346 35.98 2.53 -13.49
CA VAL H 346 37.20 1.88 -13.03
C VAL H 346 38.40 2.84 -13.14
N LEU H 347 39.27 2.82 -12.11
CA LEU H 347 40.46 3.65 -12.13
C LEU H 347 41.56 2.76 -12.68
N THR H 348 42.29 3.25 -13.68
CA THR H 348 43.31 2.43 -14.31
C THR H 348 44.52 3.27 -14.69
N THR H 349 45.71 2.70 -14.54
CA THR H 349 46.94 3.38 -14.88
C THR H 349 47.39 2.90 -16.28
N THR H 350 47.36 1.58 -16.50
CA THR H 350 47.77 0.93 -17.72
C THR H 350 46.60 0.49 -18.62
N GLY H 351 45.39 0.50 -18.09
CA GLY H 351 44.23 0.03 -18.83
C GLY H 351 43.86 -1.41 -18.48
N ARG H 352 44.77 -2.15 -17.84
CA ARG H 352 44.56 -3.54 -17.50
C ARG H 352 43.27 -3.83 -16.74
N SER H 353 42.95 -3.03 -15.71
CA SER H 353 41.70 -3.26 -14.96
C SER H 353 40.47 -3.09 -15.85
N ALA H 354 40.50 -2.13 -16.78
CA ALA H 354 39.38 -1.93 -17.70
C ALA H 354 39.31 -3.11 -18.69
N GLN H 355 40.45 -3.62 -19.13
CA GLN H 355 40.50 -4.74 -20.04
C GLN H 355 39.90 -6.00 -19.41
N LEU H 356 40.24 -6.27 -18.13
CA LEU H 356 39.68 -7.42 -17.44
C LEU H 356 38.18 -7.31 -17.20
N LEU H 357 37.63 -6.11 -17.08
CA LEU H 357 36.17 -5.95 -16.97
C LEU H 357 35.53 -6.25 -18.35
N SER H 358 36.11 -5.68 -19.40
CA SER H 358 35.67 -5.78 -20.78
C SER H 358 35.59 -7.25 -21.29
N ARG H 359 36.51 -8.15 -20.86
CA ARG H 359 36.51 -9.54 -21.31
C ARG H 359 35.23 -10.30 -20.93
N TYR H 360 34.55 -9.88 -19.87
CA TYR H 360 33.30 -10.52 -19.46
C TYR H 360 32.08 -9.95 -20.17
N ARG H 361 32.28 -9.03 -21.11
CA ARG H 361 31.25 -8.44 -21.91
C ARG H 361 30.04 -7.92 -21.12
N PRO H 362 30.24 -6.95 -20.21
CA PRO H 362 29.09 -6.39 -19.49
C PRO H 362 28.19 -5.57 -20.41
N ARG H 363 26.92 -5.48 -20.04
CA ARG H 363 25.98 -4.60 -20.72
C ARG H 363 26.27 -3.13 -20.26
N ALA H 364 26.74 -2.96 -19.01
CA ALA H 364 27.09 -1.67 -18.44
C ALA H 364 28.39 -1.13 -19.08
N ALA H 365 28.43 0.18 -19.34
CA ALA H 365 29.59 0.83 -19.89
C ALA H 365 30.72 0.81 -18.88
N VAL H 366 31.95 0.55 -19.33
CA VAL H 366 33.11 0.60 -18.44
C VAL H 366 33.76 1.98 -18.65
N ILE H 367 33.50 2.92 -17.73
CA ILE H 367 34.10 4.25 -17.82
C ILE H 367 35.48 4.18 -17.17
N ALA H 368 36.56 4.22 -17.97
CA ALA H 368 37.90 4.09 -17.42
C ALA H 368 38.52 5.46 -17.16
N VAL H 369 38.76 5.81 -15.87
CA VAL H 369 39.37 7.09 -15.55
C VAL H 369 40.84 6.88 -15.39
N THR H 370 41.67 7.65 -16.13
CA THR H 370 43.11 7.48 -16.11
C THR H 370 43.83 8.79 -16.26
N ARG H 371 45.07 8.83 -15.80
CA ARG H 371 45.93 9.99 -15.98
C ARG H 371 46.87 9.77 -17.18
N SER H 372 47.10 8.51 -17.60
CA SER H 372 47.95 8.18 -18.73
C SER H 372 47.22 8.49 -20.04
N ALA H 373 47.75 9.43 -20.83
CA ALA H 373 47.15 9.76 -22.12
C ALA H 373 47.26 8.58 -23.09
N GLN H 374 48.39 7.85 -23.03
CA GLN H 374 48.57 6.69 -23.89
C GLN H 374 47.56 5.59 -23.52
N ALA H 375 47.40 5.27 -22.21
CA ALA H 375 46.41 4.26 -21.79
C ALA H 375 45.00 4.69 -22.22
N ALA H 376 44.68 5.97 -22.10
CA ALA H 376 43.36 6.47 -22.52
C ALA H 376 43.11 6.22 -24.01
N ARG H 377 44.14 6.39 -24.85
CA ARG H 377 44.00 6.14 -26.28
C ARG H 377 43.94 4.65 -26.55
N GLN H 378 44.82 3.86 -25.92
CA GLN H 378 44.89 2.41 -26.14
C GLN H 378 43.68 1.59 -25.67
N VAL H 379 42.93 2.02 -24.65
CA VAL H 379 41.77 1.24 -24.21
C VAL H 379 40.60 1.23 -25.23
N HIS H 380 40.71 2.00 -26.31
CA HIS H 380 39.72 1.95 -27.37
C HIS H 380 39.72 0.55 -28.04
N LEU H 381 40.81 -0.21 -27.94
CA LEU H 381 40.86 -1.54 -28.48
C LEU H 381 39.91 -2.49 -27.76
N CYS H 382 39.52 -2.21 -26.52
CA CYS H 382 38.65 -3.09 -25.72
C CYS H 382 37.20 -2.69 -25.81
N ARG H 383 36.31 -3.62 -26.18
CA ARG H 383 34.90 -3.31 -26.29
C ARG H 383 34.29 -2.84 -24.98
N GLY H 384 33.58 -1.73 -25.05
CA GLY H 384 32.85 -1.20 -23.92
C GLY H 384 33.64 -0.33 -22.98
N VAL H 385 34.90 0.00 -23.32
CA VAL H 385 35.69 0.85 -22.46
C VAL H 385 35.67 2.27 -22.99
N PHE H 386 35.18 3.20 -22.18
CA PHE H 386 35.06 4.62 -22.51
C PHE H 386 36.11 5.37 -21.69
N PRO H 387 37.24 5.72 -22.32
CA PRO H 387 38.32 6.38 -21.57
C PRO H 387 38.07 7.82 -21.24
N LEU H 388 38.50 8.22 -20.03
CA LEU H 388 38.42 9.57 -19.54
C LEU H 388 39.78 10.00 -19.09
N LEU H 389 40.35 11.02 -19.74
CA LEU H 389 41.66 11.51 -19.35
C LEU H 389 41.51 12.56 -18.25
N TYR H 390 42.04 12.24 -17.07
CA TYR H 390 41.96 13.08 -15.90
C TYR H 390 43.17 13.99 -15.89
N ARG H 391 42.92 15.30 -15.98
CA ARG H 391 43.99 16.28 -16.11
C ARG H 391 44.32 17.00 -14.82
N GLU H 392 43.44 16.98 -13.82
CA GLU H 392 43.65 17.66 -12.54
C GLU H 392 44.89 17.15 -11.77
N PRO H 393 45.52 18.06 -11.01
CA PRO H 393 46.72 17.66 -10.25
C PRO H 393 46.33 16.88 -8.97
N PRO H 394 47.22 15.98 -8.52
CA PRO H 394 46.88 15.15 -7.36
C PRO H 394 46.52 15.88 -6.06
N GLU H 395 45.63 15.27 -5.28
CA GLU H 395 45.22 15.77 -3.98
C GLU H 395 46.25 15.32 -2.93
N ALA H 396 46.27 16.00 -1.76
CA ALA H 396 47.19 15.69 -0.69
C ALA H 396 46.90 14.31 -0.10
N ILE H 397 45.62 13.98 0.07
CA ILE H 397 45.23 12.68 0.58
C ILE H 397 44.78 11.80 -0.59
N TRP H 398 45.43 10.64 -0.77
CA TRP H 398 45.12 9.71 -1.85
C TRP H 398 43.67 9.30 -1.93
N ALA H 399 43.04 8.99 -0.80
CA ALA H 399 41.62 8.63 -0.78
C ALA H 399 40.73 9.74 -1.39
N ASP H 400 41.13 11.01 -1.19
CA ASP H 400 40.40 12.15 -1.77
C ASP H 400 40.63 12.23 -3.27
N ASP H 401 41.85 11.95 -3.70
CA ASP H 401 42.25 11.94 -5.09
C ASP H 401 41.49 10.85 -5.85
N VAL H 402 41.29 9.69 -5.22
CA VAL H 402 40.55 8.57 -5.78
C VAL H 402 39.09 9.00 -5.92
N ASP H 403 38.51 9.59 -4.88
CA ASP H 403 37.15 10.05 -4.92
C ASP H 403 36.89 11.17 -5.89
N ARG H 404 37.89 12.03 -6.15
CA ARG H 404 37.71 13.08 -7.15
C ARG H 404 37.67 12.48 -8.57
N ARG H 405 38.50 11.44 -8.80
CA ARG H 405 38.52 10.76 -10.06
C ARG H 405 37.20 9.98 -10.30
N VAL H 406 36.60 9.44 -9.24
CA VAL H 406 35.31 8.75 -9.34
C VAL H 406 34.24 9.78 -9.66
N GLN H 407 34.26 10.93 -8.98
CA GLN H 407 33.29 12.00 -9.28
C GLN H 407 33.44 12.51 -10.69
N PHE H 408 34.67 12.58 -11.20
CA PHE H 408 34.94 13.01 -12.56
C PHE H 408 34.29 12.05 -13.57
N GLY H 409 34.34 10.74 -13.29
CA GLY H 409 33.69 9.76 -14.13
C GLY H 409 32.18 9.91 -14.10
N ILE H 410 31.63 10.19 -12.91
CA ILE H 410 30.19 10.40 -12.76
C ILE H 410 29.77 11.67 -13.52
N GLU H 411 30.54 12.75 -13.40
CA GLU H 411 30.23 14.01 -14.07
C GLU H 411 30.30 13.86 -15.58
N SER H 412 31.35 13.19 -16.08
CA SER H 412 31.47 12.92 -17.52
C SER H 412 30.31 12.05 -17.99
N GLY H 413 29.98 10.99 -17.23
CA GLY H 413 28.89 10.11 -17.54
C GLY H 413 27.55 10.84 -17.63
N LYS H 414 27.26 11.75 -16.66
CA LYS H 414 26.02 12.52 -16.65
C LYS H 414 25.97 13.43 -17.87
N LEU H 415 27.07 14.16 -18.15
CA LEU H 415 27.16 15.09 -19.28
C LEU H 415 26.97 14.38 -20.62
N ARG H 416 27.57 13.20 -20.78
CA ARG H 416 27.51 12.46 -22.02
C ARG H 416 26.26 11.64 -22.21
N GLY H 417 25.41 11.55 -21.20
CA GLY H 417 24.15 10.81 -21.31
C GLY H 417 24.15 9.40 -20.73
N PHE H 418 25.32 8.88 -20.33
CA PHE H 418 25.38 7.53 -19.73
C PHE H 418 24.60 7.44 -18.41
N LEU H 419 24.67 8.50 -17.58
CA LEU H 419 24.10 8.46 -16.23
C LEU H 419 23.06 9.50 -15.97
N ARG H 420 22.14 9.14 -15.08
CA ARG H 420 21.05 9.96 -14.60
C ARG H 420 21.04 9.81 -13.05
N VAL H 421 20.45 10.78 -12.34
CA VAL H 421 20.31 10.69 -10.89
C VAL H 421 19.37 9.53 -10.55
N GLY H 422 19.74 8.75 -9.55
CA GLY H 422 18.96 7.58 -9.16
C GLY H 422 19.53 6.28 -9.72
N ASP H 423 20.43 6.36 -10.70
CA ASP H 423 21.08 5.19 -11.29
C ASP H 423 22.05 4.54 -10.29
N LEU H 424 22.36 3.26 -10.52
CA LEU H 424 23.37 2.59 -9.74
C LEU H 424 24.62 2.42 -10.63
N VAL H 425 25.79 2.70 -10.08
CA VAL H 425 27.06 2.45 -10.75
C VAL H 425 27.90 1.52 -9.86
N ILE H 426 28.78 0.74 -10.48
CA ILE H 426 29.71 -0.12 -9.75
C ILE H 426 31.06 0.61 -9.84
N VAL H 427 31.78 0.81 -8.72
CA VAL H 427 33.06 1.50 -8.78
C VAL H 427 34.15 0.50 -8.47
N VAL H 428 35.18 0.43 -9.34
CA VAL H 428 36.31 -0.50 -9.18
C VAL H 428 37.60 0.24 -8.93
N THR H 429 38.22 -0.01 -7.78
CA THR H 429 39.45 0.68 -7.37
C THR H 429 40.40 -0.35 -6.69
N GLY H 430 41.58 0.12 -6.29
CA GLY H 430 42.56 -0.66 -5.56
C GLY H 430 42.78 -0.07 -4.17
N TRP H 431 43.50 -0.78 -3.35
CA TRP H 431 43.72 -0.38 -1.97
C TRP H 431 44.92 0.57 -1.74
N ARG H 432 45.74 0.76 -2.78
CA ARG H 432 46.91 1.62 -2.67
C ARG H 432 47.29 2.15 -4.07
N PRO H 433 48.03 3.30 -4.14
CA PRO H 433 48.41 3.84 -5.45
C PRO H 433 49.36 2.91 -6.20
N GLY H 434 49.43 3.13 -7.50
CA GLY H 434 50.24 2.30 -8.38
C GLY H 434 49.41 1.25 -9.08
N SER H 435 49.86 0.83 -10.20
CA SER H 435 49.22 -0.17 -11.03
C SER H 435 49.30 -1.56 -10.36
N GLY H 436 48.30 -2.40 -10.61
CA GLY H 436 48.26 -3.79 -10.15
C GLY H 436 47.65 -4.14 -8.81
N TYR H 437 47.01 -3.16 -8.16
CA TYR H 437 46.43 -3.37 -6.83
C TYR H 437 44.92 -3.34 -6.80
N THR H 438 44.25 -3.46 -7.97
CA THR H 438 42.79 -3.44 -8.01
C THR H 438 42.22 -4.58 -7.19
N ASN H 439 41.32 -4.26 -6.24
CA ASN H 439 40.75 -5.30 -5.37
C ASN H 439 39.42 -4.89 -4.73
N ILE H 440 38.90 -3.71 -5.04
CA ILE H 440 37.69 -3.23 -4.42
C ILE H 440 36.58 -2.95 -5.43
N MET H 441 35.37 -3.41 -5.09
CA MET H 441 34.21 -3.09 -5.88
C MET H 441 33.17 -2.50 -4.92
N ARG H 442 32.60 -1.36 -5.27
CA ARG H 442 31.62 -0.66 -4.44
CA ARG H 442 31.59 -0.76 -4.42
C ARG H 442 30.35 -0.37 -5.22
N VAL H 443 29.19 -0.50 -4.59
CA VAL H 443 27.92 -0.21 -5.24
C VAL H 443 27.55 1.22 -4.85
N LEU H 444 27.30 2.07 -5.82
CA LEU H 444 27.06 3.48 -5.60
C LEU H 444 25.76 3.97 -6.19
N SER H 445 25.03 4.82 -5.47
CA SER H 445 23.81 5.42 -6.00
C SER H 445 24.11 6.84 -6.48
N ILE H 446 23.78 7.13 -7.74
CA ILE H 446 24.04 8.44 -8.32
C ILE H 446 23.14 9.52 -7.74
N SER H 447 23.75 10.55 -7.19
CA SER H 447 23.00 11.67 -6.61
C SER H 447 23.14 12.97 -7.46
#